data_7TW1
#
_entry.id   7TW1
#
_cell.length_a   1.00
_cell.length_b   1.00
_cell.length_c   1.00
_cell.angle_alpha   90.00
_cell.angle_beta   90.00
_cell.angle_gamma   90.00
#
_symmetry.space_group_name_H-M   'P 1'
#
loop_
_entity.id
_entity.type
_entity.pdbx_description
1 polymer 'Band 3 anion transport protein'
2 polymer 'Protein 4.2'
#
loop_
_entity_poly.entity_id
_entity_poly.type
_entity_poly.pdbx_seq_one_letter_code
_entity_poly.pdbx_strand_id
1 'polypeptide(L)'
;MEELQDDYEDMMEENLEQEEYEDPDIPESQMEEPAAHDTEATATDYHTTSHPGTHKVYVELQELVMDEKNQELRWMEAAR
WVQLEENLGENGAWGRPHLSHLTFWSLLELRRVFTKGTVLLDLQETSLAGVANQLLDRFIFEDQIRPQDREELLRALLLK
HSHAGELEALGGVKPAVLTRSGDPSQPLLPQHSSLETQLFCEQGDGGTEGHSPSGILEKIPPDSEATLVLVGRADFLEQP
VLGFVRLQEAAELEAVELPVPIRFLFVLLGPEAPHIDYTQLGRAAATLMSERVFRIDAYMAQSRGELLHSLEGFLDCSLV
LPPTDAPSEQALLSLVPVQRELLRRRYQSSPAKPDSSFYKGLDLNGGPDDPLQQTGQLFGGLVRDIRRRYPYYLSDITDA
FSPQVLAAVIFIYFAALSPAITFGGLLGEKTRNQMGVSELLISTAVQGILFALLGAQPLLVVGFSGPLLVFEEAFFSFCE
TNGLEYIVGRVWIGFWLILLVVLVVAFEGSFLVRFISRYTQEIFSFLISLIFIYETFSKLIKIFQDHPLQKTYNYNVLMV
PKPQGPLPNTALLSLVLMAGTFFFAMMLRKFKNSSYFPGKLRRVIGDFGVPISILIMVLVDFFIQDTYTQKLSVPDGFKV
SNSSARGWVIHPLGLRSEFPIWMMFASALPALLVFILIFLESQITTLIVSKPERKMVKGSGFHLDLLLVVGMGGVAALFG
MPWLSATTVRSVTHANALTVMGKASTPGAAAQIQEVKEQRISGLLVAVLVGLSILMEPILSRIPLAVLFGIFLYMGVTSL
SGIQLFDRILLLFKPPKYHPDVPYVKRVKTWRMHLFTGIQIICLAVLWVVKSTPASLALPFVLILTVPLRRVLLPLIFRN
VELQCLDADDAKATFDEEEGRDEYDEVAMPV
;
B,A
2 'polypeptide(L)'
;MGQALGIKSCDFQAARNNEEHHTKALSSRRLFVRRGQPFTIILYFRAPVRAFLPALKKVALTAQTGEQPSKINRTQATFP
ISSLGDRKWWSAVVEERDAQSWTISVTTPADAVIGHYSLLLQVSGRKQLLLGQFTLLFNPWNREDAVFLKNEAQRMEYLL
NQNGLIYLGTADCIQAESWDFGQFEGDVIDLSLRLLSKDKQVEKWSQPVHVARVLGALLHFLKEQRVLPTPQTQATQEGA
LLNKRRGSVPILRQWLTGRGRPVYDGQAWVLAAVACTVLRCLGIPARVVTTFASAQGTGGRLLIDEYYNEEGLQNGEGQR
GRIWIFQTSTECWMTRPALPQGYDGWQILHPSAPNGGGVLGSCDLVPVRAVKEGTLGLTPAVSDLFAAINASCVVWKCCE
DGTLELTDSNTKYVGNNISTKGVGSDRCEDITQNYKYPEGSLQEKEVLERVEKEKMEREKDNGIRPPSLETASPLYLLLK
APSSLPLRGDAQISVTLVNHSEQEKAVQLAIGVQAVHYNGVLAAKLWRKKLHLTLSANLEKIITIGLFFSNFERNPPENT
FLRLTAMATHSESNLSCFAQEDIAICRPHLAIKMPEKAEQYQPLTASVSLQNSLDAPMEDCVISILGRGLIHRERSYRFR
SVWPENTMCAKFQFTPTHVGLQRLTVEVDCNMFQNLTNYKSVTVVAPELSA
;
E,F
#
# COMPACT_ATOMS: atom_id res chain seq x y z
N GLN A 30 0.63 44.83 41.86
CA GLN A 30 0.08 43.49 41.70
C GLN A 30 0.71 42.80 40.50
N MET A 31 0.71 41.46 40.54
CA MET A 31 1.35 40.66 39.50
C MET A 31 0.75 40.85 38.11
N GLU A 32 1.65 40.87 37.11
CA GLU A 32 1.35 40.54 35.74
C GLU A 32 2.37 39.50 35.27
N GLU A 33 1.90 38.48 34.54
CA GLU A 33 2.76 37.39 34.14
C GLU A 33 3.34 37.62 32.74
N PRO A 34 4.53 37.09 32.47
CA PRO A 34 5.16 37.32 31.16
C PRO A 34 4.54 36.47 30.06
N ALA A 35 4.78 36.90 28.83
CA ALA A 35 4.40 36.17 27.63
C ALA A 35 5.60 35.43 27.08
N ALA A 36 5.38 34.17 26.69
CA ALA A 36 6.46 33.35 26.17
C ALA A 36 7.00 33.94 24.87
N HIS A 37 8.32 34.01 24.78
CA HIS A 37 9.01 34.57 23.63
C HIS A 37 9.89 33.51 23.00
N ASP A 38 9.90 33.47 21.67
CA ASP A 38 10.60 32.43 20.93
C ASP A 38 11.75 33.07 20.16
N THR A 39 12.95 32.55 20.37
CA THR A 39 14.13 32.98 19.62
C THR A 39 15.11 31.82 19.53
N GLU A 40 15.99 31.90 18.54
CA GLU A 40 17.03 30.91 18.33
C GLU A 40 18.39 31.57 18.31
N ALA A 41 18.59 32.51 19.23
CA ALA A 41 19.81 33.30 19.24
C ALA A 41 21.00 32.51 19.76
N THR A 42 20.76 31.53 20.63
CA THR A 42 21.85 30.83 21.31
C THR A 42 21.66 29.32 21.30
N ALA A 43 20.97 28.79 20.28
CA ALA A 43 20.86 27.34 20.16
C ALA A 43 22.20 26.70 19.85
N THR A 44 23.06 27.41 19.12
CA THR A 44 24.35 26.87 18.68
C THR A 44 25.21 26.46 19.86
N ASP A 45 25.02 27.08 21.02
CA ASP A 45 25.79 26.76 22.21
C ASP A 45 25.48 25.38 22.77
N TYR A 46 24.41 24.73 22.32
CA TYR A 46 24.01 23.44 22.89
C TYR A 46 24.06 22.32 21.86
N HIS A 47 25.10 22.28 21.03
CA HIS A 47 25.27 21.20 20.07
C HIS A 47 26.56 20.45 20.40
N THR A 48 26.44 19.13 20.53
CA THR A 48 27.58 18.31 20.89
C THR A 48 28.41 17.95 19.67
N THR A 49 29.70 17.71 19.90
CA THR A 49 30.62 17.26 18.87
C THR A 49 30.82 15.75 18.88
N SER A 50 30.15 15.04 19.79
CA SER A 50 30.31 13.60 19.89
C SER A 50 29.55 12.88 18.79
N HIS A 51 30.03 11.71 18.44
CA HIS A 51 29.30 10.84 17.52
C HIS A 51 28.19 10.13 18.29
N PRO A 52 26.94 10.25 17.87
CA PRO A 52 25.85 9.54 18.58
C PRO A 52 25.98 8.03 18.59
N GLY A 53 26.54 7.44 17.54
CA GLY A 53 26.61 6.00 17.42
C GLY A 53 25.34 5.42 16.84
N THR A 54 25.47 4.22 16.27
CA THR A 54 24.39 3.56 15.56
C THR A 54 24.02 2.26 16.28
N HIS A 55 22.72 2.05 16.47
CA HIS A 55 22.22 0.91 17.21
C HIS A 55 20.91 0.46 16.60
N LYS A 56 20.60 -0.82 16.76
CA LYS A 56 19.25 -1.30 16.51
C LYS A 56 18.34 -0.89 17.67
N VAL A 57 17.04 -0.94 17.44
CA VAL A 57 16.06 -0.43 18.40
C VAL A 57 14.89 -1.40 18.54
N TYR A 58 14.51 -1.66 19.78
CA TYR A 58 13.29 -2.40 20.11
C TYR A 58 12.22 -1.42 20.58
N VAL A 59 10.99 -1.59 20.08
CA VAL A 59 9.94 -0.59 20.24
C VAL A 59 8.81 -1.19 21.08
N GLU A 60 8.32 -0.42 22.06
CA GLU A 60 7.28 -0.87 22.97
C GLU A 60 6.14 0.15 22.99
N LEU A 61 4.90 -0.36 23.00
CA LEU A 61 3.70 0.46 23.00
C LEU A 61 2.85 0.15 24.22
N GLN A 62 2.54 1.18 25.01
CA GLN A 62 1.69 1.05 26.18
C GLN A 62 0.51 2.02 26.08
N GLU A 63 -0.60 1.61 26.65
CA GLU A 63 -1.83 2.39 26.66
C GLU A 63 -2.41 2.45 28.05
N LEU A 64 -3.04 3.59 28.36
CA LEU A 64 -3.71 3.78 29.64
C LEU A 64 -5.14 3.25 29.52
N VAL A 65 -5.39 2.13 30.19
CA VAL A 65 -6.71 1.49 30.17
C VAL A 65 -7.14 1.24 31.61
N MET A 66 -8.32 0.64 31.76
CA MET A 66 -8.83 0.24 33.06
C MET A 66 -8.87 -1.27 33.15
N ASP A 67 -8.67 -1.79 34.35
CA ASP A 67 -8.77 -3.22 34.60
C ASP A 67 -10.21 -3.61 34.92
N GLU A 68 -10.62 -4.78 34.45
CA GLU A 68 -11.99 -5.22 34.64
C GLU A 68 -12.28 -5.56 36.10
N LYS A 69 -11.25 -5.95 36.85
CA LYS A 69 -11.44 -6.39 38.24
C LYS A 69 -12.05 -5.29 39.09
N ASN A 70 -11.34 -4.17 39.25
CA ASN A 70 -11.85 -3.03 39.99
C ASN A 70 -11.60 -1.76 39.18
N GLN A 71 -12.22 -0.67 39.59
CA GLN A 71 -12.06 0.60 38.90
C GLN A 71 -10.67 1.17 39.20
N GLU A 72 -9.74 0.97 38.27
CA GLU A 72 -8.39 1.49 38.41
C GLU A 72 -7.80 1.68 37.03
N LEU A 73 -6.76 2.50 36.95
CA LEU A 73 -6.10 2.83 35.69
C LEU A 73 -4.70 2.22 35.69
N ARG A 74 -4.29 1.74 34.52
CA ARG A 74 -2.99 1.08 34.41
C ARG A 74 -2.52 1.07 32.96
N TRP A 75 -1.22 0.87 32.79
CA TRP A 75 -0.57 0.88 31.49
C TRP A 75 -0.38 -0.55 31.01
N MET A 76 -1.03 -0.90 29.91
CA MET A 76 -0.92 -2.23 29.30
C MET A 76 -0.11 -2.17 28.01
N GLU A 77 0.61 -3.25 27.74
CA GLU A 77 1.27 -3.41 26.46
C GLU A 77 0.25 -3.69 25.36
N ALA A 78 0.58 -3.29 24.14
CA ALA A 78 -0.29 -3.63 23.03
C ALA A 78 0.46 -4.35 21.92
N ALA A 79 1.71 -3.96 21.69
CA ALA A 79 2.49 -4.57 20.64
C ALA A 79 3.97 -4.32 20.91
N ARG A 80 4.80 -5.15 20.29
CA ARG A 80 6.24 -5.04 20.40
C ARG A 80 6.86 -5.16 19.00
N TRP A 81 8.04 -4.58 18.84
CA TRP A 81 8.73 -4.56 17.55
C TRP A 81 10.17 -5.01 17.71
N VAL A 82 10.48 -6.19 17.19
CA VAL A 82 11.87 -6.62 16.96
C VAL A 82 11.96 -7.03 15.50
N GLN A 83 12.23 -6.06 14.62
CA GLN A 83 12.31 -6.21 13.17
C GLN A 83 10.99 -6.69 12.55
N LEU A 84 9.97 -6.90 13.38
CA LEU A 84 8.64 -7.32 12.99
C LEU A 84 7.71 -6.97 14.14
N GLU A 85 6.42 -6.95 13.86
CA GLU A 85 5.41 -6.55 14.83
C GLU A 85 4.77 -7.78 15.46
N GLU A 86 4.67 -7.79 16.79
CA GLU A 86 3.97 -8.82 17.53
C GLU A 86 2.86 -8.17 18.35
N ASN A 87 1.66 -8.75 18.27
CA ASN A 87 0.48 -8.24 18.94
C ASN A 87 -0.02 -9.23 19.97
N LEU A 88 -0.80 -8.74 20.93
CA LEU A 88 -1.36 -9.57 21.99
C LEU A 88 -2.87 -9.46 21.98
N GLY A 89 -3.54 -10.58 22.28
CA GLY A 89 -4.97 -10.60 22.41
C GLY A 89 -5.43 -10.44 23.84
N GLU A 90 -6.74 -10.58 24.04
CA GLU A 90 -7.30 -10.49 25.39
C GLU A 90 -6.91 -11.68 26.24
N ASN A 91 -6.65 -12.84 25.61
CA ASN A 91 -6.20 -14.01 26.34
C ASN A 91 -4.82 -13.78 26.94
N GLY A 92 -3.93 -13.14 26.19
CA GLY A 92 -2.57 -12.92 26.62
C GLY A 92 -1.52 -13.66 25.82
N ALA A 93 -1.89 -14.30 24.72
CA ALA A 93 -0.96 -15.04 23.88
C ALA A 93 -0.59 -14.21 22.67
N TRP A 94 0.71 -14.01 22.47
CA TRP A 94 1.17 -13.18 21.37
C TRP A 94 0.97 -13.89 20.04
N GLY A 95 0.56 -13.13 19.02
CA GLY A 95 0.39 -13.66 17.69
C GLY A 95 1.72 -13.81 16.97
N ARG A 96 1.62 -14.28 15.73
CA ARG A 96 2.82 -14.48 14.93
C ARG A 96 3.45 -13.14 14.59
N PRO A 97 4.77 -13.00 14.74
CA PRO A 97 5.44 -11.77 14.32
C PRO A 97 5.25 -11.53 12.84
N HIS A 98 5.08 -10.27 12.47
CA HIS A 98 4.62 -9.95 11.13
C HIS A 98 5.04 -8.53 10.77
N LEU A 99 4.88 -8.20 9.49
CA LEU A 99 5.12 -6.85 9.00
C LEU A 99 4.02 -5.91 9.52
N SER A 100 4.30 -4.62 9.44
CA SER A 100 3.41 -3.60 9.94
C SER A 100 2.85 -2.77 8.79
N HIS A 101 1.54 -2.55 8.81
CA HIS A 101 0.85 -1.77 7.79
C HIS A 101 0.12 -0.61 8.47
N LEU A 102 0.14 0.56 7.85
CA LEU A 102 -0.42 1.75 8.45
C LEU A 102 -1.76 2.11 7.83
N THR A 103 -2.29 3.27 8.21
CA THR A 103 -3.53 3.80 7.66
C THR A 103 -3.31 5.26 7.30
N PHE A 104 -4.18 5.77 6.43
CA PHE A 104 -4.04 7.13 5.93
C PHE A 104 -4.20 8.15 7.05
N TRP A 105 -5.24 7.99 7.89
CA TRP A 105 -5.51 8.96 8.94
C TRP A 105 -4.37 9.01 9.95
N SER A 106 -3.84 7.84 10.33
CA SER A 106 -2.80 7.79 11.35
C SER A 106 -1.63 8.68 10.98
N LEU A 107 -1.11 8.49 9.77
CA LEU A 107 0.00 9.33 9.30
C LEU A 107 -0.45 10.77 9.08
N LEU A 108 -1.71 10.98 8.68
CA LEU A 108 -2.17 12.34 8.39
C LEU A 108 -2.11 13.23 9.62
N GLU A 109 -2.91 12.94 10.64
CA GLU A 109 -2.78 13.81 11.82
C GLU A 109 -1.54 13.51 12.64
N LEU A 110 -0.81 12.42 12.37
CA LEU A 110 0.51 12.29 12.97
C LEU A 110 1.43 13.39 12.49
N ARG A 111 1.46 13.61 11.17
CA ARG A 111 2.22 14.72 10.61
C ARG A 111 1.67 16.05 11.13
N ARG A 112 0.35 16.18 11.18
CA ARG A 112 -0.25 17.45 11.61
C ARG A 112 0.16 17.80 13.04
N VAL A 113 0.13 16.83 13.94
CA VAL A 113 0.49 17.13 15.33
C VAL A 113 2.00 17.21 15.51
N PHE A 114 2.79 16.52 14.69
CA PHE A 114 4.24 16.59 14.82
C PHE A 114 4.80 17.89 14.26
N THR A 115 4.10 18.54 13.34
CA THR A 115 4.57 19.81 12.82
C THR A 115 4.64 20.90 13.87
N LYS A 116 3.85 20.82 14.94
CA LYS A 116 3.84 21.85 15.95
C LYS A 116 4.09 21.34 17.37
N GLY A 117 4.34 20.05 17.56
CA GLY A 117 4.66 19.55 18.87
C GLY A 117 6.04 19.99 19.34
N THR A 118 6.27 19.89 20.64
CA THR A 118 7.55 20.28 21.21
C THR A 118 8.49 19.09 21.33
N VAL A 119 9.78 19.38 21.31
CA VAL A 119 10.83 18.36 21.32
C VAL A 119 11.89 18.77 22.32
N LEU A 120 12.28 17.83 23.20
CA LEU A 120 13.38 18.01 24.13
C LEU A 120 14.51 17.09 23.73
N LEU A 121 15.70 17.65 23.52
CA LEU A 121 16.86 16.89 23.07
C LEU A 121 17.95 16.91 24.13
N ASP A 122 18.65 15.77 24.26
CA ASP A 122 19.81 15.63 25.15
C ASP A 122 19.44 15.92 26.60
N LEU A 123 18.33 15.35 27.04
CA LEU A 123 17.90 15.54 28.42
C LEU A 123 18.81 14.77 29.37
N GLN A 124 19.30 15.45 30.40
CA GLN A 124 20.23 14.86 31.36
C GLN A 124 19.47 14.46 32.62
N GLU A 125 18.73 13.35 32.52
CA GLU A 125 17.96 12.86 33.66
C GLU A 125 18.08 11.35 33.74
N THR A 126 17.66 10.81 34.88
CA THR A 126 17.70 9.37 35.12
C THR A 126 16.36 8.77 35.54
N SER A 127 15.47 9.55 36.15
CA SER A 127 14.20 9.04 36.63
C SER A 127 13.06 9.47 35.73
N LEU A 128 11.97 8.71 35.79
CA LEU A 128 10.78 9.04 35.01
C LEU A 128 10.12 10.31 35.51
N ALA A 129 10.17 10.56 36.82
CA ALA A 129 9.54 11.74 37.40
C ALA A 129 10.17 13.02 36.86
N GLY A 130 11.51 13.07 36.80
CA GLY A 130 12.16 14.26 36.27
C GLY A 130 11.86 14.47 34.80
N VAL A 131 11.80 13.38 34.03
CA VAL A 131 11.47 13.47 32.62
C VAL A 131 10.07 14.05 32.44
N ALA A 132 9.11 13.54 33.22
CA ALA A 132 7.75 14.04 33.13
C ALA A 132 7.66 15.50 33.55
N ASN A 133 8.38 15.88 34.61
CA ASN A 133 8.35 17.27 35.08
C ASN A 133 8.90 18.22 34.02
N GLN A 134 10.05 17.87 33.43
CA GLN A 134 10.63 18.73 32.41
C GLN A 134 9.74 18.80 31.17
N LEU A 135 9.14 17.67 30.78
CA LEU A 135 8.25 17.67 29.62
C LEU A 135 7.02 18.54 29.86
N LEU A 136 6.45 18.46 31.07
CA LEU A 136 5.30 19.30 31.38
C LEU A 136 5.69 20.77 31.42
N ASP A 137 6.88 21.07 31.94
CA ASP A 137 7.35 22.46 31.95
C ASP A 137 7.49 22.99 30.53
N ARG A 138 8.03 22.19 29.62
CA ARG A 138 8.15 22.65 28.24
C ARG A 138 6.80 22.75 27.56
N PHE A 139 5.85 21.87 27.91
CA PHE A 139 4.47 22.03 27.45
C PHE A 139 3.90 23.38 27.88
N ILE A 140 4.12 23.75 29.14
CA ILE A 140 3.61 25.02 29.65
C ILE A 140 4.27 26.17 28.94
N PHE A 141 5.58 26.07 28.68
CA PHE A 141 6.31 27.15 28.04
C PHE A 141 5.80 27.42 26.64
N GLU A 142 5.47 26.38 25.88
CA GLU A 142 4.95 26.54 24.53
C GLU A 142 3.44 26.70 24.49
N ASP A 143 2.79 26.75 25.66
CA ASP A 143 1.35 26.97 25.78
C ASP A 143 0.57 25.90 25.02
N GLN A 144 1.06 24.66 25.07
CA GLN A 144 0.33 23.55 24.47
C GLN A 144 -0.80 23.07 25.39
N ILE A 145 -0.61 23.23 26.70
CA ILE A 145 -1.57 22.79 27.70
C ILE A 145 -1.69 23.90 28.75
N ARG A 146 -2.92 24.12 29.24
CA ARG A 146 -3.15 25.12 30.25
C ARG A 146 -2.52 24.71 31.58
N PRO A 147 -2.12 25.66 32.42
CA PRO A 147 -1.37 25.32 33.64
C PRO A 147 -2.10 24.41 34.62
N GLN A 148 -3.41 24.56 34.75
CA GLN A 148 -4.15 23.77 35.73
C GLN A 148 -4.51 22.38 35.25
N ASP A 149 -3.84 21.88 34.20
CA ASP A 149 -3.91 20.48 33.82
C ASP A 149 -2.64 19.72 34.14
N ARG A 150 -1.59 20.40 34.62
CA ARG A 150 -0.33 19.73 34.91
C ARG A 150 -0.47 18.73 36.06
N GLU A 151 -1.19 19.12 37.11
CA GLU A 151 -1.23 18.31 38.33
C GLU A 151 -1.85 16.94 38.07
N GLU A 152 -2.90 16.90 37.27
CA GLU A 152 -3.54 15.62 36.97
C GLU A 152 -2.69 14.78 36.03
N LEU A 153 -2.13 15.39 34.99
CA LEU A 153 -1.39 14.64 33.99
C LEU A 153 -0.10 14.06 34.57
N LEU A 154 0.55 14.80 35.47
CA LEU A 154 1.78 14.30 36.08
C LEU A 154 1.52 13.03 36.86
N ARG A 155 0.44 13.00 37.64
CA ARG A 155 0.07 11.79 38.37
C ARG A 155 -0.40 10.69 37.42
N ALA A 156 -1.03 11.07 36.30
CA ALA A 156 -1.46 10.08 35.33
C ALA A 156 -0.27 9.37 34.70
N LEU A 157 0.79 10.12 34.40
CA LEU A 157 1.98 9.51 33.81
C LEU A 157 2.67 8.59 34.80
N LEU A 158 2.89 9.07 36.03
CA LEU A 158 3.53 8.27 37.07
C LEU A 158 2.49 7.35 37.67
N LEU A 159 2.33 6.19 37.04
CA LEU A 159 1.35 5.19 37.46
C LEU A 159 2.02 3.83 37.41
N LYS A 160 1.31 2.82 37.91
CA LYS A 160 1.86 1.47 37.93
C LYS A 160 1.90 0.89 36.53
N HIS A 161 3.07 0.36 36.15
CA HIS A 161 3.26 -0.30 34.87
C HIS A 161 3.38 -1.79 35.11
N SER A 162 2.39 -2.55 34.65
CA SER A 162 2.38 -4.00 34.78
C SER A 162 2.24 -4.62 33.41
N HIS A 163 2.94 -5.73 33.19
CA HIS A 163 3.09 -6.31 31.88
C HIS A 163 2.03 -7.39 31.65
N ALA A 164 2.16 -8.13 30.54
CA ALA A 164 1.14 -9.12 30.19
C ALA A 164 1.17 -10.34 31.09
N GLY A 165 2.32 -10.61 31.72
CA GLY A 165 2.44 -11.77 32.59
C GLY A 165 1.52 -11.73 33.80
N GLU A 166 1.03 -10.54 34.16
CA GLU A 166 0.08 -10.39 35.26
C GLU A 166 -1.35 -10.26 34.76
N LEU A 167 -1.60 -10.62 33.50
CA LEU A 167 -2.94 -10.44 32.93
C LEU A 167 -3.97 -11.34 33.60
N GLU A 168 -3.72 -12.65 33.59
CA GLU A 168 -4.68 -13.58 34.18
C GLU A 168 -4.70 -13.52 35.69
N ALA A 169 -3.64 -12.99 36.32
CA ALA A 169 -3.71 -12.67 37.74
C ALA A 169 -4.68 -11.53 38.01
N LEU A 170 -4.97 -10.71 37.01
CA LEU A 170 -5.88 -9.59 37.13
C LEU A 170 -7.22 -9.83 36.45
N GLY A 171 -7.24 -10.60 35.36
CA GLY A 171 -8.47 -10.99 34.71
C GLY A 171 -8.87 -10.24 33.46
N GLY A 172 -8.01 -9.36 32.95
CA GLY A 172 -8.30 -8.62 31.74
C GLY A 172 -8.46 -7.13 32.00
N VAL A 173 -8.52 -6.39 30.90
CA VAL A 173 -8.60 -4.93 30.94
C VAL A 173 -9.69 -4.44 29.99
N LYS A 174 -10.11 -3.20 30.21
CA LYS A 174 -11.08 -2.50 29.39
C LYS A 174 -10.53 -1.13 29.01
N PRO A 175 -10.91 -0.60 27.85
CA PRO A 175 -10.43 0.73 27.45
C PRO A 175 -10.90 1.82 28.41
N ALA A 176 -10.04 2.81 28.64
CA ALA A 176 -10.31 3.87 29.59
C ALA A 176 -9.93 5.22 29.01
N VAL A 177 -10.56 6.26 29.56
CA VAL A 177 -10.25 7.65 29.22
C VAL A 177 -10.09 8.43 30.52
N LEU A 178 -8.97 9.12 30.65
CA LEU A 178 -8.77 9.97 31.81
C LEU A 178 -9.70 11.18 31.75
N THR A 179 -10.37 11.45 32.87
CA THR A 179 -11.32 12.54 32.96
C THR A 179 -10.89 13.51 34.05
N ARG A 180 -11.61 14.63 34.15
CA ARG A 180 -11.27 15.67 35.11
C ARG A 180 -11.40 15.16 36.54
N SER A 181 -12.42 14.36 36.81
CA SER A 181 -12.54 13.72 38.11
C SER A 181 -11.38 12.77 38.36
N GLY A 182 -10.91 12.10 37.31
CA GLY A 182 -9.83 11.14 37.43
C GLY A 182 -10.27 9.70 37.52
N ASP A 183 -11.54 9.45 37.75
CA ASP A 183 -12.02 8.08 37.79
C ASP A 183 -12.13 7.49 36.38
N PRO A 184 -11.98 6.18 36.22
CA PRO A 184 -12.12 5.57 34.90
C PRO A 184 -13.55 5.71 34.36
N SER A 185 -13.64 5.80 33.04
CA SER A 185 -14.93 5.97 32.39
C SER A 185 -14.86 5.39 30.99
N GLN A 186 -16.01 4.99 30.49
CA GLN A 186 -16.11 4.45 29.14
C GLN A 186 -16.00 5.56 28.11
N PRO A 187 -15.35 5.29 26.97
CA PRO A 187 -15.28 6.30 25.91
C PRO A 187 -16.66 6.65 25.36
N LEU A 188 -16.85 7.93 25.09
CA LEU A 188 -18.15 8.41 24.61
C LEU A 188 -18.38 8.04 23.15
N LEU A 189 -17.35 8.18 22.32
CA LEU A 189 -17.47 7.79 20.92
C LEU A 189 -17.49 6.27 20.79
N PRO A 190 -18.29 5.73 19.87
CA PRO A 190 -18.33 4.28 19.69
C PRO A 190 -17.00 3.74 19.18
N GLN A 191 -16.70 2.51 19.58
CA GLN A 191 -15.45 1.86 19.24
C GLN A 191 -15.71 0.64 18.36
N HIS A 192 -14.62 -0.02 17.99
CA HIS A 192 -14.66 -1.24 17.19
C HIS A 192 -13.52 -2.15 17.62
N SER A 193 -13.66 -3.44 17.32
CA SER A 193 -12.58 -4.39 17.57
C SER A 193 -11.41 -4.08 16.65
N SER A 194 -10.21 -4.13 17.22
CA SER A 194 -9.01 -3.83 16.43
C SER A 194 -8.78 -4.93 15.40
N LEU A 195 -8.21 -4.52 14.26
CA LEU A 195 -8.11 -5.42 13.12
C LEU A 195 -6.90 -6.34 13.22
N GLU A 196 -5.74 -5.78 13.55
CA GLU A 196 -4.52 -6.58 13.61
C GLU A 196 -4.57 -7.61 14.73
N THR A 197 -5.16 -7.25 15.87
CA THR A 197 -5.30 -8.21 16.96
C THR A 197 -6.34 -9.28 16.65
N GLN A 198 -7.22 -9.03 15.68
CA GLN A 198 -8.09 -10.11 15.20
C GLN A 198 -7.36 -10.96 14.18
N LEU A 199 -6.51 -10.36 13.35
CA LEU A 199 -5.85 -11.04 12.26
C LEU A 199 -4.76 -11.99 12.76
N PHE A 200 -3.85 -11.51 13.60
CA PHE A 200 -2.68 -12.32 13.95
C PHE A 200 -2.85 -13.11 15.23
N CYS A 201 -3.63 -12.62 16.19
CA CYS A 201 -3.91 -13.42 17.38
C CYS A 201 -4.93 -14.51 17.08
N GLU A 202 -5.89 -14.23 16.20
CA GLU A 202 -6.87 -15.23 15.78
C GLU A 202 -6.95 -15.33 14.26
N HIS A 211 9.02 -19.24 25.56
CA HIS A 211 8.73 -19.18 24.14
C HIS A 211 9.06 -17.81 23.56
N SER A 212 8.06 -16.92 23.56
CA SER A 212 8.23 -15.60 22.99
C SER A 212 9.31 -14.75 23.66
N PRO A 213 9.42 -14.66 25.00
CA PRO A 213 10.52 -13.87 25.57
C PRO A 213 11.91 -14.39 25.18
N SER A 214 12.05 -15.69 24.98
CA SER A 214 13.33 -16.23 24.52
C SER A 214 13.69 -15.69 23.13
N GLY A 215 12.72 -15.69 22.22
CA GLY A 215 12.96 -15.08 20.92
C GLY A 215 13.21 -13.60 21.01
N ILE A 216 12.53 -12.93 21.95
CA ILE A 216 12.77 -11.50 22.16
C ILE A 216 14.21 -11.25 22.55
N LEU A 217 14.71 -12.01 23.53
CA LEU A 217 16.07 -11.80 23.99
C LEU A 217 17.12 -12.33 23.01
N GLU A 218 16.74 -13.24 22.11
CA GLU A 218 17.73 -13.78 21.18
C GLU A 218 17.86 -12.93 19.91
N LYS A 219 16.74 -12.46 19.36
CA LYS A 219 16.83 -11.69 18.12
C LYS A 219 17.36 -10.29 18.34
N ILE A 220 17.23 -9.73 19.53
CA ILE A 220 17.78 -8.39 19.78
C ILE A 220 19.30 -8.46 19.77
N PRO A 221 19.99 -7.48 19.18
CA PRO A 221 21.45 -7.46 19.29
C PRO A 221 21.87 -7.18 20.71
N PRO A 222 23.08 -7.60 21.10
CA PRO A 222 23.57 -7.26 22.44
C PRO A 222 23.70 -5.77 22.68
N ASP A 223 23.97 -4.99 21.64
CA ASP A 223 24.12 -3.54 21.73
C ASP A 223 22.92 -2.89 21.05
N SER A 224 21.89 -2.57 21.83
CA SER A 224 20.70 -1.92 21.30
C SER A 224 20.00 -1.17 22.43
N GLU A 225 19.11 -0.26 22.04
CA GLU A 225 18.25 0.44 22.99
C GLU A 225 16.79 0.26 22.62
N ALA A 226 15.94 0.78 23.48
CA ALA A 226 14.50 0.62 23.34
C ALA A 226 13.82 1.99 23.32
N THR A 227 12.75 2.06 22.56
CA THR A 227 11.89 3.23 22.48
C THR A 227 10.53 2.87 23.05
N LEU A 228 9.92 3.83 23.74
CA LEU A 228 8.66 3.62 24.42
C LEU A 228 7.66 4.66 23.96
N VAL A 229 6.44 4.24 23.66
CA VAL A 229 5.36 5.16 23.33
C VAL A 229 4.19 4.87 24.24
N LEU A 230 3.56 5.93 24.75
CA LEU A 230 2.41 5.83 25.65
C LEU A 230 1.23 6.57 25.04
N VAL A 231 0.07 5.94 25.05
CA VAL A 231 -1.13 6.54 24.48
C VAL A 231 -2.26 6.48 25.49
N GLY A 232 -3.22 7.38 25.32
CA GLY A 232 -4.36 7.52 26.20
C GLY A 232 -5.16 8.76 25.89
N ARG A 233 -6.40 8.83 26.36
CA ARG A 233 -7.27 9.97 26.09
C ARG A 233 -7.52 10.77 27.36
N ALA A 234 -7.59 12.10 27.21
CA ALA A 234 -7.91 12.99 28.32
C ALA A 234 -8.98 13.96 27.86
N ASP A 235 -10.16 13.85 28.46
CA ASP A 235 -11.31 14.62 28.00
C ASP A 235 -11.21 16.11 28.33
N PHE A 236 -10.38 16.48 29.31
CA PHE A 236 -10.21 17.87 29.69
C PHE A 236 -9.13 18.58 28.86
N LEU A 237 -8.82 18.05 27.68
CA LEU A 237 -7.85 18.67 26.79
C LEU A 237 -8.57 19.28 25.59
N GLU A 238 -7.85 20.14 24.86
CA GLU A 238 -8.40 20.84 23.71
C GLU A 238 -8.00 20.16 22.40
N GLN A 239 -6.70 19.98 22.19
CA GLN A 239 -6.16 19.35 21.00
C GLN A 239 -5.13 18.31 21.40
N PRO A 240 -4.90 17.30 20.56
CA PRO A 240 -3.86 16.31 20.87
C PRO A 240 -2.48 16.94 20.89
N VAL A 241 -1.63 16.40 21.75
CA VAL A 241 -0.27 16.89 21.93
C VAL A 241 0.71 15.73 21.82
N LEU A 242 1.87 16.02 21.22
CA LEU A 242 2.91 15.04 20.99
C LEU A 242 4.22 15.56 21.56
N GLY A 243 4.91 14.70 22.32
CA GLY A 243 6.22 15.02 22.83
C GLY A 243 7.23 13.95 22.50
N PHE A 244 8.40 14.35 21.99
CA PHE A 244 9.46 13.42 21.62
C PHE A 244 10.73 13.83 22.35
N VAL A 245 11.34 12.90 23.08
CA VAL A 245 12.53 13.22 23.87
C VAL A 245 13.60 12.17 23.61
N ARG A 246 14.83 12.63 23.43
CA ARG A 246 16.02 11.79 23.31
C ARG A 246 16.93 12.08 24.50
N LEU A 247 17.24 11.06 25.28
CA LEU A 247 18.06 11.23 26.46
C LEU A 247 19.49 11.55 26.08
N GLN A 248 20.17 12.32 26.95
CA GLN A 248 21.58 12.59 26.75
C GLN A 248 22.41 11.31 26.80
N GLU A 249 22.07 10.42 27.74
CA GLU A 249 22.71 9.12 27.85
C GLU A 249 21.66 8.10 28.20
N ALA A 250 21.71 6.95 27.53
CA ALA A 250 20.72 5.90 27.77
C ALA A 250 20.82 5.37 29.19
N ALA A 251 19.67 5.12 29.81
CA ALA A 251 19.63 4.66 31.20
C ALA A 251 18.42 3.77 31.42
N GLU A 252 18.48 3.00 32.49
CA GLU A 252 17.37 2.14 32.87
C GLU A 252 16.27 2.94 33.57
N LEU A 253 15.04 2.49 33.39
CA LEU A 253 13.89 3.07 34.06
C LEU A 253 13.07 1.97 34.71
N GLU A 254 12.17 2.37 35.61
CA GLU A 254 11.38 1.40 36.37
C GLU A 254 10.25 0.79 35.56
N ALA A 255 9.83 1.42 34.46
CA ALA A 255 8.66 0.95 33.73
C ALA A 255 8.97 -0.28 32.88
N VAL A 256 10.23 -0.49 32.52
CA VAL A 256 10.61 -1.50 31.55
C VAL A 256 11.04 -2.78 32.25
N GLU A 257 10.52 -3.91 31.77
CA GLU A 257 10.96 -5.20 32.28
C GLU A 257 12.18 -5.73 31.53
N LEU A 258 12.31 -5.40 30.26
CA LEU A 258 13.46 -5.85 29.49
C LEU A 258 14.73 -5.17 30.01
N PRO A 259 15.86 -5.89 30.09
CA PRO A 259 17.10 -5.27 30.57
C PRO A 259 17.72 -4.32 29.58
N VAL A 260 17.10 -4.08 28.44
CA VAL A 260 17.63 -3.13 27.45
C VAL A 260 17.40 -1.70 27.95
N PRO A 261 18.38 -0.81 27.85
CA PRO A 261 18.17 0.57 28.28
C PRO A 261 17.34 1.35 27.28
N ILE A 262 16.90 2.53 27.71
CA ILE A 262 15.98 3.38 26.96
C ILE A 262 16.71 4.63 26.51
N ARG A 263 16.52 5.02 25.25
CA ARG A 263 17.11 6.24 24.70
C ARG A 263 16.07 7.25 24.25
N PHE A 264 15.05 6.81 23.52
CA PHE A 264 14.02 7.71 23.01
C PHE A 264 12.69 7.43 23.69
N LEU A 265 11.85 8.46 23.76
CA LEU A 265 10.54 8.31 24.38
C LEU A 265 9.53 9.21 23.68
N PHE A 266 8.37 8.64 23.36
CA PHE A 266 7.26 9.33 22.71
C PHE A 266 6.08 9.42 23.66
N VAL A 267 5.37 10.55 23.60
CA VAL A 267 4.21 10.80 24.45
C VAL A 267 3.10 11.35 23.58
N LEU A 268 1.93 10.71 23.60
CA LEU A 268 0.77 11.15 22.82
C LEU A 268 -0.41 11.31 23.76
N LEU A 269 -0.96 12.53 23.83
CA LEU A 269 -2.18 12.78 24.58
C LEU A 269 -3.18 13.51 23.71
N GLY A 270 -4.41 13.65 24.22
CA GLY A 270 -5.41 14.43 23.55
C GLY A 270 -6.84 14.00 23.82
N PRO A 271 -7.80 14.83 23.41
CA PRO A 271 -9.21 14.48 23.59
C PRO A 271 -9.75 13.66 22.43
N GLU A 272 -11.03 13.31 22.48
CA GLU A 272 -11.66 12.52 21.43
C GLU A 272 -12.02 13.39 20.25
N ALA A 273 -11.81 12.88 19.04
CA ALA A 273 -12.18 13.57 17.81
C ALA A 273 -12.30 12.52 16.70
N PRO A 274 -13.20 12.73 15.74
CA PRO A 274 -13.36 11.74 14.67
C PRO A 274 -12.15 11.66 13.77
N HIS A 275 -11.93 10.47 13.22
CA HIS A 275 -10.76 10.13 12.39
C HIS A 275 -9.45 10.19 13.18
N ILE A 276 -9.47 9.82 14.45
CA ILE A 276 -8.25 9.61 15.24
C ILE A 276 -8.37 8.27 15.96
N ASP A 277 -7.39 7.40 15.75
CA ASP A 277 -7.24 6.15 16.49
C ASP A 277 -5.88 6.17 17.15
N TYR A 278 -5.86 6.33 18.48
CA TYR A 278 -4.60 6.50 19.20
C TYR A 278 -3.73 5.25 19.11
N THR A 279 -4.36 4.08 19.04
CA THR A 279 -3.60 2.85 18.83
C THR A 279 -2.86 2.87 17.50
N GLN A 280 -3.55 3.30 16.44
CA GLN A 280 -2.90 3.39 15.14
C GLN A 280 -1.88 4.51 15.09
N LEU A 281 -2.09 5.58 15.86
CA LEU A 281 -1.08 6.63 15.97
C LEU A 281 0.20 6.09 16.59
N GLY A 282 0.07 5.30 17.67
CA GLY A 282 1.23 4.66 18.24
C GLY A 282 1.89 3.67 17.29
N ARG A 283 1.07 2.94 16.53
CA ARG A 283 1.63 2.01 15.54
C ARG A 283 2.44 2.75 14.49
N ALA A 284 1.91 3.88 14.00
CA ALA A 284 2.63 4.67 13.02
C ALA A 284 3.91 5.24 13.60
N ALA A 285 3.88 5.67 14.87
CA ALA A 285 5.11 6.14 15.52
C ALA A 285 6.14 5.02 15.60
N ALA A 286 5.70 3.81 15.94
CA ALA A 286 6.62 2.67 16.01
C ALA A 286 7.23 2.37 14.65
N THR A 287 6.40 2.35 13.60
CA THR A 287 6.91 2.05 12.27
C THR A 287 7.85 3.14 11.78
N LEU A 288 7.57 4.39 12.15
CA LEU A 288 8.51 5.47 11.86
C LEU A 288 9.84 5.23 12.56
N MET A 289 9.79 4.74 13.80
CA MET A 289 11.02 4.38 14.50
C MET A 289 11.70 3.15 13.91
N SER A 290 10.98 2.35 13.11
CA SER A 290 11.56 1.12 12.58
C SER A 290 12.61 1.39 11.49
N GLU A 291 12.53 2.54 10.82
CA GLU A 291 13.46 2.83 9.74
C GLU A 291 14.86 3.09 10.26
N ARG A 292 15.86 2.53 9.57
CA ARG A 292 17.26 2.77 9.94
C ARG A 292 17.65 4.22 9.68
N VAL A 293 17.27 4.75 8.52
CA VAL A 293 17.67 6.10 8.14
C VAL A 293 17.04 7.12 9.09
N PHE A 294 15.75 6.95 9.38
CA PHE A 294 15.11 7.84 10.35
C PHE A 294 15.73 7.70 11.72
N ARG A 295 16.15 6.49 12.08
CA ARG A 295 16.82 6.31 13.37
C ARG A 295 18.12 7.10 13.41
N ILE A 296 18.88 7.10 12.30
CA ILE A 296 20.11 7.88 12.24
C ILE A 296 19.80 9.37 12.33
N ASP A 297 18.74 9.81 11.63
CA ASP A 297 18.33 11.22 11.68
C ASP A 297 17.98 11.63 13.10
N ALA A 298 17.23 10.79 13.82
CA ALA A 298 16.90 11.07 15.21
C ALA A 298 18.14 11.07 16.07
N TYR A 299 19.12 10.21 15.75
CA TYR A 299 20.34 10.16 16.52
C TYR A 299 21.21 11.40 16.33
N MET A 300 21.16 12.05 15.17
CA MET A 300 21.97 13.24 14.96
C MET A 300 21.17 14.53 15.05
N ALA A 301 19.89 14.47 15.40
CA ALA A 301 19.04 15.65 15.37
C ALA A 301 19.46 16.66 16.43
N GLN A 302 19.46 17.94 16.04
CA GLN A 302 19.75 19.03 16.95
C GLN A 302 18.61 20.03 17.06
N SER A 303 17.58 19.91 16.24
CA SER A 303 16.41 20.79 16.28
C SER A 303 15.23 20.01 15.73
N ARG A 304 14.09 20.68 15.58
CA ARG A 304 12.89 20.05 15.04
C ARG A 304 12.84 20.08 13.53
N GLY A 305 13.58 21.00 12.89
CA GLY A 305 13.48 21.15 11.45
C GLY A 305 13.97 19.92 10.69
N GLU A 306 15.10 19.35 11.12
CA GLU A 306 15.60 18.15 10.45
C GLU A 306 14.70 16.95 10.69
N LEU A 307 14.06 16.87 11.86
CA LEU A 307 13.09 15.81 12.09
C LEU A 307 11.90 15.96 11.15
N LEU A 308 11.42 17.19 10.96
CA LEU A 308 10.35 17.44 10.01
C LEU A 308 10.78 17.07 8.59
N HIS A 309 12.01 17.41 8.22
CA HIS A 309 12.52 17.07 6.90
C HIS A 309 12.58 15.57 6.69
N SER A 310 13.07 14.84 7.69
CA SER A 310 13.16 13.39 7.59
C SER A 310 11.78 12.76 7.51
N LEU A 311 10.82 13.27 8.29
CA LEU A 311 9.46 12.74 8.22
C LEU A 311 8.83 12.99 6.86
N GLU A 312 9.04 14.18 6.30
CA GLU A 312 8.51 14.48 4.98
C GLU A 312 9.15 13.60 3.92
N GLY A 313 10.46 13.36 4.03
CA GLY A 313 11.11 12.44 3.12
C GLY A 313 10.57 11.03 3.23
N PHE A 314 10.30 10.58 4.46
CA PHE A 314 9.70 9.25 4.65
C PHE A 314 8.32 9.18 4.02
N LEU A 315 7.52 10.23 4.19
CA LEU A 315 6.20 10.26 3.56
C LEU A 315 6.30 10.33 2.05
N ASP A 316 7.38 10.92 1.54
CA ASP A 316 7.57 11.00 0.09
C ASP A 316 7.74 9.62 -0.51
N CYS A 317 8.47 8.73 0.17
CA CYS A 317 8.70 7.38 -0.31
C CYS A 317 7.64 6.40 0.15
N SER A 318 6.60 6.88 0.82
CA SER A 318 5.50 6.03 1.24
C SER A 318 4.68 5.59 0.04
N LEU A 319 4.13 4.37 0.12
CA LEU A 319 3.37 3.77 -0.96
C LEU A 319 1.97 3.47 -0.44
N VAL A 320 0.96 4.02 -1.11
CA VAL A 320 -0.44 3.82 -0.74
C VAL A 320 -1.15 3.09 -1.86
N LEU A 321 -2.00 2.13 -1.50
CA LEU A 321 -2.79 1.39 -2.47
C LEU A 321 -4.26 1.51 -2.14
N PRO A 322 -5.11 1.80 -3.13
CA PRO A 322 -6.52 2.03 -2.85
C PRO A 322 -7.26 0.72 -2.72
N PRO A 323 -8.47 0.73 -2.17
CA PRO A 323 -9.32 -0.46 -2.23
C PRO A 323 -9.71 -0.76 -3.67
N THR A 324 -9.90 -2.05 -3.95
CA THR A 324 -10.19 -2.50 -5.30
C THR A 324 -11.53 -3.24 -5.30
N ASP A 325 -11.87 -3.81 -6.46
CA ASP A 325 -13.12 -4.53 -6.65
C ASP A 325 -12.91 -6.03 -6.85
N ALA A 326 -11.97 -6.41 -7.72
CA ALA A 326 -11.65 -7.81 -7.98
C ALA A 326 -10.16 -7.99 -7.81
N PRO A 327 -9.69 -8.15 -6.56
CA PRO A 327 -8.25 -8.30 -6.33
C PRO A 327 -7.73 -9.63 -6.83
N SER A 328 -6.48 -9.61 -7.30
CA SER A 328 -5.77 -10.81 -7.71
C SER A 328 -4.29 -10.59 -7.48
N GLU A 329 -3.57 -11.68 -7.19
CA GLU A 329 -2.14 -11.57 -6.97
C GLU A 329 -1.35 -11.38 -8.25
N GLN A 330 -1.94 -11.72 -9.40
CA GLN A 330 -1.28 -11.44 -10.68
C GLN A 330 -1.14 -9.94 -10.90
N ALA A 331 -2.21 -9.19 -10.65
CA ALA A 331 -2.12 -7.73 -10.71
C ALA A 331 -1.20 -7.18 -9.64
N LEU A 332 -1.30 -7.72 -8.41
CA LEU A 332 -0.50 -7.22 -7.30
C LEU A 332 0.99 -7.42 -7.52
N LEU A 333 1.39 -8.35 -8.38
CA LEU A 333 2.80 -8.56 -8.68
C LEU A 333 3.32 -7.59 -9.74
N SER A 334 2.46 -6.72 -10.28
CA SER A 334 2.91 -5.74 -11.26
C SER A 334 3.57 -4.52 -10.63
N LEU A 335 3.42 -4.32 -9.33
CA LEU A 335 4.00 -3.18 -8.63
C LEU A 335 5.38 -3.49 -8.08
N VAL A 336 5.85 -4.74 -8.22
CA VAL A 336 7.08 -5.18 -7.53
C VAL A 336 8.29 -4.30 -7.79
N PRO A 337 8.58 -3.86 -9.03
CA PRO A 337 9.79 -3.01 -9.21
C PRO A 337 9.76 -1.70 -8.43
N VAL A 338 8.59 -1.07 -8.31
CA VAL A 338 8.51 0.32 -7.88
C VAL A 338 9.13 0.52 -6.50
N GLN A 339 8.71 -0.29 -5.53
CA GLN A 339 9.24 -0.15 -4.18
C GLN A 339 10.75 -0.40 -4.16
N ARG A 340 11.22 -1.36 -4.97
CA ARG A 340 12.66 -1.53 -5.13
C ARG A 340 13.30 -0.21 -5.55
N GLU A 341 12.78 0.39 -6.62
CA GLU A 341 13.19 1.73 -7.00
C GLU A 341 13.02 2.70 -5.83
N LEU A 342 11.86 2.63 -5.17
CA LEU A 342 11.62 3.50 -4.02
C LEU A 342 12.68 3.28 -2.95
N LEU A 343 13.02 2.01 -2.70
CA LEU A 343 14.06 1.72 -1.72
C LEU A 343 15.36 2.39 -2.10
N ARG A 344 15.74 2.29 -3.38
CA ARG A 344 16.93 2.98 -3.85
C ARG A 344 16.78 4.48 -3.64
N ARG A 345 15.61 5.01 -3.98
CA ARG A 345 15.36 6.43 -3.72
C ARG A 345 15.41 6.71 -2.23
N ARG A 346 14.88 5.79 -1.42
CA ARG A 346 14.94 5.99 0.03
C ARG A 346 16.38 5.96 0.52
N TYR A 347 17.24 5.22 -0.17
CA TYR A 347 18.66 5.22 0.13
C TYR A 347 19.46 6.07 -0.83
N GLN A 348 18.77 6.96 -1.58
CA GLN A 348 19.47 7.82 -2.52
C GLN A 348 20.40 8.79 -1.80
N SER A 349 19.97 9.30 -0.65
CA SER A 349 20.78 10.20 0.16
C SER A 349 21.40 9.51 1.37
N SER A 350 21.54 8.19 1.33
CA SER A 350 22.07 7.44 2.46
C SER A 350 23.34 6.71 2.09
N PRO A 351 24.35 6.71 2.97
CA PRO A 351 25.62 6.00 2.74
C PRO A 351 25.48 4.49 2.84
N ASP A 369 38.09 -19.03 14.22
CA ASP A 369 39.34 -19.66 13.80
C ASP A 369 39.16 -20.57 12.58
N ASP A 370 40.26 -20.85 11.88
CA ASP A 370 40.24 -21.59 10.63
C ASP A 370 40.88 -22.96 10.79
N PRO A 371 40.41 -23.96 10.04
CA PRO A 371 41.14 -25.24 10.00
C PRO A 371 42.54 -25.11 9.43
N LEU A 372 42.75 -24.19 8.48
CA LEU A 372 44.05 -24.00 7.86
C LEU A 372 44.51 -22.56 8.08
N GLN A 373 45.75 -22.39 8.53
CA GLN A 373 46.37 -21.10 8.74
C GLN A 373 47.85 -21.31 9.00
N GLN A 374 48.68 -20.45 8.42
CA GLN A 374 50.12 -20.55 8.61
C GLN A 374 50.47 -20.26 10.07
N THR A 375 51.13 -21.22 10.71
CA THR A 375 51.45 -21.13 12.13
C THR A 375 52.94 -21.30 12.33
N GLY A 376 53.52 -20.47 13.21
CA GLY A 376 54.94 -20.47 13.48
C GLY A 376 55.44 -21.50 14.47
N GLN A 377 54.57 -22.34 15.00
CA GLN A 377 54.96 -23.34 15.99
C GLN A 377 54.69 -24.75 15.46
N LEU A 378 55.52 -25.69 15.92
CA LEU A 378 55.39 -27.07 15.50
C LEU A 378 54.09 -27.67 16.05
N PHE A 379 53.43 -28.47 15.20
CA PHE A 379 52.16 -29.14 15.53
C PHE A 379 51.07 -28.14 15.91
N GLY A 380 51.14 -26.92 15.35
CA GLY A 380 50.15 -25.91 15.70
C GLY A 380 48.76 -26.24 15.19
N GLY A 381 48.66 -26.58 13.91
CA GLY A 381 47.36 -26.92 13.34
C GLY A 381 46.80 -28.20 13.90
N LEU A 382 47.66 -29.18 14.17
CA LEU A 382 47.21 -30.45 14.72
C LEU A 382 46.59 -30.27 16.10
N VAL A 383 47.29 -29.60 17.01
CA VAL A 383 46.73 -29.37 18.33
C VAL A 383 45.57 -28.38 18.26
N ARG A 384 45.54 -27.52 17.24
CA ARG A 384 44.41 -26.62 17.06
C ARG A 384 43.14 -27.39 16.76
N ASP A 385 43.22 -28.33 15.81
CA ASP A 385 42.07 -29.19 15.51
C ASP A 385 41.73 -30.08 16.70
N ILE A 386 42.75 -30.53 17.43
CA ILE A 386 42.53 -31.37 18.62
C ILE A 386 41.72 -30.61 19.66
N ARG A 387 42.14 -29.38 19.97
CA ARG A 387 41.45 -28.58 20.97
C ARG A 387 40.08 -28.12 20.47
N ARG A 388 39.91 -28.00 19.16
CA ARG A 388 38.60 -27.63 18.63
C ARG A 388 37.63 -28.80 18.71
N ARG A 389 38.10 -30.04 18.50
CA ARG A 389 37.21 -31.17 18.32
C ARG A 389 36.99 -32.00 19.58
N TYR A 390 38.02 -32.21 20.40
CA TYR A 390 37.88 -33.08 21.58
C TYR A 390 36.78 -32.67 22.56
N PRO A 391 36.53 -31.39 22.86
CA PRO A 391 35.42 -31.07 23.79
C PRO A 391 34.04 -31.49 23.30
N TYR A 392 33.88 -31.83 22.02
CA TYR A 392 32.60 -32.30 21.50
C TYR A 392 32.45 -33.81 21.56
N TYR A 393 33.26 -34.47 22.40
CA TYR A 393 33.23 -35.93 22.49
C TYR A 393 31.89 -36.44 23.01
N LEU A 394 31.37 -35.83 24.07
CA LEU A 394 30.09 -36.28 24.63
C LEU A 394 28.94 -36.01 23.67
N SER A 395 28.99 -34.88 22.96
CA SER A 395 27.96 -34.60 21.95
C SER A 395 28.01 -35.62 20.82
N ASP A 396 29.22 -35.99 20.39
CA ASP A 396 29.36 -37.01 19.36
C ASP A 396 28.83 -38.35 19.84
N ILE A 397 29.09 -38.69 21.10
CA ILE A 397 28.59 -39.94 21.67
C ILE A 397 27.06 -39.92 21.72
N THR A 398 26.48 -38.80 22.14
CA THR A 398 25.04 -38.72 22.39
C THR A 398 24.24 -38.67 21.09
N ASP A 399 24.70 -37.92 20.09
CA ASP A 399 23.87 -37.56 18.95
C ASP A 399 23.58 -38.72 17.99
N ALA A 400 23.98 -39.95 18.33
CA ALA A 400 23.80 -41.09 17.43
C ALA A 400 22.66 -42.01 17.88
N PHE A 401 21.58 -41.45 18.42
CA PHE A 401 20.46 -42.24 18.90
C PHE A 401 19.24 -42.19 17.97
N SER A 402 19.39 -41.61 16.76
CA SER A 402 18.26 -41.55 15.86
C SER A 402 18.30 -42.70 14.85
N PRO A 403 17.14 -43.15 14.36
CA PRO A 403 17.12 -44.22 13.35
C PRO A 403 17.76 -43.84 12.02
N GLN A 404 17.87 -42.55 11.71
CA GLN A 404 18.55 -42.14 10.49
C GLN A 404 20.02 -42.53 10.51
N VAL A 405 20.62 -42.58 11.70
CA VAL A 405 21.98 -43.10 11.86
C VAL A 405 22.02 -44.58 11.47
N LEU A 406 21.03 -45.34 11.88
CA LEU A 406 20.94 -46.74 11.50
C LEU A 406 20.77 -46.89 9.98
N ALA A 407 19.97 -46.01 9.38
CA ALA A 407 19.82 -46.02 7.92
C ALA A 407 21.16 -45.77 7.23
N ALA A 408 21.93 -44.81 7.74
CA ALA A 408 23.25 -44.56 7.20
C ALA A 408 24.15 -45.77 7.35
N VAL A 409 24.09 -46.43 8.52
CA VAL A 409 24.93 -47.60 8.77
C VAL A 409 24.60 -48.71 7.76
N ILE A 410 23.31 -49.02 7.61
CA ILE A 410 22.92 -50.14 6.76
C ILE A 410 23.19 -49.82 5.29
N PHE A 411 23.04 -48.56 4.89
CA PHE A 411 23.25 -48.22 3.48
C PHE A 411 24.74 -48.21 3.14
N ILE A 412 25.56 -47.52 3.94
CA ILE A 412 26.99 -47.47 3.68
C ILE A 412 27.63 -48.84 3.88
N TYR A 413 27.01 -49.72 4.67
CA TYR A 413 27.52 -51.09 4.78
C TYR A 413 27.56 -51.78 3.42
N PHE A 414 26.44 -51.75 2.70
CA PHE A 414 26.41 -52.32 1.35
C PHE A 414 27.31 -51.53 0.41
N ALA A 415 27.23 -50.20 0.48
CA ALA A 415 27.98 -49.33 -0.43
C ALA A 415 29.49 -49.45 -0.22
N ALA A 416 29.93 -50.01 0.90
CA ALA A 416 31.35 -50.27 1.13
C ALA A 416 31.74 -51.72 0.92
N LEU A 417 30.83 -52.67 1.16
CA LEU A 417 31.20 -54.07 0.94
C LEU A 417 31.28 -54.40 -0.53
N SER A 418 30.34 -53.87 -1.34
CA SER A 418 30.34 -54.23 -2.76
C SER A 418 31.59 -53.76 -3.53
N PRO A 419 32.02 -52.49 -3.47
CA PRO A 419 33.26 -52.15 -4.19
C PRO A 419 34.47 -52.83 -3.62
N ALA A 420 34.46 -53.14 -2.32
CA ALA A 420 35.54 -53.90 -1.72
C ALA A 420 35.66 -55.28 -2.36
N ILE A 421 34.52 -55.95 -2.55
CA ILE A 421 34.53 -57.27 -3.17
C ILE A 421 34.97 -57.17 -4.62
N THR A 422 34.48 -56.15 -5.34
CA THR A 422 34.85 -55.97 -6.75
C THR A 422 36.35 -55.76 -6.89
N PHE A 423 36.91 -54.83 -6.12
CA PHE A 423 38.34 -54.55 -6.17
C PHE A 423 39.15 -55.74 -5.71
N GLY A 424 38.67 -56.48 -4.71
CA GLY A 424 39.38 -57.66 -4.26
C GLY A 424 39.45 -58.73 -5.33
N GLY A 425 38.34 -58.98 -6.02
CA GLY A 425 38.36 -59.93 -7.11
C GLY A 425 39.27 -59.50 -8.24
N LEU A 426 39.21 -58.21 -8.61
CA LEU A 426 40.05 -57.71 -9.69
C LEU A 426 41.53 -57.80 -9.34
N LEU A 427 41.89 -57.42 -8.11
CA LEU A 427 43.29 -57.45 -7.71
C LEU A 427 43.79 -58.88 -7.51
N GLY A 428 42.92 -59.78 -7.05
CA GLY A 428 43.31 -61.18 -6.98
C GLY A 428 43.57 -61.78 -8.34
N GLU A 429 42.74 -61.43 -9.32
CA GLU A 429 42.96 -61.93 -10.67
C GLU A 429 44.14 -61.23 -11.35
N LYS A 430 44.50 -60.02 -10.90
CA LYS A 430 45.55 -59.26 -11.56
C LYS A 430 46.94 -59.55 -11.00
N THR A 431 47.06 -59.68 -9.68
CA THR A 431 48.36 -59.82 -9.02
C THR A 431 48.71 -61.26 -8.73
N ARG A 432 48.16 -62.19 -9.52
CA ARG A 432 48.31 -63.63 -9.30
C ARG A 432 47.84 -64.01 -7.90
N ASN A 433 46.88 -63.24 -7.39
CA ASN A 433 46.30 -63.42 -6.05
C ASN A 433 47.36 -63.47 -4.96
N GLN A 434 48.36 -62.59 -5.07
CA GLN A 434 49.25 -62.36 -3.94
C GLN A 434 48.49 -61.81 -2.76
N MET A 435 47.57 -60.88 -3.02
CA MET A 435 46.66 -60.37 -2.02
C MET A 435 45.24 -60.62 -2.49
N GLY A 436 44.41 -61.21 -1.63
CA GLY A 436 43.09 -61.60 -2.03
C GLY A 436 41.99 -60.65 -1.61
N VAL A 437 40.96 -61.20 -0.97
CA VAL A 437 39.81 -60.43 -0.53
C VAL A 437 39.72 -60.35 0.99
N SER A 438 40.15 -61.41 1.68
CA SER A 438 40.08 -61.41 3.14
C SER A 438 40.97 -60.32 3.74
N GLU A 439 42.18 -60.16 3.20
CA GLU A 439 43.07 -59.12 3.68
C GLU A 439 42.47 -57.74 3.42
N LEU A 440 41.82 -57.56 2.27
CA LEU A 440 41.21 -56.28 1.96
C LEU A 440 40.04 -55.96 2.89
N LEU A 441 39.21 -56.96 3.21
CA LEU A 441 38.10 -56.70 4.11
C LEU A 441 38.60 -56.40 5.53
N ILE A 442 39.66 -57.09 5.97
CA ILE A 442 40.26 -56.76 7.25
C ILE A 442 40.83 -55.34 7.23
N SER A 443 41.43 -54.96 6.10
CA SER A 443 41.94 -53.60 5.92
C SER A 443 40.84 -52.58 6.09
N THR A 444 39.70 -52.82 5.42
CA THR A 444 38.57 -51.91 5.52
C THR A 444 38.05 -51.83 6.94
N ALA A 445 37.97 -52.98 7.62
CA ALA A 445 37.47 -53.01 9.00
C ALA A 445 38.36 -52.18 9.92
N VAL A 446 39.68 -52.37 9.84
CA VAL A 446 40.60 -51.67 10.73
C VAL A 446 40.62 -50.18 10.42
N GLN A 447 40.74 -49.83 9.14
CA GLN A 447 40.78 -48.44 8.72
C GLN A 447 39.46 -47.73 8.92
N GLY A 448 38.37 -48.47 9.14
CA GLY A 448 37.14 -47.84 9.54
C GLY A 448 37.00 -47.65 11.04
N ILE A 449 37.30 -48.70 11.82
CA ILE A 449 37.12 -48.59 13.28
C ILE A 449 38.05 -47.54 13.86
N LEU A 450 39.32 -47.57 13.46
CA LEU A 450 40.27 -46.63 14.05
C LEU A 450 40.00 -45.19 13.61
N PHE A 451 39.64 -45.01 12.34
CA PHE A 451 39.33 -43.68 11.83
C PHE A 451 38.08 -43.11 12.49
N ALA A 452 37.06 -43.93 12.72
CA ALA A 452 35.88 -43.44 13.43
C ALA A 452 36.19 -43.19 14.90
N LEU A 453 37.09 -43.96 15.48
CA LEU A 453 37.41 -43.79 16.90
C LEU A 453 38.17 -42.50 17.16
N LEU A 454 39.22 -42.23 16.38
CA LEU A 454 40.10 -41.10 16.68
C LEU A 454 40.23 -40.12 15.52
N GLY A 455 39.26 -40.04 14.63
CA GLY A 455 39.36 -39.11 13.52
C GLY A 455 38.80 -37.74 13.82
N ALA A 456 39.26 -36.75 13.05
CA ALA A 456 38.77 -35.38 13.17
C ALA A 456 37.45 -35.18 12.43
N GLN A 457 37.30 -35.81 11.27
CA GLN A 457 36.03 -35.88 10.56
C GLN A 457 35.68 -37.35 10.41
N PRO A 458 34.89 -37.92 11.33
CA PRO A 458 34.51 -39.33 11.22
C PRO A 458 33.42 -39.63 10.21
N LEU A 459 33.03 -38.64 9.40
CA LEU A 459 32.05 -38.83 8.34
C LEU A 459 32.70 -39.27 7.03
N LEU A 460 34.01 -39.41 7.02
CA LEU A 460 34.73 -39.87 5.84
C LEU A 460 34.78 -41.39 5.80
N VAL A 461 34.87 -41.93 4.58
CA VAL A 461 34.91 -43.37 4.34
C VAL A 461 36.17 -43.70 3.54
N VAL A 462 36.85 -44.77 3.95
CA VAL A 462 38.12 -45.15 3.34
C VAL A 462 37.91 -46.32 2.39
N GLY A 463 38.87 -46.52 1.49
CA GLY A 463 38.78 -47.62 0.55
C GLY A 463 39.93 -47.58 -0.45
N PHE A 464 39.92 -48.56 -1.34
CA PHE A 464 40.91 -48.60 -2.41
C PHE A 464 40.40 -47.86 -3.64
N SER A 465 41.33 -47.40 -4.47
CA SER A 465 41.01 -46.60 -5.64
C SER A 465 41.68 -47.19 -6.88
N GLY A 466 41.14 -46.83 -8.04
CA GLY A 466 41.65 -47.28 -9.32
C GLY A 466 43.09 -46.89 -9.61
N PRO A 467 43.45 -45.62 -9.44
CA PRO A 467 44.87 -45.24 -9.58
C PRO A 467 45.79 -46.00 -8.63
N LEU A 468 45.32 -46.33 -7.42
CA LEU A 468 46.12 -47.17 -6.53
C LEU A 468 46.32 -48.55 -7.14
N LEU A 469 45.29 -49.10 -7.76
CA LEU A 469 45.42 -50.39 -8.44
C LEU A 469 46.41 -50.31 -9.59
N VAL A 470 46.37 -49.20 -10.35
CA VAL A 470 47.32 -49.00 -11.44
C VAL A 470 48.74 -48.91 -10.89
N PHE A 471 48.91 -48.22 -9.76
CA PHE A 471 50.22 -48.13 -9.12
C PHE A 471 50.73 -49.49 -8.69
N GLU A 472 49.86 -50.31 -8.09
CA GLU A 472 50.26 -51.64 -7.67
C GLU A 472 50.62 -52.51 -8.87
N GLU A 473 49.85 -52.39 -9.96
CA GLU A 473 50.18 -53.11 -11.19
C GLU A 473 51.54 -52.69 -11.74
N ALA A 474 51.81 -51.38 -11.76
CA ALA A 474 53.09 -50.90 -12.26
C ALA A 474 54.24 -51.38 -11.39
N PHE A 475 54.06 -51.35 -10.07
CA PHE A 475 55.10 -51.83 -9.16
C PHE A 475 55.36 -53.31 -9.34
N PHE A 476 54.29 -54.11 -9.50
CA PHE A 476 54.45 -55.54 -9.73
C PHE A 476 55.15 -55.80 -11.06
N SER A 477 54.77 -55.07 -12.11
CA SER A 477 55.41 -55.22 -13.41
C SER A 477 56.89 -54.88 -13.34
N PHE A 478 57.23 -53.80 -12.65
CA PHE A 478 58.64 -53.43 -12.48
C PHE A 478 59.41 -54.48 -11.69
N CYS A 479 58.78 -55.01 -10.63
CA CYS A 479 59.44 -56.03 -9.81
C CYS A 479 59.70 -57.29 -10.61
N GLU A 480 58.73 -57.72 -11.42
CA GLU A 480 58.93 -58.92 -12.23
C GLU A 480 59.93 -58.65 -13.35
N THR A 481 59.93 -57.43 -13.91
CA THR A 481 60.91 -57.09 -14.93
C THR A 481 62.33 -57.15 -14.38
N ASN A 482 62.53 -56.62 -13.17
CA ASN A 482 63.83 -56.70 -12.52
C ASN A 482 64.04 -58.02 -11.79
N GLY A 483 63.00 -58.84 -11.64
CA GLY A 483 63.12 -60.10 -10.94
C GLY A 483 63.02 -60.00 -9.44
N LEU A 484 62.40 -58.94 -8.92
CA LEU A 484 62.37 -58.66 -7.49
C LEU A 484 61.07 -59.16 -6.87
N GLU A 485 61.10 -59.28 -5.54
CA GLU A 485 59.89 -59.61 -4.81
C GLU A 485 58.94 -58.41 -4.81
N TYR A 486 57.65 -58.70 -4.63
CA TYR A 486 56.61 -57.69 -4.70
C TYR A 486 56.12 -57.25 -3.33
N ILE A 487 55.86 -58.19 -2.42
CA ILE A 487 55.38 -57.84 -1.09
C ILE A 487 56.48 -57.43 -0.13
N VAL A 488 57.75 -57.63 -0.50
CA VAL A 488 58.83 -57.35 0.43
C VAL A 488 59.15 -55.87 0.48
N GLY A 489 59.25 -55.21 -0.67
CA GLY A 489 59.58 -53.80 -0.72
C GLY A 489 58.50 -52.89 -0.17
N ARG A 490 57.27 -53.40 -0.05
CA ARG A 490 56.17 -52.57 0.44
C ARG A 490 56.37 -52.12 1.88
N VAL A 491 57.07 -52.93 2.68
CA VAL A 491 57.42 -52.51 4.04
C VAL A 491 58.30 -51.27 4.00
N TRP A 492 59.30 -51.27 3.13
CA TRP A 492 60.19 -50.12 3.00
C TRP A 492 59.44 -48.92 2.43
N ILE A 493 58.53 -49.15 1.49
CA ILE A 493 57.71 -48.05 0.96
C ILE A 493 56.89 -47.42 2.08
N GLY A 494 56.33 -48.24 2.97
CA GLY A 494 55.65 -47.71 4.13
C GLY A 494 56.58 -46.92 5.03
N PHE A 495 57.82 -47.39 5.19
CA PHE A 495 58.80 -46.66 5.99
C PHE A 495 59.08 -45.27 5.41
N TRP A 496 59.30 -45.20 4.10
CA TRP A 496 59.51 -43.89 3.47
C TRP A 496 58.27 -43.02 3.58
N LEU A 497 57.08 -43.61 3.47
CA LEU A 497 55.85 -42.85 3.63
C LEU A 497 55.76 -42.26 5.04
N ILE A 498 56.13 -43.04 6.05
CA ILE A 498 56.07 -42.57 7.44
C ILE A 498 57.04 -41.43 7.66
N LEU A 499 58.30 -41.60 7.23
CA LEU A 499 59.28 -40.54 7.45
C LEU A 499 58.91 -39.28 6.67
N LEU A 500 58.39 -39.45 5.45
CA LEU A 500 58.03 -38.29 4.65
C LEU A 500 56.83 -37.54 5.23
N VAL A 501 55.84 -38.28 5.73
CA VAL A 501 54.68 -37.60 6.32
C VAL A 501 55.06 -36.91 7.61
N VAL A 502 56.02 -37.48 8.36
CA VAL A 502 56.57 -36.78 9.52
C VAL A 502 57.21 -35.47 9.08
N LEU A 503 57.98 -35.51 7.99
CA LEU A 503 58.62 -34.30 7.47
C LEU A 503 57.58 -33.26 7.06
N VAL A 504 56.52 -33.69 6.36
CA VAL A 504 55.54 -32.74 5.84
C VAL A 504 54.71 -32.13 6.97
N VAL A 505 54.26 -32.96 7.91
CA VAL A 505 53.47 -32.45 9.04
C VAL A 505 54.33 -31.55 9.91
N ALA A 506 55.65 -31.81 9.96
CA ALA A 506 56.54 -30.96 10.74
C ALA A 506 56.54 -29.51 10.25
N PHE A 507 56.19 -29.28 8.98
CA PHE A 507 56.16 -27.94 8.43
C PHE A 507 54.75 -27.38 8.23
N GLU A 508 53.72 -28.19 8.50
CA GLU A 508 52.31 -27.77 8.40
C GLU A 508 51.99 -27.19 7.03
N GLY A 509 52.47 -27.87 5.98
CA GLY A 509 52.34 -27.38 4.62
C GLY A 509 51.00 -27.61 3.98
N SER A 510 49.92 -27.64 4.77
CA SER A 510 48.59 -27.86 4.23
C SER A 510 48.02 -26.65 3.49
N PHE A 511 48.61 -25.47 3.66
CA PHE A 511 48.03 -24.24 3.13
C PHE A 511 47.94 -24.25 1.61
N LEU A 512 48.65 -25.17 0.95
CA LEU A 512 48.55 -25.30 -0.50
C LEU A 512 47.13 -25.63 -0.95
N VAL A 513 46.35 -26.31 -0.10
CA VAL A 513 44.97 -26.63 -0.48
C VAL A 513 44.14 -25.36 -0.59
N ARG A 514 44.62 -24.27 0.03
CA ARG A 514 43.97 -22.97 -0.12
C ARG A 514 43.92 -22.52 -1.57
N PHE A 515 44.87 -22.97 -2.40
CA PHE A 515 44.90 -22.58 -3.80
C PHE A 515 43.77 -23.20 -4.60
N ILE A 516 43.07 -24.19 -4.06
CA ILE A 516 41.98 -24.86 -4.77
C ILE A 516 40.70 -24.06 -4.60
N SER A 517 40.13 -23.60 -5.71
CA SER A 517 38.85 -22.93 -5.69
C SER A 517 37.74 -23.96 -5.91
N ARG A 518 36.51 -23.49 -6.13
CA ARG A 518 35.42 -24.42 -6.41
C ARG A 518 35.55 -25.01 -7.81
N TYR A 519 36.24 -24.33 -8.71
CA TYR A 519 36.40 -24.81 -10.09
C TYR A 519 37.09 -26.17 -10.11
N THR A 520 38.25 -26.26 -9.46
CA THR A 520 39.01 -27.51 -9.43
C THR A 520 38.26 -28.60 -8.67
N GLN A 521 37.62 -28.23 -7.56
CA GLN A 521 36.88 -29.20 -6.77
C GLN A 521 35.75 -29.82 -7.59
N GLU A 522 34.95 -28.97 -8.25
CA GLU A 522 33.82 -29.47 -9.02
C GLU A 522 34.29 -30.22 -10.26
N ILE A 523 35.40 -29.81 -10.88
CA ILE A 523 35.84 -30.52 -12.08
C ILE A 523 36.29 -31.94 -11.70
N PHE A 524 36.99 -32.07 -10.56
CA PHE A 524 37.41 -33.39 -10.09
C PHE A 524 36.20 -34.25 -9.71
N SER A 525 35.25 -33.66 -8.99
CA SER A 525 34.07 -34.41 -8.58
C SER A 525 33.26 -34.87 -9.77
N PHE A 526 33.11 -33.99 -10.78
CA PHE A 526 32.35 -34.36 -11.97
C PHE A 526 33.03 -35.47 -12.75
N LEU A 527 34.36 -35.41 -12.89
CA LEU A 527 35.03 -36.49 -13.61
C LEU A 527 34.91 -37.81 -12.85
N ILE A 528 35.00 -37.78 -11.52
CA ILE A 528 34.85 -39.00 -10.73
C ILE A 528 33.45 -39.57 -10.89
N SER A 529 32.43 -38.71 -10.83
CA SER A 529 31.05 -39.17 -10.95
C SER A 529 30.80 -39.79 -12.32
N LEU A 530 31.24 -39.12 -13.39
CA LEU A 530 31.04 -39.65 -14.73
C LEU A 530 31.78 -40.96 -14.92
N ILE A 531 32.99 -41.06 -14.36
CA ILE A 531 33.77 -42.29 -14.46
C ILE A 531 33.03 -43.45 -13.79
N PHE A 532 32.47 -43.22 -12.60
CA PHE A 532 31.85 -44.32 -11.88
C PHE A 532 30.51 -44.72 -12.51
N ILE A 533 29.78 -43.75 -13.08
CA ILE A 533 28.59 -44.12 -13.85
C ILE A 533 28.98 -44.97 -15.05
N TYR A 534 30.06 -44.60 -15.73
CA TYR A 534 30.58 -45.41 -16.82
C TYR A 534 30.95 -46.81 -16.34
N GLU A 535 31.54 -46.91 -15.14
CA GLU A 535 31.95 -48.21 -14.63
C GLU A 535 30.74 -49.11 -14.33
N THR A 536 29.70 -48.57 -13.69
CA THR A 536 28.55 -49.42 -13.38
C THR A 536 27.82 -49.85 -14.66
N PHE A 537 27.71 -48.93 -15.65
CA PHE A 537 27.13 -49.34 -16.92
C PHE A 537 28.00 -50.36 -17.64
N SER A 538 29.33 -50.25 -17.49
CA SER A 538 30.22 -51.25 -18.06
C SER A 538 30.00 -52.61 -17.42
N LYS A 539 29.79 -52.63 -16.10
CA LYS A 539 29.48 -53.88 -15.41
C LYS A 539 28.22 -54.50 -15.97
N LEU A 540 27.16 -53.69 -16.12
CA LEU A 540 25.89 -54.23 -16.62
C LEU A 540 26.02 -54.76 -18.03
N ILE A 541 26.69 -54.00 -18.91
CA ILE A 541 26.78 -54.44 -20.30
C ILE A 541 27.70 -55.66 -20.42
N LYS A 542 28.72 -55.77 -19.56
CA LYS A 542 29.59 -56.95 -19.60
C LYS A 542 28.82 -58.19 -19.16
N ILE A 543 28.03 -58.08 -18.09
CA ILE A 543 27.22 -59.22 -17.65
C ILE A 543 26.21 -59.60 -18.73
N PHE A 544 25.65 -58.59 -19.42
CA PHE A 544 24.77 -58.88 -20.54
C PHE A 544 25.52 -59.61 -21.66
N GLN A 545 26.76 -59.18 -21.93
CA GLN A 545 27.55 -59.78 -23.00
C GLN A 545 27.92 -61.22 -22.70
N ASP A 546 28.08 -61.57 -21.42
CA ASP A 546 28.51 -62.92 -21.07
C ASP A 546 27.47 -63.97 -21.45
N HIS A 547 26.20 -63.59 -21.52
CA HIS A 547 25.12 -64.49 -21.90
C HIS A 547 24.29 -63.86 -23.00
N PRO A 548 24.72 -63.99 -24.25
CA PRO A 548 23.94 -63.45 -25.37
C PRO A 548 22.66 -64.24 -25.61
N LEU A 549 21.83 -63.80 -26.55
CA LEU A 549 20.58 -64.45 -26.85
C LEU A 549 20.77 -65.40 -28.03
N GLN A 550 20.26 -66.61 -27.90
CA GLN A 550 20.25 -67.59 -28.97
C GLN A 550 18.83 -68.10 -29.18
N LYS A 551 18.69 -69.06 -30.10
CA LYS A 551 17.44 -69.76 -30.28
C LYS A 551 17.41 -71.10 -29.58
N THR A 552 18.56 -71.75 -29.41
CA THR A 552 18.66 -73.02 -28.71
C THR A 552 19.84 -72.98 -27.75
N TYR A 553 19.69 -73.65 -26.61
CA TYR A 553 20.74 -73.73 -25.60
C TYR A 553 20.93 -75.18 -25.19
N ASN A 554 22.18 -75.62 -25.14
CA ASN A 554 22.50 -76.96 -24.65
C ASN A 554 22.48 -76.97 -23.12
N TYR A 555 21.78 -77.94 -22.55
CA TYR A 555 21.60 -78.02 -21.11
C TYR A 555 22.64 -78.90 -20.43
N ASN A 556 23.59 -79.46 -21.17
CA ASN A 556 24.64 -80.28 -20.58
C ASN A 556 25.91 -79.45 -20.39
N VAL A 557 25.79 -78.44 -19.55
CA VAL A 557 26.90 -77.57 -19.17
C VAL A 557 26.91 -77.45 -17.65
N LEU A 558 28.11 -77.36 -17.08
CA LEU A 558 28.27 -77.39 -15.62
C LEU A 558 28.33 -75.98 -15.06
N MET A 559 27.65 -75.78 -13.93
CA MET A 559 27.42 -74.46 -13.35
C MET A 559 28.08 -74.28 -11.99
N VAL A 560 28.81 -75.29 -11.50
CA VAL A 560 29.29 -75.24 -10.11
C VAL A 560 30.33 -74.16 -9.86
N PRO A 561 31.47 -74.10 -10.60
CA PRO A 561 32.48 -73.07 -10.25
C PRO A 561 32.08 -71.69 -10.74
N LYS A 562 31.42 -71.63 -11.89
CA LYS A 562 31.07 -70.39 -12.55
C LYS A 562 30.07 -70.72 -13.65
N PRO A 563 29.17 -69.82 -14.01
CA PRO A 563 28.33 -70.06 -15.20
C PRO A 563 29.12 -70.08 -16.50
N GLN A 564 29.23 -71.24 -17.13
CA GLN A 564 29.88 -71.38 -18.41
C GLN A 564 28.85 -71.30 -19.53
N GLY A 565 29.10 -70.41 -20.49
CA GLY A 565 28.25 -70.31 -21.65
C GLY A 565 27.03 -69.44 -21.41
N PRO A 566 26.28 -69.14 -22.47
CA PRO A 566 25.06 -68.34 -22.31
C PRO A 566 23.99 -69.09 -21.53
N LEU A 567 23.16 -68.31 -20.85
CA LEU A 567 22.04 -68.82 -20.08
C LEU A 567 20.78 -68.06 -20.49
N PRO A 568 19.61 -68.70 -20.42
CA PRO A 568 18.41 -68.08 -21.01
C PRO A 568 17.97 -66.80 -20.34
N ASN A 569 17.78 -66.80 -19.02
CA ASN A 569 17.05 -65.74 -18.35
C ASN A 569 17.82 -65.13 -17.18
N THR A 570 19.12 -64.86 -17.35
CA THR A 570 19.86 -64.31 -16.23
C THR A 570 20.12 -62.81 -16.31
N ALA A 571 20.83 -62.37 -17.35
CA ALA A 571 21.31 -60.99 -17.40
C ALA A 571 20.16 -60.02 -17.71
N LEU A 572 19.27 -60.43 -18.60
CA LEU A 572 18.09 -59.62 -18.88
C LEU A 572 17.16 -59.54 -17.68
N LEU A 573 17.12 -60.58 -16.86
CA LEU A 573 16.41 -60.48 -15.57
C LEU A 573 17.12 -59.52 -14.63
N SER A 574 18.45 -59.47 -14.69
CA SER A 574 19.17 -58.45 -13.91
C SER A 574 18.82 -57.06 -14.41
N LEU A 575 18.62 -56.90 -15.72
CA LEU A 575 18.15 -55.63 -16.26
C LEU A 575 16.76 -55.28 -15.74
N VAL A 576 15.88 -56.28 -15.66
CA VAL A 576 14.56 -56.07 -15.07
C VAL A 576 14.69 -55.61 -13.63
N LEU A 577 15.63 -56.19 -12.89
CA LEU A 577 15.86 -55.77 -11.51
C LEU A 577 16.39 -54.35 -11.46
N MET A 578 17.28 -53.99 -12.40
CA MET A 578 17.72 -52.60 -12.55
C MET A 578 16.52 -51.66 -12.58
N ALA A 579 15.61 -51.92 -13.53
CA ALA A 579 14.47 -51.05 -13.75
C ALA A 579 13.59 -50.99 -12.51
N GLY A 580 13.29 -52.15 -11.93
CA GLY A 580 12.39 -52.17 -10.78
C GLY A 580 12.96 -51.44 -9.58
N THR A 581 14.23 -51.71 -9.25
CA THR A 581 14.86 -51.09 -8.09
C THR A 581 14.93 -49.57 -8.27
N PHE A 582 15.42 -49.13 -9.44
CA PHE A 582 15.58 -47.70 -9.65
C PHE A 582 14.24 -46.98 -9.67
N PHE A 583 13.23 -47.58 -10.32
CA PHE A 583 11.92 -46.96 -10.41
C PHE A 583 11.27 -46.86 -9.03
N PHE A 584 11.37 -47.92 -8.22
CA PHE A 584 10.82 -47.86 -6.87
C PHE A 584 11.53 -46.81 -6.01
N ALA A 585 12.86 -46.74 -6.12
CA ALA A 585 13.60 -45.77 -5.33
C ALA A 585 13.22 -44.34 -5.70
N MET A 586 13.12 -44.04 -6.99
CA MET A 586 12.74 -42.69 -7.40
C MET A 586 11.28 -42.37 -7.05
N MET A 587 10.38 -43.33 -7.21
CA MET A 587 8.98 -43.07 -6.85
C MET A 587 8.86 -42.79 -5.36
N LEU A 588 9.56 -43.57 -4.53
CA LEU A 588 9.52 -43.33 -3.10
C LEU A 588 10.14 -41.98 -2.72
N ARG A 589 11.28 -41.64 -3.31
CA ARG A 589 11.94 -40.38 -2.95
C ARG A 589 11.09 -39.19 -3.37
N LYS A 590 10.48 -39.25 -4.56
CA LYS A 590 9.62 -38.15 -5.00
C LYS A 590 8.35 -38.08 -4.17
N PHE A 591 7.83 -39.23 -3.74
CA PHE A 591 6.63 -39.24 -2.91
C PHE A 591 6.92 -38.80 -1.47
N LYS A 592 8.17 -38.86 -1.04
CA LYS A 592 8.51 -38.55 0.36
C LYS A 592 8.15 -37.12 0.73
N ASN A 593 8.43 -36.17 -0.16
CA ASN A 593 8.12 -34.77 0.12
C ASN A 593 6.73 -34.36 -0.36
N SER A 594 5.84 -35.32 -0.56
CA SER A 594 4.47 -35.03 -0.97
C SER A 594 3.64 -34.65 0.26
N SER A 595 2.32 -34.60 0.09
CA SER A 595 1.38 -34.28 1.15
C SER A 595 0.23 -35.27 1.16
N TYR A 596 0.56 -36.56 1.09
CA TYR A 596 -0.44 -37.62 1.04
C TYR A 596 -0.75 -38.25 2.38
N PHE A 597 0.21 -38.22 3.32
CA PHE A 597 0.03 -38.80 4.65
C PHE A 597 0.16 -37.71 5.71
N PRO A 598 -0.23 -37.99 6.96
CA PRO A 598 0.23 -37.14 8.06
C PRO A 598 1.75 -37.13 8.13
N GLY A 599 2.30 -36.00 8.57
CA GLY A 599 3.72 -35.76 8.42
C GLY A 599 4.59 -36.81 9.08
N LYS A 600 4.21 -37.24 10.28
CA LYS A 600 4.97 -38.28 10.99
C LYS A 600 5.02 -39.56 10.17
N LEU A 601 3.87 -40.05 9.71
CA LEU A 601 3.82 -41.30 8.97
C LEU A 601 4.60 -41.20 7.67
N ARG A 602 4.41 -40.10 6.94
CA ARG A 602 5.08 -39.94 5.64
C ARG A 602 6.59 -39.88 5.80
N ARG A 603 7.08 -39.09 6.76
CA ARG A 603 8.52 -38.96 6.92
C ARG A 603 9.14 -40.24 7.47
N VAL A 604 8.44 -40.93 8.38
CA VAL A 604 8.94 -42.20 8.90
C VAL A 604 9.04 -43.24 7.79
N ILE A 605 8.02 -43.31 6.93
CA ILE A 605 8.05 -44.25 5.82
C ILE A 605 9.18 -43.90 4.85
N GLY A 606 9.33 -42.61 4.52
CA GLY A 606 10.38 -42.21 3.59
C GLY A 606 11.78 -42.26 4.15
N ASP A 607 11.92 -42.41 5.47
CA ASP A 607 13.24 -42.40 6.08
C ASP A 607 14.09 -43.60 5.68
N PHE A 608 13.47 -44.72 5.30
CA PHE A 608 14.16 -45.97 5.03
C PHE A 608 13.77 -46.56 3.68
N GLY A 609 13.75 -45.74 2.63
CA GLY A 609 13.28 -46.23 1.34
C GLY A 609 14.20 -47.25 0.70
N VAL A 610 15.51 -47.01 0.76
CA VAL A 610 16.46 -47.92 0.10
C VAL A 610 16.45 -49.33 0.70
N PRO A 611 16.50 -49.52 2.03
CA PRO A 611 16.35 -50.89 2.54
C PRO A 611 15.01 -51.52 2.23
N ILE A 612 13.94 -50.73 2.15
CA ILE A 612 12.63 -51.28 1.79
C ILE A 612 12.67 -51.85 0.37
N SER A 613 13.20 -51.07 -0.57
CA SER A 613 13.32 -51.55 -1.94
C SER A 613 14.26 -52.74 -2.03
N ILE A 614 15.32 -52.74 -1.22
CA ILE A 614 16.25 -53.86 -1.19
C ILE A 614 15.53 -55.14 -0.75
N LEU A 615 14.73 -55.04 0.31
CA LEU A 615 13.99 -56.20 0.79
C LEU A 615 12.98 -56.69 -0.24
N ILE A 616 12.32 -55.75 -0.93
CA ILE A 616 11.37 -56.12 -1.97
C ILE A 616 12.07 -56.90 -3.08
N MET A 617 13.23 -56.41 -3.51
CA MET A 617 13.98 -57.09 -4.56
C MET A 617 14.47 -58.46 -4.11
N VAL A 618 14.93 -58.57 -2.86
CA VAL A 618 15.41 -59.85 -2.35
C VAL A 618 14.28 -60.87 -2.29
N LEU A 619 13.10 -60.46 -1.79
CA LEU A 619 11.99 -61.40 -1.73
C LEU A 619 11.51 -61.79 -3.13
N VAL A 620 11.53 -60.84 -4.07
CA VAL A 620 11.16 -61.16 -5.45
C VAL A 620 12.13 -62.18 -6.04
N ASP A 621 13.44 -62.00 -5.79
CA ASP A 621 14.42 -62.96 -6.27
C ASP A 621 14.21 -64.33 -5.62
N PHE A 622 13.94 -64.35 -4.31
CA PHE A 622 13.76 -65.62 -3.61
C PHE A 622 12.53 -66.36 -4.10
N PHE A 623 11.47 -65.63 -4.48
CA PHE A 623 10.25 -66.29 -4.92
C PHE A 623 10.47 -67.08 -6.20
N ILE A 624 11.24 -66.55 -7.14
CA ILE A 624 11.58 -67.29 -8.35
C ILE A 624 12.66 -68.31 -8.03
N GLN A 625 12.47 -69.54 -8.50
CA GLN A 625 13.32 -70.67 -8.14
C GLN A 625 14.22 -71.14 -9.27
N ASP A 626 13.71 -71.19 -10.49
CA ASP A 626 14.37 -71.97 -11.54
C ASP A 626 15.66 -71.33 -12.04
N THR A 627 15.65 -70.03 -12.32
CA THR A 627 16.79 -69.39 -12.96
C THR A 627 17.82 -68.96 -11.92
N TYR A 628 19.09 -69.01 -12.31
CA TYR A 628 20.20 -68.65 -11.45
C TYR A 628 20.62 -67.21 -11.70
N THR A 629 20.86 -66.47 -10.62
CA THR A 629 21.47 -65.15 -10.66
C THR A 629 22.66 -65.14 -9.74
N GLN A 630 23.71 -64.43 -10.15
CA GLN A 630 24.95 -64.43 -9.39
C GLN A 630 24.76 -63.75 -8.04
N LYS A 631 25.31 -64.36 -7.00
CA LYS A 631 25.16 -63.91 -5.63
C LYS A 631 26.52 -63.53 -5.05
N LEU A 632 26.49 -63.00 -3.84
CA LEU A 632 27.69 -62.50 -3.19
C LEU A 632 28.59 -63.66 -2.76
N SER A 633 29.90 -63.45 -2.89
CA SER A 633 30.89 -64.43 -2.50
C SER A 633 31.82 -63.81 -1.47
N VAL A 634 32.00 -64.50 -0.35
CA VAL A 634 32.84 -64.01 0.74
C VAL A 634 33.77 -65.13 1.19
N PRO A 635 34.90 -64.78 1.82
CA PRO A 635 35.83 -65.81 2.29
C PRO A 635 35.20 -66.69 3.36
N ASP A 636 35.73 -67.92 3.45
CA ASP A 636 35.30 -68.81 4.53
C ASP A 636 35.71 -68.28 5.89
N GLY A 637 36.90 -67.71 6.00
CA GLY A 637 37.38 -67.21 7.26
C GLY A 637 38.47 -66.16 7.04
N PHE A 638 39.24 -65.92 8.11
CA PHE A 638 40.31 -64.93 8.07
C PHE A 638 41.62 -65.58 7.58
N LYS A 639 41.53 -66.15 6.39
CA LYS A 639 42.62 -66.93 5.82
C LYS A 639 43.14 -66.28 4.53
N VAL A 640 44.44 -66.41 4.30
CA VAL A 640 45.08 -65.70 3.14
C VAL A 640 44.91 -66.52 1.86
N SER A 641 44.59 -65.84 0.75
CA SER A 641 44.45 -66.54 -0.56
C SER A 641 45.68 -67.40 -0.82
N ASN A 642 46.88 -66.86 -0.57
CA ASN A 642 48.13 -67.62 -0.89
C ASN A 642 48.55 -68.48 0.29
N SER A 643 49.32 -67.90 1.23
CA SER A 643 49.86 -68.67 2.38
C SER A 643 50.98 -69.60 1.89
N SER A 644 50.72 -70.37 0.82
CA SER A 644 51.78 -71.23 0.24
C SER A 644 53.01 -70.37 -0.06
N ALA A 645 52.86 -69.04 0.03
CA ALA A 645 53.95 -68.12 -0.23
C ALA A 645 53.87 -66.88 0.64
N ARG A 646 53.06 -66.93 1.70
CA ARG A 646 52.91 -65.83 2.64
C ARG A 646 52.65 -66.39 4.03
N GLY A 647 52.97 -65.58 5.04
CA GLY A 647 52.66 -65.91 6.42
C GLY A 647 51.94 -64.74 7.06
N TRP A 648 51.70 -64.87 8.36
CA TRP A 648 51.07 -63.78 9.10
C TRP A 648 51.95 -62.54 9.14
N VAL A 649 53.27 -62.73 9.19
CA VAL A 649 54.23 -61.64 9.15
C VAL A 649 55.21 -61.90 8.01
N ILE A 650 55.47 -60.87 7.21
CA ILE A 650 56.49 -60.93 6.16
C ILE A 650 57.78 -60.37 6.73
N HIS A 651 58.85 -61.13 6.60
CA HIS A 651 60.15 -60.64 7.04
C HIS A 651 60.64 -59.57 6.08
N PRO A 652 60.83 -58.33 6.54
CA PRO A 652 61.24 -57.26 5.62
C PRO A 652 62.61 -57.47 5.00
N LEU A 653 63.54 -58.07 5.75
CA LEU A 653 64.90 -58.27 5.25
C LEU A 653 64.91 -59.21 4.06
N GLY A 654 64.07 -60.24 4.09
CA GLY A 654 63.97 -61.17 2.98
C GLY A 654 63.09 -62.37 3.26
N LEU A 655 62.27 -62.74 2.29
CA LEU A 655 61.40 -63.90 2.41
C LEU A 655 62.08 -65.16 1.90
N ARG A 656 62.54 -65.14 0.65
CA ARG A 656 63.32 -66.22 0.06
C ARG A 656 64.75 -65.83 -0.26
N SER A 657 65.01 -64.55 -0.55
CA SER A 657 66.35 -64.04 -0.75
C SER A 657 66.47 -62.67 -0.08
N GLU A 658 67.70 -62.28 0.24
CA GLU A 658 67.92 -60.97 0.83
C GLU A 658 67.60 -59.86 -0.16
N PHE A 659 67.12 -58.75 0.36
CA PHE A 659 66.58 -57.70 -0.49
C PHE A 659 67.71 -56.73 -0.85
N PRO A 660 67.81 -56.31 -2.10
CA PRO A 660 69.01 -55.58 -2.55
C PRO A 660 69.22 -54.23 -1.86
N ILE A 661 70.49 -53.88 -1.70
CA ILE A 661 70.88 -52.64 -1.02
C ILE A 661 70.69 -51.43 -1.93
N TRP A 662 70.90 -51.60 -3.24
CA TRP A 662 70.65 -50.49 -4.15
C TRP A 662 69.16 -50.20 -4.24
N MET A 663 68.32 -51.21 -3.95
CA MET A 663 66.91 -50.94 -3.72
C MET A 663 66.69 -50.12 -2.46
N MET A 664 67.42 -50.42 -1.37
CA MET A 664 67.40 -49.55 -0.20
C MET A 664 67.75 -48.11 -0.55
N PHE A 665 68.66 -47.92 -1.50
CA PHE A 665 69.11 -46.57 -1.80
C PHE A 665 68.25 -45.88 -2.85
N ALA A 666 67.52 -46.63 -3.67
CA ALA A 666 66.79 -46.05 -4.80
C ALA A 666 65.28 -46.26 -4.78
N SER A 667 64.73 -46.92 -3.77
CA SER A 667 63.31 -47.26 -3.81
C SER A 667 62.41 -46.19 -3.20
N ALA A 668 62.96 -45.06 -2.78
CA ALA A 668 62.13 -44.01 -2.19
C ALA A 668 61.26 -43.30 -3.22
N LEU A 669 61.58 -43.45 -4.50
CA LEU A 669 60.89 -42.69 -5.56
C LEU A 669 59.39 -42.98 -5.65
N PRO A 670 58.92 -44.24 -5.68
CA PRO A 670 57.45 -44.44 -5.73
C PRO A 670 56.73 -44.00 -4.47
N ALA A 671 57.42 -43.91 -3.33
CA ALA A 671 56.81 -43.41 -2.12
C ALA A 671 56.37 -41.96 -2.29
N LEU A 672 57.17 -41.17 -3.00
CA LEU A 672 56.80 -39.79 -3.28
C LEU A 672 55.49 -39.72 -4.06
N LEU A 673 55.36 -40.55 -5.10
CA LEU A 673 54.17 -40.54 -5.94
C LEU A 673 52.94 -41.00 -5.16
N VAL A 674 53.08 -42.06 -4.36
CA VAL A 674 51.91 -42.54 -3.61
C VAL A 674 51.50 -41.53 -2.54
N PHE A 675 52.48 -40.86 -1.91
CA PHE A 675 52.13 -39.78 -1.00
C PHE A 675 51.40 -38.66 -1.71
N ILE A 676 51.88 -38.28 -2.89
CA ILE A 676 51.24 -37.20 -3.64
C ILE A 676 49.79 -37.56 -3.94
N LEU A 677 49.58 -38.79 -4.42
CA LEU A 677 48.22 -39.23 -4.75
C LEU A 677 47.31 -39.22 -3.53
N ILE A 678 47.75 -39.87 -2.44
CA ILE A 678 46.93 -39.97 -1.25
C ILE A 678 46.65 -38.61 -0.66
N PHE A 679 47.69 -37.76 -0.58
CA PHE A 679 47.54 -36.41 -0.04
C PHE A 679 46.54 -35.59 -0.83
N LEU A 680 46.70 -35.56 -2.16
CA LEU A 680 45.81 -34.73 -2.97
C LEU A 680 44.37 -35.23 -2.87
N GLU A 681 44.17 -36.54 -2.98
CA GLU A 681 42.81 -37.06 -2.95
C GLU A 681 42.17 -36.83 -1.59
N SER A 682 42.92 -37.06 -0.50
CA SER A 682 42.38 -36.88 0.84
C SER A 682 42.02 -35.43 1.11
N GLN A 683 42.88 -34.49 0.71
CA GLN A 683 42.58 -33.09 0.98
C GLN A 683 41.42 -32.59 0.11
N ILE A 684 41.31 -33.08 -1.13
CA ILE A 684 40.15 -32.75 -1.95
C ILE A 684 38.87 -33.26 -1.30
N THR A 685 38.91 -34.50 -0.80
CA THR A 685 37.75 -35.05 -0.10
C THR A 685 37.41 -34.23 1.14
N THR A 686 38.44 -33.80 1.88
CA THR A 686 38.20 -33.02 3.08
C THR A 686 37.57 -31.67 2.74
N LEU A 687 37.96 -31.08 1.61
CA LEU A 687 37.26 -29.90 1.11
C LEU A 687 35.80 -30.22 0.81
N ILE A 688 35.55 -31.39 0.22
CA ILE A 688 34.19 -31.77 -0.17
C ILE A 688 33.29 -31.86 1.05
N VAL A 689 33.73 -32.58 2.08
CA VAL A 689 32.82 -33.08 3.10
C VAL A 689 32.25 -31.93 3.95
N SER A 690 33.04 -30.91 4.24
CA SER A 690 32.68 -29.92 5.24
C SER A 690 32.65 -28.50 4.68
N LYS A 691 32.11 -28.31 3.48
CA LYS A 691 31.90 -26.97 2.99
C LYS A 691 30.79 -26.30 3.80
N PRO A 692 30.86 -24.98 3.99
CA PRO A 692 29.89 -24.30 4.87
C PRO A 692 28.46 -24.37 4.36
N GLU A 693 28.24 -24.63 3.08
CA GLU A 693 26.88 -24.70 2.55
C GLU A 693 26.12 -25.89 3.14
N ARG A 694 26.82 -26.98 3.44
CA ARG A 694 26.17 -28.19 3.94
C ARG A 694 26.03 -28.17 5.46
N LYS A 695 25.53 -27.04 5.97
CA LYS A 695 25.12 -26.86 7.37
C LYS A 695 26.14 -27.41 8.37
N MET A 696 27.38 -26.96 8.23
CA MET A 696 28.45 -27.41 9.12
C MET A 696 28.24 -26.80 10.50
N VAL A 697 28.06 -27.65 11.50
CA VAL A 697 27.78 -27.19 12.85
C VAL A 697 29.08 -27.11 13.65
N LYS A 698 29.73 -28.25 13.82
CA LYS A 698 31.00 -28.30 14.54
C LYS A 698 32.16 -28.13 13.57
N GLY A 699 33.32 -27.78 14.13
CA GLY A 699 34.51 -27.61 13.31
C GLY A 699 35.00 -28.93 12.75
N SER A 700 35.66 -28.85 11.59
CA SER A 700 36.15 -30.01 10.88
C SER A 700 37.66 -29.89 10.67
N GLY A 701 38.37 -30.98 10.93
CA GLY A 701 39.82 -30.99 10.80
C GLY A 701 40.29 -31.46 9.44
N PHE A 702 41.51 -31.04 9.09
CA PHE A 702 42.19 -31.44 7.86
C PHE A 702 43.46 -32.24 8.11
N HIS A 703 44.28 -31.80 9.07
CA HIS A 703 45.58 -32.44 9.28
C HIS A 703 45.45 -33.79 9.97
N LEU A 704 44.53 -33.90 10.92
CA LEU A 704 44.49 -35.07 11.80
C LEU A 704 44.12 -36.33 11.04
N ASP A 705 43.05 -36.27 10.24
CA ASP A 705 42.64 -37.44 9.47
C ASP A 705 43.70 -37.83 8.46
N LEU A 706 44.32 -36.85 7.80
CA LEU A 706 45.39 -37.13 6.85
C LEU A 706 46.56 -37.84 7.51
N LEU A 707 47.00 -37.32 8.67
CA LEU A 707 48.11 -37.93 9.39
C LEU A 707 47.77 -39.35 9.82
N LEU A 708 46.55 -39.55 10.32
CA LEU A 708 46.13 -40.88 10.74
C LEU A 708 46.11 -41.84 9.56
N VAL A 709 45.58 -41.40 8.41
CA VAL A 709 45.50 -42.26 7.24
C VAL A 709 46.89 -42.66 6.77
N VAL A 710 47.83 -41.72 6.73
CA VAL A 710 49.16 -42.05 6.24
C VAL A 710 49.88 -42.96 7.22
N GLY A 711 49.74 -42.71 8.53
CA GLY A 711 50.36 -43.59 9.51
C GLY A 711 49.79 -44.99 9.47
N MET A 712 48.48 -45.11 9.29
CA MET A 712 47.85 -46.42 9.21
C MET A 712 48.25 -47.14 7.92
N GLY A 713 48.43 -46.39 6.83
CA GLY A 713 48.95 -46.99 5.61
C GLY A 713 50.37 -47.51 5.79
N GLY A 714 51.20 -46.76 6.51
CA GLY A 714 52.56 -47.22 6.76
C GLY A 714 52.58 -48.48 7.62
N VAL A 715 51.81 -48.49 8.70
CA VAL A 715 51.80 -49.68 9.56
C VAL A 715 51.12 -50.85 8.86
N ALA A 716 50.21 -50.57 7.92
CA ALA A 716 49.65 -51.63 7.10
C ALA A 716 50.70 -52.21 6.16
N ALA A 717 51.48 -51.34 5.52
CA ALA A 717 52.58 -51.78 4.66
C ALA A 717 53.63 -52.56 5.45
N LEU A 718 53.74 -52.31 6.76
CA LEU A 718 54.58 -53.15 7.60
C LEU A 718 54.11 -54.59 7.59
N PHE A 719 52.80 -54.80 7.65
CA PHE A 719 52.23 -56.15 7.67
C PHE A 719 52.14 -56.78 6.29
N GLY A 720 52.37 -56.01 5.23
CA GLY A 720 52.06 -56.44 3.88
C GLY A 720 50.61 -56.27 3.50
N MET A 721 49.75 -56.07 4.49
CA MET A 721 48.34 -55.78 4.26
C MET A 721 48.18 -54.40 3.62
N PRO A 722 47.36 -54.29 2.58
CA PRO A 722 47.40 -53.10 1.72
C PRO A 722 46.80 -51.86 2.38
N TRP A 723 47.21 -50.71 1.85
CA TRP A 723 46.71 -49.43 2.30
C TRP A 723 45.42 -49.05 1.57
N LEU A 724 44.63 -48.19 2.20
CA LEU A 724 43.42 -47.63 1.62
C LEU A 724 43.42 -46.12 1.80
N SER A 725 42.40 -45.47 1.23
CA SER A 725 42.29 -44.02 1.29
C SER A 725 40.83 -43.63 1.12
N ALA A 726 40.57 -42.32 1.24
CA ALA A 726 39.22 -41.81 1.16
C ALA A 726 38.62 -42.03 -0.23
N THR A 727 37.31 -42.26 -0.26
CA THR A 727 36.57 -42.37 -1.51
C THR A 727 35.59 -41.20 -1.60
N THR A 728 35.51 -40.61 -2.79
CA THR A 728 34.76 -39.37 -2.96
C THR A 728 33.25 -39.60 -2.95
N VAL A 729 32.77 -40.45 -3.85
CA VAL A 729 31.33 -40.60 -4.03
C VAL A 729 30.69 -41.24 -2.80
N ARG A 730 31.38 -42.20 -2.16
CA ARG A 730 30.87 -42.78 -0.93
C ARG A 730 30.78 -41.72 0.17
N SER A 731 31.77 -40.82 0.22
CA SER A 731 31.75 -39.75 1.21
C SER A 731 30.60 -38.77 0.99
N VAL A 732 30.37 -38.36 -0.26
CA VAL A 732 29.29 -37.42 -0.52
C VAL A 732 27.94 -38.08 -0.28
N THR A 733 27.82 -39.37 -0.59
CA THR A 733 26.58 -40.07 -0.29
C THR A 733 26.38 -40.22 1.23
N HIS A 734 27.48 -40.43 1.96
CA HIS A 734 27.43 -40.44 3.42
C HIS A 734 26.94 -39.10 3.96
N ALA A 735 27.44 -38.01 3.39
CA ALA A 735 26.97 -36.68 3.79
C ALA A 735 25.49 -36.51 3.47
N ASN A 736 25.04 -37.02 2.34
CA ASN A 736 23.63 -36.95 1.99
C ASN A 736 22.76 -37.79 2.92
N ALA A 737 23.32 -38.88 3.47
CA ALA A 737 22.52 -39.79 4.27
C ALA A 737 22.05 -39.16 5.58
N LEU A 738 22.95 -38.53 6.31
CA LEU A 738 22.63 -37.96 7.62
C LEU A 738 22.23 -36.49 7.49
N THR A 739 21.20 -36.24 6.70
CA THR A 739 20.78 -34.88 6.36
C THR A 739 19.33 -34.68 6.76
N VAL A 740 19.06 -33.64 7.56
CA VAL A 740 17.71 -33.20 7.88
C VAL A 740 17.38 -32.03 6.96
N MET A 741 16.43 -32.26 6.05
CA MET A 741 16.06 -31.33 4.99
C MET A 741 14.76 -30.61 5.35
N GLY A 742 14.39 -29.65 4.51
CA GLY A 742 13.24 -28.81 4.80
C GLY A 742 12.05 -28.97 3.87
N LYS A 743 10.98 -28.25 4.18
CA LYS A 743 9.76 -28.29 3.39
C LYS A 743 9.84 -27.34 2.19
N ALA A 751 13.11 -25.38 -1.16
CA ALA A 751 13.27 -25.70 0.25
C ALA A 751 14.69 -25.42 0.73
N GLN A 752 14.89 -25.49 2.05
CA GLN A 752 16.20 -25.28 2.66
C GLN A 752 16.46 -26.40 3.64
N ILE A 753 17.64 -27.02 3.52
CA ILE A 753 18.03 -28.10 4.43
C ILE A 753 18.36 -27.51 5.79
N GLN A 754 17.82 -28.11 6.86
CA GLN A 754 18.11 -27.61 8.19
C GLN A 754 19.54 -27.95 8.61
N GLU A 755 19.87 -29.23 8.66
CA GLU A 755 21.15 -29.58 9.29
C GLU A 755 21.63 -30.95 8.84
N VAL A 756 22.77 -31.34 9.42
CA VAL A 756 23.40 -32.64 9.17
C VAL A 756 23.86 -33.20 10.50
N LYS A 757 23.51 -34.47 10.77
CA LYS A 757 23.89 -35.12 12.01
C LYS A 757 25.29 -35.71 11.85
N GLU A 758 26.22 -35.25 12.69
CA GLU A 758 27.63 -35.61 12.57
C GLU A 758 28.12 -36.25 13.87
N GLN A 759 28.68 -37.45 13.76
CA GLN A 759 29.18 -38.20 14.92
C GLN A 759 30.12 -39.29 14.43
N ARG A 760 30.65 -40.05 15.39
CA ARG A 760 31.62 -41.11 15.11
C ARG A 760 31.02 -42.50 15.03
N ILE A 761 29.78 -42.68 15.50
CA ILE A 761 29.28 -44.03 15.77
C ILE A 761 29.01 -44.78 14.47
N SER A 762 28.44 -44.11 13.47
CA SER A 762 27.99 -44.80 12.25
C SER A 762 29.15 -45.46 11.53
N GLY A 763 30.28 -44.75 11.43
CA GLY A 763 31.43 -45.33 10.75
C GLY A 763 32.00 -46.55 11.46
N LEU A 764 32.07 -46.49 12.79
CA LEU A 764 32.61 -47.63 13.52
C LEU A 764 31.66 -48.82 13.47
N LEU A 765 30.35 -48.58 13.49
CA LEU A 765 29.40 -49.68 13.27
C LEU A 765 29.57 -50.29 11.88
N VAL A 766 29.74 -49.44 10.86
CA VAL A 766 29.91 -49.95 9.50
C VAL A 766 31.18 -50.80 9.40
N ALA A 767 32.27 -50.32 10.00
CA ALA A 767 33.53 -51.07 9.95
C ALA A 767 33.43 -52.39 10.71
N VAL A 768 32.77 -52.38 11.87
CA VAL A 768 32.58 -53.63 12.61
C VAL A 768 31.74 -54.60 11.80
N LEU A 769 30.71 -54.10 11.12
CA LEU A 769 29.86 -54.96 10.31
C LEU A 769 30.63 -55.55 9.12
N VAL A 770 31.47 -54.75 8.47
CA VAL A 770 32.23 -55.31 7.35
C VAL A 770 33.30 -56.27 7.85
N GLY A 771 33.77 -56.08 9.08
CA GLY A 771 34.67 -57.06 9.67
C GLY A 771 33.97 -58.39 9.95
N LEU A 772 32.76 -58.33 10.49
CA LEU A 772 32.04 -59.52 10.93
C LEU A 772 31.08 -60.09 9.90
N SER A 773 31.06 -59.54 8.68
CA SER A 773 30.15 -60.02 7.64
C SER A 773 30.36 -61.48 7.29
N ILE A 774 31.54 -62.03 7.58
CA ILE A 774 31.84 -63.42 7.27
C ILE A 774 30.93 -64.39 7.99
N LEU A 775 30.34 -63.97 9.12
CA LEU A 775 29.50 -64.83 9.93
C LEU A 775 28.06 -64.88 9.45
N MET A 776 27.72 -64.18 8.37
CA MET A 776 26.36 -64.18 7.84
C MET A 776 26.35 -64.73 6.42
N GLU A 777 27.02 -65.86 6.21
CA GLU A 777 27.12 -66.46 4.88
C GLU A 777 25.77 -66.78 4.23
N PRO A 778 24.81 -67.46 4.89
CA PRO A 778 23.55 -67.75 4.19
C PRO A 778 22.76 -66.51 3.80
N ILE A 779 22.84 -65.44 4.58
CA ILE A 779 22.13 -64.22 4.24
C ILE A 779 22.76 -63.55 3.02
N LEU A 780 24.08 -63.53 2.96
CA LEU A 780 24.76 -62.92 1.82
C LEU A 780 24.68 -63.78 0.57
N SER A 781 24.46 -65.09 0.72
CA SER A 781 24.32 -65.96 -0.44
C SER A 781 22.97 -65.81 -1.14
N ARG A 782 22.02 -65.10 -0.53
CA ARG A 782 20.69 -64.92 -1.10
C ARG A 782 20.50 -63.53 -1.72
N ILE A 783 21.58 -62.77 -1.88
CA ILE A 783 21.51 -61.41 -2.41
C ILE A 783 21.98 -61.44 -3.86
N PRO A 784 21.11 -61.15 -4.83
CA PRO A 784 21.56 -61.09 -6.22
C PRO A 784 22.51 -59.94 -6.45
N LEU A 785 23.42 -60.13 -7.41
CA LEU A 785 24.43 -59.12 -7.69
C LEU A 785 23.85 -57.88 -8.37
N ALA A 786 22.63 -57.99 -8.90
CA ALA A 786 22.04 -56.86 -9.61
C ALA A 786 21.56 -55.78 -8.65
N VAL A 787 21.23 -56.15 -7.42
CA VAL A 787 20.74 -55.16 -6.46
C VAL A 787 21.81 -54.12 -6.18
N LEU A 788 23.06 -54.54 -6.04
CA LEU A 788 24.13 -53.59 -5.78
C LEU A 788 24.41 -52.71 -6.99
N PHE A 789 24.20 -53.22 -8.21
CA PHE A 789 24.34 -52.38 -9.39
C PHE A 789 23.24 -51.33 -9.44
N GLY A 790 22.02 -51.70 -9.06
CA GLY A 790 20.97 -50.70 -8.93
C GLY A 790 21.26 -49.67 -7.88
N ILE A 791 21.87 -50.09 -6.76
CA ILE A 791 22.31 -49.15 -5.73
C ILE A 791 23.38 -48.22 -6.29
N PHE A 792 24.27 -48.75 -7.12
CA PHE A 792 25.29 -47.91 -7.76
C PHE A 792 24.65 -46.87 -8.66
N LEU A 793 23.64 -47.26 -9.43
CA LEU A 793 22.94 -46.30 -10.27
C LEU A 793 22.25 -45.22 -9.44
N TYR A 794 21.61 -45.62 -8.34
CA TYR A 794 20.95 -44.66 -7.47
C TYR A 794 21.96 -43.69 -6.86
N MET A 795 23.09 -44.22 -6.40
CA MET A 795 24.14 -43.38 -5.83
C MET A 795 24.68 -42.40 -6.85
N GLY A 796 24.93 -42.87 -8.07
CA GLY A 796 25.46 -42.00 -9.10
C GLY A 796 24.51 -40.88 -9.48
N VAL A 797 23.23 -41.21 -9.64
CA VAL A 797 22.27 -40.18 -10.03
C VAL A 797 22.01 -39.20 -8.88
N THR A 798 22.10 -39.67 -7.63
CA THR A 798 21.98 -38.73 -6.52
C THR A 798 23.25 -37.93 -6.30
N SER A 799 24.39 -38.39 -6.84
CA SER A 799 25.65 -37.68 -6.67
C SER A 799 25.78 -36.43 -7.55
N LEU A 800 24.75 -35.92 -8.23
CA LEU A 800 24.87 -34.73 -9.05
C LEU A 800 24.26 -33.50 -8.41
N SER A 801 23.87 -33.58 -7.13
CA SER A 801 23.22 -32.45 -6.48
C SER A 801 24.21 -31.32 -6.21
N GLY A 802 25.41 -31.65 -5.75
CA GLY A 802 26.39 -30.64 -5.36
C GLY A 802 27.13 -30.01 -6.51
N ILE A 803 26.89 -30.44 -7.75
CA ILE A 803 27.64 -29.92 -8.89
C ILE A 803 26.97 -28.65 -9.40
N GLN A 804 27.77 -27.60 -9.61
CA GLN A 804 27.29 -26.40 -10.29
C GLN A 804 27.58 -26.45 -11.79
N LEU A 805 28.62 -27.19 -12.17
CA LEU A 805 28.90 -27.41 -13.59
C LEU A 805 27.74 -28.14 -14.26
N PHE A 806 27.13 -29.08 -13.54
CA PHE A 806 25.91 -29.71 -14.06
C PHE A 806 24.80 -28.70 -14.24
N ASP A 807 24.70 -27.75 -13.32
CA ASP A 807 23.69 -26.69 -13.45
C ASP A 807 23.92 -25.88 -14.71
N ARG A 808 25.18 -25.50 -14.96
CA ARG A 808 25.46 -24.71 -16.16
C ARG A 808 25.30 -25.54 -17.44
N ILE A 809 25.59 -26.84 -17.38
CA ILE A 809 25.40 -27.69 -18.55
C ILE A 809 23.92 -27.85 -18.86
N LEU A 810 23.09 -27.96 -17.81
CA LEU A 810 21.64 -27.91 -18.01
C LEU A 810 21.22 -26.57 -18.62
N LEU A 811 21.84 -25.49 -18.15
CA LEU A 811 21.56 -24.16 -18.67
C LEU A 811 22.05 -23.95 -20.10
N LEU A 812 22.92 -24.82 -20.61
CA LEU A 812 23.44 -24.65 -21.96
C LEU A 812 22.36 -24.74 -23.04
N PHE A 813 21.26 -25.43 -22.77
CA PHE A 813 20.22 -25.62 -23.76
C PHE A 813 18.98 -24.76 -23.52
N LYS A 814 18.71 -24.39 -22.27
CA LYS A 814 17.51 -23.65 -21.96
C LYS A 814 17.54 -22.27 -22.64
N PRO A 815 16.40 -21.79 -23.15
CA PRO A 815 16.37 -20.44 -23.71
C PRO A 815 16.56 -19.41 -22.62
N PRO A 816 17.15 -18.24 -22.95
CA PRO A 816 17.44 -17.23 -21.92
C PRO A 816 16.21 -16.56 -21.34
N LYS A 817 15.01 -16.89 -21.81
CA LYS A 817 13.80 -16.24 -21.33
C LYS A 817 13.48 -16.62 -19.88
N TYR A 818 13.97 -17.77 -19.43
CA TYR A 818 13.65 -18.29 -18.09
C TYR A 818 14.90 -18.54 -17.25
N HIS A 819 16.00 -17.87 -17.58
CA HIS A 819 17.26 -18.12 -16.88
C HIS A 819 17.18 -17.61 -15.43
N PRO A 820 17.93 -18.25 -14.50
CA PRO A 820 17.69 -18.03 -13.08
C PRO A 820 18.12 -16.66 -12.54
N ASP A 821 17.98 -16.50 -11.23
CA ASP A 821 18.28 -15.26 -10.51
C ASP A 821 19.69 -15.26 -9.93
N VAL A 822 20.47 -16.29 -10.18
CA VAL A 822 21.81 -16.42 -9.62
C VAL A 822 22.72 -15.37 -10.25
N PRO A 823 23.76 -14.90 -9.54
CA PRO A 823 24.55 -13.77 -10.07
C PRO A 823 25.27 -14.05 -11.38
N TYR A 824 25.87 -15.23 -11.52
CA TYR A 824 26.69 -15.49 -12.70
C TYR A 824 25.86 -15.69 -13.96
N VAL A 825 24.54 -15.68 -13.87
CA VAL A 825 23.67 -15.69 -15.04
C VAL A 825 23.20 -14.29 -15.41
N LYS A 826 22.80 -13.49 -14.41
CA LYS A 826 22.28 -12.16 -14.68
C LYS A 826 23.40 -11.18 -15.05
N ARG A 827 24.55 -11.29 -14.37
CA ARG A 827 25.59 -10.29 -14.54
C ARG A 827 26.23 -10.33 -15.93
N VAL A 828 26.37 -11.53 -16.49
CA VAL A 828 27.06 -11.70 -17.77
C VAL A 828 26.06 -12.18 -18.81
N LYS A 829 26.49 -12.13 -20.08
CA LYS A 829 25.62 -12.42 -21.20
C LYS A 829 25.52 -13.93 -21.45
N THR A 830 24.77 -14.26 -22.50
CA THR A 830 24.45 -15.66 -22.79
C THR A 830 25.65 -16.41 -23.35
N TRP A 831 26.23 -15.90 -24.44
CA TRP A 831 27.35 -16.57 -25.08
C TRP A 831 28.61 -16.54 -24.23
N ARG A 832 28.73 -15.60 -23.30
CA ARG A 832 29.81 -15.64 -22.32
C ARG A 832 29.71 -16.86 -21.41
N MET A 833 28.51 -17.12 -20.87
CA MET A 833 28.29 -18.33 -20.08
C MET A 833 28.52 -19.57 -20.91
N HIS A 834 28.04 -19.58 -22.17
CA HIS A 834 28.22 -20.74 -23.03
C HIS A 834 29.69 -21.01 -23.30
N LEU A 835 30.49 -19.96 -23.53
CA LEU A 835 31.90 -20.15 -23.79
C LEU A 835 32.66 -20.58 -22.53
N PHE A 836 32.26 -20.06 -21.36
CA PHE A 836 32.88 -20.51 -20.12
C PHE A 836 32.62 -21.98 -19.86
N THR A 837 31.37 -22.41 -20.02
CA THR A 837 31.05 -23.82 -19.86
C THR A 837 31.70 -24.66 -20.95
N GLY A 838 31.89 -24.09 -22.14
CA GLY A 838 32.64 -24.78 -23.17
C GLY A 838 34.08 -25.01 -22.76
N ILE A 839 34.69 -24.01 -22.14
CA ILE A 839 36.04 -24.18 -21.60
C ILE A 839 36.07 -25.32 -20.58
N GLN A 840 35.07 -25.34 -19.70
CA GLN A 840 35.02 -26.40 -18.68
C GLN A 840 34.82 -27.78 -19.30
N ILE A 841 33.99 -27.89 -20.34
CA ILE A 841 33.77 -29.22 -20.92
C ILE A 841 34.96 -29.65 -21.77
N ILE A 842 35.71 -28.71 -22.36
CA ILE A 842 36.97 -29.09 -23.00
C ILE A 842 37.97 -29.57 -21.95
N CYS A 843 37.95 -28.96 -20.76
CA CYS A 843 38.74 -29.50 -19.65
C CYS A 843 38.32 -30.93 -19.32
N LEU A 844 37.01 -31.19 -19.26
CA LEU A 844 36.51 -32.54 -19.08
C LEU A 844 37.00 -33.49 -20.16
N ALA A 845 36.98 -33.05 -21.42
CA ALA A 845 37.42 -33.91 -22.51
C ALA A 845 38.90 -34.26 -22.39
N VAL A 846 39.72 -33.26 -22.05
CA VAL A 846 41.15 -33.51 -21.90
C VAL A 846 41.41 -34.48 -20.74
N LEU A 847 40.72 -34.27 -19.61
CA LEU A 847 40.90 -35.17 -18.47
C LEU A 847 40.40 -36.58 -18.79
N TRP A 848 39.34 -36.70 -19.59
CA TRP A 848 38.89 -38.01 -20.03
C TRP A 848 39.92 -38.68 -20.92
N VAL A 849 40.56 -37.91 -21.81
CA VAL A 849 41.61 -38.46 -22.65
C VAL A 849 42.77 -38.96 -21.79
N VAL A 850 43.11 -38.20 -20.74
CA VAL A 850 44.15 -38.63 -19.81
C VAL A 850 43.71 -39.89 -19.05
N LYS A 851 42.43 -39.99 -18.73
CA LYS A 851 41.90 -41.19 -18.07
C LYS A 851 42.03 -42.41 -18.96
N SER A 852 41.67 -42.28 -20.24
CA SER A 852 41.80 -43.39 -21.19
C SER A 852 43.25 -43.63 -21.61
N THR A 853 44.14 -42.70 -21.31
CA THR A 853 45.54 -42.87 -21.67
C THR A 853 46.16 -44.01 -20.86
N PRO A 854 46.87 -44.94 -21.52
CA PRO A 854 47.53 -46.02 -20.77
C PRO A 854 48.58 -45.54 -19.79
N ALA A 855 49.16 -44.35 -20.01
CA ALA A 855 50.07 -43.74 -19.05
C ALA A 855 49.26 -42.90 -18.05
N SER A 856 48.38 -43.61 -17.33
CA SER A 856 47.45 -42.94 -16.41
C SER A 856 48.14 -42.41 -15.17
N LEU A 857 49.42 -42.74 -14.95
CA LEU A 857 50.14 -42.24 -13.80
C LEU A 857 50.32 -40.72 -13.84
N ALA A 858 50.25 -40.12 -15.04
CA ALA A 858 50.26 -38.68 -15.20
C ALA A 858 48.88 -38.06 -15.03
N LEU A 859 47.92 -38.84 -14.51
CA LEU A 859 46.56 -38.32 -14.31
C LEU A 859 46.51 -37.17 -13.30
N PRO A 860 47.14 -37.24 -12.12
CA PRO A 860 47.06 -36.09 -11.20
C PRO A 860 47.69 -34.82 -11.75
N PHE A 861 48.76 -34.95 -12.54
CA PHE A 861 49.56 -33.79 -12.92
C PHE A 861 48.74 -32.78 -13.70
N VAL A 862 48.08 -33.23 -14.77
CA VAL A 862 47.21 -32.33 -15.54
C VAL A 862 46.15 -31.72 -14.64
N LEU A 863 45.70 -32.49 -13.63
CA LEU A 863 44.73 -31.97 -12.67
C LEU A 863 45.28 -30.75 -11.94
N ILE A 864 46.51 -30.84 -11.42
CA ILE A 864 47.04 -29.67 -10.72
C ILE A 864 47.41 -28.58 -11.72
N LEU A 865 47.53 -28.94 -13.01
CA LEU A 865 47.70 -27.95 -14.06
C LEU A 865 46.50 -27.01 -14.14
N THR A 866 45.36 -27.41 -13.60
CA THR A 866 44.20 -26.53 -13.54
C THR A 866 44.46 -25.32 -12.64
N VAL A 867 45.32 -25.47 -11.62
CA VAL A 867 45.48 -24.41 -10.63
C VAL A 867 46.07 -23.12 -11.21
N PRO A 868 47.20 -23.14 -11.95
CA PRO A 868 47.69 -21.86 -12.51
C PRO A 868 46.81 -21.31 -13.62
N LEU A 869 46.19 -22.18 -14.41
CA LEU A 869 45.46 -21.76 -15.61
C LEU A 869 44.31 -20.82 -15.25
N ARG A 870 43.67 -21.05 -14.11
CA ARG A 870 42.60 -20.16 -13.67
C ARG A 870 43.13 -18.76 -13.34
N ARG A 871 44.33 -18.67 -12.77
CA ARG A 871 44.82 -17.37 -12.31
C ARG A 871 45.31 -16.47 -13.43
N VAL A 872 45.80 -17.04 -14.53
CA VAL A 872 46.51 -16.24 -15.53
C VAL A 872 45.72 -16.10 -16.82
N LEU A 873 45.43 -17.23 -17.47
CA LEU A 873 44.88 -17.19 -18.82
C LEU A 873 43.48 -16.60 -18.84
N LEU A 874 42.59 -17.12 -17.99
CA LEU A 874 41.19 -16.70 -18.01
C LEU A 874 40.98 -15.21 -17.75
N PRO A 875 41.62 -14.57 -16.75
CA PRO A 875 41.45 -13.11 -16.62
C PRO A 875 42.01 -12.34 -17.81
N LEU A 876 42.88 -12.92 -18.61
CA LEU A 876 43.37 -12.26 -19.81
C LEU A 876 42.44 -12.42 -20.99
N ILE A 877 41.38 -13.22 -20.84
CA ILE A 877 40.33 -13.35 -21.84
C ILE A 877 39.00 -12.84 -21.31
N PHE A 878 38.71 -13.10 -20.04
CA PHE A 878 37.51 -12.63 -19.39
C PHE A 878 37.79 -11.28 -18.72
N ARG A 879 36.86 -10.83 -17.89
CA ARG A 879 37.02 -9.58 -17.16
C ARG A 879 36.96 -9.86 -15.66
N ASN A 880 37.43 -8.89 -14.88
CA ASN A 880 37.58 -9.09 -13.43
C ASN A 880 36.22 -9.23 -12.75
N VAL A 881 35.19 -8.55 -13.27
CA VAL A 881 33.85 -8.72 -12.73
C VAL A 881 33.35 -10.14 -12.97
N GLU A 882 33.63 -10.69 -14.15
CA GLU A 882 33.31 -12.11 -14.39
C GLU A 882 34.17 -13.01 -13.53
N LEU A 883 35.40 -12.59 -13.24
CA LEU A 883 36.28 -13.37 -12.37
C LEU A 883 35.72 -13.47 -10.95
N GLN A 884 35.18 -12.37 -10.44
CA GLN A 884 34.62 -12.37 -9.09
C GLN A 884 33.22 -12.96 -9.04
N CYS A 885 32.47 -12.89 -10.14
CA CYS A 885 31.10 -13.38 -10.12
C CYS A 885 31.00 -14.87 -10.43
N LEU A 886 31.80 -15.36 -11.37
CA LEU A 886 31.71 -16.76 -11.77
C LEU A 886 32.36 -17.68 -10.73
N ASP A 887 33.65 -17.49 -10.49
CA ASP A 887 34.41 -18.38 -9.60
C ASP A 887 34.12 -18.03 -8.15
N ALA A 888 32.94 -18.43 -7.69
CA ALA A 888 32.52 -18.23 -6.32
C ALA A 888 32.89 -19.45 -5.48
N ASP A 889 33.57 -19.22 -4.36
CA ASP A 889 33.93 -20.32 -3.48
C ASP A 889 32.70 -20.94 -2.83
N ASP A 890 31.69 -20.14 -2.52
CA ASP A 890 30.46 -20.58 -1.91
C ASP A 890 29.32 -20.41 -2.90
N ALA A 891 28.20 -21.11 -2.62
CA ALA A 891 27.06 -21.07 -3.52
C ALA A 891 26.27 -19.77 -3.37
N LYS A 892 25.75 -19.52 -2.16
CA LYS A 892 24.95 -18.33 -1.93
C LYS A 892 25.77 -17.06 -2.05
N ALA A 893 26.99 -17.06 -1.52
CA ALA A 893 27.82 -15.87 -1.46
C ALA A 893 28.58 -15.69 -2.77
N THR A 894 28.51 -14.49 -3.32
CA THR A 894 29.18 -14.16 -4.57
C THR A 894 29.84 -12.79 -4.51
N GLN B 30 -22.77 56.08 -9.41
CA GLN B 30 -21.76 55.11 -9.82
C GLN B 30 -22.33 53.70 -9.78
N MET B 31 -22.14 52.96 -10.88
CA MET B 31 -22.59 51.58 -10.97
C MET B 31 -21.75 50.69 -10.06
N GLU B 32 -22.42 49.81 -9.32
CA GLU B 32 -21.76 48.96 -8.33
C GLU B 32 -22.32 47.54 -8.39
N GLU B 33 -21.47 46.55 -7.98
CA GLU B 33 -21.67 45.11 -8.03
C GLU B 33 -22.02 44.57 -6.64
N PRO B 34 -22.80 43.49 -6.56
CA PRO B 34 -23.19 42.95 -5.26
C PRO B 34 -22.21 41.94 -4.71
N ALA B 35 -22.47 41.47 -3.49
CA ALA B 35 -21.67 40.45 -2.84
C ALA B 35 -22.33 39.09 -3.02
N ALA B 36 -21.52 38.09 -3.37
CA ALA B 36 -22.03 36.75 -3.59
C ALA B 36 -22.59 36.16 -2.30
N HIS B 37 -23.79 35.60 -2.39
CA HIS B 37 -24.45 35.01 -1.24
C HIS B 37 -24.87 33.59 -1.60
N ASP B 38 -24.78 32.69 -0.63
CA ASP B 38 -25.11 31.29 -0.84
C ASP B 38 -26.14 30.82 0.18
N THR B 39 -27.12 30.06 -0.28
CA THR B 39 -28.15 29.49 0.57
C THR B 39 -28.69 28.21 -0.07
N GLU B 40 -29.34 27.40 0.74
CA GLU B 40 -29.95 26.15 0.30
C GLU B 40 -31.44 26.17 0.55
N ALA B 41 -32.08 27.30 0.25
CA ALA B 41 -33.50 27.44 0.52
C ALA B 41 -34.35 26.67 -0.49
N THR B 42 -33.87 26.51 -1.72
CA THR B 42 -34.69 25.94 -2.78
C THR B 42 -33.90 24.93 -3.62
N ALA B 43 -32.96 24.22 -3.01
CA ALA B 43 -32.28 23.14 -3.72
C ALA B 43 -33.25 21.99 -3.99
N THR B 44 -34.23 21.81 -3.10
CA THR B 44 -35.17 20.69 -3.20
C THR B 44 -35.92 20.71 -4.51
N ASP B 45 -36.08 21.88 -5.12
CA ASP B 45 -36.82 21.99 -6.37
C ASP B 45 -36.09 21.36 -7.54
N TYR B 46 -34.79 21.09 -7.42
CA TYR B 46 -33.99 20.59 -8.53
C TYR B 46 -33.46 19.18 -8.30
N HIS B 47 -34.29 18.29 -7.76
CA HIS B 47 -33.92 16.91 -7.57
C HIS B 47 -34.82 16.02 -8.43
N THR B 48 -34.19 15.20 -9.27
CA THR B 48 -34.95 14.35 -10.18
C THR B 48 -35.43 13.08 -9.48
N THR B 49 -36.57 12.57 -9.94
CA THR B 49 -37.10 11.30 -9.48
C THR B 49 -36.72 10.14 -10.37
N SER B 50 -35.99 10.40 -11.45
CA SER B 50 -35.59 9.35 -12.37
C SER B 50 -34.45 8.51 -11.79
N HIS B 51 -34.43 7.25 -12.15
CA HIS B 51 -33.31 6.39 -11.81
C HIS B 51 -32.11 6.80 -12.64
N PRO B 52 -30.95 7.09 -12.03
CA PRO B 52 -29.77 7.48 -12.83
C PRO B 52 -29.32 6.40 -13.79
N GLY B 53 -29.55 5.13 -13.49
CA GLY B 53 -29.09 4.04 -14.33
C GLY B 53 -27.67 3.63 -14.01
N THR B 54 -27.34 2.41 -14.41
CA THR B 54 -26.05 1.82 -14.11
C THR B 54 -25.25 1.62 -15.40
N HIS B 55 -24.00 2.08 -15.37
CA HIS B 55 -23.13 1.98 -16.53
C HIS B 55 -21.70 1.76 -16.08
N LYS B 56 -20.93 1.10 -16.92
CA LYS B 56 -19.48 1.12 -16.74
C LYS B 56 -18.94 2.44 -17.29
N VAL B 57 -17.74 2.81 -16.85
CA VAL B 57 -17.14 4.08 -17.23
C VAL B 57 -15.72 3.84 -17.70
N TYR B 58 -15.39 4.42 -18.86
CA TYR B 58 -14.03 4.45 -19.37
C TYR B 58 -13.43 5.81 -19.06
N VAL B 59 -12.28 5.80 -18.39
CA VAL B 59 -11.65 7.01 -17.87
C VAL B 59 -10.52 7.41 -18.79
N GLU B 60 -10.45 8.70 -19.13
CA GLU B 60 -9.46 9.22 -20.07
C GLU B 60 -8.82 10.47 -19.47
N LEU B 61 -7.51 10.59 -19.68
CA LEU B 61 -6.71 11.68 -19.12
C LEU B 61 -5.97 12.43 -20.22
N GLN B 62 -6.11 13.76 -20.21
CA GLN B 62 -5.39 14.63 -21.13
C GLN B 62 -4.72 15.76 -20.37
N GLU B 63 -3.63 16.26 -20.92
CA GLU B 63 -2.84 17.32 -20.27
C GLU B 63 -2.41 18.35 -21.30
N LEU B 64 -2.24 19.58 -20.83
CA LEU B 64 -1.80 20.67 -21.68
C LEU B 64 -0.27 20.67 -21.79
N VAL B 65 0.24 20.45 -23.00
CA VAL B 65 1.67 20.50 -23.26
C VAL B 65 1.91 21.22 -24.58
N MET B 66 3.20 21.45 -24.89
CA MET B 66 3.61 22.19 -26.06
C MET B 66 4.60 21.35 -26.86
N ASP B 67 4.45 21.35 -28.18
CA ASP B 67 5.22 20.46 -29.06
C ASP B 67 6.40 21.21 -29.67
N GLU B 68 7.56 20.54 -29.71
CA GLU B 68 8.78 21.16 -30.19
C GLU B 68 8.68 21.63 -31.64
N LYS B 69 7.79 21.03 -32.44
CA LYS B 69 7.65 21.42 -33.84
C LYS B 69 7.17 22.87 -33.97
N ASN B 70 5.97 23.15 -33.49
CA ASN B 70 5.38 24.48 -33.57
C ASN B 70 5.05 24.99 -32.17
N GLN B 71 5.34 26.26 -31.93
CA GLN B 71 5.14 26.88 -30.62
C GLN B 71 3.64 27.10 -30.40
N GLU B 72 2.94 26.00 -30.09
CA GLU B 72 1.51 26.06 -29.84
C GLU B 72 1.15 25.06 -28.75
N LEU B 73 0.21 25.45 -27.89
CA LEU B 73 -0.22 24.57 -26.82
C LEU B 73 -1.35 23.68 -27.29
N ARG B 74 -1.37 22.44 -26.79
CA ARG B 74 -2.44 21.53 -27.12
C ARG B 74 -2.49 20.41 -26.10
N TRP B 75 -3.60 19.67 -26.12
CA TRP B 75 -3.86 18.62 -25.16
C TRP B 75 -3.44 17.27 -25.71
N MET B 76 -2.56 16.59 -24.98
CA MET B 76 -2.19 15.21 -25.28
C MET B 76 -2.89 14.25 -24.33
N GLU B 77 -3.38 13.14 -24.88
CA GLU B 77 -3.82 12.04 -24.05
C GLU B 77 -2.61 11.34 -23.45
N ALA B 78 -2.75 10.86 -22.22
CA ALA B 78 -1.60 10.26 -21.56
C ALA B 78 -1.84 8.90 -20.94
N ALA B 79 -3.06 8.55 -20.53
CA ALA B 79 -3.28 7.26 -19.89
C ALA B 79 -4.74 6.90 -20.05
N ARG B 80 -5.02 5.61 -19.88
CA ARG B 80 -6.40 5.13 -19.99
C ARG B 80 -6.61 4.00 -18.99
N TRP B 81 -7.88 3.75 -18.69
CA TRP B 81 -8.27 2.79 -17.65
C TRP B 81 -9.40 1.88 -18.14
N VAL B 82 -9.21 1.29 -19.32
CA VAL B 82 -10.23 0.39 -19.88
C VAL B 82 -10.45 -0.81 -18.95
N GLN B 83 -9.38 -1.49 -18.56
CA GLN B 83 -9.42 -2.51 -17.53
C GLN B 83 -8.38 -2.25 -16.45
N LEU B 84 -7.17 -1.88 -16.85
CA LEU B 84 -6.13 -1.43 -15.95
C LEU B 84 -5.53 -0.14 -16.51
N GLU B 85 -4.55 0.40 -15.79
CA GLU B 85 -3.92 1.63 -16.24
C GLU B 85 -2.95 1.35 -17.37
N GLU B 86 -3.17 2.00 -18.50
CA GLU B 86 -2.27 1.95 -19.64
C GLU B 86 -1.64 3.31 -19.83
N ASN B 87 -0.32 3.32 -20.02
CA ASN B 87 0.49 4.51 -20.08
C ASN B 87 1.09 4.68 -21.46
N LEU B 88 1.18 5.94 -21.91
CA LEU B 88 1.68 6.26 -23.23
C LEU B 88 3.01 7.00 -23.10
N GLY B 89 4.04 6.51 -23.76
CA GLY B 89 5.37 7.08 -23.69
C GLY B 89 5.58 8.20 -24.68
N GLU B 90 6.83 8.69 -24.71
CA GLU B 90 7.18 9.77 -25.63
C GLU B 90 7.24 9.28 -27.08
N ASN B 91 7.63 8.02 -27.29
CA ASN B 91 7.67 7.48 -28.65
C ASN B 91 6.27 7.32 -29.22
N GLY B 92 5.30 6.95 -28.40
CA GLY B 92 3.94 6.77 -28.84
C GLY B 92 3.41 5.35 -28.74
N ALA B 93 3.96 4.51 -27.87
CA ALA B 93 3.53 3.13 -27.73
C ALA B 93 2.99 2.90 -26.34
N TRP B 94 1.78 2.36 -26.27
CA TRP B 94 1.15 2.07 -24.98
C TRP B 94 1.77 0.83 -24.37
N GLY B 95 2.10 0.93 -23.07
CA GLY B 95 2.73 -0.17 -22.38
C GLY B 95 1.74 -1.18 -21.83
N ARG B 96 2.19 -2.02 -20.91
CA ARG B 96 1.37 -3.06 -20.32
C ARG B 96 0.35 -2.46 -19.35
N PRO B 97 -0.92 -2.82 -19.48
CA PRO B 97 -1.89 -2.44 -18.45
C PRO B 97 -1.50 -3.02 -17.10
N HIS B 98 -1.70 -2.23 -16.06
CA HIS B 98 -1.13 -2.56 -14.76
C HIS B 98 -1.95 -1.90 -13.65
N LEU B 99 -1.55 -2.19 -12.42
CA LEU B 99 -2.20 -1.64 -11.25
C LEU B 99 -2.04 -0.12 -11.21
N SER B 100 -3.07 0.54 -10.68
CA SER B 100 -3.07 1.98 -10.50
C SER B 100 -2.66 2.27 -9.07
N HIS B 101 -1.35 2.45 -8.85
CA HIS B 101 -0.82 2.76 -7.54
C HIS B 101 -0.77 4.27 -7.35
N LEU B 102 -1.08 4.73 -6.15
CA LEU B 102 -1.19 6.15 -5.84
C LEU B 102 -0.03 6.59 -4.95
N THR B 103 -0.04 7.88 -4.62
CA THR B 103 0.91 8.48 -3.70
C THR B 103 0.15 9.23 -2.62
N PHE B 104 0.84 9.44 -1.49
CA PHE B 104 0.23 10.11 -0.35
C PHE B 104 -0.15 11.54 -0.68
N TRP B 105 0.75 12.28 -1.34
CA TRP B 105 0.48 13.67 -1.65
C TRP B 105 -0.68 13.80 -2.62
N SER B 106 -0.79 12.87 -3.57
CA SER B 106 -1.87 12.94 -4.56
C SER B 106 -3.22 12.95 -3.87
N LEU B 107 -3.47 11.98 -3.00
CA LEU B 107 -4.73 11.95 -2.27
C LEU B 107 -4.85 13.09 -1.26
N LEU B 108 -3.73 13.54 -0.68
CA LEU B 108 -3.78 14.63 0.28
C LEU B 108 -4.30 15.93 -0.33
N GLU B 109 -3.58 16.48 -1.31
CA GLU B 109 -4.14 17.66 -1.98
C GLU B 109 -5.42 17.37 -2.75
N LEU B 110 -5.69 16.13 -3.19
CA LEU B 110 -6.98 15.88 -3.83
C LEU B 110 -8.12 16.09 -2.85
N ARG B 111 -7.99 15.55 -1.64
CA ARG B 111 -9.00 15.80 -0.62
C ARG B 111 -9.08 17.28 -0.26
N ARG B 112 -7.92 17.92 -0.15
CA ARG B 112 -7.90 19.32 0.27
C ARG B 112 -8.61 20.21 -0.75
N VAL B 113 -8.44 19.92 -2.04
CA VAL B 113 -9.08 20.75 -3.05
C VAL B 113 -10.53 20.32 -3.29
N PHE B 114 -10.87 19.05 -3.06
CA PHE B 114 -12.26 18.62 -3.19
C PHE B 114 -13.12 19.11 -2.04
N THR B 115 -12.51 19.44 -0.90
CA THR B 115 -13.29 19.89 0.25
C THR B 115 -14.02 21.19 -0.05
N LYS B 116 -13.38 22.11 -0.77
CA LYS B 116 -13.96 23.41 -1.07
C LYS B 116 -14.11 23.61 -2.58
N GLY B 117 -14.34 22.52 -3.31
CA GLY B 117 -14.47 22.59 -4.75
C GLY B 117 -15.83 23.08 -5.20
N THR B 118 -15.98 23.20 -6.52
CA THR B 118 -17.20 23.65 -7.15
C THR B 118 -17.74 22.54 -8.05
N VAL B 119 -19.01 22.21 -7.88
CA VAL B 119 -19.65 21.12 -8.61
C VAL B 119 -20.83 21.66 -9.39
N LEU B 120 -21.05 21.08 -10.58
CA LEU B 120 -22.18 21.42 -11.44
C LEU B 120 -22.88 20.11 -11.80
N LEU B 121 -24.11 19.96 -11.32
CA LEU B 121 -24.85 18.72 -11.44
C LEU B 121 -26.02 18.87 -12.40
N ASP B 122 -26.24 17.84 -13.22
CA ASP B 122 -27.37 17.77 -14.15
C ASP B 122 -27.37 18.94 -15.13
N LEU B 123 -26.22 19.18 -15.73
CA LEU B 123 -26.08 20.26 -16.71
C LEU B 123 -26.66 19.81 -18.05
N GLN B 124 -27.38 20.72 -18.72
CA GLN B 124 -28.01 20.42 -20.01
C GLN B 124 -27.28 21.22 -21.09
N GLU B 125 -26.20 20.64 -21.61
CA GLU B 125 -25.45 21.27 -22.69
C GLU B 125 -24.99 20.21 -23.67
N THR B 126 -24.62 20.65 -24.88
CA THR B 126 -24.18 19.75 -25.93
C THR B 126 -22.87 20.19 -26.58
N SER B 127 -22.17 21.16 -26.00
CA SER B 127 -20.91 21.63 -26.56
C SER B 127 -19.91 21.87 -25.44
N LEU B 128 -18.62 21.80 -25.80
CA LEU B 128 -17.57 22.11 -24.85
C LEU B 128 -17.60 23.59 -24.45
N ALA B 129 -17.97 24.47 -25.39
CA ALA B 129 -17.99 25.90 -25.13
C ALA B 129 -19.01 26.25 -24.04
N GLY B 130 -20.22 25.67 -24.14
CA GLY B 130 -21.23 25.95 -23.14
C GLY B 130 -20.86 25.44 -21.77
N VAL B 131 -20.29 24.23 -21.71
CA VAL B 131 -19.83 23.67 -20.44
C VAL B 131 -18.76 24.56 -19.82
N ALA B 132 -17.81 25.00 -20.64
CA ALA B 132 -16.76 25.87 -20.15
C ALA B 132 -17.32 27.19 -19.64
N ASN B 133 -18.27 27.77 -20.37
CA ASN B 133 -18.85 29.04 -19.96
C ASN B 133 -19.58 28.91 -18.64
N GLN B 134 -20.39 27.85 -18.49
CA GLN B 134 -21.11 27.66 -17.24
C GLN B 134 -20.17 27.41 -16.07
N LEU B 135 -19.12 26.61 -16.30
CA LEU B 135 -18.16 26.33 -15.23
C LEU B 135 -17.40 27.58 -14.83
N LEU B 136 -17.01 28.40 -15.79
CA LEU B 136 -16.34 29.66 -15.47
C LEU B 136 -17.26 30.59 -14.71
N ASP B 137 -18.53 30.65 -15.09
CA ASP B 137 -19.47 31.50 -14.37
C ASP B 137 -19.64 31.01 -12.93
N ARG B 138 -19.70 29.70 -12.73
CA ARG B 138 -19.81 29.18 -11.37
C ARG B 138 -18.56 29.45 -10.55
N PHE B 139 -17.37 29.35 -11.17
CA PHE B 139 -16.14 29.71 -10.48
C PHE B 139 -16.15 31.17 -10.05
N ILE B 140 -16.60 32.06 -10.94
CA ILE B 140 -16.68 33.48 -10.58
C ILE B 140 -17.69 33.69 -9.47
N PHE B 141 -18.76 32.90 -9.46
CA PHE B 141 -19.77 33.03 -8.42
C PHE B 141 -19.20 32.74 -7.03
N GLU B 142 -18.30 31.76 -6.93
CA GLU B 142 -17.73 31.37 -5.65
C GLU B 142 -16.35 31.96 -5.40
N ASP B 143 -15.91 32.90 -6.25
CA ASP B 143 -14.61 33.56 -6.13
C ASP B 143 -13.45 32.56 -6.12
N GLN B 144 -13.62 31.44 -6.82
CA GLN B 144 -12.52 30.52 -7.00
C GLN B 144 -11.46 31.11 -7.92
N ILE B 145 -11.88 31.87 -8.93
CA ILE B 145 -10.99 32.52 -9.88
C ILE B 145 -11.37 33.99 -9.94
N ARG B 146 -10.37 34.84 -10.19
CA ARG B 146 -10.61 36.27 -10.39
C ARG B 146 -11.28 36.51 -11.73
N PRO B 147 -12.06 37.60 -11.84
CA PRO B 147 -12.76 37.86 -13.12
C PRO B 147 -11.84 38.06 -14.30
N GLN B 148 -10.63 38.59 -14.08
CA GLN B 148 -9.73 38.92 -15.17
C GLN B 148 -9.04 37.69 -15.77
N ASP B 149 -9.18 36.52 -15.16
CA ASP B 149 -8.64 35.29 -15.72
C ASP B 149 -9.66 34.50 -16.53
N ARG B 150 -10.87 35.03 -16.70
CA ARG B 150 -11.92 34.30 -17.41
C ARG B 150 -11.58 34.09 -18.87
N GLU B 151 -11.17 35.16 -19.56
CA GLU B 151 -10.94 35.08 -21.00
C GLU B 151 -9.79 34.13 -21.32
N GLU B 152 -8.69 34.25 -20.60
CA GLU B 152 -7.52 33.41 -20.89
C GLU B 152 -7.80 31.94 -20.64
N LEU B 153 -8.45 31.64 -19.50
CA LEU B 153 -8.78 30.25 -19.20
C LEU B 153 -9.76 29.68 -20.20
N LEU B 154 -10.76 30.49 -20.61
CA LEU B 154 -11.72 30.02 -21.60
C LEU B 154 -11.05 29.74 -22.93
N ARG B 155 -10.13 30.61 -23.35
CA ARG B 155 -9.41 30.38 -24.60
C ARG B 155 -8.53 29.14 -24.51
N ALA B 156 -7.86 28.95 -23.37
CA ALA B 156 -6.99 27.79 -23.22
C ALA B 156 -7.78 26.49 -23.17
N LEU B 157 -9.00 26.53 -22.63
CA LEU B 157 -9.81 25.33 -22.53
C LEU B 157 -10.34 24.85 -23.87
N LEU B 158 -10.41 25.72 -24.87
CA LEU B 158 -11.03 25.38 -26.15
C LEU B 158 -10.01 25.15 -27.26
N LEU B 159 -8.77 24.85 -26.92
CA LEU B 159 -7.78 24.54 -27.94
C LEU B 159 -8.06 23.17 -28.55
N LYS B 160 -7.37 22.89 -29.65
CA LYS B 160 -7.61 21.64 -30.37
C LYS B 160 -7.07 20.45 -29.58
N HIS B 161 -7.82 19.35 -29.63
CA HIS B 161 -7.50 18.14 -28.88
C HIS B 161 -6.99 17.10 -29.86
N SER B 162 -5.68 16.88 -29.87
CA SER B 162 -5.09 15.86 -30.72
C SER B 162 -5.26 14.49 -30.07
N HIS B 163 -4.63 13.47 -30.63
CA HIS B 163 -4.76 12.11 -30.14
C HIS B 163 -3.40 11.44 -30.20
N ALA B 164 -3.39 10.11 -30.02
CA ALA B 164 -2.13 9.37 -29.99
C ALA B 164 -1.53 9.22 -31.39
N GLY B 165 -2.37 9.18 -32.43
CA GLY B 165 -1.85 8.98 -33.77
C GLY B 165 -1.03 10.15 -34.27
N GLU B 166 -1.45 11.38 -33.96
CA GLU B 166 -0.77 12.56 -34.46
C GLU B 166 0.57 12.81 -33.79
N LEU B 167 0.90 12.07 -32.72
CA LEU B 167 2.21 12.20 -32.09
C LEU B 167 3.32 11.84 -33.07
N GLU B 168 3.12 10.76 -33.83
CA GLU B 168 4.05 10.43 -34.91
C GLU B 168 4.07 11.52 -35.96
N ALA B 169 2.94 12.20 -36.16
CA ALA B 169 2.91 13.36 -37.05
C ALA B 169 3.60 14.57 -36.41
N LEU B 170 3.73 14.59 -35.09
CA LEU B 170 4.38 15.69 -34.39
C LEU B 170 5.81 15.41 -34.00
N GLY B 171 6.13 14.17 -33.62
CA GLY B 171 7.47 13.82 -33.23
C GLY B 171 7.83 14.08 -31.78
N GLY B 172 6.85 14.24 -30.91
CA GLY B 172 7.10 14.42 -29.50
C GLY B 172 6.64 15.78 -29.00
N VAL B 173 6.48 15.86 -27.67
CA VAL B 173 6.07 17.08 -26.98
C VAL B 173 6.91 17.23 -25.72
N LYS B 174 6.91 18.44 -25.17
CA LYS B 174 7.53 18.72 -23.88
C LYS B 174 6.58 19.56 -23.04
N PRO B 175 6.62 19.40 -21.71
CA PRO B 175 5.64 20.08 -20.85
C PRO B 175 5.78 21.59 -20.89
N ALA B 176 4.65 22.27 -20.68
CA ALA B 176 4.59 23.73 -20.66
C ALA B 176 3.57 24.17 -19.63
N VAL B 177 3.48 25.48 -19.42
CA VAL B 177 2.60 26.07 -18.43
C VAL B 177 1.93 27.30 -19.03
N LEU B 178 0.65 27.51 -18.69
CA LEU B 178 -0.07 28.69 -19.15
C LEU B 178 0.56 29.95 -18.55
N THR B 179 0.53 31.02 -19.34
CA THR B 179 1.21 32.25 -18.98
C THR B 179 0.25 33.42 -19.24
N ARG B 180 0.45 34.51 -18.49
CA ARG B 180 -0.38 35.71 -18.64
C ARG B 180 -0.38 36.21 -20.08
N SER B 181 0.78 36.29 -20.70
CA SER B 181 0.85 36.66 -22.11
C SER B 181 0.38 35.54 -23.03
N GLY B 182 0.28 34.32 -22.53
CA GLY B 182 -0.05 33.18 -23.36
C GLY B 182 1.13 32.54 -24.05
N ASP B 183 2.32 33.13 -23.92
CA ASP B 183 3.52 32.58 -24.52
C ASP B 183 4.03 31.43 -23.67
N PRO B 184 4.18 30.22 -24.21
CA PRO B 184 4.65 29.10 -23.40
C PRO B 184 6.09 29.30 -22.93
N SER B 185 6.39 28.72 -21.79
CA SER B 185 7.71 28.78 -21.20
C SER B 185 8.00 27.45 -20.52
N GLN B 186 9.28 27.21 -20.23
CA GLN B 186 9.54 25.99 -19.49
C GLN B 186 9.21 26.19 -18.01
N PRO B 187 8.57 25.21 -17.37
CA PRO B 187 8.26 25.34 -15.95
C PRO B 187 9.52 25.38 -15.10
N LEU B 188 9.46 26.15 -14.01
CA LEU B 188 10.59 26.30 -13.10
C LEU B 188 10.50 25.23 -12.00
N LEU B 189 10.43 23.98 -12.45
CA LEU B 189 10.23 22.81 -11.60
C LEU B 189 10.82 21.63 -12.33
N PRO B 190 11.31 20.59 -11.61
CA PRO B 190 11.89 19.42 -12.29
C PRO B 190 10.96 18.76 -13.30
N GLN B 191 11.36 18.78 -14.57
CA GLN B 191 10.55 18.25 -15.67
C GLN B 191 10.90 16.81 -16.03
N HIS B 192 11.40 16.04 -15.06
CA HIS B 192 11.74 14.65 -15.31
C HIS B 192 10.48 13.83 -15.59
N SER B 193 10.64 12.77 -16.36
CA SER B 193 9.52 11.95 -16.78
C SER B 193 8.90 11.22 -15.58
N SER B 194 7.64 10.84 -15.75
CA SER B 194 6.91 10.16 -14.69
C SER B 194 7.44 8.74 -14.48
N LEU B 195 7.35 8.27 -13.23
CA LEU B 195 7.90 6.97 -12.89
C LEU B 195 7.03 5.84 -13.43
N GLU B 196 5.71 6.04 -13.50
CA GLU B 196 4.83 5.00 -14.00
C GLU B 196 5.14 4.65 -15.45
N THR B 197 5.31 5.69 -16.28
CA THR B 197 5.72 5.46 -17.67
C THR B 197 7.09 4.82 -17.74
N GLN B 198 8.03 5.33 -16.94
CA GLN B 198 9.40 4.80 -16.95
C GLN B 198 9.47 3.34 -16.56
N LEU B 199 8.52 2.88 -15.73
CA LEU B 199 8.56 1.51 -15.24
C LEU B 199 7.50 0.60 -15.86
N PHE B 200 6.67 1.12 -16.77
CA PHE B 200 5.75 0.24 -17.50
C PHE B 200 5.82 0.43 -19.01
N CYS B 201 6.75 1.22 -19.52
CA CYS B 201 6.95 1.35 -20.96
C CYS B 201 8.31 0.85 -21.41
N GLU B 202 9.38 1.30 -20.76
CA GLU B 202 10.73 0.88 -21.11
C GLU B 202 11.12 -0.39 -20.38
N HIS B 211 -4.11 -2.49 -33.26
CA HIS B 211 -4.44 -3.71 -32.52
C HIS B 211 -5.00 -3.35 -31.16
N SER B 212 -4.43 -2.32 -30.54
CA SER B 212 -4.86 -1.87 -29.23
C SER B 212 -6.23 -1.17 -29.21
N PRO B 213 -6.61 -0.32 -30.18
CA PRO B 213 -7.99 0.23 -30.14
C PRO B 213 -9.07 -0.84 -30.26
N SER B 214 -8.90 -1.79 -31.19
CA SER B 214 -9.86 -2.88 -31.29
C SER B 214 -9.87 -3.74 -30.03
N GLY B 215 -8.68 -3.95 -29.45
CA GLY B 215 -8.60 -4.72 -28.22
C GLY B 215 -9.35 -4.07 -27.07
N ILE B 216 -9.15 -2.76 -26.88
CA ILE B 216 -9.84 -2.08 -25.78
C ILE B 216 -11.33 -1.96 -26.07
N LEU B 217 -11.71 -1.83 -27.36
CA LEU B 217 -13.13 -1.80 -27.69
C LEU B 217 -13.80 -3.14 -27.41
N GLU B 218 -13.07 -4.24 -27.62
CA GLU B 218 -13.61 -5.55 -27.25
C GLU B 218 -13.65 -5.72 -25.73
N LYS B 219 -12.66 -5.18 -25.03
CA LYS B 219 -12.62 -5.34 -23.57
C LYS B 219 -13.73 -4.55 -22.89
N ILE B 220 -13.99 -3.33 -23.33
CA ILE B 220 -15.02 -2.52 -22.67
C ILE B 220 -16.39 -3.10 -22.95
N PRO B 221 -17.32 -3.06 -22.00
CA PRO B 221 -18.69 -3.49 -22.27
C PRO B 221 -19.35 -2.58 -23.28
N PRO B 222 -20.35 -3.08 -24.02
CA PRO B 222 -21.04 -2.21 -24.99
C PRO B 222 -21.72 -1.01 -24.36
N ASP B 223 -22.23 -1.15 -23.14
CA ASP B 223 -22.91 -0.08 -22.42
C ASP B 223 -21.90 0.53 -21.45
N SER B 224 -21.06 1.42 -21.97
CA SER B 224 -20.09 2.14 -21.15
C SER B 224 -20.07 3.60 -21.59
N GLU B 225 -19.83 4.48 -20.63
CA GLU B 225 -19.80 5.91 -20.88
C GLU B 225 -18.46 6.49 -20.45
N ALA B 226 -18.10 7.61 -21.06
CA ALA B 226 -16.77 8.17 -20.91
C ALA B 226 -16.71 9.21 -19.78
N THR B 227 -15.57 9.26 -19.12
CA THR B 227 -15.25 10.29 -18.15
C THR B 227 -13.90 10.89 -18.53
N LEU B 228 -13.84 12.21 -18.57
CA LEU B 228 -12.68 12.95 -19.05
C LEU B 228 -12.08 13.76 -17.92
N VAL B 229 -10.75 13.74 -17.81
CA VAL B 229 -10.03 14.63 -16.92
C VAL B 229 -8.99 15.40 -17.72
N LEU B 230 -8.91 16.71 -17.49
CA LEU B 230 -7.97 17.60 -18.14
C LEU B 230 -7.09 18.24 -17.08
N VAL B 231 -5.78 18.17 -17.25
CA VAL B 231 -4.86 18.74 -16.29
C VAL B 231 -3.90 19.70 -16.99
N GLY B 232 -3.46 20.68 -16.22
CA GLY B 232 -2.59 21.73 -16.73
C GLY B 232 -2.21 22.65 -15.59
N ARG B 233 -1.37 23.63 -15.91
CA ARG B 233 -0.85 24.57 -14.93
C ARG B 233 -0.96 25.99 -15.44
N ALA B 234 -1.43 26.88 -14.58
CA ALA B 234 -1.55 28.31 -14.90
C ALA B 234 -0.80 29.11 -13.86
N ASP B 235 0.13 29.95 -14.31
CA ASP B 235 1.02 30.64 -13.38
C ASP B 235 0.35 31.82 -12.67
N PHE B 236 -0.59 32.48 -13.33
CA PHE B 236 -1.19 33.68 -12.74
C PHE B 236 -2.27 33.37 -11.73
N LEU B 237 -2.62 32.10 -11.54
CA LEU B 237 -3.59 31.73 -10.53
C LEU B 237 -2.98 31.85 -9.13
N GLU B 238 -3.82 31.69 -8.12
CA GLU B 238 -3.40 31.80 -6.74
C GLU B 238 -3.62 30.55 -5.91
N GLN B 239 -4.46 29.62 -6.36
CA GLN B 239 -4.76 28.41 -5.60
C GLN B 239 -5.28 27.38 -6.57
N PRO B 240 -4.94 26.11 -6.39
CA PRO B 240 -5.48 25.06 -7.26
C PRO B 240 -7.00 24.98 -7.15
N VAL B 241 -7.65 24.75 -8.28
CA VAL B 241 -9.11 24.72 -8.35
C VAL B 241 -9.55 23.44 -9.03
N LEU B 242 -10.67 22.90 -8.54
CA LEU B 242 -11.25 21.65 -9.01
C LEU B 242 -12.68 21.89 -9.47
N GLY B 243 -13.04 21.25 -10.58
CA GLY B 243 -14.38 21.34 -11.09
C GLY B 243 -14.93 19.98 -11.48
N PHE B 244 -16.13 19.66 -10.99
CA PHE B 244 -16.78 18.38 -11.25
C PHE B 244 -18.09 18.61 -11.99
N VAL B 245 -18.26 17.94 -13.12
CA VAL B 245 -19.45 18.11 -13.95
C VAL B 245 -20.03 16.74 -14.28
N ARG B 246 -21.32 16.58 -14.03
CA ARG B 246 -22.08 15.40 -14.47
C ARG B 246 -23.22 15.88 -15.34
N LEU B 247 -23.19 15.49 -16.62
CA LEU B 247 -24.23 15.90 -17.54
C LEU B 247 -25.54 15.17 -17.22
N GLN B 248 -26.66 15.78 -17.64
CA GLN B 248 -27.95 15.14 -17.46
C GLN B 248 -28.03 13.85 -18.25
N GLU B 249 -27.49 13.85 -19.47
CA GLU B 249 -27.41 12.64 -20.28
C GLU B 249 -26.09 12.64 -21.02
N ALA B 250 -25.65 11.44 -21.40
CA ALA B 250 -24.39 11.30 -22.11
C ALA B 250 -24.47 11.92 -23.49
N ALA B 251 -23.39 12.59 -23.90
CA ALA B 251 -23.30 13.20 -25.22
C ALA B 251 -21.92 12.98 -25.79
N GLU B 252 -21.84 12.98 -27.12
CA GLU B 252 -20.57 12.84 -27.84
C GLU B 252 -20.12 14.22 -28.27
N LEU B 253 -19.22 14.82 -27.48
CA LEU B 253 -18.72 16.14 -27.82
C LEU B 253 -17.80 16.08 -29.03
N GLU B 254 -18.01 17.02 -29.95
CA GLU B 254 -17.26 17.05 -31.20
C GLU B 254 -15.83 17.54 -31.00
N ALA B 255 -15.56 18.26 -29.92
CA ALA B 255 -14.25 18.86 -29.72
C ALA B 255 -13.17 17.80 -29.56
N VAL B 256 -13.44 16.76 -28.77
CA VAL B 256 -12.50 15.67 -28.55
C VAL B 256 -13.21 14.35 -28.84
N GLU B 257 -12.53 13.47 -29.56
CA GLU B 257 -13.09 12.20 -30.00
C GLU B 257 -12.82 11.13 -28.96
N LEU B 258 -13.88 10.49 -28.49
CA LEU B 258 -13.79 9.28 -27.68
C LEU B 258 -14.79 8.28 -28.23
N PRO B 259 -14.52 6.97 -28.07
CA PRO B 259 -15.43 5.97 -28.61
C PRO B 259 -16.84 6.01 -28.05
N VAL B 260 -17.01 6.50 -26.82
CA VAL B 260 -18.31 6.46 -26.16
C VAL B 260 -18.67 7.86 -25.69
N PRO B 261 -19.96 8.14 -25.55
CA PRO B 261 -20.38 9.48 -25.10
C PRO B 261 -19.95 9.78 -23.67
N ILE B 262 -19.78 11.07 -23.40
CA ILE B 262 -19.21 11.55 -22.15
C ILE B 262 -20.33 11.86 -21.16
N ARG B 263 -20.14 11.45 -19.90
CA ARG B 263 -21.09 11.74 -18.83
C ARG B 263 -20.48 12.58 -17.72
N PHE B 264 -19.25 12.29 -17.32
CA PHE B 264 -18.59 13.00 -16.24
C PHE B 264 -17.34 13.72 -16.75
N LEU B 265 -16.95 14.77 -16.04
CA LEU B 265 -15.81 15.56 -16.47
C LEU B 265 -15.18 16.24 -15.26
N PHE B 266 -13.85 16.19 -15.19
CA PHE B 266 -13.07 16.83 -14.13
C PHE B 266 -12.18 17.91 -14.71
N VAL B 267 -11.98 18.97 -13.94
CA VAL B 267 -11.08 20.06 -14.31
C VAL B 267 -10.14 20.32 -13.15
N LEU B 268 -8.83 20.28 -13.41
CA LEU B 268 -7.81 20.58 -12.42
C LEU B 268 -6.97 21.74 -12.93
N LEU B 269 -6.89 22.81 -12.15
CA LEU B 269 -6.03 23.94 -12.51
C LEU B 269 -5.33 24.44 -11.25
N GLY B 270 -4.39 25.37 -11.45
CA GLY B 270 -3.74 26.01 -10.33
C GLY B 270 -2.30 26.42 -10.58
N PRO B 271 -1.72 27.15 -9.62
CA PRO B 271 -0.32 27.55 -9.73
C PRO B 271 0.62 26.46 -9.24
N GLU B 272 1.92 26.78 -9.17
CA GLU B 272 2.93 25.81 -8.78
C GLU B 272 3.18 25.89 -7.28
N ALA B 273 3.10 24.74 -6.61
CA ALA B 273 3.25 24.63 -5.17
C ALA B 273 4.17 23.46 -4.86
N PRO B 274 4.78 23.43 -3.68
CA PRO B 274 5.53 22.24 -3.27
C PRO B 274 4.61 21.06 -3.01
N HIS B 275 5.17 19.86 -3.17
CA HIS B 275 4.50 18.60 -2.84
C HIS B 275 3.23 18.36 -3.66
N ILE B 276 3.19 18.85 -4.90
CA ILE B 276 2.05 18.63 -5.79
C ILE B 276 2.57 18.09 -7.10
N ASP B 277 1.72 17.31 -7.79
CA ASP B 277 2.03 16.78 -9.12
C ASP B 277 0.70 16.56 -9.83
N TYR B 278 0.43 17.39 -10.83
CA TYR B 278 -0.87 17.36 -11.50
C TYR B 278 -1.09 16.04 -12.22
N THR B 279 -0.01 15.41 -12.71
CA THR B 279 -0.14 14.09 -13.31
C THR B 279 -0.64 13.08 -12.29
N GLN B 280 -0.06 13.08 -11.09
CA GLN B 280 -0.52 12.16 -10.06
C GLN B 280 -1.90 12.53 -9.54
N LEU B 281 -2.24 13.82 -9.55
CA LEU B 281 -3.59 14.23 -9.20
C LEU B 281 -4.61 13.64 -10.19
N GLY B 282 -4.29 13.70 -11.48
CA GLY B 282 -5.17 13.08 -12.46
C GLY B 282 -5.23 11.58 -12.32
N ARG B 283 -4.09 10.95 -12.00
CA ARG B 283 -4.09 9.50 -11.79
C ARG B 283 -4.96 9.12 -10.61
N ALA B 284 -4.88 9.89 -9.51
CA ALA B 284 -5.71 9.61 -8.35
C ALA B 284 -7.19 9.84 -8.65
N ALA B 285 -7.50 10.88 -9.45
CA ALA B 285 -8.87 11.09 -9.86
C ALA B 285 -9.39 9.91 -10.68
N ALA B 286 -8.57 9.41 -11.60
CA ALA B 286 -8.95 8.25 -12.40
C ALA B 286 -9.18 7.02 -11.53
N THR B 287 -8.26 6.77 -10.60
CA THR B 287 -8.38 5.60 -9.73
C THR B 287 -9.61 5.71 -8.85
N LEU B 288 -9.93 6.92 -8.39
CA LEU B 288 -11.17 7.15 -7.67
C LEU B 288 -12.37 6.83 -8.56
N MET B 289 -12.31 7.24 -9.83
CA MET B 289 -13.38 6.93 -10.76
C MET B 289 -13.48 5.45 -11.09
N SER B 290 -12.44 4.67 -10.79
CA SER B 290 -12.44 3.25 -11.12
C SER B 290 -13.31 2.39 -10.19
N GLU B 291 -13.83 2.97 -9.11
CA GLU B 291 -14.61 2.20 -8.14
C GLU B 291 -16.08 2.12 -8.55
N ARG B 292 -16.65 0.92 -8.42
CA ARG B 292 -18.06 0.73 -8.72
C ARG B 292 -18.94 1.50 -7.74
N VAL B 293 -18.64 1.38 -6.44
CA VAL B 293 -19.47 2.03 -5.42
C VAL B 293 -19.38 3.53 -5.53
N PHE B 294 -18.17 4.07 -5.74
CA PHE B 294 -18.02 5.52 -5.85
C PHE B 294 -18.75 6.07 -7.06
N ARG B 295 -18.66 5.38 -8.19
CA ARG B 295 -19.35 5.88 -9.37
C ARG B 295 -20.86 5.72 -9.23
N ILE B 296 -21.31 4.70 -8.49
CA ILE B 296 -22.74 4.62 -8.16
C ILE B 296 -23.16 5.83 -7.36
N ASP B 297 -22.36 6.19 -6.33
CA ASP B 297 -22.67 7.36 -5.52
C ASP B 297 -22.68 8.63 -6.35
N ALA B 298 -21.73 8.75 -7.26
CA ALA B 298 -21.69 9.91 -8.15
C ALA B 298 -22.92 9.95 -9.05
N TYR B 299 -23.40 8.79 -9.48
CA TYR B 299 -24.63 8.76 -10.26
C TYR B 299 -25.84 9.22 -9.43
N MET B 300 -25.92 8.80 -8.17
CA MET B 300 -27.04 9.23 -7.34
C MET B 300 -26.77 10.54 -6.61
N ALA B 301 -25.60 11.15 -6.80
CA ALA B 301 -25.25 12.35 -6.08
C ALA B 301 -26.15 13.51 -6.46
N GLN B 302 -26.52 14.30 -5.46
CA GLN B 302 -27.36 15.48 -5.67
C GLN B 302 -26.83 16.72 -4.97
N SER B 303 -25.76 16.61 -4.19
CA SER B 303 -25.12 17.75 -3.57
C SER B 303 -23.65 17.40 -3.38
N ARG B 304 -22.86 18.38 -2.91
CA ARG B 304 -21.45 18.12 -2.70
C ARG B 304 -21.22 17.27 -1.46
N GLY B 305 -22.16 17.30 -0.51
CA GLY B 305 -21.97 16.54 0.72
C GLY B 305 -21.92 15.05 0.50
N GLU B 306 -22.76 14.54 -0.41
CA GLU B 306 -22.74 13.11 -0.70
C GLU B 306 -21.41 12.68 -1.29
N LEU B 307 -20.89 13.46 -2.24
CA LEU B 307 -19.59 13.15 -2.83
C LEU B 307 -18.49 13.22 -1.78
N LEU B 308 -18.54 14.22 -0.89
CA LEU B 308 -17.57 14.31 0.18
C LEU B 308 -17.61 13.08 1.07
N HIS B 309 -18.81 12.69 1.50
CA HIS B 309 -18.96 11.54 2.39
C HIS B 309 -18.46 10.26 1.74
N SER B 310 -18.78 10.07 0.46
CA SER B 310 -18.23 8.92 -0.26
C SER B 310 -16.72 9.00 -0.34
N LEU B 311 -16.16 10.22 -0.40
CA LEU B 311 -14.71 10.34 -0.44
C LEU B 311 -14.07 9.93 0.88
N GLU B 312 -14.63 10.36 2.03
CA GLU B 312 -14.04 9.88 3.29
C GLU B 312 -14.24 8.37 3.44
N GLY B 313 -15.38 7.85 2.99
CA GLY B 313 -15.58 6.42 3.04
C GLY B 313 -14.54 5.67 2.23
N PHE B 314 -14.20 6.18 1.04
CA PHE B 314 -13.14 5.57 0.24
C PHE B 314 -11.79 5.70 0.93
N LEU B 315 -11.52 6.85 1.55
CA LEU B 315 -10.24 7.04 2.21
C LEU B 315 -10.06 6.13 3.41
N ASP B 316 -11.17 5.79 4.09
CA ASP B 316 -11.07 4.93 5.26
C ASP B 316 -10.64 3.52 4.90
N CYS B 317 -10.98 3.04 3.70
CA CYS B 317 -10.70 1.68 3.30
C CYS B 317 -9.45 1.56 2.43
N SER B 318 -8.47 2.44 2.64
CA SER B 318 -7.21 2.41 1.92
C SER B 318 -6.07 2.21 2.90
N LEU B 319 -5.04 1.47 2.47
CA LEU B 319 -3.93 1.13 3.33
C LEU B 319 -2.63 1.68 2.74
N VAL B 320 -1.69 1.99 3.62
CA VAL B 320 -0.41 2.58 3.25
C VAL B 320 0.70 1.59 3.59
N LEU B 321 1.62 1.39 2.65
CA LEU B 321 2.74 0.49 2.85
C LEU B 321 4.03 1.28 2.97
N PRO B 322 4.67 1.31 4.13
CA PRO B 322 5.88 2.12 4.32
C PRO B 322 7.06 1.53 3.59
N PRO B 323 8.14 2.29 3.41
CA PRO B 323 9.37 1.72 2.85
C PRO B 323 10.03 0.74 3.81
N THR B 324 9.97 -0.55 3.50
CA THR B 324 10.52 -1.59 4.34
C THR B 324 11.55 -2.41 3.57
N ASP B 325 12.44 -3.06 4.32
CA ASP B 325 13.50 -3.89 3.75
C ASP B 325 13.10 -5.35 3.64
N ALA B 326 11.84 -5.69 3.92
CA ALA B 326 11.37 -7.05 3.79
C ALA B 326 11.29 -7.46 2.32
N PRO B 327 11.30 -8.76 2.03
CA PRO B 327 11.12 -9.20 0.64
C PRO B 327 9.79 -8.72 0.08
N SER B 328 9.83 -8.32 -1.20
CA SER B 328 8.67 -7.71 -1.82
C SER B 328 7.53 -8.71 -2.01
N GLU B 329 7.86 -9.90 -2.53
CA GLU B 329 6.83 -10.88 -2.87
C GLU B 329 6.16 -11.43 -1.62
N GLN B 330 6.93 -11.66 -0.55
CA GLN B 330 6.33 -12.19 0.67
C GLN B 330 5.48 -11.11 1.35
N ALA B 331 5.93 -9.86 1.29
CA ALA B 331 5.12 -8.76 1.83
C ALA B 331 3.80 -8.62 1.07
N LEU B 332 3.85 -8.76 -0.26
CA LEU B 332 2.63 -8.66 -1.05
C LEU B 332 1.71 -9.86 -0.83
N LEU B 333 2.28 -11.04 -0.60
CA LEU B 333 1.47 -12.23 -0.34
C LEU B 333 0.90 -12.25 1.08
N SER B 334 1.54 -11.55 2.01
CA SER B 334 1.00 -11.39 3.35
C SER B 334 -0.16 -10.40 3.39
N LEU B 335 -0.40 -9.68 2.31
CA LEU B 335 -1.43 -8.65 2.25
C LEU B 335 -2.84 -9.22 2.14
N VAL B 336 -2.99 -10.46 1.67
CA VAL B 336 -4.33 -10.97 1.31
C VAL B 336 -5.35 -10.91 2.43
N PRO B 337 -5.05 -11.24 3.70
CA PRO B 337 -6.14 -11.21 4.69
C PRO B 337 -6.62 -9.81 5.01
N VAL B 338 -5.71 -8.85 5.17
CA VAL B 338 -6.13 -7.50 5.54
C VAL B 338 -6.88 -6.84 4.39
N GLN B 339 -6.45 -7.06 3.15
CA GLN B 339 -7.16 -6.47 2.02
C GLN B 339 -8.51 -7.16 1.80
N ARG B 340 -8.57 -8.47 2.05
CA ARG B 340 -9.85 -9.16 1.97
C ARG B 340 -10.84 -8.65 3.01
N GLU B 341 -10.36 -8.43 4.24
CA GLU B 341 -11.21 -7.86 5.28
C GLU B 341 -11.63 -6.44 4.93
N LEU B 342 -10.71 -5.66 4.36
CA LEU B 342 -11.04 -4.28 3.98
C LEU B 342 -12.11 -4.24 2.90
N LEU B 343 -11.99 -5.11 1.89
CA LEU B 343 -13.00 -5.15 0.84
C LEU B 343 -14.33 -5.67 1.38
N ARG B 344 -14.28 -6.61 2.33
CA ARG B 344 -15.51 -7.07 2.97
C ARG B 344 -16.18 -5.95 3.72
N ARG B 345 -15.40 -5.12 4.40
CA ARG B 345 -15.94 -3.96 5.11
C ARG B 345 -16.33 -2.85 4.14
N ARG B 346 -15.87 -2.92 2.89
CA ARG B 346 -16.15 -1.86 1.92
C ARG B 346 -17.63 -1.82 1.54
N TYR B 347 -18.27 -2.99 1.44
CA TYR B 347 -19.60 -3.09 0.87
C TYR B 347 -20.73 -2.88 1.88
N GLN B 348 -20.47 -2.16 2.97
CA GLN B 348 -21.56 -1.76 3.87
C GLN B 348 -21.66 -0.25 3.91
N ASP B 369 -28.90 -21.01 -27.86
CA ASP B 369 -30.00 -21.97 -27.87
C ASP B 369 -29.56 -23.36 -27.41
N ASP B 370 -30.40 -23.99 -26.58
CA ASP B 370 -30.16 -25.29 -25.96
C ASP B 370 -30.19 -26.40 -26.99
N PRO B 371 -29.19 -27.29 -26.99
CA PRO B 371 -29.27 -28.49 -27.83
C PRO B 371 -30.44 -29.39 -27.47
N LEU B 372 -30.82 -29.45 -26.19
CA LEU B 372 -31.97 -30.21 -25.74
C LEU B 372 -33.02 -29.25 -25.19
N GLN B 373 -34.25 -29.38 -25.68
CA GLN B 373 -35.33 -28.49 -25.29
C GLN B 373 -36.65 -29.12 -25.71
N GLN B 374 -37.63 -29.10 -24.81
CA GLN B 374 -38.94 -29.68 -25.09
C GLN B 374 -39.64 -28.82 -26.14
N THR B 375 -39.69 -29.31 -27.38
CA THR B 375 -40.22 -28.57 -28.50
C THR B 375 -41.45 -29.28 -29.05
N GLY B 376 -42.50 -28.52 -29.33
CA GLY B 376 -43.75 -29.07 -29.85
C GLY B 376 -43.74 -29.28 -31.35
N GLN B 377 -42.57 -29.21 -31.96
CA GLN B 377 -42.41 -29.39 -33.39
C GLN B 377 -41.88 -30.78 -33.70
N LEU B 378 -42.50 -31.45 -34.67
CA LEU B 378 -41.95 -32.70 -35.18
C LEU B 378 -40.62 -32.43 -35.87
N PHE B 379 -39.64 -33.30 -35.61
CA PHE B 379 -38.25 -33.11 -36.01
C PHE B 379 -37.69 -31.79 -35.47
N GLY B 380 -38.14 -31.39 -34.27
CA GLY B 380 -37.77 -30.09 -33.75
C GLY B 380 -36.31 -30.01 -33.35
N GLY B 381 -35.89 -30.87 -32.42
CA GLY B 381 -34.50 -30.85 -31.98
C GLY B 381 -33.54 -31.22 -33.09
N LEU B 382 -33.95 -32.12 -33.97
CA LEU B 382 -33.13 -32.49 -35.12
C LEU B 382 -32.84 -31.28 -36.00
N VAL B 383 -33.89 -30.53 -36.37
CA VAL B 383 -33.72 -29.36 -37.21
C VAL B 383 -32.96 -28.27 -36.48
N ARG B 384 -33.16 -28.16 -35.16
CA ARG B 384 -32.38 -27.17 -34.39
C ARG B 384 -30.89 -27.47 -34.43
N ASP B 385 -30.52 -28.75 -34.26
CA ASP B 385 -29.11 -29.13 -34.37
C ASP B 385 -28.59 -28.92 -35.79
N ILE B 386 -29.43 -29.21 -36.79
CA ILE B 386 -29.08 -28.98 -38.18
C ILE B 386 -28.73 -27.51 -38.42
N ARG B 387 -29.61 -26.61 -37.98
CA ARG B 387 -29.40 -25.19 -38.19
C ARG B 387 -28.25 -24.66 -37.35
N ARG B 388 -27.98 -25.29 -36.22
CA ARG B 388 -26.85 -24.88 -35.41
C ARG B 388 -25.52 -25.34 -35.99
N ARG B 389 -25.49 -26.48 -36.68
CA ARG B 389 -24.21 -27.07 -37.08
C ARG B 389 -23.85 -26.86 -38.54
N TYR B 390 -24.78 -27.01 -39.48
CA TYR B 390 -24.41 -26.91 -40.90
C TYR B 390 -23.75 -25.60 -41.34
N PRO B 391 -24.12 -24.39 -40.84
CA PRO B 391 -23.42 -23.18 -41.30
C PRO B 391 -21.93 -23.14 -40.98
N TYR B 392 -21.43 -24.10 -40.20
CA TYR B 392 -20.00 -24.20 -39.89
C TYR B 392 -19.29 -25.21 -40.80
N TYR B 393 -19.89 -25.54 -41.95
CA TYR B 393 -19.34 -26.56 -42.83
C TYR B 393 -17.98 -26.16 -43.39
N LEU B 394 -17.88 -24.93 -43.92
CA LEU B 394 -16.63 -24.47 -44.50
C LEU B 394 -15.55 -24.32 -43.45
N SER B 395 -15.92 -23.86 -42.25
CA SER B 395 -14.95 -23.75 -41.16
C SER B 395 -14.44 -25.14 -40.75
N ASP B 396 -15.33 -26.12 -40.70
CA ASP B 396 -14.91 -27.49 -40.38
C ASP B 396 -13.99 -28.04 -41.45
N ILE B 397 -14.27 -27.73 -42.72
CA ILE B 397 -13.40 -28.15 -43.80
C ILE B 397 -12.03 -27.49 -43.68
N THR B 398 -12.00 -26.21 -43.32
CA THR B 398 -10.74 -25.45 -43.30
C THR B 398 -9.85 -25.85 -42.13
N ASP B 399 -10.44 -26.03 -40.95
CA ASP B 399 -9.68 -26.13 -39.69
C ASP B 399 -8.80 -27.39 -39.56
N ALA B 400 -8.62 -28.27 -40.54
CA ALA B 400 -7.85 -29.50 -40.35
C ALA B 400 -6.52 -29.48 -41.08
N PHE B 401 -5.84 -28.35 -41.11
CA PHE B 401 -4.57 -28.22 -41.82
C PHE B 401 -3.37 -28.26 -40.87
N SER B 402 -3.58 -28.55 -39.58
CA SER B 402 -2.44 -28.59 -38.67
C SER B 402 -1.92 -30.02 -38.52
N PRO B 403 -0.62 -30.19 -38.26
CA PRO B 403 -0.07 -31.54 -38.07
C PRO B 403 -0.59 -32.26 -36.84
N GLN B 404 -1.09 -31.53 -35.83
CA GLN B 404 -1.68 -32.18 -34.66
C GLN B 404 -2.88 -33.03 -35.05
N VAL B 405 -3.61 -32.62 -36.09
CA VAL B 405 -4.71 -33.43 -36.63
C VAL B 405 -4.17 -34.75 -37.17
N LEU B 406 -3.04 -34.70 -37.88
CA LEU B 406 -2.42 -35.93 -38.38
C LEU B 406 -1.95 -36.82 -37.23
N ALA B 407 -1.43 -36.20 -36.16
CA ALA B 407 -1.04 -36.98 -34.98
C ALA B 407 -2.25 -37.68 -34.38
N ALA B 408 -3.38 -36.98 -34.30
CA ALA B 408 -4.61 -37.60 -33.83
C ALA B 408 -5.03 -38.75 -34.75
N VAL B 409 -4.89 -38.55 -36.06
CA VAL B 409 -5.28 -39.58 -37.02
C VAL B 409 -4.44 -40.85 -36.80
N ILE B 410 -3.12 -40.69 -36.74
CA ILE B 410 -2.25 -41.86 -36.62
C ILE B 410 -2.42 -42.53 -35.26
N PHE B 411 -2.66 -41.76 -34.21
CA PHE B 411 -2.81 -42.35 -32.88
C PHE B 411 -4.13 -43.11 -32.74
N ILE B 412 -5.24 -42.47 -33.09
CA ILE B 412 -6.53 -43.13 -33.01
C ILE B 412 -6.64 -44.26 -34.03
N TYR B 413 -5.85 -44.23 -35.10
CA TYR B 413 -5.81 -45.35 -36.03
C TYR B 413 -5.41 -46.64 -35.33
N PHE B 414 -4.28 -46.60 -34.61
CA PHE B 414 -3.86 -47.75 -33.82
C PHE B 414 -4.86 -48.04 -32.72
N ALA B 415 -5.32 -47.00 -32.02
CA ALA B 415 -6.22 -47.16 -30.89
C ALA B 415 -7.58 -47.73 -31.30
N ALA B 416 -7.90 -47.71 -32.59
CA ALA B 416 -9.12 -48.31 -33.09
C ALA B 416 -8.90 -49.64 -33.77
N LEU B 417 -7.73 -49.86 -34.39
CA LEU B 417 -7.49 -51.14 -35.05
C LEU B 417 -7.23 -52.23 -34.02
N SER B 418 -6.47 -51.94 -32.97
CA SER B 418 -6.12 -52.98 -32.00
C SER B 418 -7.32 -53.56 -31.25
N PRO B 419 -8.24 -52.76 -30.65
CA PRO B 419 -9.40 -53.40 -30.02
C PRO B 419 -10.32 -54.06 -31.03
N ALA B 420 -10.34 -53.55 -32.27
CA ALA B 420 -11.11 -54.20 -33.32
C ALA B 420 -10.60 -55.61 -33.57
N ILE B 421 -9.28 -55.78 -33.66
CA ILE B 421 -8.70 -57.10 -33.86
C ILE B 421 -8.98 -57.99 -32.66
N THR B 422 -8.84 -57.44 -31.45
CA THR B 422 -9.10 -58.23 -30.25
C THR B 422 -10.53 -58.74 -30.21
N PHE B 423 -11.50 -57.84 -30.39
CA PHE B 423 -12.90 -58.22 -30.36
C PHE B 423 -13.25 -59.17 -31.51
N GLY B 424 -12.65 -58.95 -32.68
CA GLY B 424 -12.91 -59.84 -33.80
C GLY B 424 -12.43 -61.25 -33.54
N GLY B 425 -11.23 -61.40 -32.97
CA GLY B 425 -10.77 -62.73 -32.59
C GLY B 425 -11.65 -63.37 -31.53
N LEU B 426 -12.07 -62.57 -30.54
CA LEU B 426 -12.92 -63.10 -29.48
C LEU B 426 -14.25 -63.62 -30.02
N LEU B 427 -14.92 -62.81 -30.85
CA LEU B 427 -16.22 -63.23 -31.36
C LEU B 427 -16.09 -64.30 -32.44
N GLY B 428 -14.95 -64.33 -33.15
CA GLY B 428 -14.72 -65.43 -34.07
C GLY B 428 -14.59 -66.76 -33.36
N GLU B 429 -13.85 -66.77 -32.25
CA GLU B 429 -13.76 -68.01 -31.48
C GLU B 429 -15.00 -68.28 -30.65
N LYS B 430 -15.87 -67.29 -30.45
CA LYS B 430 -17.06 -67.47 -29.63
C LYS B 430 -18.27 -67.92 -30.43
N THR B 431 -18.43 -67.45 -31.66
CA THR B 431 -19.65 -67.66 -32.43
C THR B 431 -19.46 -68.65 -33.58
N ARG B 432 -18.54 -69.62 -33.41
CA ARG B 432 -18.21 -70.61 -34.43
C ARG B 432 -17.81 -69.93 -35.74
N ASN B 433 -17.18 -68.76 -35.62
CA ASN B 433 -16.71 -67.97 -36.75
C ASN B 433 -17.84 -67.64 -37.72
N GLN B 434 -19.04 -67.40 -37.20
CA GLN B 434 -20.12 -66.86 -38.02
C GLN B 434 -19.77 -65.48 -38.53
N MET B 435 -19.17 -64.65 -37.67
CA MET B 435 -18.65 -63.36 -38.06
C MET B 435 -17.19 -63.31 -37.64
N GLY B 436 -16.37 -62.64 -38.41
CA GLY B 436 -14.93 -62.68 -38.22
C GLY B 436 -14.36 -61.30 -37.96
N VAL B 437 -13.29 -60.99 -38.70
CA VAL B 437 -12.55 -59.75 -38.53
C VAL B 437 -12.68 -58.84 -39.75
N SER B 438 -12.72 -59.43 -40.95
CA SER B 438 -12.81 -58.63 -42.17
C SER B 438 -14.10 -57.84 -42.22
N GLU B 439 -15.23 -58.47 -41.89
CA GLU B 439 -16.50 -57.76 -41.86
C GLU B 439 -16.47 -56.64 -40.82
N LEU B 440 -15.85 -56.90 -39.67
CA LEU B 440 -15.77 -55.89 -38.63
C LEU B 440 -14.97 -54.67 -39.09
N LEU B 441 -13.82 -54.90 -39.73
CA LEU B 441 -13.00 -53.77 -40.16
C LEU B 441 -13.69 -52.99 -41.29
N ILE B 442 -14.33 -53.70 -42.23
CA ILE B 442 -15.02 -53.03 -43.32
C ILE B 442 -16.17 -52.18 -42.78
N SER B 443 -16.96 -52.75 -41.86
CA SER B 443 -18.04 -52.00 -41.26
C SER B 443 -17.51 -50.78 -40.52
N THR B 444 -16.55 -50.99 -39.62
CA THR B 444 -15.97 -49.90 -38.83
C THR B 444 -15.51 -48.77 -39.73
N ALA B 445 -14.92 -49.11 -40.89
CA ALA B 445 -14.58 -48.10 -41.87
C ALA B 445 -15.82 -47.36 -42.37
N VAL B 446 -16.89 -48.10 -42.69
CA VAL B 446 -18.08 -47.47 -43.27
C VAL B 446 -18.75 -46.52 -42.27
N GLN B 447 -19.00 -47.01 -41.05
CA GLN B 447 -19.60 -46.12 -40.05
C GLN B 447 -18.67 -44.99 -39.66
N GLY B 448 -17.34 -45.19 -39.67
CA GLY B 448 -16.45 -44.08 -39.38
C GLY B 448 -16.52 -42.98 -40.41
N ILE B 449 -16.46 -43.34 -41.71
CA ILE B 449 -16.49 -42.31 -42.74
C ILE B 449 -17.83 -41.60 -42.76
N LEU B 450 -18.93 -42.33 -42.65
CA LEU B 450 -20.24 -41.67 -42.74
C LEU B 450 -20.54 -40.86 -41.48
N PHE B 451 -20.10 -41.33 -40.31
CA PHE B 451 -20.30 -40.56 -39.09
C PHE B 451 -19.47 -39.28 -39.10
N ALA B 452 -18.26 -39.34 -39.68
CA ALA B 452 -17.49 -38.12 -39.85
C ALA B 452 -18.16 -37.19 -40.87
N LEU B 453 -18.73 -37.76 -41.93
CA LEU B 453 -19.29 -36.94 -43.01
C LEU B 453 -20.54 -36.20 -42.55
N LEU B 454 -21.49 -36.91 -41.93
CA LEU B 454 -22.80 -36.32 -41.64
C LEU B 454 -23.14 -36.29 -40.16
N GLY B 455 -22.17 -36.49 -39.27
CA GLY B 455 -22.48 -36.45 -37.86
C GLY B 455 -22.52 -35.05 -37.30
N ALA B 456 -23.46 -34.83 -36.37
CA ALA B 456 -23.55 -33.56 -35.67
C ALA B 456 -22.31 -33.31 -34.83
N GLN B 457 -21.83 -34.34 -34.15
CA GLN B 457 -20.53 -34.31 -33.49
C GLN B 457 -19.70 -35.44 -34.08
N PRO B 458 -18.91 -35.19 -35.12
CA PRO B 458 -18.07 -36.25 -35.70
C PRO B 458 -16.81 -36.56 -34.91
N LEU B 459 -16.69 -36.08 -33.68
CA LEU B 459 -15.53 -36.30 -32.84
C LEU B 459 -15.59 -37.62 -32.07
N LEU B 460 -16.68 -38.37 -32.20
CA LEU B 460 -16.81 -39.64 -31.52
C LEU B 460 -16.18 -40.76 -32.34
N VAL B 461 -15.81 -41.85 -31.66
CA VAL B 461 -15.23 -43.03 -32.29
C VAL B 461 -16.11 -44.22 -31.95
N VAL B 462 -16.58 -44.92 -32.98
CA VAL B 462 -17.55 -46.00 -32.83
C VAL B 462 -16.84 -47.34 -32.77
N GLY B 463 -17.50 -48.32 -32.16
CA GLY B 463 -16.94 -49.66 -32.07
C GLY B 463 -17.87 -50.58 -31.32
N PHE B 464 -17.42 -51.83 -31.18
CA PHE B 464 -18.17 -52.84 -30.46
C PHE B 464 -17.79 -52.82 -28.98
N SER B 465 -18.69 -53.38 -28.15
CA SER B 465 -18.47 -53.37 -26.71
C SER B 465 -18.72 -54.73 -26.09
N GLY B 466 -18.31 -54.88 -24.83
CA GLY B 466 -18.46 -56.12 -24.10
C GLY B 466 -19.89 -56.56 -23.86
N PRO B 467 -20.74 -55.67 -23.32
CA PRO B 467 -22.17 -56.02 -23.20
C PRO B 467 -22.83 -56.36 -24.53
N LEU B 468 -22.39 -55.72 -25.62
CA LEU B 468 -22.89 -56.10 -26.94
C LEU B 468 -22.49 -57.53 -27.27
N LEU B 469 -21.26 -57.92 -26.94
CA LEU B 469 -20.82 -59.29 -27.15
C LEU B 469 -21.63 -60.26 -26.29
N VAL B 470 -21.95 -59.85 -25.05
CA VAL B 470 -22.78 -60.68 -24.18
C VAL B 470 -24.17 -60.85 -24.79
N PHE B 471 -24.72 -59.78 -25.38
CA PHE B 471 -26.00 -59.88 -26.07
C PHE B 471 -25.94 -60.84 -27.24
N GLU B 472 -24.86 -60.76 -28.03
CA GLU B 472 -24.71 -61.64 -29.17
C GLU B 472 -24.61 -63.10 -28.74
N GLU B 473 -23.83 -63.37 -27.70
CA GLU B 473 -23.70 -64.76 -27.25
C GLU B 473 -25.00 -65.27 -26.62
N ALA B 474 -25.73 -64.39 -25.93
CA ALA B 474 -27.03 -64.79 -25.37
C ALA B 474 -28.02 -65.11 -26.48
N PHE B 475 -28.04 -64.29 -27.53
CA PHE B 475 -28.93 -64.56 -28.66
C PHE B 475 -28.53 -65.85 -29.38
N PHE B 476 -27.22 -66.10 -29.51
CA PHE B 476 -26.77 -67.34 -30.11
C PHE B 476 -27.16 -68.55 -29.27
N SER B 477 -27.02 -68.45 -27.95
CA SER B 477 -27.42 -69.54 -27.07
C SER B 477 -28.92 -69.79 -27.16
N PHE B 478 -29.72 -68.73 -27.19
CA PHE B 478 -31.16 -68.86 -27.32
C PHE B 478 -31.53 -69.52 -28.64
N CYS B 479 -30.86 -69.10 -29.72
CA CYS B 479 -31.15 -69.66 -31.04
C CYS B 479 -30.79 -71.14 -31.11
N GLU B 480 -29.64 -71.52 -30.56
CA GLU B 480 -29.25 -72.92 -30.57
C GLU B 480 -30.14 -73.75 -29.66
N THR B 481 -30.60 -73.17 -28.54
CA THR B 481 -31.56 -73.85 -27.69
C THR B 481 -32.86 -74.12 -28.44
N ASN B 482 -33.33 -73.14 -29.20
CA ASN B 482 -34.54 -73.31 -29.99
C ASN B 482 -34.28 -73.90 -31.36
N GLY B 483 -33.02 -74.03 -31.77
CA GLY B 483 -32.72 -74.58 -33.08
C GLY B 483 -32.84 -73.60 -34.22
N LEU B 484 -32.82 -72.31 -33.94
CA LEU B 484 -33.03 -71.29 -34.96
C LEU B 484 -31.72 -70.77 -35.53
N GLU B 485 -31.82 -70.10 -36.67
CA GLU B 485 -30.67 -69.44 -37.25
C GLU B 485 -30.24 -68.25 -36.39
N TYR B 486 -28.93 -68.02 -36.35
CA TYR B 486 -28.41 -66.89 -35.59
C TYR B 486 -28.34 -65.62 -36.43
N ILE B 487 -27.83 -65.72 -37.66
CA ILE B 487 -27.63 -64.54 -38.50
C ILE B 487 -28.89 -64.08 -39.23
N VAL B 488 -29.92 -64.93 -39.30
CA VAL B 488 -31.10 -64.59 -40.08
C VAL B 488 -31.98 -63.60 -39.31
N GLY B 489 -32.23 -63.86 -38.02
CA GLY B 489 -33.08 -63.00 -37.22
C GLY B 489 -32.53 -61.62 -37.00
N ARG B 490 -31.23 -61.42 -37.22
CA ARG B 490 -30.61 -60.11 -37.02
C ARG B 490 -31.17 -59.07 -37.98
N VAL B 491 -31.58 -59.48 -39.19
CA VAL B 491 -32.24 -58.56 -40.11
C VAL B 491 -33.55 -58.06 -39.51
N TRP B 492 -34.33 -58.98 -38.93
CA TRP B 492 -35.59 -58.59 -38.30
C TRP B 492 -35.35 -57.71 -37.09
N ILE B 493 -34.31 -58.01 -36.30
CA ILE B 493 -33.98 -57.15 -35.15
C ILE B 493 -33.61 -55.76 -35.62
N GLY B 494 -32.89 -55.66 -36.74
CA GLY B 494 -32.65 -54.37 -37.35
C GLY B 494 -33.93 -53.66 -37.74
N PHE B 495 -34.89 -54.42 -38.26
CA PHE B 495 -36.18 -53.82 -38.63
C PHE B 495 -36.90 -53.25 -37.40
N TRP B 496 -36.96 -54.02 -36.31
CA TRP B 496 -37.62 -53.50 -35.11
C TRP B 496 -36.88 -52.31 -34.52
N LEU B 497 -35.54 -52.34 -34.51
CA LEU B 497 -34.82 -51.19 -33.96
C LEU B 497 -35.03 -49.95 -34.82
N ILE B 498 -35.13 -50.12 -36.14
CA ILE B 498 -35.39 -48.99 -37.03
C ILE B 498 -36.76 -48.38 -36.74
N LEU B 499 -37.80 -49.22 -36.71
CA LEU B 499 -39.14 -48.69 -36.47
C LEU B 499 -39.24 -48.06 -35.08
N LEU B 500 -38.56 -48.67 -34.10
CA LEU B 500 -38.62 -48.17 -32.73
C LEU B 500 -37.89 -46.85 -32.58
N VAL B 501 -36.74 -46.69 -33.27
CA VAL B 501 -36.04 -45.42 -33.16
C VAL B 501 -36.82 -44.32 -33.89
N VAL B 502 -37.51 -44.67 -34.99
CA VAL B 502 -38.41 -43.68 -35.60
C VAL B 502 -39.49 -43.27 -34.61
N LEU B 503 -40.06 -44.25 -33.90
CA LEU B 503 -41.08 -43.93 -32.90
C LEU B 503 -40.55 -43.03 -31.80
N VAL B 504 -39.34 -43.31 -31.30
CA VAL B 504 -38.81 -42.56 -30.17
C VAL B 504 -38.40 -41.15 -30.58
N VAL B 505 -37.65 -41.02 -31.68
CA VAL B 505 -37.19 -39.71 -32.13
C VAL B 505 -38.38 -38.88 -32.64
N ALA B 506 -39.49 -39.54 -33.00
CA ALA B 506 -40.69 -38.80 -33.38
C ALA B 506 -41.18 -37.91 -32.25
N PHE B 507 -40.98 -38.32 -31.00
CA PHE B 507 -41.42 -37.55 -29.85
C PHE B 507 -40.31 -36.71 -29.21
N GLU B 508 -39.11 -36.74 -29.76
CA GLU B 508 -37.96 -35.95 -29.28
C GLU B 508 -37.71 -36.21 -27.79
N GLY B 509 -37.79 -37.47 -27.38
CA GLY B 509 -37.69 -37.82 -25.97
C GLY B 509 -36.29 -37.90 -25.43
N SER B 510 -35.44 -36.92 -25.76
CA SER B 510 -34.08 -36.90 -25.26
C SER B 510 -33.94 -36.23 -23.91
N PHE B 511 -34.98 -35.52 -23.44
CA PHE B 511 -34.86 -34.69 -22.24
C PHE B 511 -34.53 -35.50 -20.99
N LEU B 512 -34.74 -36.83 -21.03
CA LEU B 512 -34.37 -37.68 -19.91
C LEU B 512 -32.88 -37.61 -19.59
N VAL B 513 -32.03 -37.29 -20.57
CA VAL B 513 -30.60 -37.18 -20.31
C VAL B 513 -30.32 -36.02 -19.36
N ARG B 514 -31.26 -35.07 -19.25
CA ARG B 514 -31.15 -33.98 -18.30
C ARG B 514 -31.10 -34.49 -16.86
N PHE B 515 -31.69 -35.65 -16.60
CA PHE B 515 -31.70 -36.19 -15.24
C PHE B 515 -30.32 -36.66 -14.80
N ILE B 516 -29.38 -36.82 -15.73
CA ILE B 516 -28.04 -37.30 -15.40
C ILE B 516 -27.21 -36.12 -14.89
N SER B 517 -26.74 -36.22 -13.66
CA SER B 517 -25.85 -35.23 -13.09
C SER B 517 -24.40 -35.66 -13.33
N ARG B 518 -23.46 -34.96 -12.71
CA ARG B 518 -22.05 -35.34 -12.86
C ARG B 518 -21.72 -36.61 -12.09
N TYR B 519 -22.49 -36.91 -11.04
CA TYR B 519 -22.24 -38.08 -10.20
C TYR B 519 -22.30 -39.37 -11.03
N THR B 520 -23.41 -39.57 -11.74
CA THR B 520 -23.59 -40.78 -12.54
C THR B 520 -22.60 -40.82 -13.69
N GLN B 521 -22.33 -39.66 -14.31
CA GLN B 521 -21.39 -39.60 -15.41
C GLN B 521 -19.99 -40.03 -14.97
N GLU B 522 -19.51 -39.46 -13.86
CA GLU B 522 -18.17 -39.78 -13.41
C GLU B 522 -18.07 -41.20 -12.88
N ILE B 523 -19.12 -41.72 -12.24
CA ILE B 523 -19.05 -43.10 -11.75
C ILE B 523 -19.02 -44.07 -12.93
N PHE B 524 -19.80 -43.80 -13.99
CA PHE B 524 -19.77 -44.65 -15.17
C PHE B 524 -18.40 -44.60 -15.86
N SER B 525 -17.86 -43.38 -16.01
CA SER B 525 -16.55 -43.24 -16.62
C SER B 525 -15.47 -43.94 -15.81
N PHE B 526 -15.54 -43.82 -14.47
CA PHE B 526 -14.55 -44.46 -13.62
C PHE B 526 -14.62 -45.98 -13.71
N LEU B 527 -15.84 -46.54 -13.71
CA LEU B 527 -15.95 -47.99 -13.81
C LEU B 527 -15.44 -48.48 -15.17
N ILE B 528 -15.74 -47.74 -16.24
CA ILE B 528 -15.25 -48.13 -17.56
C ILE B 528 -13.72 -48.09 -17.58
N SER B 529 -13.13 -47.03 -17.02
CA SER B 529 -11.68 -46.88 -17.02
C SER B 529 -11.02 -48.01 -16.24
N LEU B 530 -11.54 -48.29 -15.04
CA LEU B 530 -10.95 -49.35 -14.21
C LEU B 530 -11.11 -50.71 -14.88
N ILE B 531 -12.26 -50.96 -15.51
CA ILE B 531 -12.47 -52.22 -16.20
C ILE B 531 -11.46 -52.39 -17.33
N PHE B 532 -11.23 -51.34 -18.11
CA PHE B 532 -10.30 -51.48 -19.23
C PHE B 532 -8.85 -51.61 -18.77
N ILE B 533 -8.47 -50.92 -17.69
CA ILE B 533 -7.14 -51.13 -17.13
C ILE B 533 -6.97 -52.56 -16.65
N TYR B 534 -8.00 -53.11 -16.00
CA TYR B 534 -7.98 -54.51 -15.58
C TYR B 534 -7.84 -55.43 -16.78
N GLU B 535 -8.51 -55.10 -17.89
CA GLU B 535 -8.37 -55.91 -19.11
C GLU B 535 -6.95 -55.88 -19.65
N THR B 536 -6.31 -54.71 -19.63
CA THR B 536 -4.93 -54.62 -20.11
C THR B 536 -3.99 -55.49 -19.28
N PHE B 537 -4.07 -55.36 -17.96
CA PHE B 537 -3.23 -56.23 -17.14
C PHE B 537 -3.61 -57.70 -17.26
N SER B 538 -4.89 -58.01 -17.48
CA SER B 538 -5.28 -59.39 -17.71
C SER B 538 -4.64 -59.93 -18.99
N LYS B 539 -4.59 -59.11 -20.04
CA LYS B 539 -3.92 -59.50 -21.28
C LYS B 539 -2.45 -59.80 -21.02
N LEU B 540 -1.77 -58.89 -20.31
CA LEU B 540 -0.34 -59.10 -20.03
C LEU B 540 -0.11 -60.35 -19.20
N ILE B 541 -0.94 -60.56 -18.18
CA ILE B 541 -0.79 -61.73 -17.32
C ILE B 541 -1.04 -63.02 -18.10
N LYS B 542 -2.04 -63.02 -18.97
CA LYS B 542 -2.32 -64.22 -19.76
C LYS B 542 -1.18 -64.53 -20.72
N ILE B 543 -0.64 -63.51 -21.39
CA ILE B 543 0.49 -63.74 -22.30
C ILE B 543 1.70 -64.24 -21.53
N PHE B 544 1.92 -63.72 -20.32
CA PHE B 544 2.99 -64.25 -19.48
C PHE B 544 2.72 -65.70 -19.10
N GLN B 545 1.45 -66.03 -18.81
CA GLN B 545 1.09 -67.37 -18.40
C GLN B 545 1.27 -68.39 -19.52
N ASP B 546 1.10 -67.97 -20.76
CA ASP B 546 1.19 -68.91 -21.88
C ASP B 546 2.59 -69.46 -22.04
N HIS B 547 3.61 -68.73 -21.59
CA HIS B 547 5.00 -69.17 -21.64
C HIS B 547 5.60 -69.06 -20.25
N PRO B 548 5.38 -70.05 -19.39
CA PRO B 548 5.94 -70.00 -18.04
C PRO B 548 7.46 -70.15 -18.04
N LEU B 549 8.08 -69.92 -16.89
CA LEU B 549 9.53 -69.95 -16.75
C LEU B 549 9.93 -71.30 -16.17
N GLN B 550 10.51 -72.15 -17.02
CA GLN B 550 11.09 -73.41 -16.60
C GLN B 550 12.61 -73.28 -16.58
N LYS B 551 13.28 -74.39 -16.31
CA LYS B 551 14.74 -74.44 -16.38
C LYS B 551 15.24 -74.96 -17.72
N THR B 552 14.53 -75.90 -18.33
CA THR B 552 14.91 -76.48 -19.61
C THR B 552 13.72 -76.50 -20.54
N TYR B 553 13.99 -76.34 -21.84
CA TYR B 553 12.96 -76.32 -22.87
C TYR B 553 13.37 -77.22 -24.02
N ASN B 554 12.41 -77.97 -24.55
CA ASN B 554 12.65 -78.78 -25.73
C ASN B 554 12.43 -77.95 -26.99
N TYR B 555 13.37 -78.07 -27.94
CA TYR B 555 13.38 -77.23 -29.12
C TYR B 555 12.76 -77.90 -30.34
N ASN B 556 12.19 -79.08 -30.19
CA ASN B 556 11.48 -79.75 -31.28
C ASN B 556 9.98 -79.52 -31.15
N VAL B 557 9.60 -78.25 -31.25
CA VAL B 557 8.22 -77.82 -31.19
C VAL B 557 7.95 -76.86 -32.34
N LEU B 558 6.86 -77.08 -33.07
CA LEU B 558 6.56 -76.31 -34.27
C LEU B 558 5.85 -75.00 -33.92
N MET B 559 6.13 -73.95 -34.70
CA MET B 559 5.69 -72.60 -34.39
C MET B 559 4.89 -71.97 -35.53
N VAL B 560 4.54 -72.74 -36.57
CA VAL B 560 3.91 -72.15 -37.76
C VAL B 560 2.53 -71.57 -37.48
N PRO B 561 1.56 -72.32 -36.90
CA PRO B 561 0.22 -71.74 -36.75
C PRO B 561 0.10 -70.81 -35.54
N LYS B 562 0.83 -71.13 -34.48
CA LYS B 562 0.70 -70.46 -33.19
C LYS B 562 1.90 -70.86 -32.33
N PRO B 563 2.32 -70.03 -31.38
CA PRO B 563 3.32 -70.51 -30.40
C PRO B 563 2.77 -71.59 -29.49
N GLN B 564 3.28 -72.82 -29.64
CA GLN B 564 2.94 -73.92 -28.75
C GLN B 564 4.00 -74.06 -27.67
N GLY B 565 3.57 -74.11 -26.42
CA GLY B 565 4.48 -74.38 -25.33
C GLY B 565 5.22 -73.14 -24.86
N PRO B 566 5.94 -73.27 -23.75
CA PRO B 566 6.73 -72.14 -23.25
C PRO B 566 7.89 -71.81 -24.17
N LEU B 567 8.27 -70.54 -24.17
CA LEU B 567 9.42 -70.04 -24.89
C LEU B 567 10.30 -69.24 -23.94
N PRO B 568 11.62 -69.25 -24.14
CA PRO B 568 12.52 -68.71 -23.11
C PRO B 568 12.39 -67.21 -22.88
N ASN B 569 12.50 -66.41 -23.94
CA ASN B 569 12.69 -64.96 -23.79
C ASN B 569 11.57 -64.14 -24.43
N THR B 570 10.36 -64.68 -24.53
CA THR B 570 9.32 -63.95 -25.24
C THR B 570 8.50 -63.06 -24.31
N ALA B 571 7.88 -63.64 -23.28
CA ALA B 571 6.90 -62.91 -22.48
C ALA B 571 7.54 -61.77 -21.71
N LEU B 572 8.70 -62.00 -21.12
CA LEU B 572 9.32 -60.92 -20.35
C LEU B 572 9.92 -59.87 -21.27
N LEU B 573 10.31 -60.23 -22.49
CA LEU B 573 10.66 -59.22 -23.48
C LEU B 573 9.45 -58.35 -23.83
N SER B 574 8.27 -58.95 -23.94
CA SER B 574 7.07 -58.16 -24.14
C SER B 574 6.83 -57.22 -22.96
N LEU B 575 7.07 -57.71 -21.74
CA LEU B 575 6.97 -56.86 -20.55
C LEU B 575 7.95 -55.70 -20.63
N VAL B 576 9.17 -55.97 -21.07
CA VAL B 576 10.18 -54.92 -21.21
C VAL B 576 9.75 -53.90 -22.25
N LEU B 577 9.15 -54.36 -23.35
CA LEU B 577 8.64 -53.44 -24.36
C LEU B 577 7.57 -52.54 -23.78
N MET B 578 6.63 -53.11 -23.03
CA MET B 578 5.59 -52.32 -22.36
C MET B 578 6.21 -51.25 -21.46
N ALA B 579 7.13 -51.68 -20.59
CA ALA B 579 7.70 -50.78 -19.60
C ALA B 579 8.50 -49.66 -20.27
N GLY B 580 9.31 -50.00 -21.27
CA GLY B 580 10.09 -48.98 -21.96
C GLY B 580 9.21 -48.00 -22.72
N THR B 581 8.19 -48.50 -23.41
CA THR B 581 7.29 -47.62 -24.14
C THR B 581 6.59 -46.64 -23.20
N PHE B 582 6.05 -47.16 -22.10
CA PHE B 582 5.32 -46.30 -21.17
C PHE B 582 6.25 -45.29 -20.50
N PHE B 583 7.45 -45.73 -20.12
CA PHE B 583 8.41 -44.84 -19.47
C PHE B 583 8.83 -43.72 -20.42
N PHE B 584 9.13 -44.05 -21.67
CA PHE B 584 9.50 -43.03 -22.65
C PHE B 584 8.35 -42.07 -22.90
N ALA B 585 7.13 -42.59 -22.99
CA ALA B 585 5.98 -41.73 -23.24
C ALA B 585 5.76 -40.74 -22.10
N MET B 586 5.83 -41.21 -20.86
CA MET B 586 5.66 -40.31 -19.72
C MET B 586 6.82 -39.33 -19.58
N MET B 587 8.05 -39.77 -19.85
CA MET B 587 9.16 -38.83 -19.79
C MET B 587 9.00 -37.73 -20.83
N LEU B 588 8.58 -38.11 -22.05
CA LEU B 588 8.35 -37.12 -23.10
C LEU B 588 7.22 -36.16 -22.72
N ARG B 589 6.12 -36.69 -22.19
CA ARG B 589 4.99 -35.83 -21.86
C ARG B 589 5.34 -34.87 -20.73
N LYS B 590 6.07 -35.34 -19.73
CA LYS B 590 6.49 -34.46 -18.64
C LYS B 590 7.48 -33.41 -19.13
N PHE B 591 8.37 -33.79 -20.05
CA PHE B 591 9.32 -32.85 -20.62
C PHE B 591 8.64 -31.85 -21.56
N LYS B 592 7.46 -32.20 -22.09
CA LYS B 592 6.78 -31.34 -23.06
C LYS B 592 6.47 -29.96 -22.49
N ASN B 593 6.17 -29.87 -21.20
CA ASN B 593 5.89 -28.59 -20.57
C ASN B 593 7.10 -28.01 -19.84
N SER B 594 8.31 -28.44 -20.19
CA SER B 594 9.51 -27.93 -19.55
C SER B 594 9.95 -26.63 -20.21
N SER B 595 11.15 -26.16 -19.86
CA SER B 595 11.73 -24.94 -20.40
C SER B 595 13.18 -25.19 -20.81
N TYR B 596 13.40 -26.28 -21.54
CA TYR B 596 14.74 -26.67 -21.97
C TYR B 596 15.04 -26.25 -23.39
N PHE B 597 14.04 -25.99 -24.21
CA PHE B 597 14.21 -25.71 -25.63
C PHE B 597 13.38 -24.49 -25.98
N PRO B 598 13.68 -23.84 -27.11
CA PRO B 598 12.80 -22.78 -27.61
C PRO B 598 11.41 -23.32 -27.90
N GLY B 599 10.42 -22.41 -27.82
CA GLY B 599 9.03 -22.81 -27.88
C GLY B 599 8.65 -23.53 -29.16
N LYS B 600 9.22 -23.11 -30.29
CA LYS B 600 8.94 -23.77 -31.56
C LYS B 600 9.38 -25.23 -31.54
N LEU B 601 10.63 -25.48 -31.13
CA LEU B 601 11.15 -26.84 -31.08
C LEU B 601 10.40 -27.66 -30.03
N ARG B 602 10.02 -27.03 -28.93
CA ARG B 602 9.26 -27.73 -27.89
C ARG B 602 7.89 -28.16 -28.40
N ARG B 603 7.20 -27.29 -29.13
CA ARG B 603 5.91 -27.67 -29.72
C ARG B 603 6.08 -28.76 -30.76
N VAL B 604 7.15 -28.67 -31.57
CA VAL B 604 7.41 -29.69 -32.59
C VAL B 604 7.62 -31.05 -31.93
N ILE B 605 8.39 -31.08 -30.84
CA ILE B 605 8.58 -32.32 -30.10
C ILE B 605 7.26 -32.82 -29.52
N GLY B 606 6.47 -31.92 -28.93
CA GLY B 606 5.25 -32.32 -28.26
C GLY B 606 4.14 -32.78 -29.18
N ASP B 607 4.19 -32.41 -30.47
CA ASP B 607 3.10 -32.74 -31.37
C ASP B 607 3.00 -34.24 -31.68
N PHE B 608 4.11 -34.97 -31.72
CA PHE B 608 4.11 -36.34 -32.22
C PHE B 608 4.91 -37.28 -31.34
N GLY B 609 4.78 -37.14 -30.01
CA GLY B 609 5.61 -37.94 -29.11
C GLY B 609 5.31 -39.43 -29.16
N VAL B 610 4.02 -39.78 -29.14
CA VAL B 610 3.64 -41.19 -29.12
C VAL B 610 4.08 -41.94 -30.38
N PRO B 611 3.85 -41.44 -31.61
CA PRO B 611 4.43 -42.13 -32.76
C PRO B 611 5.95 -42.19 -32.75
N ILE B 612 6.62 -41.20 -32.16
CA ILE B 612 8.08 -41.27 -32.03
C ILE B 612 8.50 -42.44 -31.17
N SER B 613 7.84 -42.60 -30.01
CA SER B 613 8.13 -43.75 -29.16
C SER B 613 7.78 -45.06 -29.84
N ILE B 614 6.70 -45.05 -30.63
CA ILE B 614 6.30 -46.24 -31.38
C ILE B 614 7.38 -46.64 -32.36
N LEU B 615 7.92 -45.66 -33.10
CA LEU B 615 8.99 -45.93 -34.05
C LEU B 615 10.25 -46.44 -33.35
N ILE B 616 10.57 -45.87 -32.19
CA ILE B 616 11.75 -46.31 -31.46
C ILE B 616 11.59 -47.77 -31.04
N MET B 617 10.42 -48.12 -30.51
CA MET B 617 10.18 -49.49 -30.08
C MET B 617 10.16 -50.44 -31.27
N VAL B 618 9.61 -50.01 -32.40
CA VAL B 618 9.57 -50.86 -33.59
C VAL B 618 10.97 -51.13 -34.10
N LEU B 619 11.83 -50.11 -34.16
CA LEU B 619 13.20 -50.33 -34.63
C LEU B 619 13.98 -51.20 -33.65
N VAL B 620 13.73 -51.04 -32.35
CA VAL B 620 14.36 -51.92 -31.36
C VAL B 620 13.94 -53.37 -31.60
N ASP B 621 12.65 -53.60 -31.85
CA ASP B 621 12.18 -54.96 -32.13
C ASP B 621 12.80 -55.50 -33.41
N PHE B 622 12.87 -54.67 -34.45
CA PHE B 622 13.43 -55.13 -35.72
C PHE B 622 14.91 -55.44 -35.62
N PHE B 623 15.63 -54.74 -34.74
CA PHE B 623 17.05 -55.02 -34.57
C PHE B 623 17.28 -56.41 -33.95
N ILE B 624 16.38 -56.85 -33.09
CA ILE B 624 16.49 -58.18 -32.49
C ILE B 624 16.01 -59.22 -33.50
N GLN B 625 16.79 -60.28 -33.66
CA GLN B 625 16.53 -61.30 -34.67
C GLN B 625 16.08 -62.64 -34.09
N ASP B 626 16.65 -63.05 -32.96
CA ASP B 626 16.49 -64.43 -32.50
C ASP B 626 15.12 -64.67 -31.90
N THR B 627 14.76 -63.94 -30.84
CA THR B 627 13.55 -64.23 -30.11
C THR B 627 12.31 -63.80 -30.90
N TYR B 628 11.26 -64.61 -30.81
CA TYR B 628 10.00 -64.36 -31.49
C TYR B 628 9.03 -63.63 -30.58
N THR B 629 8.34 -62.62 -31.13
CA THR B 629 7.26 -61.94 -30.45
C THR B 629 6.04 -61.92 -31.37
N GLN B 630 4.86 -62.06 -30.78
CA GLN B 630 3.65 -62.13 -31.58
C GLN B 630 3.36 -60.78 -32.24
N LYS B 631 3.00 -60.85 -33.52
CA LYS B 631 2.74 -59.67 -34.32
C LYS B 631 1.28 -59.65 -34.77
N LEU B 632 0.93 -58.59 -35.49
CA LEU B 632 -0.45 -58.37 -35.89
C LEU B 632 -0.86 -59.35 -36.99
N SER B 633 -2.13 -59.76 -36.94
CA SER B 633 -2.72 -60.64 -37.94
C SER B 633 -3.94 -59.96 -38.53
N VAL B 634 -3.99 -59.90 -39.86
CA VAL B 634 -5.06 -59.21 -40.57
C VAL B 634 -5.57 -60.12 -41.69
N PRO B 635 -6.82 -59.92 -42.13
CA PRO B 635 -7.33 -60.72 -43.24
C PRO B 635 -6.54 -60.51 -44.51
N ASP B 636 -6.49 -61.56 -45.34
CA ASP B 636 -5.81 -61.46 -46.62
C ASP B 636 -6.53 -60.50 -47.56
N GLY B 637 -7.87 -60.54 -47.58
CA GLY B 637 -8.64 -59.71 -48.49
C GLY B 637 -10.01 -59.43 -47.93
N PHE B 638 -10.86 -58.86 -48.78
CA PHE B 638 -12.24 -58.51 -48.41
C PHE B 638 -13.15 -59.73 -48.55
N LYS B 639 -12.88 -60.75 -47.74
CA LYS B 639 -13.56 -62.03 -47.84
C LYS B 639 -14.26 -62.40 -46.52
N VAL B 640 -15.27 -63.26 -46.64
CA VAL B 640 -16.05 -63.71 -45.49
C VAL B 640 -15.35 -64.86 -44.75
N SER B 641 -15.74 -65.03 -43.49
CA SER B 641 -15.10 -66.07 -42.65
C SER B 641 -15.56 -67.44 -43.15
N ASN B 642 -16.85 -67.71 -43.08
CA ASN B 642 -17.38 -69.02 -43.53
C ASN B 642 -17.00 -69.27 -44.99
N SER B 643 -17.30 -68.32 -45.87
CA SER B 643 -17.04 -68.54 -47.32
C SER B 643 -17.53 -69.95 -47.67
N SER B 644 -18.61 -70.39 -47.03
CA SER B 644 -19.15 -71.75 -47.24
C SER B 644 -20.63 -71.78 -46.88
N ALA B 645 -20.98 -71.30 -45.68
CA ALA B 645 -22.37 -71.24 -45.27
C ALA B 645 -22.90 -69.81 -45.24
N ARG B 646 -22.23 -68.88 -45.91
CA ARG B 646 -22.69 -67.49 -45.94
C ARG B 646 -22.40 -66.90 -47.31
N GLY B 647 -23.01 -65.74 -47.54
CA GLY B 647 -22.79 -64.97 -48.74
C GLY B 647 -22.71 -63.49 -48.41
N TRP B 648 -22.63 -62.67 -49.46
CA TRP B 648 -22.62 -61.23 -49.26
C TRP B 648 -23.95 -60.72 -48.72
N VAL B 649 -25.06 -61.30 -49.17
CA VAL B 649 -26.39 -60.91 -48.75
C VAL B 649 -27.09 -62.11 -48.12
N ILE B 650 -27.71 -61.89 -46.97
CA ILE B 650 -28.45 -62.92 -46.26
C ILE B 650 -29.93 -62.73 -46.55
N HIS B 651 -30.59 -63.79 -47.01
CA HIS B 651 -32.01 -63.71 -47.27
C HIS B 651 -32.76 -63.67 -45.94
N PRO B 652 -33.54 -62.62 -45.68
CA PRO B 652 -34.22 -62.52 -44.38
C PRO B 652 -35.29 -63.57 -44.18
N LEU B 653 -35.93 -64.02 -45.26
CA LEU B 653 -37.01 -65.00 -45.13
C LEU B 653 -36.51 -66.35 -44.64
N GLY B 654 -35.31 -66.74 -45.05
CA GLY B 654 -34.74 -68.00 -44.62
C GLY B 654 -33.63 -68.48 -45.52
N LEU B 655 -32.57 -69.02 -44.92
CA LEU B 655 -31.44 -69.51 -45.70
C LEU B 655 -31.68 -70.95 -46.16
N ARG B 656 -31.91 -71.85 -45.22
CA ARG B 656 -32.20 -73.24 -45.54
C ARG B 656 -33.68 -73.60 -45.33
N SER B 657 -34.33 -73.02 -44.33
CA SER B 657 -35.77 -73.16 -44.17
C SER B 657 -36.36 -71.84 -43.69
N GLU B 658 -37.69 -71.76 -43.74
CA GLU B 658 -38.38 -70.52 -43.43
C GLU B 658 -38.28 -70.18 -41.94
N PHE B 659 -38.24 -68.89 -41.66
CA PHE B 659 -38.09 -68.30 -40.33
C PHE B 659 -39.44 -68.33 -39.60
N PRO B 660 -39.46 -68.81 -38.35
CA PRO B 660 -40.75 -69.10 -37.69
C PRO B 660 -41.63 -67.87 -37.50
N ILE B 661 -42.93 -68.11 -37.61
CA ILE B 661 -43.93 -67.05 -37.50
C ILE B 661 -44.03 -66.55 -36.06
N TRP B 662 -43.98 -67.46 -35.09
CA TRP B 662 -44.08 -67.05 -33.69
C TRP B 662 -42.84 -66.27 -33.27
N MET B 663 -41.69 -66.61 -33.86
CA MET B 663 -40.53 -65.71 -33.75
C MET B 663 -40.79 -64.37 -34.42
N MET B 664 -41.45 -64.36 -35.58
CA MET B 664 -41.77 -63.10 -36.24
C MET B 664 -42.65 -62.21 -35.36
N PHE B 665 -43.51 -62.80 -34.55
CA PHE B 665 -44.37 -62.01 -33.68
C PHE B 665 -43.77 -61.73 -32.30
N ALA B 666 -42.80 -62.53 -31.85
CA ALA B 666 -42.29 -62.41 -30.48
C ALA B 666 -40.83 -61.97 -30.39
N SER B 667 -40.15 -61.73 -31.52
CA SER B 667 -38.73 -61.42 -31.46
C SER B 667 -38.45 -59.94 -31.26
N ALA B 668 -39.49 -59.11 -31.09
CA ALA B 668 -39.27 -57.68 -30.90
C ALA B 668 -38.64 -57.38 -29.54
N LEU B 669 -38.78 -58.28 -28.57
CA LEU B 669 -38.35 -58.01 -27.20
C LEU B 669 -36.85 -57.71 -27.07
N PRO B 670 -35.92 -58.50 -27.62
CA PRO B 670 -34.50 -58.13 -27.49
C PRO B 670 -34.15 -56.83 -28.19
N ALA B 671 -34.92 -56.43 -29.21
CA ALA B 671 -34.67 -55.15 -29.86
C ALA B 671 -34.86 -54.00 -28.88
N LEU B 672 -35.86 -54.10 -28.00
CA LEU B 672 -36.05 -53.09 -26.96
C LEU B 672 -34.81 -52.94 -26.10
N LEU B 673 -34.26 -54.06 -25.62
CA LEU B 673 -33.15 -53.98 -24.67
C LEU B 673 -31.87 -53.53 -25.37
N VAL B 674 -31.63 -53.98 -26.60
CA VAL B 674 -30.43 -53.54 -27.30
C VAL B 674 -30.53 -52.06 -27.66
N PHE B 675 -31.72 -51.59 -28.02
CA PHE B 675 -31.91 -50.16 -28.24
C PHE B 675 -31.68 -49.37 -26.97
N ILE B 676 -32.16 -49.89 -25.84
CA ILE B 676 -31.94 -49.23 -24.56
C ILE B 676 -30.45 -49.11 -24.28
N LEU B 677 -29.70 -50.20 -24.50
CA LEU B 677 -28.27 -50.19 -24.27
C LEU B 677 -27.56 -49.16 -25.13
N ILE B 678 -27.79 -49.20 -26.44
CA ILE B 678 -27.08 -48.31 -27.36
C ILE B 678 -27.49 -46.86 -27.11
N PHE B 679 -28.78 -46.63 -26.83
CA PHE B 679 -29.28 -45.29 -26.54
C PHE B 679 -28.60 -44.71 -25.31
N LEU B 680 -28.62 -45.44 -24.19
CA LEU B 680 -28.05 -44.93 -22.96
C LEU B 680 -26.55 -44.69 -23.11
N GLU B 681 -25.84 -45.65 -23.72
CA GLU B 681 -24.39 -45.51 -23.83
C GLU B 681 -24.02 -44.35 -24.75
N SER B 682 -24.72 -44.22 -25.88
CA SER B 682 -24.43 -43.14 -26.81
C SER B 682 -24.72 -41.77 -26.20
N GLN B 683 -25.84 -41.64 -25.48
CA GLN B 683 -26.15 -40.35 -24.89
C GLN B 683 -25.20 -40.00 -23.75
N ILE B 684 -24.77 -41.00 -22.97
CA ILE B 684 -23.76 -40.76 -21.95
C ILE B 684 -22.46 -40.29 -22.59
N THR B 685 -22.06 -40.94 -23.69
CA THR B 685 -20.86 -40.52 -24.41
C THR B 685 -21.00 -39.09 -24.93
N THR B 686 -22.19 -38.75 -25.44
CA THR B 686 -22.42 -37.42 -25.95
C THR B 686 -22.33 -36.38 -24.85
N LEU B 687 -22.81 -36.73 -23.65
CA LEU B 687 -22.62 -35.85 -22.50
C LEU B 687 -21.15 -35.69 -22.17
N ILE B 688 -20.38 -36.77 -22.28
CA ILE B 688 -18.95 -36.71 -21.97
C ILE B 688 -18.23 -35.77 -22.92
N VAL B 689 -18.45 -35.94 -24.23
CA VAL B 689 -17.65 -35.22 -25.22
C VAL B 689 -18.01 -33.74 -25.24
N SER B 690 -19.29 -33.41 -25.06
CA SER B 690 -19.78 -32.06 -25.33
C SER B 690 -19.86 -31.19 -24.07
N LYS B 691 -19.07 -31.49 -23.05
CA LYS B 691 -19.05 -30.63 -21.88
C LYS B 691 -18.32 -29.33 -22.20
N PRO B 692 -18.84 -28.20 -21.72
CA PRO B 692 -18.22 -26.90 -22.06
C PRO B 692 -16.86 -26.68 -21.42
N GLU B 693 -16.46 -27.50 -20.45
CA GLU B 693 -15.20 -27.29 -19.75
C GLU B 693 -14.00 -27.38 -20.68
N ARG B 694 -14.05 -28.27 -21.67
CA ARG B 694 -12.93 -28.42 -22.60
C ARG B 694 -13.08 -27.47 -23.79
N LYS B 695 -13.36 -26.21 -23.47
CA LYS B 695 -13.43 -25.10 -24.43
C LYS B 695 -14.28 -25.47 -25.66
N MET B 696 -15.52 -25.84 -25.38
CA MET B 696 -16.44 -26.31 -26.41
C MET B 696 -16.93 -25.07 -27.16
N VAL B 697 -16.46 -24.89 -28.39
CA VAL B 697 -16.68 -23.63 -29.10
C VAL B 697 -17.95 -23.65 -29.93
N LYS B 698 -18.02 -24.52 -30.94
CA LYS B 698 -19.15 -24.56 -31.84
C LYS B 698 -20.30 -25.35 -31.22
N GLY B 699 -21.38 -25.48 -31.97
CA GLY B 699 -22.52 -26.24 -31.49
C GLY B 699 -22.23 -27.73 -31.40
N SER B 700 -22.91 -28.38 -30.46
CA SER B 700 -22.77 -29.81 -30.23
C SER B 700 -24.12 -30.49 -30.37
N GLY B 701 -24.14 -31.63 -31.06
CA GLY B 701 -25.36 -32.33 -31.36
C GLY B 701 -25.55 -33.61 -30.54
N PHE B 702 -26.81 -33.94 -30.28
CA PHE B 702 -27.20 -35.17 -29.60
C PHE B 702 -28.08 -36.05 -30.47
N HIS B 703 -29.11 -35.48 -31.10
CA HIS B 703 -30.11 -36.28 -31.80
C HIS B 703 -29.58 -36.84 -33.11
N LEU B 704 -28.84 -36.02 -33.87
CA LEU B 704 -28.45 -36.42 -35.23
C LEU B 704 -27.51 -37.62 -35.22
N ASP B 705 -26.49 -37.58 -34.35
CA ASP B 705 -25.57 -38.70 -34.27
C ASP B 705 -26.27 -39.98 -33.82
N LEU B 706 -27.17 -39.85 -32.84
CA LEU B 706 -27.92 -41.01 -32.35
C LEU B 706 -28.77 -41.62 -33.46
N LEU B 707 -29.51 -40.79 -34.18
CA LEU B 707 -30.37 -41.29 -35.26
C LEU B 707 -29.53 -41.95 -36.35
N LEU B 708 -28.40 -41.32 -36.71
CA LEU B 708 -27.54 -41.89 -37.73
C LEU B 708 -26.99 -43.24 -37.31
N VAL B 709 -26.54 -43.35 -36.05
CA VAL B 709 -25.96 -44.60 -35.56
C VAL B 709 -27.01 -45.71 -35.56
N VAL B 710 -28.23 -45.40 -35.09
CA VAL B 710 -29.23 -46.46 -35.00
C VAL B 710 -29.70 -46.89 -36.38
N GLY B 711 -29.93 -45.92 -37.29
CA GLY B 711 -30.32 -46.28 -38.65
C GLY B 711 -29.24 -47.06 -39.37
N MET B 712 -27.97 -46.69 -39.16
CA MET B 712 -26.89 -47.42 -39.78
C MET B 712 -26.71 -48.80 -39.17
N GLY B 713 -26.97 -48.96 -37.87
CA GLY B 713 -26.99 -50.29 -37.29
C GLY B 713 -28.07 -51.16 -37.90
N GLY B 714 -29.25 -50.57 -38.14
CA GLY B 714 -30.31 -51.31 -38.80
C GLY B 714 -29.93 -51.75 -40.21
N VAL B 715 -29.39 -50.82 -41.00
CA VAL B 715 -29.05 -51.18 -42.38
C VAL B 715 -27.85 -52.13 -42.42
N ALA B 716 -26.97 -52.07 -41.42
CA ALA B 716 -25.91 -53.06 -41.31
C ALA B 716 -26.47 -54.43 -40.96
N ALA B 717 -27.48 -54.47 -40.07
CA ALA B 717 -28.17 -55.70 -39.76
C ALA B 717 -28.90 -56.26 -40.98
N LEU B 718 -29.27 -55.39 -41.93
CA LEU B 718 -29.79 -55.87 -43.21
C LEU B 718 -28.74 -56.71 -43.94
N PHE B 719 -27.48 -56.28 -43.89
CA PHE B 719 -26.38 -57.03 -44.50
C PHE B 719 -25.88 -58.17 -43.63
N GLY B 720 -26.45 -58.36 -42.44
CA GLY B 720 -25.98 -59.35 -41.50
C GLY B 720 -24.89 -58.86 -40.57
N MET B 721 -24.38 -57.65 -40.79
CA MET B 721 -23.34 -57.06 -39.96
C MET B 721 -23.91 -56.64 -38.61
N PRO B 722 -23.20 -56.93 -37.52
CA PRO B 722 -23.62 -56.43 -36.21
C PRO B 722 -23.49 -54.92 -36.11
N TRP B 723 -24.16 -54.39 -35.10
CA TRP B 723 -24.25 -52.96 -34.86
C TRP B 723 -23.03 -52.44 -34.11
N LEU B 724 -22.73 -51.17 -34.32
CA LEU B 724 -21.62 -50.49 -33.66
C LEU B 724 -22.11 -49.20 -33.02
N SER B 725 -21.35 -48.73 -32.03
CA SER B 725 -21.74 -47.52 -31.31
C SER B 725 -20.47 -46.84 -30.80
N ALA B 726 -20.61 -45.58 -30.42
CA ALA B 726 -19.47 -44.80 -29.95
C ALA B 726 -18.92 -45.37 -28.66
N THR B 727 -17.60 -45.42 -28.58
CA THR B 727 -16.91 -45.96 -27.41
C THR B 727 -16.41 -44.82 -26.53
N THR B 728 -16.54 -45.00 -25.21
CA THR B 728 -16.23 -43.93 -24.27
C THR B 728 -14.75 -43.61 -24.26
N VAL B 729 -13.91 -44.63 -24.10
CA VAL B 729 -12.47 -44.42 -23.96
C VAL B 729 -11.88 -43.84 -25.23
N ARG B 730 -12.29 -44.37 -26.39
CA ARG B 730 -11.81 -43.85 -27.66
C ARG B 730 -12.25 -42.40 -27.85
N SER B 731 -13.48 -42.07 -27.44
CA SER B 731 -13.96 -40.70 -27.60
C SER B 731 -13.21 -39.72 -26.71
N VAL B 732 -12.99 -40.07 -25.44
CA VAL B 732 -12.29 -39.16 -24.55
C VAL B 732 -10.82 -39.03 -24.98
N THR B 733 -10.23 -40.11 -25.46
CA THR B 733 -8.87 -40.04 -25.98
C THR B 733 -8.80 -39.15 -27.21
N HIS B 734 -9.79 -39.26 -28.10
CA HIS B 734 -9.86 -38.39 -29.28
C HIS B 734 -9.98 -36.93 -28.87
N ALA B 735 -10.82 -36.64 -27.87
CA ALA B 735 -10.95 -35.27 -27.38
C ALA B 735 -9.64 -34.77 -26.77
N ASN B 736 -8.91 -35.66 -26.10
CA ASN B 736 -7.63 -35.29 -25.53
C ASN B 736 -6.59 -35.01 -26.61
N ALA B 737 -6.65 -35.73 -27.73
CA ALA B 737 -5.64 -35.58 -28.78
C ALA B 737 -5.68 -34.20 -29.41
N LEU B 738 -6.87 -33.68 -29.69
CA LEU B 738 -7.01 -32.41 -30.40
C LEU B 738 -7.16 -31.26 -29.41
N THR B 739 -6.13 -31.07 -28.57
CA THR B 739 -6.17 -30.08 -27.50
C THR B 739 -4.99 -29.14 -27.64
N VAL B 740 -5.26 -27.83 -27.64
CA VAL B 740 -4.24 -26.80 -27.59
C VAL B 740 -4.20 -26.28 -26.16
N MET B 741 -3.08 -26.55 -25.48
CA MET B 741 -2.86 -26.29 -24.08
C MET B 741 -1.78 -25.22 -23.89
N GLY B 742 -1.75 -24.63 -22.70
CA GLY B 742 -0.88 -23.51 -22.40
C GLY B 742 0.04 -23.77 -21.22
N LYS B 743 0.70 -22.68 -20.81
CA LYS B 743 1.67 -22.72 -19.72
C LYS B 743 0.98 -22.75 -18.36
N ALA B 751 -1.78 -24.15 -15.02
CA ALA B 751 -1.83 -24.01 -16.47
C ALA B 751 -3.25 -23.73 -16.94
N GLN B 752 -3.41 -23.46 -18.23
CA GLN B 752 -4.70 -23.14 -18.82
C GLN B 752 -4.87 -23.91 -20.13
N ILE B 753 -6.11 -24.27 -20.45
CA ILE B 753 -6.42 -24.94 -21.70
C ILE B 753 -7.03 -23.90 -22.63
N GLN B 754 -6.35 -23.59 -23.74
CA GLN B 754 -6.89 -22.61 -24.68
C GLN B 754 -8.05 -23.19 -25.48
N GLU B 755 -7.83 -24.25 -26.24
CA GLU B 755 -8.90 -24.64 -27.15
C GLU B 755 -8.81 -26.11 -27.55
N VAL B 756 -9.79 -26.51 -28.35
CA VAL B 756 -9.88 -27.85 -28.93
C VAL B 756 -10.26 -27.71 -30.39
N LYS B 757 -9.48 -28.33 -31.29
CA LYS B 757 -9.73 -28.27 -32.72
C LYS B 757 -10.75 -29.33 -33.09
N GLU B 758 -11.92 -28.91 -33.58
CA GLU B 758 -13.04 -29.81 -33.86
C GLU B 758 -13.42 -29.74 -35.32
N GLN B 759 -13.40 -30.89 -36.00
CA GLN B 759 -13.75 -30.97 -37.41
C GLN B 759 -14.05 -32.43 -37.77
N ARG B 760 -14.33 -32.67 -39.05
CA ARG B 760 -14.72 -33.97 -39.55
C ARG B 760 -13.57 -34.79 -40.14
N ILE B 761 -12.43 -34.16 -40.43
CA ILE B 761 -11.43 -34.78 -41.29
C ILE B 761 -10.75 -35.96 -40.60
N SER B 762 -10.44 -35.83 -39.30
CA SER B 762 -9.67 -36.86 -38.61
C SER B 762 -10.41 -38.19 -38.57
N GLY B 763 -11.72 -38.15 -38.29
CA GLY B 763 -12.48 -39.39 -38.22
C GLY B 763 -12.60 -40.10 -39.55
N LEU B 764 -12.87 -39.37 -40.62
CA LEU B 764 -12.96 -39.99 -41.94
C LEU B 764 -11.60 -40.52 -42.38
N LEU B 765 -10.52 -39.80 -42.06
CA LEU B 765 -9.18 -40.28 -42.37
C LEU B 765 -8.88 -41.59 -41.64
N VAL B 766 -9.23 -41.65 -40.34
CA VAL B 766 -9.00 -42.86 -39.57
C VAL B 766 -9.79 -44.03 -40.12
N ALA B 767 -11.05 -43.78 -40.48
CA ALA B 767 -11.89 -44.86 -41.02
C ALA B 767 -11.39 -45.33 -42.37
N VAL B 768 -10.93 -44.40 -43.23
CA VAL B 768 -10.34 -44.80 -44.51
C VAL B 768 -9.09 -45.65 -44.27
N LEU B 769 -8.28 -45.25 -43.29
CA LEU B 769 -7.07 -46.01 -42.99
C LEU B 769 -7.39 -47.41 -42.49
N VAL B 770 -8.39 -47.54 -41.61
CA VAL B 770 -8.72 -48.88 -41.13
C VAL B 770 -9.38 -49.70 -42.23
N GLY B 771 -10.03 -49.05 -43.20
CA GLY B 771 -10.51 -49.78 -44.35
C GLY B 771 -9.39 -50.31 -45.23
N LEU B 772 -8.37 -49.49 -45.46
CA LEU B 772 -7.29 -49.82 -46.40
C LEU B 772 -6.07 -50.45 -45.72
N SER B 773 -6.14 -50.74 -44.42
CA SER B 773 -5.00 -51.32 -43.71
C SER B 773 -4.55 -52.65 -44.28
N ILE B 774 -5.44 -53.37 -45.00
CA ILE B 774 -5.11 -54.67 -45.57
C ILE B 774 -3.99 -54.56 -46.59
N LEU B 775 -3.80 -53.40 -47.20
CA LEU B 775 -2.78 -53.21 -48.23
C LEU B 775 -1.40 -52.94 -47.68
N MET B 776 -1.23 -52.91 -46.35
CA MET B 776 0.07 -52.69 -45.74
C MET B 776 0.47 -53.89 -44.90
N GLU B 777 0.34 -55.09 -45.48
CA GLU B 777 0.62 -56.33 -44.75
C GLU B 777 2.04 -56.42 -44.20
N PRO B 778 3.11 -56.17 -44.96
CA PRO B 778 4.46 -56.27 -44.37
C PRO B 778 4.71 -55.29 -43.24
N ILE B 779 4.12 -54.10 -43.31
CA ILE B 779 4.31 -53.11 -42.25
C ILE B 779 3.63 -53.57 -40.98
N LEU B 780 2.40 -54.09 -41.10
CA LEU B 780 1.67 -54.55 -39.92
C LEU B 780 2.23 -55.85 -39.37
N SER B 781 2.91 -56.65 -40.18
CA SER B 781 3.50 -57.88 -39.71
C SER B 781 4.75 -57.67 -38.85
N ARG B 782 5.26 -56.44 -38.78
CA ARG B 782 6.48 -56.15 -38.04
C ARG B 782 6.22 -55.37 -36.75
N ILE B 783 4.98 -55.41 -36.24
CA ILE B 783 4.60 -54.64 -35.07
C ILE B 783 4.48 -55.60 -33.89
N PRO B 784 5.33 -55.51 -32.88
CA PRO B 784 5.17 -56.37 -31.70
C PRO B 784 3.90 -56.02 -30.94
N LEU B 785 3.28 -57.04 -30.37
CA LEU B 785 1.97 -56.87 -29.75
C LEU B 785 2.03 -56.13 -28.42
N ALA B 786 3.17 -56.15 -27.74
CA ALA B 786 3.27 -55.54 -26.42
C ALA B 786 3.32 -54.02 -26.48
N VAL B 787 3.81 -53.46 -27.59
CA VAL B 787 3.85 -52.01 -27.73
C VAL B 787 2.44 -51.45 -27.71
N LEU B 788 1.51 -52.12 -28.41
CA LEU B 788 0.12 -51.69 -28.39
C LEU B 788 -0.47 -51.83 -26.98
N PHE B 789 -0.06 -52.84 -26.23
CA PHE B 789 -0.53 -52.99 -24.85
C PHE B 789 -0.03 -51.83 -23.99
N GLY B 790 1.21 -51.41 -24.19
CA GLY B 790 1.69 -50.20 -23.53
C GLY B 790 0.89 -48.98 -23.94
N ILE B 791 0.44 -48.94 -25.19
CA ILE B 791 -0.41 -47.86 -25.66
C ILE B 791 -1.76 -47.90 -24.95
N PHE B 792 -2.30 -49.10 -24.72
CA PHE B 792 -3.51 -49.24 -23.92
C PHE B 792 -3.30 -48.73 -22.50
N LEU B 793 -2.14 -49.03 -21.92
CA LEU B 793 -1.85 -48.51 -20.59
C LEU B 793 -1.78 -46.98 -20.62
N TYR B 794 -1.23 -46.42 -21.69
CA TYR B 794 -1.18 -44.97 -21.85
C TYR B 794 -2.58 -44.35 -21.90
N MET B 795 -3.46 -44.92 -22.73
CA MET B 795 -4.80 -44.34 -22.80
C MET B 795 -5.55 -44.51 -21.49
N GLY B 796 -5.37 -45.65 -20.83
CA GLY B 796 -6.03 -45.87 -19.55
C GLY B 796 -5.58 -44.88 -18.48
N VAL B 797 -4.28 -44.63 -18.39
CA VAL B 797 -3.80 -43.69 -17.37
C VAL B 797 -4.17 -42.25 -17.74
N THR B 798 -4.21 -41.94 -19.05
CA THR B 798 -4.58 -40.58 -19.44
C THR B 798 -6.07 -40.33 -19.35
N SER B 799 -6.88 -41.39 -19.31
CA SER B 799 -8.32 -41.25 -19.12
C SER B 799 -8.69 -40.92 -17.68
N LEU B 800 -7.70 -40.72 -16.81
CA LEU B 800 -7.90 -40.48 -15.38
C LEU B 800 -7.90 -38.98 -15.06
N SER B 801 -7.80 -38.11 -16.07
CA SER B 801 -7.65 -36.68 -15.82
C SER B 801 -8.97 -36.04 -15.41
N GLY B 802 -10.04 -36.29 -16.17
CA GLY B 802 -11.29 -35.58 -15.98
C GLY B 802 -12.14 -36.04 -14.83
N ILE B 803 -11.69 -37.07 -14.08
CA ILE B 803 -12.52 -37.63 -13.02
C ILE B 803 -12.45 -36.73 -11.78
N GLN B 804 -13.63 -36.41 -11.24
CA GLN B 804 -13.71 -35.75 -9.93
C GLN B 804 -13.72 -36.77 -8.79
N LEU B 805 -14.20 -37.98 -9.06
CA LEU B 805 -14.13 -39.04 -8.05
C LEU B 805 -12.69 -39.36 -7.70
N PHE B 806 -11.80 -39.37 -8.71
CA PHE B 806 -10.38 -39.55 -8.42
C PHE B 806 -9.86 -38.40 -7.57
N ASP B 807 -10.35 -37.18 -7.79
CA ASP B 807 -9.94 -36.06 -6.97
C ASP B 807 -10.32 -36.28 -5.51
N ARG B 808 -11.55 -36.75 -5.27
CA ARG B 808 -11.95 -37.03 -3.89
C ARG B 808 -11.22 -38.23 -3.31
N ILE B 809 -10.88 -39.22 -4.15
CA ILE B 809 -10.09 -40.36 -3.70
C ILE B 809 -8.71 -39.91 -3.23
N LEU B 810 -8.09 -39.01 -4.00
CA LEU B 810 -6.83 -38.41 -3.55
C LEU B 810 -7.03 -37.63 -2.27
N LEU B 811 -8.17 -36.93 -2.15
CA LEU B 811 -8.50 -36.18 -0.94
C LEU B 811 -8.71 -37.09 0.27
N LEU B 812 -8.99 -38.37 0.06
CA LEU B 812 -9.28 -39.26 1.19
C LEU B 812 -8.08 -39.46 2.11
N PHE B 813 -6.87 -39.41 1.55
CA PHE B 813 -5.69 -39.73 2.34
C PHE B 813 -4.91 -38.52 2.80
N LYS B 814 -4.93 -37.42 2.04
CA LYS B 814 -4.14 -36.26 2.39
C LYS B 814 -4.62 -35.66 3.70
N PRO B 815 -3.70 -35.16 4.54
CA PRO B 815 -4.12 -34.51 5.78
C PRO B 815 -4.85 -33.21 5.47
N PRO B 816 -5.75 -32.77 6.36
CA PRO B 816 -6.53 -31.55 6.08
C PRO B 816 -5.71 -30.27 6.11
N LYS B 817 -4.43 -30.34 6.51
CA LYS B 817 -3.59 -29.15 6.59
C LYS B 817 -3.33 -28.55 5.21
N TYR B 818 -3.34 -29.39 4.17
CA TYR B 818 -3.03 -28.95 2.81
C TYR B 818 -4.19 -29.19 1.84
N HIS B 819 -5.41 -29.27 2.35
CA HIS B 819 -6.56 -29.56 1.50
C HIS B 819 -6.84 -28.39 0.55
N PRO B 820 -7.43 -28.67 -0.64
CA PRO B 820 -7.48 -27.65 -1.70
C PRO B 820 -8.41 -26.48 -1.45
N ASP B 821 -8.51 -25.61 -2.45
CA ASP B 821 -9.28 -24.37 -2.40
C ASP B 821 -10.66 -24.52 -3.00
N VAL B 822 -11.04 -25.72 -3.43
CA VAL B 822 -12.31 -25.95 -4.11
C VAL B 822 -13.45 -25.82 -3.10
N PRO B 823 -14.66 -25.46 -3.53
CA PRO B 823 -15.75 -25.23 -2.56
C PRO B 823 -16.12 -26.44 -1.71
N TYR B 824 -16.09 -27.64 -2.28
CA TYR B 824 -16.51 -28.83 -1.55
C TYR B 824 -15.47 -29.30 -0.54
N VAL B 825 -14.43 -28.52 -0.28
CA VAL B 825 -13.54 -28.75 0.85
C VAL B 825 -13.81 -27.78 1.98
N LYS B 826 -14.01 -26.50 1.67
CA LYS B 826 -14.32 -25.52 2.71
C LYS B 826 -15.73 -25.72 3.26
N ARG B 827 -16.72 -25.90 2.37
CA ARG B 827 -18.12 -25.80 2.78
C ARG B 827 -18.56 -26.99 3.63
N VAL B 828 -17.89 -28.14 3.49
CA VAL B 828 -18.25 -29.33 4.23
C VAL B 828 -17.04 -29.83 5.01
N LYS B 829 -17.31 -30.63 6.03
CA LYS B 829 -16.28 -31.07 6.96
C LYS B 829 -15.48 -32.24 6.39
N THR B 830 -14.52 -32.70 7.20
CA THR B 830 -13.59 -33.74 6.76
C THR B 830 -14.28 -35.09 6.64
N TRP B 831 -14.88 -35.57 7.72
CA TRP B 831 -15.56 -36.85 7.69
C TRP B 831 -16.81 -36.82 6.82
N ARG B 832 -17.37 -35.64 6.55
CA ARG B 832 -18.45 -35.54 5.57
C ARG B 832 -17.96 -35.87 4.16
N MET B 833 -16.81 -35.31 3.78
CA MET B 833 -16.20 -35.67 2.50
C MET B 833 -15.85 -37.15 2.44
N HIS B 834 -15.27 -37.68 3.53
CA HIS B 834 -14.93 -39.10 3.56
C HIS B 834 -16.17 -39.98 3.43
N LEU B 835 -17.27 -39.62 4.09
CA LEU B 835 -18.48 -40.42 4.00
C LEU B 835 -19.12 -40.34 2.61
N PHE B 836 -19.10 -39.15 1.99
CA PHE B 836 -19.63 -39.03 0.63
C PHE B 836 -18.83 -39.87 -0.36
N THR B 837 -17.50 -39.80 -0.27
CA THR B 837 -16.67 -40.61 -1.15
C THR B 837 -16.83 -42.09 -0.83
N GLY B 838 -17.07 -42.43 0.44
CA GLY B 838 -17.36 -43.80 0.79
C GLY B 838 -18.66 -44.29 0.16
N ILE B 839 -19.67 -43.42 0.10
CA ILE B 839 -20.91 -43.76 -0.59
C ILE B 839 -20.63 -44.03 -2.06
N GLN B 840 -19.83 -43.16 -2.69
CA GLN B 840 -19.53 -43.35 -4.11
C GLN B 840 -18.74 -44.65 -4.36
N ILE B 841 -17.76 -44.96 -3.51
CA ILE B 841 -16.98 -46.17 -3.75
C ILE B 841 -17.79 -47.41 -3.42
N ILE B 842 -18.73 -47.33 -2.48
CA ILE B 842 -19.63 -48.45 -2.23
C ILE B 842 -20.51 -48.69 -3.45
N CYS B 843 -21.00 -47.62 -4.06
CA CYS B 843 -21.74 -47.75 -5.33
C CYS B 843 -20.87 -48.40 -6.39
N LEU B 844 -19.61 -47.98 -6.49
CA LEU B 844 -18.69 -48.56 -7.47
C LEU B 844 -18.47 -50.04 -7.21
N ALA B 845 -18.33 -50.44 -5.94
CA ALA B 845 -18.14 -51.85 -5.60
C ALA B 845 -19.37 -52.66 -5.98
N VAL B 846 -20.57 -52.11 -5.75
CA VAL B 846 -21.79 -52.81 -6.15
C VAL B 846 -21.83 -52.98 -7.66
N LEU B 847 -21.45 -51.94 -8.41
CA LEU B 847 -21.41 -52.05 -9.86
C LEU B 847 -20.36 -53.06 -10.32
N TRP B 848 -19.25 -53.16 -9.59
CA TRP B 848 -18.25 -54.18 -9.89
C TRP B 848 -18.81 -55.58 -9.66
N VAL B 849 -19.57 -55.77 -8.58
CA VAL B 849 -20.22 -57.05 -8.35
C VAL B 849 -21.21 -57.35 -9.47
N VAL B 850 -21.90 -56.33 -9.95
CA VAL B 850 -22.86 -56.49 -11.04
C VAL B 850 -22.16 -56.91 -12.33
N LYS B 851 -21.05 -56.26 -12.66
CA LYS B 851 -20.35 -56.61 -13.90
C LYS B 851 -19.68 -57.99 -13.80
N SER B 852 -19.20 -58.35 -12.61
CA SER B 852 -18.64 -59.68 -12.41
C SER B 852 -19.72 -60.76 -12.37
N THR B 853 -20.97 -60.38 -12.16
CA THR B 853 -22.06 -61.35 -12.15
C THR B 853 -22.26 -61.94 -13.54
N PRO B 854 -22.40 -63.27 -13.66
CA PRO B 854 -22.67 -63.87 -14.97
C PRO B 854 -23.96 -63.39 -15.60
N ALA B 855 -24.93 -62.95 -14.82
CA ALA B 855 -26.14 -62.33 -15.34
C ALA B 855 -25.90 -60.83 -15.55
N SER B 856 -24.95 -60.54 -16.46
CA SER B 856 -24.51 -59.17 -16.68
C SER B 856 -25.53 -58.35 -17.48
N LEU B 857 -26.59 -58.97 -17.98
CA LEU B 857 -27.61 -58.23 -18.73
C LEU B 857 -28.32 -57.20 -17.86
N ALA B 858 -28.33 -57.39 -16.54
CA ALA B 858 -28.88 -56.41 -15.60
C ALA B 858 -27.88 -55.30 -15.27
N LEU B 859 -26.78 -55.21 -16.02
CA LEU B 859 -25.79 -54.17 -15.77
C LEU B 859 -26.33 -52.76 -15.95
N PRO B 860 -27.06 -52.41 -17.02
CA PRO B 860 -27.56 -51.02 -17.11
C PRO B 860 -28.55 -50.65 -16.03
N PHE B 861 -29.37 -51.59 -15.58
CA PHE B 861 -30.50 -51.27 -14.70
C PHE B 861 -30.03 -50.66 -13.39
N VAL B 862 -29.09 -51.32 -12.69
CA VAL B 862 -28.54 -50.75 -11.46
C VAL B 862 -27.92 -49.39 -11.75
N LEU B 863 -27.35 -49.23 -12.95
CA LEU B 863 -26.79 -47.94 -13.34
C LEU B 863 -27.84 -46.84 -13.33
N ILE B 864 -29.02 -47.10 -13.92
CA ILE B 864 -30.03 -46.06 -13.91
C ILE B 864 -30.65 -45.94 -12.51
N LEU B 865 -30.44 -46.96 -11.67
CA LEU B 865 -30.81 -46.87 -10.26
C LEU B 865 -30.04 -45.76 -9.56
N THR B 866 -28.92 -45.31 -10.15
CA THR B 866 -28.21 -44.17 -9.59
C THR B 866 -29.06 -42.90 -9.62
N VAL B 867 -29.93 -42.75 -10.63
CA VAL B 867 -30.65 -41.49 -10.83
C VAL B 867 -31.60 -41.16 -9.67
N PRO B 868 -32.50 -42.06 -9.23
CA PRO B 868 -33.35 -41.69 -8.09
C PRO B 868 -32.60 -41.57 -6.77
N LEU B 869 -31.55 -42.38 -6.59
CA LEU B 869 -30.88 -42.46 -5.29
C LEU B 869 -30.27 -41.12 -4.89
N ARG B 870 -29.76 -40.37 -5.88
CA ARG B 870 -29.22 -39.04 -5.58
C ARG B 870 -30.31 -38.07 -5.16
N ARG B 871 -31.51 -38.19 -5.72
CA ARG B 871 -32.54 -37.18 -5.48
C ARG B 871 -33.20 -37.31 -4.12
N VAL B 872 -33.34 -38.52 -3.60
CA VAL B 872 -34.20 -38.74 -2.43
C VAL B 872 -33.39 -39.05 -1.18
N LEU B 873 -32.65 -40.15 -1.20
CA LEU B 873 -32.03 -40.66 0.02
C LEU B 873 -30.93 -39.73 0.51
N LEU B 874 -30.02 -39.33 -0.38
CA LEU B 874 -28.88 -38.51 0.01
C LEU B 874 -29.26 -37.18 0.66
N PRO B 875 -30.19 -36.37 0.10
CA PRO B 875 -30.60 -35.16 0.82
C PRO B 875 -31.30 -35.44 2.13
N LEU B 876 -31.81 -36.65 2.33
CA LEU B 876 -32.40 -37.02 3.62
C LEU B 876 -31.36 -37.38 4.66
N ILE B 877 -30.08 -37.48 4.26
CA ILE B 877 -28.98 -37.66 5.17
C ILE B 877 -28.05 -36.46 5.16
N PHE B 878 -27.82 -35.88 3.99
CA PHE B 878 -26.98 -34.70 3.83
C PHE B 878 -27.82 -33.45 4.02
N ARG B 879 -27.26 -32.30 3.68
CA ARG B 879 -27.95 -31.02 3.80
C ARG B 879 -28.00 -30.34 2.44
N ASN B 880 -28.88 -29.34 2.33
CA ASN B 880 -29.12 -28.69 1.03
C ASN B 880 -27.88 -27.93 0.56
N VAL B 881 -27.14 -27.31 1.49
CA VAL B 881 -25.92 -26.63 1.10
C VAL B 881 -24.87 -27.63 0.61
N GLU B 882 -24.80 -28.80 1.26
CA GLU B 882 -23.92 -29.86 0.76
C GLU B 882 -24.41 -30.38 -0.58
N LEU B 883 -25.73 -30.43 -0.77
CA LEU B 883 -26.30 -30.88 -2.03
C LEU B 883 -25.94 -29.93 -3.17
N GLN B 884 -25.98 -28.62 -2.92
CA GLN B 884 -25.66 -27.65 -3.96
C GLN B 884 -24.16 -27.48 -4.16
N CYS B 885 -23.35 -27.75 -3.13
CA CYS B 885 -21.92 -27.55 -3.26
C CYS B 885 -21.21 -28.77 -3.83
N LEU B 886 -21.59 -29.98 -3.39
CA LEU B 886 -20.90 -31.18 -3.84
C LEU B 886 -21.26 -31.54 -5.28
N ASP B 887 -22.57 -31.64 -5.56
CA ASP B 887 -23.03 -32.09 -6.88
C ASP B 887 -23.06 -30.91 -7.84
N ALA B 888 -21.85 -30.53 -8.28
CA ALA B 888 -21.69 -29.41 -9.19
C ALA B 888 -21.93 -29.84 -10.63
N ASP B 889 -22.80 -29.11 -11.33
CA ASP B 889 -23.03 -29.38 -12.74
C ASP B 889 -21.80 -29.04 -13.58
N ASP B 890 -21.12 -27.94 -13.23
CA ASP B 890 -19.91 -27.50 -13.92
C ASP B 890 -18.76 -27.44 -12.92
N ALA B 891 -17.54 -27.57 -13.43
CA ALA B 891 -16.36 -27.56 -12.57
C ALA B 891 -16.18 -26.20 -11.89
N LYS B 892 -16.31 -25.12 -12.66
CA LYS B 892 -16.08 -23.78 -12.11
C LYS B 892 -17.26 -23.34 -11.25
N ALA B 893 -18.45 -23.25 -11.84
CA ALA B 893 -19.61 -22.74 -11.14
C ALA B 893 -20.12 -23.75 -10.11
N THR B 894 -20.40 -23.26 -8.92
CA THR B 894 -20.89 -24.10 -7.83
C THR B 894 -22.04 -23.42 -7.10
N ALA C 4 -28.62 -18.99 -40.63
CA ALA C 4 -27.71 -18.20 -41.46
C ALA C 4 -28.11 -16.74 -41.47
N LEU C 5 -29.21 -16.43 -40.79
CA LEU C 5 -29.73 -15.06 -40.70
C LEU C 5 -29.43 -14.52 -39.30
N GLY C 6 -28.70 -13.41 -39.24
CA GLY C 6 -28.34 -12.83 -37.96
C GLY C 6 -28.26 -11.32 -37.96
N ILE C 7 -28.97 -10.69 -37.03
CA ILE C 7 -28.92 -9.25 -36.83
C ILE C 7 -28.01 -8.97 -35.63
N LYS C 8 -27.03 -8.09 -35.83
CA LYS C 8 -26.10 -7.79 -34.75
C LYS C 8 -26.64 -6.69 -33.85
N SER C 9 -26.99 -5.54 -34.42
CA SER C 9 -27.44 -4.42 -33.63
C SER C 9 -28.48 -3.63 -34.41
N CYS C 10 -29.35 -2.95 -33.68
CA CYS C 10 -30.36 -2.07 -34.25
C CYS C 10 -30.18 -0.67 -33.69
N ASP C 11 -30.27 0.32 -34.56
CA ASP C 11 -30.05 1.73 -34.20
C ASP C 11 -31.30 2.54 -34.49
N PHE C 12 -32.04 2.88 -33.44
CA PHE C 12 -33.17 3.80 -33.57
C PHE C 12 -32.56 5.19 -33.75
N GLN C 13 -32.54 5.68 -34.98
CA GLN C 13 -31.85 6.94 -35.26
C GLN C 13 -32.63 8.12 -34.71
N ALA C 14 -32.59 8.29 -33.39
CA ALA C 14 -33.34 9.37 -32.75
C ALA C 14 -32.79 10.73 -33.12
N ALA C 15 -31.47 10.81 -33.35
CA ALA C 15 -30.83 12.10 -33.61
C ALA C 15 -31.32 12.75 -34.90
N ARG C 16 -31.97 11.99 -35.78
CA ARG C 16 -32.50 12.55 -37.02
C ARG C 16 -33.99 12.82 -36.95
N ASN C 17 -34.79 11.85 -36.51
CA ASN C 17 -36.24 11.98 -36.54
C ASN C 17 -36.83 12.58 -35.28
N ASN C 18 -36.03 12.76 -34.22
CA ASN C 18 -36.53 13.45 -33.04
C ASN C 18 -36.86 14.90 -33.33
N GLU C 19 -35.99 15.57 -34.11
CA GLU C 19 -36.28 16.93 -34.55
C GLU C 19 -37.41 16.96 -35.56
N GLU C 20 -37.53 15.93 -36.40
CA GLU C 20 -38.59 15.88 -37.38
C GLU C 20 -39.97 15.80 -36.73
N HIS C 21 -40.03 15.28 -35.51
CA HIS C 21 -41.27 15.16 -34.77
C HIS C 21 -41.46 16.30 -33.77
N HIS C 22 -40.63 17.34 -33.86
CA HIS C 22 -40.66 18.49 -32.94
C HIS C 22 -40.40 18.04 -31.49
N THR C 23 -39.63 16.99 -31.31
CA THR C 23 -39.37 16.42 -29.99
C THR C 23 -37.91 16.54 -29.57
N LYS C 24 -37.15 17.45 -30.19
CA LYS C 24 -35.75 17.60 -29.83
C LYS C 24 -35.59 18.18 -28.42
N ALA C 25 -36.45 19.12 -28.06
CA ALA C 25 -36.32 19.81 -26.78
C ALA C 25 -36.55 18.90 -25.59
N LEU C 26 -37.16 17.73 -25.79
CA LEU C 26 -37.46 16.87 -24.64
C LEU C 26 -36.32 15.90 -24.35
N SER C 27 -35.70 15.36 -25.38
CA SER C 27 -34.62 14.39 -25.20
C SER C 27 -33.77 14.34 -26.46
N SER C 28 -32.62 13.69 -26.34
CA SER C 28 -31.74 13.50 -27.49
C SER C 28 -31.11 12.12 -27.57
N ARG C 29 -31.46 11.20 -26.69
CA ARG C 29 -30.93 9.84 -26.73
C ARG C 29 -31.99 8.78 -26.95
N ARG C 30 -33.14 8.91 -26.30
CA ARG C 30 -34.24 7.99 -26.52
C ARG C 30 -35.10 8.46 -27.68
N LEU C 31 -35.78 7.51 -28.31
CA LEU C 31 -36.59 7.77 -29.50
C LEU C 31 -38.05 7.94 -29.09
N PHE C 32 -38.54 9.18 -29.19
CA PHE C 32 -39.92 9.51 -28.88
C PHE C 32 -40.58 10.03 -30.14
N VAL C 33 -41.72 9.44 -30.51
CA VAL C 33 -42.37 9.71 -31.78
C VAL C 33 -43.84 10.03 -31.58
N ARG C 34 -44.41 10.71 -32.57
CA ARG C 34 -45.84 11.00 -32.59
C ARG C 34 -46.59 9.89 -33.30
N ARG C 35 -47.84 9.70 -32.90
CA ARG C 35 -48.69 8.71 -33.56
C ARG C 35 -49.11 9.21 -34.94
N GLY C 36 -49.32 8.26 -35.85
CA GLY C 36 -49.76 8.59 -37.19
C GLY C 36 -48.70 9.14 -38.11
N GLN C 37 -47.42 8.80 -37.89
CA GLN C 37 -46.36 9.36 -38.69
C GLN C 37 -45.18 8.40 -38.75
N PRO C 38 -44.61 8.18 -39.93
CA PRO C 38 -43.51 7.21 -40.06
C PRO C 38 -42.21 7.73 -39.46
N PHE C 39 -41.31 6.79 -39.18
CA PHE C 39 -39.99 7.10 -38.65
C PHE C 39 -39.00 6.10 -39.19
N THR C 40 -37.77 6.56 -39.42
CA THR C 40 -36.73 5.74 -40.06
C THR C 40 -35.80 5.17 -39.00
N ILE C 41 -35.58 3.85 -39.08
CA ILE C 41 -34.61 3.17 -38.23
C ILE C 41 -33.67 2.36 -39.11
N ILE C 42 -32.52 2.01 -38.54
CA ILE C 42 -31.45 1.32 -39.25
C ILE C 42 -31.17 0.01 -38.53
N LEU C 43 -31.13 -1.08 -39.27
CA LEU C 43 -30.75 -2.38 -38.72
C LEU C 43 -29.45 -2.84 -39.36
N TYR C 44 -28.62 -3.51 -38.57
CA TYR C 44 -27.31 -3.99 -38.99
C TYR C 44 -27.25 -5.50 -38.85
N PHE C 45 -26.77 -6.16 -39.90
CA PHE C 45 -26.63 -7.60 -39.90
C PHE C 45 -25.26 -8.02 -39.38
N ARG C 46 -25.16 -9.29 -38.98
CA ARG C 46 -23.88 -9.83 -38.53
C ARG C 46 -22.94 -10.10 -39.70
N ALA C 47 -23.49 -10.55 -40.82
CA ALA C 47 -22.76 -10.87 -42.03
C ALA C 47 -23.50 -10.27 -43.22
N PRO C 48 -22.80 -10.05 -44.34
CA PRO C 48 -23.49 -9.56 -45.54
C PRO C 48 -24.56 -10.55 -46.01
N VAL C 49 -25.66 -10.00 -46.51
CA VAL C 49 -26.80 -10.81 -46.93
C VAL C 49 -26.52 -11.39 -48.31
N ARG C 50 -26.90 -12.66 -48.51
CA ARG C 50 -26.72 -13.29 -49.81
C ARG C 50 -27.98 -13.19 -50.66
N ALA C 51 -29.11 -13.67 -50.16
CA ALA C 51 -30.37 -13.70 -50.88
C ALA C 51 -31.32 -12.66 -50.33
N PHE C 52 -32.23 -12.20 -51.19
CA PHE C 52 -33.14 -11.11 -50.85
C PHE C 52 -34.49 -11.61 -50.34
N LEU C 53 -35.22 -12.36 -51.18
CA LEU C 53 -36.58 -12.75 -50.83
C LEU C 53 -36.68 -13.85 -49.77
N PRO C 54 -35.85 -14.91 -49.78
CA PRO C 54 -35.92 -15.87 -48.66
C PRO C 54 -35.67 -15.24 -47.31
N ALA C 55 -34.72 -14.30 -47.21
CA ALA C 55 -34.49 -13.62 -45.95
C ALA C 55 -35.63 -12.66 -45.62
N LEU C 56 -36.21 -12.02 -46.64
CA LEU C 56 -37.31 -11.08 -46.41
C LEU C 56 -38.57 -11.79 -45.94
N LYS C 57 -38.81 -13.01 -46.41
CA LYS C 57 -40.09 -13.66 -46.16
C LYS C 57 -40.20 -14.20 -44.74
N LYS C 58 -39.09 -14.65 -44.14
CA LYS C 58 -39.12 -15.43 -42.92
C LYS C 58 -38.85 -14.61 -41.67
N VAL C 59 -39.32 -13.36 -41.63
CA VAL C 59 -39.11 -12.49 -40.47
C VAL C 59 -40.35 -11.64 -40.25
N ALA C 60 -40.77 -11.51 -38.99
CA ALA C 60 -41.90 -10.67 -38.65
C ALA C 60 -41.56 -9.87 -37.42
N LEU C 61 -42.22 -8.72 -37.23
CA LEU C 61 -41.97 -7.88 -36.09
C LEU C 61 -43.26 -7.55 -35.35
N THR C 62 -43.13 -7.39 -34.04
CA THR C 62 -44.25 -7.16 -33.13
C THR C 62 -43.99 -5.88 -32.34
N ALA C 63 -45.06 -5.12 -32.12
CA ALA C 63 -45.05 -3.96 -31.24
C ALA C 63 -46.03 -4.22 -30.09
N GLN C 64 -45.54 -4.10 -28.86
CA GLN C 64 -46.33 -4.46 -27.69
C GLN C 64 -46.22 -3.37 -26.64
N THR C 65 -47.20 -3.34 -25.75
CA THR C 65 -47.20 -2.41 -24.63
C THR C 65 -48.04 -3.00 -23.49
N GLY C 66 -47.79 -2.50 -22.29
CA GLY C 66 -48.57 -2.90 -21.14
C GLY C 66 -48.12 -4.21 -20.55
N GLU C 67 -48.74 -4.56 -19.42
CA GLU C 67 -48.45 -5.83 -18.76
C GLU C 67 -49.02 -7.01 -19.56
N GLN C 68 -50.20 -6.82 -20.16
CA GLN C 68 -50.90 -7.88 -20.88
C GLN C 68 -51.27 -7.38 -22.28
N PRO C 69 -50.31 -7.42 -23.21
CA PRO C 69 -50.62 -7.00 -24.58
C PRO C 69 -51.52 -8.00 -25.27
N SER C 70 -52.43 -7.49 -26.08
CA SER C 70 -53.37 -8.35 -26.79
C SER C 70 -53.92 -7.59 -27.99
N LYS C 71 -54.44 -8.36 -28.96
CA LYS C 71 -55.11 -7.77 -30.10
C LYS C 71 -56.56 -7.40 -29.78
N ILE C 72 -57.11 -7.90 -28.68
CA ILE C 72 -58.45 -7.49 -28.27
C ILE C 72 -58.42 -6.19 -27.47
N ASN C 73 -57.27 -5.86 -26.87
CA ASN C 73 -57.05 -4.56 -26.28
C ASN C 73 -56.40 -3.59 -27.25
N ARG C 74 -56.17 -4.04 -28.50
CA ARG C 74 -55.34 -3.36 -29.51
C ARG C 74 -54.04 -2.83 -28.92
N THR C 75 -53.50 -3.54 -27.94
CA THR C 75 -52.23 -3.25 -27.32
C THR C 75 -51.11 -4.13 -27.86
N GLN C 76 -51.38 -4.90 -28.90
CA GLN C 76 -50.41 -5.81 -29.47
C GLN C 76 -50.60 -5.85 -30.98
N ALA C 77 -49.49 -5.75 -31.71
CA ALA C 77 -49.54 -5.78 -33.16
C ALA C 77 -48.39 -6.63 -33.68
N THR C 78 -48.66 -7.39 -34.74
CA THR C 78 -47.67 -8.22 -35.40
C THR C 78 -47.84 -8.06 -36.91
N PHE C 79 -46.73 -7.85 -37.62
CA PHE C 79 -46.81 -7.63 -39.05
C PHE C 79 -45.46 -7.94 -39.68
N PRO C 80 -45.44 -8.26 -40.98
CA PRO C 80 -44.18 -8.60 -41.64
C PRO C 80 -43.52 -7.39 -42.29
N ILE C 81 -42.32 -7.63 -42.81
CA ILE C 81 -41.52 -6.58 -43.45
C ILE C 81 -41.68 -6.76 -44.96
N SER C 82 -42.56 -5.94 -45.55
CA SER C 82 -42.84 -6.01 -46.98
C SER C 82 -42.64 -4.65 -47.61
N SER C 83 -42.36 -4.65 -48.92
CA SER C 83 -42.21 -3.41 -49.66
C SER C 83 -43.54 -2.71 -49.92
N LEU C 84 -44.66 -3.39 -49.67
CA LEU C 84 -45.99 -2.80 -49.83
C LEU C 84 -46.88 -3.26 -48.70
N GLY C 85 -47.85 -2.42 -48.34
CA GLY C 85 -48.78 -2.76 -47.30
C GLY C 85 -49.74 -1.62 -47.07
N ASP C 86 -50.67 -1.84 -46.13
CA ASP C 86 -51.65 -0.81 -45.77
C ASP C 86 -50.97 0.22 -44.88
N ARG C 87 -51.00 1.48 -45.30
CA ARG C 87 -50.34 2.54 -44.56
C ARG C 87 -51.25 3.18 -43.52
N LYS C 88 -52.53 2.80 -43.49
CA LYS C 88 -53.42 3.28 -42.44
C LYS C 88 -53.32 2.47 -41.16
N TRP C 89 -52.57 1.37 -41.18
CA TRP C 89 -52.31 0.55 -40.01
C TRP C 89 -50.81 0.37 -39.86
N TRP C 90 -50.40 -0.50 -38.93
CA TRP C 90 -48.99 -0.81 -38.76
C TRP C 90 -48.42 -1.42 -40.04
N SER C 91 -47.28 -0.90 -40.47
CA SER C 91 -46.60 -1.42 -41.65
C SER C 91 -45.12 -1.07 -41.54
N ALA C 92 -44.32 -1.75 -42.34
CA ALA C 92 -42.88 -1.53 -42.33
C ALA C 92 -42.35 -1.73 -43.74
N VAL C 93 -41.79 -0.67 -44.32
CA VAL C 93 -41.30 -0.70 -45.69
C VAL C 93 -39.81 -0.38 -45.66
N VAL C 94 -39.02 -1.22 -46.33
CA VAL C 94 -37.58 -1.03 -46.39
C VAL C 94 -37.29 0.06 -47.43
N GLU C 95 -36.71 1.17 -46.96
CA GLU C 95 -36.44 2.27 -47.88
C GLU C 95 -35.22 1.99 -48.75
N GLU C 96 -34.10 1.58 -48.14
CA GLU C 96 -32.96 1.15 -48.95
C GLU C 96 -32.27 -0.02 -48.25
N ARG C 97 -31.55 -0.79 -49.07
CA ARG C 97 -30.85 -1.99 -48.64
C ARG C 97 -29.37 -1.86 -49.00
N ASP C 98 -28.51 -2.32 -48.09
CA ASP C 98 -27.08 -2.34 -48.35
C ASP C 98 -26.53 -3.74 -48.06
N ALA C 99 -25.21 -3.87 -48.03
CA ALA C 99 -24.59 -5.17 -47.74
C ALA C 99 -24.98 -5.66 -46.35
N GLN C 100 -24.98 -4.78 -45.36
CA GLN C 100 -25.38 -5.14 -44.00
C GLN C 100 -26.37 -4.17 -43.37
N SER C 101 -26.48 -2.94 -43.86
CA SER C 101 -27.33 -1.92 -43.27
C SER C 101 -28.63 -1.81 -44.05
N TRP C 102 -29.75 -1.83 -43.34
CA TRP C 102 -31.06 -1.74 -43.95
C TRP C 102 -31.86 -0.63 -43.28
N THR C 103 -32.58 0.16 -44.06
CA THR C 103 -33.35 1.27 -43.52
C THR C 103 -34.83 0.98 -43.64
N ILE C 104 -35.53 0.96 -42.51
CA ILE C 104 -36.97 0.82 -42.50
C ILE C 104 -37.59 2.17 -42.19
N SER C 105 -38.71 2.46 -42.83
CA SER C 105 -39.51 3.65 -42.54
C SER C 105 -40.84 3.14 -42.02
N VAL C 106 -40.90 2.90 -40.71
CA VAL C 106 -42.07 2.28 -40.10
C VAL C 106 -43.20 3.29 -40.03
N THR C 107 -44.40 2.85 -40.39
CA THR C 107 -45.60 3.66 -40.35
C THR C 107 -46.36 3.36 -39.06
N THR C 108 -47.09 4.35 -38.58
CA THR C 108 -47.84 4.22 -37.34
C THR C 108 -49.31 4.56 -37.58
N PRO C 109 -50.23 3.84 -36.93
CA PRO C 109 -51.65 4.16 -37.08
C PRO C 109 -51.97 5.53 -36.54
N ALA C 110 -52.97 6.18 -37.16
CA ALA C 110 -53.35 7.53 -36.80
C ALA C 110 -54.03 7.62 -35.44
N ASP C 111 -54.44 6.49 -34.86
CA ASP C 111 -55.04 6.49 -33.54
C ASP C 111 -54.65 5.18 -32.85
N ALA C 112 -53.64 5.25 -31.99
CA ALA C 112 -53.13 4.09 -31.30
C ALA C 112 -53.00 4.39 -29.81
N VAL C 113 -52.90 3.33 -29.02
CA VAL C 113 -52.73 3.47 -27.59
C VAL C 113 -51.35 4.04 -27.30
N ILE C 114 -51.29 5.05 -26.45
CA ILE C 114 -50.03 5.70 -26.10
C ILE C 114 -49.44 5.02 -24.87
N GLY C 115 -48.13 5.16 -24.71
CA GLY C 115 -47.42 4.61 -23.58
C GLY C 115 -46.06 4.14 -24.01
N HIS C 116 -45.34 3.52 -23.08
CA HIS C 116 -44.04 2.95 -23.37
C HIS C 116 -44.23 1.64 -24.12
N TYR C 117 -43.57 1.51 -25.27
CA TYR C 117 -43.73 0.35 -26.11
C TYR C 117 -42.44 -0.44 -26.19
N SER C 118 -42.56 -1.66 -26.70
CA SER C 118 -41.43 -2.56 -26.89
C SER C 118 -41.56 -3.20 -28.27
N LEU C 119 -40.44 -3.23 -28.98
CA LEU C 119 -40.36 -3.79 -30.32
C LEU C 119 -39.62 -5.12 -30.26
N LEU C 120 -40.22 -6.16 -30.81
CA LEU C 120 -39.64 -7.48 -30.80
C LEU C 120 -39.64 -8.03 -32.23
N LEU C 121 -38.70 -8.93 -32.50
CA LEU C 121 -38.60 -9.55 -33.81
C LEU C 121 -38.69 -11.06 -33.64
N GLN C 122 -39.56 -11.69 -34.43
CA GLN C 122 -39.73 -13.13 -34.43
C GLN C 122 -39.25 -13.68 -35.76
N VAL C 123 -38.29 -14.61 -35.70
CA VAL C 123 -37.87 -15.35 -36.87
C VAL C 123 -38.88 -16.48 -37.13
N SER C 124 -38.87 -17.00 -38.36
CA SER C 124 -39.79 -18.08 -38.71
C SER C 124 -39.56 -19.31 -37.84
N GLY C 125 -38.30 -19.65 -37.58
CA GLY C 125 -37.98 -20.78 -36.73
C GLY C 125 -37.52 -20.41 -35.33
N ARG C 126 -36.67 -19.39 -35.23
CA ARG C 126 -36.01 -19.06 -33.98
C ARG C 126 -36.94 -18.31 -33.04
N LYS C 127 -36.39 -17.88 -31.91
CA LYS C 127 -37.15 -17.21 -30.86
C LYS C 127 -37.30 -15.72 -31.17
N GLN C 128 -37.80 -14.97 -30.20
CA GLN C 128 -37.94 -13.52 -30.32
C GLN C 128 -36.70 -12.82 -29.79
N LEU C 129 -36.38 -11.68 -30.40
CA LEU C 129 -35.27 -10.84 -29.98
C LEU C 129 -35.75 -9.40 -29.81
N LEU C 130 -35.34 -8.76 -28.73
CA LEU C 130 -35.77 -7.41 -28.42
C LEU C 130 -34.95 -6.38 -29.19
N LEU C 131 -35.61 -5.31 -29.65
CA LEU C 131 -34.95 -4.24 -30.36
C LEU C 131 -34.71 -3.02 -29.48
N GLY C 132 -35.75 -2.56 -28.78
CA GLY C 132 -35.63 -1.39 -27.95
C GLY C 132 -36.99 -0.93 -27.47
N GLN C 133 -37.05 0.33 -27.04
CA GLN C 133 -38.27 0.94 -26.54
C GLN C 133 -38.49 2.29 -27.21
N PHE C 134 -39.73 2.76 -27.17
CA PHE C 134 -40.09 4.05 -27.72
C PHE C 134 -41.41 4.48 -27.09
N THR C 135 -41.77 5.74 -27.34
CA THR C 135 -42.95 6.34 -26.72
C THR C 135 -43.83 6.96 -27.79
N LEU C 136 -45.15 6.87 -27.58
CA LEU C 136 -46.14 7.38 -28.53
C LEU C 136 -46.80 8.61 -27.96
N LEU C 137 -47.01 9.61 -28.82
CA LEU C 137 -47.64 10.86 -28.44
C LEU C 137 -48.58 11.33 -29.54
N PHE C 138 -49.52 12.18 -29.17
CA PHE C 138 -50.38 12.81 -30.16
C PHE C 138 -49.60 13.90 -30.91
N ASN C 139 -50.16 14.35 -32.02
CA ASN C 139 -49.59 15.45 -32.77
C ASN C 139 -50.71 16.24 -33.45
N PRO C 140 -50.75 17.56 -33.28
CA PRO C 140 -51.74 18.38 -33.97
C PRO C 140 -51.38 18.67 -35.43
N TRP C 141 -50.34 18.06 -35.96
CA TRP C 141 -49.92 18.29 -37.35
C TRP C 141 -50.61 17.36 -38.34
N ASN C 142 -51.39 16.40 -37.87
CA ASN C 142 -52.06 15.43 -38.73
C ASN C 142 -53.52 15.85 -38.91
N ARG C 143 -53.92 16.06 -40.17
CA ARG C 143 -55.26 16.58 -40.43
C ARG C 143 -56.34 15.56 -40.14
N GLU C 144 -56.02 14.27 -40.16
CA GLU C 144 -56.98 13.23 -39.85
C GLU C 144 -56.94 12.83 -38.38
N ASP C 145 -56.03 13.40 -37.61
CA ASP C 145 -55.95 13.09 -36.19
C ASP C 145 -57.07 13.79 -35.44
N ALA C 146 -57.43 13.22 -34.29
CA ALA C 146 -58.40 13.86 -33.41
C ALA C 146 -57.89 15.22 -32.95
N VAL C 147 -56.58 15.34 -32.79
CA VAL C 147 -55.94 16.59 -32.41
C VAL C 147 -55.30 17.17 -33.67
N PHE C 148 -55.77 18.36 -34.07
CA PHE C 148 -55.22 19.03 -35.24
C PHE C 148 -55.48 20.52 -35.11
N LEU C 149 -54.45 21.31 -35.35
CA LEU C 149 -54.54 22.77 -35.29
C LEU C 149 -54.04 23.33 -36.61
N LYS C 150 -54.84 24.21 -37.22
CA LYS C 150 -54.52 24.67 -38.57
C LYS C 150 -53.30 25.60 -38.57
N ASN C 151 -53.23 26.54 -37.64
CA ASN C 151 -52.11 27.47 -37.62
C ASN C 151 -50.85 26.76 -37.14
N GLU C 152 -49.70 27.27 -37.59
CA GLU C 152 -48.41 26.72 -37.18
C GLU C 152 -47.84 27.43 -35.97
N ALA C 153 -47.94 28.77 -35.94
CA ALA C 153 -47.46 29.51 -34.77
C ALA C 153 -48.27 29.14 -33.53
N GLN C 154 -49.59 29.04 -33.68
CA GLN C 154 -50.46 28.66 -32.55
C GLN C 154 -50.05 27.31 -31.97
N ARG C 155 -49.56 26.40 -32.80
CA ARG C 155 -48.97 25.17 -32.29
C ARG C 155 -47.75 25.47 -31.43
N MET C 156 -46.93 26.44 -31.85
CA MET C 156 -45.74 26.77 -31.08
C MET C 156 -46.08 27.36 -29.72
N GLU C 157 -47.08 28.25 -29.65
CA GLU C 157 -47.43 28.80 -28.34
C GLU C 157 -48.15 27.77 -27.48
N TYR C 158 -49.05 26.99 -28.07
CA TYR C 158 -49.86 26.08 -27.26
C TYR C 158 -49.27 24.69 -27.13
N LEU C 159 -48.18 24.39 -27.81
CA LEU C 159 -47.54 23.10 -27.56
C LEU C 159 -46.04 23.22 -27.32
N LEU C 160 -45.35 24.11 -28.02
CA LEU C 160 -43.91 24.19 -27.94
C LEU C 160 -43.39 25.25 -26.98
N ASN C 161 -44.27 26.07 -26.42
CA ASN C 161 -43.83 27.07 -25.46
C ASN C 161 -43.70 26.45 -24.08
N GLN C 162 -42.62 26.83 -23.38
CA GLN C 162 -42.40 26.36 -22.01
C GLN C 162 -42.41 27.47 -20.98
N ASN C 163 -42.36 28.73 -21.39
CA ASN C 163 -42.41 29.86 -20.48
C ASN C 163 -43.74 30.58 -20.70
N GLY C 164 -44.64 30.48 -19.73
CA GLY C 164 -45.96 31.05 -19.84
C GLY C 164 -46.18 32.19 -18.86
N LEU C 165 -47.37 32.76 -18.93
CA LEU C 165 -47.77 33.86 -18.07
C LEU C 165 -49.07 33.52 -17.39
N ILE C 166 -49.18 33.91 -16.12
CA ILE C 166 -50.41 33.76 -15.34
C ILE C 166 -50.86 35.15 -14.93
N TYR C 167 -52.14 35.43 -15.10
CA TYR C 167 -52.68 36.76 -14.88
C TYR C 167 -53.44 36.79 -13.56
N LEU C 168 -53.03 37.69 -12.67
CA LEU C 168 -53.60 37.81 -11.33
C LEU C 168 -54.02 39.25 -11.09
N GLY C 169 -54.56 39.49 -9.91
CA GLY C 169 -55.10 40.79 -9.55
C GLY C 169 -56.60 40.84 -9.68
N THR C 170 -57.13 42.06 -9.63
CA THR C 170 -58.55 42.29 -9.82
C THR C 170 -58.85 42.44 -11.31
N ALA C 171 -60.12 42.71 -11.62
CA ALA C 171 -60.52 42.89 -13.01
C ALA C 171 -59.98 44.18 -13.61
N ASP C 172 -59.61 45.16 -12.77
CA ASP C 172 -59.16 46.45 -13.27
C ASP C 172 -57.65 46.52 -13.46
N CYS C 173 -56.88 46.04 -12.48
CA CYS C 173 -55.43 46.01 -12.59
C CYS C 173 -54.99 44.56 -12.76
N ILE C 174 -54.13 44.32 -13.75
CA ILE C 174 -53.72 42.98 -14.13
C ILE C 174 -52.22 42.86 -13.89
N GLN C 175 -51.81 41.79 -13.23
CA GLN C 175 -50.40 41.50 -13.00
C GLN C 175 -50.04 40.20 -13.69
N ALA C 176 -48.95 40.22 -14.45
CA ALA C 176 -48.45 39.02 -15.10
C ALA C 176 -47.36 38.39 -14.25
N GLU C 177 -47.42 37.07 -14.12
CA GLU C 177 -46.43 36.31 -13.38
C GLU C 177 -45.84 35.26 -14.31
N SER C 178 -44.51 35.24 -14.42
CA SER C 178 -43.84 34.32 -15.32
C SER C 178 -43.78 32.93 -14.69
N TRP C 179 -44.28 31.94 -15.41
CA TRP C 179 -44.29 30.57 -14.95
C TRP C 179 -43.49 29.70 -15.91
N ASP C 180 -42.84 28.69 -15.35
CA ASP C 180 -42.10 27.72 -16.14
C ASP C 180 -42.90 26.42 -16.11
N PHE C 181 -43.67 26.17 -17.17
CA PHE C 181 -44.40 24.92 -17.27
C PHE C 181 -43.44 23.74 -17.36
N GLY C 182 -42.38 23.87 -18.16
CA GLY C 182 -41.34 22.86 -18.22
C GLY C 182 -41.81 21.50 -18.68
N GLN C 183 -42.69 21.45 -19.68
CA GLN C 183 -43.24 20.19 -20.15
C GLN C 183 -42.20 19.31 -20.83
N PHE C 184 -41.04 19.84 -21.17
CA PHE C 184 -39.99 19.07 -21.81
C PHE C 184 -38.86 18.72 -20.85
N GLU C 185 -39.17 18.52 -19.57
CA GLU C 185 -38.18 18.01 -18.64
C GLU C 185 -38.00 16.51 -18.88
N GLY C 186 -36.93 15.96 -18.30
CA GLY C 186 -36.59 14.58 -18.57
C GLY C 186 -37.62 13.58 -18.05
N ASP C 187 -38.08 13.78 -16.81
CA ASP C 187 -38.91 12.78 -16.14
C ASP C 187 -40.37 13.18 -15.99
N VAL C 188 -40.79 14.30 -16.59
CA VAL C 188 -42.18 14.70 -16.48
C VAL C 188 -43.09 13.71 -17.20
N ILE C 189 -42.62 13.17 -18.34
CA ILE C 189 -43.40 12.20 -19.10
C ILE C 189 -43.60 10.93 -18.27
N ASP C 190 -42.57 10.52 -17.53
CA ASP C 190 -42.68 9.33 -16.69
C ASP C 190 -43.70 9.53 -15.59
N LEU C 191 -43.69 10.70 -14.95
CA LEU C 191 -44.67 10.99 -13.91
C LEU C 191 -46.09 11.00 -14.48
N SER C 192 -46.27 11.62 -15.65
CA SER C 192 -47.60 11.68 -16.24
C SER C 192 -48.10 10.29 -16.61
N LEU C 193 -47.23 9.46 -17.19
CA LEU C 193 -47.63 8.11 -17.57
C LEU C 193 -47.94 7.26 -16.34
N ARG C 194 -47.11 7.38 -15.30
CA ARG C 194 -47.33 6.60 -14.08
C ARG C 194 -48.64 7.00 -13.41
N LEU C 195 -48.95 8.29 -13.41
CA LEU C 195 -50.22 8.74 -12.86
C LEU C 195 -51.39 8.27 -13.71
N LEU C 196 -51.22 8.30 -15.03
CA LEU C 196 -52.29 7.84 -15.94
C LEU C 196 -52.55 6.35 -15.78
N SER C 197 -51.54 5.57 -15.43
CA SER C 197 -51.65 4.11 -15.39
C SER C 197 -52.60 3.58 -14.32
N LYS C 198 -53.29 4.44 -13.57
CA LYS C 198 -54.24 4.01 -12.55
C LYS C 198 -55.68 4.09 -13.04
N ASP C 199 -55.93 3.82 -14.32
CA ASP C 199 -57.25 3.93 -14.91
C ASP C 199 -57.89 2.59 -15.27
N LYS C 200 -57.12 1.68 -15.87
CA LYS C 200 -57.51 0.32 -16.27
C LYS C 200 -58.52 0.29 -17.41
N GLN C 201 -58.93 1.44 -17.96
CA GLN C 201 -59.71 1.47 -19.18
C GLN C 201 -58.75 1.67 -20.37
N VAL C 202 -57.98 0.63 -20.62
CA VAL C 202 -56.87 0.71 -21.58
C VAL C 202 -57.39 0.98 -22.99
N GLU C 203 -58.56 0.44 -23.32
CA GLU C 203 -59.09 0.59 -24.67
C GLU C 203 -59.41 2.04 -25.01
N LYS C 204 -59.67 2.89 -24.02
CA LYS C 204 -59.87 4.31 -24.27
C LYS C 204 -58.58 5.14 -24.15
N TRP C 205 -57.42 4.51 -23.94
CA TRP C 205 -56.19 5.27 -23.87
C TRP C 205 -55.79 5.88 -25.21
N SER C 206 -56.36 5.43 -26.32
CA SER C 206 -56.14 6.06 -27.60
C SER C 206 -57.14 7.18 -27.86
N GLN C 207 -58.06 7.43 -26.94
CA GLN C 207 -59.06 8.48 -27.07
C GLN C 207 -58.80 9.52 -25.99
N PRO C 208 -58.20 10.66 -26.32
CA PRO C 208 -57.73 11.58 -25.27
C PRO C 208 -58.83 12.32 -24.53
N VAL C 209 -60.09 12.20 -24.93
CA VAL C 209 -61.18 12.80 -24.15
C VAL C 209 -61.28 12.11 -22.79
N HIS C 210 -61.29 10.78 -22.81
CA HIS C 210 -61.29 10.01 -21.57
C HIS C 210 -60.03 10.29 -20.75
N VAL C 211 -58.90 10.45 -21.42
CA VAL C 211 -57.65 10.76 -20.73
C VAL C 211 -57.74 12.11 -20.04
N ALA C 212 -58.28 13.11 -20.73
CA ALA C 212 -58.44 14.43 -20.13
C ALA C 212 -59.36 14.37 -18.92
N ARG C 213 -60.46 13.62 -19.04
CA ARG C 213 -61.40 13.49 -17.93
C ARG C 213 -60.73 12.85 -16.71
N VAL C 214 -60.03 11.72 -16.93
CA VAL C 214 -59.45 10.99 -15.80
C VAL C 214 -58.32 11.79 -15.17
N LEU C 215 -57.52 12.49 -15.98
CA LEU C 215 -56.46 13.32 -15.41
C LEU C 215 -57.03 14.50 -14.64
N GLY C 216 -58.11 15.12 -15.13
CA GLY C 216 -58.73 16.18 -14.37
C GLY C 216 -59.22 15.71 -13.02
N ALA C 217 -59.89 14.55 -12.99
CA ALA C 217 -60.36 14.00 -11.72
C ALA C 217 -59.20 13.66 -10.80
N LEU C 218 -58.15 13.03 -11.33
CA LEU C 218 -57.02 12.62 -10.51
C LEU C 218 -56.29 13.81 -9.91
N LEU C 219 -56.05 14.84 -10.72
CA LEU C 219 -55.37 16.03 -10.21
C LEU C 219 -56.24 16.78 -9.21
N HIS C 220 -57.55 16.83 -9.42
CA HIS C 220 -58.40 17.48 -8.43
C HIS C 220 -58.36 16.73 -7.10
N PHE C 221 -58.41 15.40 -7.15
CA PHE C 221 -58.33 14.62 -5.93
C PHE C 221 -56.99 14.80 -5.23
N LEU C 222 -55.90 14.80 -5.99
CA LEU C 222 -54.58 14.98 -5.40
C LEU C 222 -54.42 16.38 -4.80
N LYS C 223 -54.99 17.39 -5.46
CA LYS C 223 -54.98 18.74 -4.91
C LYS C 223 -55.73 18.79 -3.58
N GLU C 224 -56.89 18.14 -3.52
CA GLU C 224 -57.61 18.07 -2.25
C GLU C 224 -56.81 17.33 -1.20
N GLN C 225 -56.00 16.34 -1.62
CA GLN C 225 -55.21 15.57 -0.67
C GLN C 225 -54.04 16.36 -0.09
N ARG C 226 -53.28 17.07 -0.93
CA ARG C 226 -51.94 17.51 -0.56
C ARG C 226 -51.79 19.00 -0.32
N VAL C 227 -52.87 19.77 -0.34
CA VAL C 227 -52.79 21.20 -0.10
C VAL C 227 -52.91 21.45 1.40
N LEU C 228 -51.89 22.11 1.98
CA LEU C 228 -51.91 22.32 3.41
C LEU C 228 -52.68 23.58 3.77
N PRO C 229 -53.36 23.57 4.92
CA PRO C 229 -53.88 24.82 5.48
C PRO C 229 -52.74 25.71 5.96
N THR C 230 -52.97 27.01 5.91
CA THR C 230 -51.93 27.96 6.30
C THR C 230 -51.66 27.89 7.80
N PRO C 231 -50.42 28.08 8.22
CA PRO C 231 -50.14 28.22 9.65
C PRO C 231 -50.76 29.52 10.17
N GLN C 232 -51.67 29.38 11.14
CA GLN C 232 -52.41 30.54 11.61
C GLN C 232 -51.56 31.44 12.48
N THR C 233 -50.41 30.96 12.94
CA THR C 233 -49.52 31.80 13.74
C THR C 233 -48.92 32.91 12.88
N GLN C 234 -48.50 33.98 13.55
CA GLN C 234 -47.93 35.14 12.88
C GLN C 234 -46.41 35.04 12.91
N ALA C 235 -45.82 34.79 11.74
CA ALA C 235 -44.37 34.75 11.58
C ALA C 235 -44.05 35.37 10.22
N THR C 236 -43.82 36.69 10.22
CA THR C 236 -43.54 37.39 8.97
C THR C 236 -42.10 37.18 8.52
N GLN C 237 -41.22 36.76 9.43
CA GLN C 237 -39.80 36.61 9.08
C GLN C 237 -39.59 35.47 8.08
N GLU C 238 -40.40 34.42 8.18
CA GLU C 238 -40.26 33.25 7.32
C GLU C 238 -41.26 33.24 6.17
N GLY C 239 -41.94 34.36 5.93
CA GLY C 239 -42.88 34.43 4.82
C GLY C 239 -42.24 34.25 3.46
N ALA C 240 -40.94 34.51 3.34
CA ALA C 240 -40.26 34.36 2.07
C ALA C 240 -40.14 32.90 1.65
N LEU C 241 -40.17 31.97 2.60
CA LEU C 241 -40.04 30.55 2.29
C LEU C 241 -41.39 29.84 2.17
N LEU C 242 -42.49 30.57 2.36
CA LEU C 242 -43.81 29.96 2.30
C LEU C 242 -44.56 30.25 1.01
N ASN C 243 -44.27 31.36 0.34
CA ASN C 243 -45.02 31.76 -0.84
C ASN C 243 -44.15 31.95 -2.07
N LYS C 244 -43.03 31.24 -2.16
CA LYS C 244 -42.13 31.35 -3.29
C LYS C 244 -42.29 30.16 -4.20
N ARG C 245 -42.51 30.42 -5.48
CA ARG C 245 -42.78 29.39 -6.47
C ARG C 245 -41.64 29.33 -7.48
N ARG C 246 -41.23 28.11 -7.81
CA ARG C 246 -40.11 27.90 -8.73
C ARG C 246 -40.50 27.13 -9.98
N GLY C 247 -41.80 26.96 -10.23
CA GLY C 247 -42.24 26.28 -11.43
C GLY C 247 -43.22 25.19 -11.08
N SER C 248 -43.55 24.35 -12.07
CA SER C 248 -44.58 23.30 -11.84
C SER C 248 -43.94 21.94 -11.56
N VAL C 249 -42.86 21.60 -12.28
CA VAL C 249 -42.19 20.28 -12.10
C VAL C 249 -42.14 19.95 -10.60
N PRO C 250 -41.57 20.81 -9.72
CA PRO C 250 -41.56 20.54 -8.28
C PRO C 250 -42.96 20.18 -7.79
N ILE C 251 -43.94 21.04 -8.06
CA ILE C 251 -45.30 20.78 -7.59
C ILE C 251 -45.72 19.36 -7.92
N LEU C 252 -45.44 18.91 -9.15
CA LEU C 252 -45.76 17.54 -9.53
C LEU C 252 -44.97 16.54 -8.69
N ARG C 253 -43.69 16.81 -8.47
CA ARG C 253 -42.87 15.88 -7.70
C ARG C 253 -43.37 15.78 -6.26
N GLN C 254 -43.75 16.89 -5.66
CA GLN C 254 -44.26 16.88 -4.29
C GLN C 254 -45.64 16.25 -4.22
N TRP C 255 -46.46 16.38 -5.27
CA TRP C 255 -47.78 15.78 -5.23
C TRP C 255 -47.72 14.28 -5.45
N LEU C 256 -46.79 13.81 -6.27
CA LEU C 256 -46.69 12.38 -6.54
C LEU C 256 -45.92 11.64 -5.46
N THR C 257 -44.83 12.22 -4.96
CA THR C 257 -43.95 11.53 -4.04
C THR C 257 -43.87 12.15 -2.65
N GLY C 258 -44.26 13.42 -2.49
CA GLY C 258 -44.19 14.05 -1.18
C GLY C 258 -42.79 14.24 -0.64
N ARG C 259 -41.85 14.61 -1.49
CA ARG C 259 -40.46 14.80 -1.10
C ARG C 259 -39.97 16.18 -1.53
N GLY C 260 -40.79 17.19 -1.28
CA GLY C 260 -40.42 18.54 -1.63
C GLY C 260 -41.14 19.55 -0.75
N ARG C 261 -41.01 20.81 -1.12
CA ARG C 261 -41.67 21.86 -0.37
C ARG C 261 -43.17 21.80 -0.63
N PRO C 262 -44.00 21.63 0.39
CA PRO C 262 -45.45 21.55 0.15
C PRO C 262 -46.04 22.91 -0.15
N VAL C 263 -47.25 22.88 -0.72
CA VAL C 263 -47.96 24.08 -1.11
C VAL C 263 -49.08 24.33 -0.11
N TYR C 264 -49.33 25.61 0.20
CA TYR C 264 -50.32 25.99 1.18
C TYR C 264 -51.62 26.40 0.49
N ASP C 265 -52.65 26.59 1.31
CA ASP C 265 -53.99 26.92 0.80
C ASP C 265 -54.08 28.31 0.21
N GLY C 266 -53.10 29.19 0.47
CA GLY C 266 -53.15 30.53 -0.07
C GLY C 266 -52.97 30.59 -1.58
N GLN C 267 -52.30 29.59 -2.16
CA GLN C 267 -52.10 29.51 -3.61
C GLN C 267 -52.69 28.18 -4.06
N ALA C 268 -53.99 28.16 -4.32
CA ALA C 268 -54.67 26.97 -4.81
C ALA C 268 -55.09 27.11 -6.27
N TRP C 269 -54.74 28.20 -6.93
CA TRP C 269 -55.03 28.39 -8.34
C TRP C 269 -53.98 27.76 -9.23
N VAL C 270 -52.94 27.16 -8.65
CA VAL C 270 -51.90 26.50 -9.44
C VAL C 270 -52.38 25.19 -10.05
N LEU C 271 -53.58 24.73 -9.69
CA LEU C 271 -54.11 23.49 -10.25
C LEU C 271 -54.27 23.61 -11.76
N ALA C 272 -54.75 24.77 -12.24
CA ALA C 272 -54.89 24.97 -13.67
C ALA C 272 -53.53 24.93 -14.37
N ALA C 273 -52.50 25.52 -13.76
CA ALA C 273 -51.18 25.49 -14.35
C ALA C 273 -50.63 24.06 -14.41
N VAL C 274 -50.83 23.29 -13.34
CA VAL C 274 -50.41 21.90 -13.33
C VAL C 274 -51.11 21.10 -14.42
N ALA C 275 -52.43 21.31 -14.56
CA ALA C 275 -53.19 20.61 -15.59
C ALA C 275 -52.69 20.99 -16.97
N CYS C 276 -52.44 22.29 -17.21
CA CYS C 276 -51.95 22.72 -18.51
C CYS C 276 -50.58 22.11 -18.80
N THR C 277 -49.71 22.04 -17.80
CA THR C 277 -48.39 21.46 -17.99
C THR C 277 -48.50 19.99 -18.39
N VAL C 278 -49.30 19.22 -17.66
CA VAL C 278 -49.36 17.79 -17.96
C VAL C 278 -50.07 17.54 -19.29
N LEU C 279 -51.09 18.34 -19.61
CA LEU C 279 -51.76 18.18 -20.90
C LEU C 279 -50.84 18.50 -22.07
N ARG C 280 -50.07 19.58 -21.96
CA ARG C 280 -49.08 19.87 -23.00
C ARG C 280 -48.01 18.79 -23.06
N CYS C 281 -47.71 18.16 -21.92
CA CYS C 281 -46.79 17.03 -21.94
C CYS C 281 -47.35 15.87 -22.75
N LEU C 282 -48.65 15.59 -22.61
CA LEU C 282 -49.22 14.45 -23.32
C LEU C 282 -49.48 14.70 -24.80
N GLY C 283 -49.45 15.95 -25.25
CA GLY C 283 -49.64 16.25 -26.66
C GLY C 283 -50.93 16.95 -27.00
N ILE C 284 -51.84 17.11 -26.06
CA ILE C 284 -53.03 17.94 -26.22
C ILE C 284 -52.67 19.39 -25.88
N PRO C 285 -52.81 20.32 -26.81
CA PRO C 285 -52.60 21.73 -26.49
C PRO C 285 -53.64 22.22 -25.49
N ALA C 286 -53.20 23.08 -24.58
CA ALA C 286 -54.08 23.63 -23.56
C ALA C 286 -53.56 25.00 -23.14
N ARG C 287 -54.44 25.79 -22.54
CA ARG C 287 -54.09 27.12 -22.09
C ARG C 287 -54.91 27.47 -20.87
N VAL C 288 -54.32 28.29 -19.99
CA VAL C 288 -54.94 28.67 -18.74
C VAL C 288 -55.55 30.06 -18.89
N VAL C 289 -56.81 30.19 -18.52
CA VAL C 289 -57.50 31.48 -18.58
C VAL C 289 -57.90 31.88 -17.17
N THR C 290 -58.07 33.18 -16.98
CA THR C 290 -58.40 33.77 -15.70
C THR C 290 -59.72 34.52 -15.82
N THR C 291 -60.66 34.22 -14.94
CA THR C 291 -61.95 34.87 -14.88
C THR C 291 -62.01 35.71 -13.62
N PHE C 292 -62.28 37.00 -13.78
CA PHE C 292 -62.30 37.93 -12.66
C PHE C 292 -63.72 38.13 -12.17
N ALA C 293 -63.87 38.19 -10.84
CA ALA C 293 -65.17 38.32 -10.17
C ALA C 293 -66.10 37.18 -10.61
N SER C 294 -65.67 35.95 -10.30
CA SER C 294 -66.43 34.75 -10.64
C SER C 294 -67.15 34.25 -9.40
N ALA C 295 -68.44 33.97 -9.56
CA ALA C 295 -69.29 33.52 -8.45
C ALA C 295 -69.25 32.00 -8.40
N GLN C 296 -68.39 31.47 -7.53
CA GLN C 296 -68.31 30.03 -7.32
C GLN C 296 -69.37 29.62 -6.29
N GLY C 297 -69.42 28.33 -5.98
CA GLY C 297 -70.35 27.88 -4.98
C GLY C 297 -71.68 27.37 -5.49
N THR C 298 -72.67 28.27 -5.53
CA THR C 298 -74.06 27.89 -5.76
C THR C 298 -74.25 27.13 -7.07
N GLY C 299 -75.15 26.14 -7.04
CA GLY C 299 -75.44 25.33 -8.21
C GLY C 299 -76.80 25.64 -8.82
N GLY C 300 -76.80 26.32 -9.96
CA GLY C 300 -78.00 26.60 -10.70
C GLY C 300 -78.67 27.92 -10.37
N ARG C 301 -78.37 28.51 -9.22
CA ARG C 301 -78.95 29.79 -8.87
C ARG C 301 -78.15 30.94 -9.46
N LEU C 302 -78.84 32.03 -9.79
CA LEU C 302 -78.22 33.27 -10.22
C LEU C 302 -78.31 34.34 -9.14
N LEU C 303 -78.55 33.93 -7.90
CA LEU C 303 -78.70 34.86 -6.79
C LEU C 303 -77.76 34.46 -5.67
N ILE C 304 -76.98 35.43 -5.18
CA ILE C 304 -76.06 35.23 -4.07
C ILE C 304 -76.43 36.20 -2.98
N ASP C 305 -76.59 35.68 -1.76
CA ASP C 305 -76.93 36.50 -0.60
C ASP C 305 -75.66 36.82 0.16
N GLU C 306 -75.44 38.09 0.45
CA GLU C 306 -74.35 38.54 1.28
C GLU C 306 -74.91 39.37 2.43
N TYR C 307 -74.51 39.02 3.64
CA TYR C 307 -75.04 39.66 4.84
C TYR C 307 -73.93 40.49 5.48
N TYR C 308 -74.20 41.78 5.65
CA TYR C 308 -73.25 42.72 6.21
C TYR C 308 -73.68 43.10 7.62
N ASN C 309 -72.70 43.39 8.46
CA ASN C 309 -72.99 43.74 9.84
C ASN C 309 -73.64 45.12 9.91
N GLU C 310 -74.15 45.43 11.11
CA GLU C 310 -74.82 46.71 11.32
C GLU C 310 -73.86 47.88 11.11
N GLU C 311 -72.61 47.73 11.56
CA GLU C 311 -71.60 48.76 11.38
C GLU C 311 -71.19 48.92 9.92
N GLY C 312 -71.58 48.00 9.04
CA GLY C 312 -71.09 47.97 7.69
C GLY C 312 -70.01 46.94 7.44
N LEU C 313 -69.67 46.15 8.44
CA LEU C 313 -68.68 45.09 8.33
C LEU C 313 -69.37 43.80 7.92
N GLN C 314 -68.64 42.70 7.92
CA GLN C 314 -69.21 41.40 7.59
C GLN C 314 -69.32 40.58 8.87
N ASN C 315 -70.55 40.41 9.34
CA ASN C 315 -70.79 39.55 10.51
C ASN C 315 -70.52 38.09 10.16
N GLY C 316 -69.94 37.37 11.10
CA GLY C 316 -69.60 35.99 10.86
C GLY C 316 -68.44 35.86 9.88
N GLU C 317 -68.17 34.60 9.53
CA GLU C 317 -67.11 34.29 8.59
C GLU C 317 -67.58 33.23 7.61
N GLY C 318 -67.23 33.41 6.34
CA GLY C 318 -67.49 32.41 5.33
C GLY C 318 -68.93 32.41 4.84
N GLN C 319 -69.15 31.59 3.81
CA GLN C 319 -70.44 31.41 3.18
C GLN C 319 -70.35 30.18 2.29
N ARG C 320 -71.50 29.69 1.85
CA ARG C 320 -71.51 28.54 0.96
C ARG C 320 -71.00 28.92 -0.43
N GLY C 321 -71.69 29.87 -1.08
CA GLY C 321 -71.25 30.36 -2.36
C GLY C 321 -71.01 31.86 -2.33
N ARG C 322 -69.79 32.28 -2.67
CA ARG C 322 -69.41 33.68 -2.61
C ARG C 322 -68.79 34.10 -3.93
N ILE C 323 -68.54 35.40 -4.05
CA ILE C 323 -67.91 35.98 -5.23
C ILE C 323 -66.41 35.99 -5.00
N TRP C 324 -65.69 35.22 -5.81
CA TRP C 324 -64.25 35.15 -5.68
C TRP C 324 -63.59 36.28 -6.47
N ILE C 325 -62.38 36.65 -6.05
CA ILE C 325 -61.66 37.73 -6.72
C ILE C 325 -61.27 37.31 -8.13
N PHE C 326 -60.74 36.10 -8.28
CA PHE C 326 -60.42 35.56 -9.59
C PHE C 326 -60.42 34.05 -9.52
N GLN C 327 -60.46 33.42 -10.69
CA GLN C 327 -60.47 31.97 -10.78
C GLN C 327 -59.76 31.54 -12.05
N THR C 328 -58.85 30.58 -11.94
CA THR C 328 -58.12 30.07 -13.08
C THR C 328 -58.76 28.79 -13.57
N SER C 329 -58.66 28.54 -14.88
CA SER C 329 -59.24 27.33 -15.45
C SER C 329 -58.47 26.95 -16.69
N THR C 330 -58.64 25.70 -17.11
CA THR C 330 -57.90 25.11 -18.22
C THR C 330 -58.82 24.90 -19.41
N GLU C 331 -58.31 25.24 -20.59
CA GLU C 331 -59.04 25.14 -21.84
C GLU C 331 -58.23 24.31 -22.82
N CYS C 332 -58.89 23.37 -23.48
CA CYS C 332 -58.23 22.42 -24.37
C CYS C 332 -58.84 22.48 -25.75
N TRP C 333 -58.03 22.30 -26.78
CA TRP C 333 -58.48 22.32 -28.16
C TRP C 333 -58.66 20.89 -28.64
N MET C 334 -59.89 20.53 -28.99
CA MET C 334 -60.26 19.14 -29.23
C MET C 334 -61.54 19.13 -30.04
N THR C 335 -61.81 17.98 -30.68
CA THR C 335 -63.02 17.74 -31.44
C THR C 335 -63.91 16.78 -30.66
N ARG C 336 -65.22 17.03 -30.67
CA ARG C 336 -66.15 16.18 -29.94
C ARG C 336 -66.86 15.26 -30.90
N PRO C 337 -66.53 13.97 -30.94
CA PRO C 337 -67.16 13.07 -31.91
C PRO C 337 -68.51 12.55 -31.46
N ALA C 338 -68.70 12.41 -30.15
CA ALA C 338 -69.95 11.90 -29.61
C ALA C 338 -71.02 12.98 -29.47
N LEU C 339 -70.70 14.23 -29.77
CA LEU C 339 -71.59 15.34 -29.59
C LEU C 339 -72.20 15.76 -30.92
N PRO C 340 -73.33 16.48 -30.89
CA PRO C 340 -73.89 17.00 -32.15
C PRO C 340 -72.94 17.92 -32.89
N GLN C 341 -73.25 18.14 -34.16
CA GLN C 341 -72.38 18.92 -35.03
C GLN C 341 -72.35 20.38 -34.61
N GLY C 342 -71.15 20.96 -34.60
CA GLY C 342 -70.96 22.36 -34.29
C GLY C 342 -70.35 22.67 -32.93
N TYR C 343 -69.62 21.73 -32.32
CA TYR C 343 -69.05 21.94 -31.01
C TYR C 343 -67.56 21.62 -30.98
N ASP C 344 -66.91 21.57 -32.14
CA ASP C 344 -65.48 21.36 -32.21
C ASP C 344 -64.76 22.65 -31.82
N GLY C 345 -63.67 22.50 -31.07
CA GLY C 345 -62.87 23.67 -30.71
C GLY C 345 -62.37 23.68 -29.29
N TRP C 346 -62.66 24.76 -28.57
CA TRP C 346 -62.16 24.94 -27.21
C TRP C 346 -63.15 24.39 -26.19
N GLN C 347 -62.63 23.74 -25.16
CA GLN C 347 -63.43 23.16 -24.10
C GLN C 347 -62.84 23.50 -22.74
N ILE C 348 -63.69 23.95 -21.83
CA ILE C 348 -63.29 24.20 -20.45
C ILE C 348 -63.33 22.90 -19.68
N LEU C 349 -62.24 22.58 -18.98
CA LEU C 349 -62.18 21.39 -18.13
C LEU C 349 -62.61 21.77 -16.72
N HIS C 350 -63.73 21.23 -16.25
CA HIS C 350 -64.28 21.55 -14.94
C HIS C 350 -64.48 20.29 -14.10
N PRO C 351 -63.65 20.05 -13.09
CA PRO C 351 -63.89 18.92 -12.20
C PRO C 351 -65.01 19.19 -11.22
N SER C 352 -65.59 18.11 -10.70
CA SER C 352 -66.68 18.18 -9.74
C SER C 352 -66.24 17.61 -8.41
N ALA C 353 -66.63 18.27 -7.33
CA ALA C 353 -66.27 17.84 -5.98
C ALA C 353 -66.94 16.52 -5.62
N GLY C 361 -63.93 11.36 -6.66
CA GLY C 361 -64.15 12.56 -7.47
C GLY C 361 -64.50 12.25 -8.91
N SER C 362 -64.91 13.27 -9.64
CA SER C 362 -65.29 13.13 -11.05
C SER C 362 -65.07 14.45 -11.77
N CYS C 363 -64.55 14.39 -12.98
CA CYS C 363 -64.33 15.55 -13.83
C CYS C 363 -65.08 15.39 -15.15
N ASP C 364 -65.08 16.46 -15.94
CA ASP C 364 -65.64 16.49 -17.29
C ASP C 364 -65.22 17.81 -17.95
N LEU C 365 -65.63 17.97 -19.21
CA LEU C 365 -65.28 19.14 -19.99
C LEU C 365 -66.47 19.58 -20.84
N VAL C 366 -66.54 20.87 -21.14
CA VAL C 366 -67.67 21.42 -21.88
C VAL C 366 -67.20 22.40 -22.94
N PRO C 367 -67.71 22.33 -24.17
CA PRO C 367 -67.32 23.31 -25.20
C PRO C 367 -67.81 24.71 -24.87
N VAL C 368 -67.11 25.70 -25.42
CA VAL C 368 -67.41 27.09 -25.12
C VAL C 368 -68.74 27.51 -25.74
N ARG C 369 -68.99 27.11 -26.99
CA ARG C 369 -70.20 27.54 -27.68
C ARG C 369 -71.45 27.01 -26.98
N ALA C 370 -71.38 25.80 -26.45
CA ALA C 370 -72.50 25.28 -25.67
C ALA C 370 -72.76 26.14 -24.45
N VAL C 371 -71.70 26.65 -23.81
CA VAL C 371 -71.86 27.57 -22.69
C VAL C 371 -72.52 28.86 -23.16
N LYS C 372 -72.10 29.37 -24.33
CA LYS C 372 -72.63 30.63 -24.81
C LYS C 372 -74.12 30.52 -25.14
N GLU C 373 -74.50 29.47 -25.86
CA GLU C 373 -75.91 29.29 -26.21
C GLU C 373 -76.76 28.97 -24.98
N GLY C 374 -76.29 28.04 -24.15
CA GLY C 374 -77.03 27.69 -22.96
C GLY C 374 -77.67 26.32 -23.03
N THR C 375 -77.01 25.39 -23.72
CA THR C 375 -77.54 24.03 -23.83
C THR C 375 -77.35 23.29 -22.52
N LEU C 376 -78.29 23.46 -21.60
CA LEU C 376 -78.13 22.93 -20.25
C LEU C 376 -78.33 21.42 -20.17
N GLY C 377 -79.00 20.82 -21.15
CA GLY C 377 -79.23 19.40 -21.13
C GLY C 377 -78.16 18.63 -21.89
N LEU C 378 -77.10 19.32 -22.27
CA LEU C 378 -76.01 18.72 -23.03
C LEU C 378 -74.94 18.09 -22.14
N THR C 379 -74.74 18.62 -20.94
CA THR C 379 -73.76 18.10 -20.00
C THR C 379 -74.19 18.56 -18.62
N PRO C 380 -74.11 17.70 -17.60
CA PRO C 380 -74.56 18.10 -16.25
C PRO C 380 -73.82 19.31 -15.68
N ALA C 381 -72.58 19.57 -16.11
CA ALA C 381 -71.81 20.68 -15.59
C ALA C 381 -71.92 21.94 -16.45
N VAL C 382 -73.05 22.14 -17.13
CA VAL C 382 -73.22 23.34 -17.94
C VAL C 382 -73.85 24.47 -17.14
N SER C 383 -74.94 24.16 -16.41
CA SER C 383 -75.71 25.19 -15.74
C SER C 383 -74.89 25.89 -14.65
N ASP C 384 -74.14 25.11 -13.87
CA ASP C 384 -73.35 25.69 -12.78
C ASP C 384 -72.26 26.61 -13.32
N LEU C 385 -71.60 26.21 -14.41
CA LEU C 385 -70.58 27.06 -15.00
C LEU C 385 -71.19 28.30 -15.62
N PHE C 386 -72.35 28.16 -16.26
CA PHE C 386 -73.00 29.30 -16.89
C PHE C 386 -73.45 30.32 -15.85
N ALA C 387 -74.00 29.86 -14.73
CA ALA C 387 -74.47 30.78 -13.71
C ALA C 387 -73.34 31.60 -13.12
N ALA C 388 -72.13 31.06 -13.12
CA ALA C 388 -70.98 31.74 -12.53
C ALA C 388 -70.48 32.92 -13.37
N ILE C 389 -70.94 33.05 -14.61
CA ILE C 389 -70.42 34.10 -15.48
C ILE C 389 -71.38 35.28 -15.52
N ASN C 390 -72.63 35.06 -15.12
CA ASN C 390 -73.64 36.12 -15.06
C ASN C 390 -74.61 35.78 -13.93
N ALA C 391 -74.37 36.36 -12.75
CA ALA C 391 -75.22 36.13 -11.60
C ALA C 391 -75.46 37.46 -10.89
N SER C 392 -76.53 37.52 -10.11
CA SER C 392 -76.92 38.71 -9.39
C SER C 392 -76.73 38.49 -7.90
N CYS C 393 -76.34 39.56 -7.19
CA CYS C 393 -76.15 39.51 -5.75
C CYS C 393 -77.04 40.55 -5.09
N VAL C 394 -77.64 40.17 -3.96
CA VAL C 394 -78.45 41.07 -3.15
C VAL C 394 -77.95 40.99 -1.71
N VAL C 395 -77.99 42.12 -1.01
CA VAL C 395 -77.38 42.25 0.30
C VAL C 395 -78.46 42.47 1.35
N TRP C 396 -78.30 41.81 2.49
CA TRP C 396 -79.13 42.03 3.67
C TRP C 396 -78.29 42.76 4.71
N LYS C 397 -78.85 43.80 5.30
CA LYS C 397 -78.17 44.57 6.33
C LYS C 397 -78.63 44.05 7.69
N CYS C 398 -77.71 43.40 8.40
CA CYS C 398 -78.05 42.85 9.71
C CYS C 398 -78.22 43.98 10.72
N CYS C 399 -78.99 43.68 11.77
CA CYS C 399 -79.31 44.67 12.79
C CYS C 399 -79.15 44.04 14.16
N GLU C 400 -79.33 44.87 15.19
CA GLU C 400 -79.15 44.41 16.56
C GLU C 400 -80.18 43.36 16.94
N ASP C 401 -81.42 43.52 16.46
CA ASP C 401 -82.47 42.54 16.75
C ASP C 401 -82.18 41.21 16.06
N GLY C 402 -81.54 41.25 14.89
CA GLY C 402 -81.27 40.07 14.09
C GLY C 402 -82.18 39.91 12.90
N THR C 403 -83.23 40.70 12.79
CA THR C 403 -84.12 40.63 11.64
C THR C 403 -83.48 41.33 10.46
N LEU C 404 -83.32 40.60 9.36
CA LEU C 404 -82.64 41.12 8.18
C LEU C 404 -83.62 41.83 7.26
N GLU C 405 -83.22 43.00 6.79
CA GLU C 405 -84.01 43.79 5.86
C GLU C 405 -83.22 44.00 4.58
N LEU C 406 -83.87 43.76 3.44
CA LEU C 406 -83.23 43.97 2.15
C LEU C 406 -82.96 45.45 1.94
N THR C 407 -81.87 45.75 1.23
CA THR C 407 -81.42 47.12 1.04
C THR C 407 -81.11 47.40 -0.42
N ASP C 408 -81.14 48.68 -0.77
CA ASP C 408 -80.78 49.13 -2.11
C ASP C 408 -79.27 49.30 -2.19
N SER C 409 -78.63 48.53 -3.06
CA SER C 409 -77.19 48.57 -3.23
C SER C 409 -76.85 48.74 -4.71
N ASN C 410 -75.67 49.29 -4.97
CA ASN C 410 -75.22 49.44 -6.35
C ASN C 410 -74.90 48.09 -6.97
N THR C 411 -75.29 47.93 -8.23
CA THR C 411 -75.07 46.67 -8.93
C THR C 411 -73.58 46.51 -9.25
N LYS C 412 -73.11 45.27 -9.16
CA LYS C 412 -71.71 44.95 -9.44
C LYS C 412 -71.63 43.95 -10.59
N TYR C 413 -70.50 43.98 -11.29
CA TYR C 413 -70.30 43.14 -12.45
C TYR C 413 -69.65 41.82 -12.03
N VAL C 414 -70.22 40.72 -12.49
CA VAL C 414 -69.75 39.38 -12.13
C VAL C 414 -69.31 38.66 -13.40
N GLY C 415 -68.09 38.14 -13.38
CA GLY C 415 -67.58 37.39 -14.51
C GLY C 415 -67.40 38.23 -15.76
N ASN C 416 -66.49 39.18 -15.71
CA ASN C 416 -66.22 40.06 -16.84
C ASN C 416 -64.72 40.21 -17.04
N ASN C 417 -64.35 40.61 -18.25
CA ASN C 417 -62.96 40.86 -18.64
C ASN C 417 -62.11 39.59 -18.53
N ILE C 418 -62.54 38.54 -19.22
CA ILE C 418 -61.77 37.30 -19.26
C ILE C 418 -60.54 37.51 -20.12
N SER C 419 -59.37 37.14 -19.60
CA SER C 419 -58.11 37.42 -20.28
C SER C 419 -57.19 36.22 -20.18
N THR C 420 -56.24 36.17 -21.12
CA THR C 420 -55.21 35.13 -21.15
C THR C 420 -53.99 35.68 -21.89
N LYS C 421 -53.00 34.81 -22.08
CA LYS C 421 -51.77 35.20 -22.74
C LYS C 421 -52.00 35.38 -24.24
N GLY C 422 -51.45 36.45 -24.79
CA GLY C 422 -51.58 36.71 -26.20
C GLY C 422 -50.74 35.76 -27.04
N VAL C 423 -51.13 35.65 -28.31
CA VAL C 423 -50.45 34.78 -29.26
C VAL C 423 -49.32 35.55 -29.92
N GLY C 424 -48.13 34.94 -29.93
CA GLY C 424 -46.98 35.52 -30.60
C GLY C 424 -46.30 36.67 -29.89
N SER C 425 -46.77 37.05 -28.71
CA SER C 425 -46.20 38.19 -28.00
C SER C 425 -46.37 37.97 -26.51
N ASP C 426 -46.18 39.04 -25.73
CA ASP C 426 -46.29 39.00 -24.28
C ASP C 426 -47.38 39.93 -23.75
N ARG C 427 -48.32 40.32 -24.60
CA ARG C 427 -49.42 41.19 -24.19
C ARG C 427 -50.66 40.35 -23.95
N CYS C 428 -51.44 40.75 -22.95
CA CYS C 428 -52.66 40.03 -22.64
C CYS C 428 -53.70 40.19 -23.74
N GLU C 429 -54.52 39.18 -23.93
CA GLU C 429 -55.62 39.23 -24.88
C GLU C 429 -56.90 38.78 -24.19
N ASP C 430 -57.99 39.44 -24.51
CA ASP C 430 -59.28 39.14 -23.90
C ASP C 430 -60.09 38.21 -24.80
N ILE C 431 -60.70 37.19 -24.20
CA ILE C 431 -61.52 36.25 -24.93
C ILE C 431 -62.89 36.16 -24.28
N THR C 432 -63.28 37.21 -23.57
CA THR C 432 -64.58 37.23 -22.90
C THR C 432 -65.74 37.20 -23.89
N GLN C 433 -65.53 37.63 -25.13
CA GLN C 433 -66.58 37.60 -26.13
C GLN C 433 -66.93 36.19 -26.57
N ASN C 434 -66.05 35.21 -26.33
CA ASN C 434 -66.35 33.83 -26.66
C ASN C 434 -67.35 33.21 -25.68
N TYR C 435 -67.58 33.82 -24.54
CA TYR C 435 -68.45 33.27 -23.51
C TYR C 435 -69.81 33.94 -23.44
N LYS C 436 -69.87 35.27 -23.61
CA LYS C 436 -71.10 36.02 -23.40
C LYS C 436 -71.42 36.86 -24.62
N TYR C 437 -72.71 37.10 -24.81
CA TYR C 437 -73.17 38.07 -25.77
C TYR C 437 -72.85 39.48 -25.26
N PRO C 438 -72.76 40.46 -26.16
CA PRO C 438 -72.53 41.84 -25.71
C PRO C 438 -73.62 42.31 -24.75
N GLU C 439 -73.20 43.05 -23.73
CA GLU C 439 -74.14 43.50 -22.71
C GLU C 439 -75.09 44.55 -23.28
N GLY C 440 -76.32 44.54 -22.78
CA GLY C 440 -77.34 45.46 -23.26
C GLY C 440 -77.73 45.22 -24.70
N SER C 441 -77.71 43.97 -25.14
CA SER C 441 -78.06 43.60 -26.50
C SER C 441 -79.27 42.66 -26.48
N LEU C 442 -79.71 42.28 -27.67
CA LEU C 442 -80.86 41.39 -27.76
C LEU C 442 -80.49 39.96 -27.39
N GLN C 443 -79.46 39.42 -28.05
CA GLN C 443 -79.17 37.98 -27.97
C GLN C 443 -79.03 37.51 -26.53
N GLU C 444 -78.32 38.31 -25.70
CA GLU C 444 -78.25 37.98 -24.29
C GLU C 444 -79.63 38.04 -23.64
N LYS C 445 -80.48 38.98 -24.07
CA LYS C 445 -81.79 39.11 -23.44
C LYS C 445 -82.66 37.88 -23.71
N GLU C 446 -82.77 37.46 -24.98
CA GLU C 446 -83.58 36.27 -25.24
C GLU C 446 -82.95 35.00 -24.68
N VAL C 447 -81.62 34.87 -24.73
CA VAL C 447 -81.01 33.66 -24.19
C VAL C 447 -81.22 33.58 -22.67
N LEU C 448 -81.01 34.69 -21.96
CA LEU C 448 -81.24 34.70 -20.52
C LEU C 448 -82.71 34.46 -20.18
N GLU C 449 -83.64 35.06 -20.92
CA GLU C 449 -85.04 34.83 -20.59
C GLU C 449 -85.42 33.38 -20.82
N ARG C 450 -84.87 32.75 -21.87
CA ARG C 450 -85.03 31.31 -22.04
C ARG C 450 -84.47 30.56 -20.84
N VAL C 451 -83.35 31.05 -20.28
CA VAL C 451 -82.75 30.39 -19.12
C VAL C 451 -83.68 30.45 -17.91
N GLU C 452 -84.23 31.63 -17.64
CA GLU C 452 -85.14 31.77 -16.48
C GLU C 452 -86.35 30.85 -16.70
N LYS C 453 -86.94 30.87 -17.90
CA LYS C 453 -88.10 30.03 -18.16
C LYS C 453 -87.77 28.55 -17.94
N GLU C 454 -86.63 28.10 -18.44
CA GLU C 454 -86.20 26.71 -18.24
C GLU C 454 -86.05 26.41 -16.75
N LYS C 455 -85.52 27.35 -15.98
CA LYS C 455 -85.34 27.12 -14.56
C LYS C 455 -86.68 27.06 -13.82
N MET C 456 -87.62 27.95 -14.19
CA MET C 456 -88.88 27.99 -13.44
C MET C 456 -89.81 26.85 -13.81
N GLU C 457 -89.68 26.29 -15.03
CA GLU C 457 -90.40 25.05 -15.31
C GLU C 457 -89.90 23.92 -14.42
N ARG C 458 -88.61 23.91 -14.09
CA ARG C 458 -88.04 22.88 -13.24
C ARG C 458 -88.05 23.32 -11.78
N SER C 473 -86.80 55.06 -4.12
CA SER C 473 -85.43 55.40 -3.74
C SER C 473 -85.24 56.91 -3.69
N PRO C 474 -85.66 57.54 -2.59
CA PRO C 474 -85.50 59.00 -2.47
C PRO C 474 -84.04 59.45 -2.46
N LEU C 475 -83.12 58.62 -1.98
CA LEU C 475 -81.73 59.01 -1.89
C LEU C 475 -80.83 57.89 -2.38
N TYR C 476 -79.64 58.27 -2.85
CA TYR C 476 -78.60 57.31 -3.21
C TYR C 476 -77.26 58.04 -3.22
N LEU C 477 -76.23 57.29 -3.62
CA LEU C 477 -74.86 57.79 -3.61
C LEU C 477 -74.07 57.17 -4.75
N LEU C 478 -72.94 57.79 -5.05
CA LEU C 478 -71.93 57.16 -5.90
C LEU C 478 -70.54 57.58 -5.42
N LEU C 479 -69.58 56.68 -5.59
CA LEU C 479 -68.29 56.81 -4.94
C LEU C 479 -67.16 56.64 -5.95
N LYS C 480 -66.10 57.43 -5.77
CA LYS C 480 -64.89 57.37 -6.58
C LYS C 480 -63.73 56.94 -5.71
N ALA C 481 -63.05 55.86 -6.10
CA ALA C 481 -61.90 55.32 -5.40
C ALA C 481 -60.84 54.92 -6.42
N PRO C 482 -59.56 55.02 -6.07
CA PRO C 482 -58.50 54.59 -6.98
C PRO C 482 -58.51 53.09 -7.16
N SER C 483 -58.06 52.65 -8.34
CA SER C 483 -58.02 51.23 -8.65
C SER C 483 -56.88 50.50 -7.95
N SER C 484 -55.92 51.22 -7.38
CA SER C 484 -54.80 50.59 -6.70
C SER C 484 -54.25 51.55 -5.65
N LEU C 485 -53.51 50.98 -4.69
CA LEU C 485 -52.89 51.76 -3.63
C LEU C 485 -51.39 51.47 -3.62
N PRO C 486 -50.54 52.49 -3.71
CA PRO C 486 -49.10 52.25 -3.53
C PRO C 486 -48.80 51.71 -2.15
N LEU C 487 -47.83 50.80 -2.09
CA LEU C 487 -47.44 50.21 -0.81
C LEU C 487 -46.84 51.28 0.11
N ARG C 488 -47.26 51.25 1.37
CA ARG C 488 -46.83 52.24 2.37
C ARG C 488 -47.13 53.67 1.92
N GLY C 489 -48.30 53.85 1.30
CA GLY C 489 -48.66 55.14 0.75
C GLY C 489 -50.00 55.67 1.22
N ASP C 490 -50.68 56.41 0.36
CA ASP C 490 -51.95 57.04 0.71
C ASP C 490 -52.78 57.25 -0.54
N ALA C 491 -54.08 57.45 -0.33
CA ALA C 491 -54.99 57.70 -1.43
C ALA C 491 -56.23 58.42 -0.91
N GLN C 492 -56.79 59.28 -1.75
CA GLN C 492 -58.01 60.01 -1.42
C GLN C 492 -59.21 59.36 -2.08
N ILE C 493 -60.29 59.22 -1.31
CA ILE C 493 -61.50 58.54 -1.75
C ILE C 493 -62.67 59.48 -1.52
N SER C 494 -63.55 59.59 -2.51
CA SER C 494 -64.67 60.52 -2.43
C SER C 494 -65.98 59.77 -2.58
N VAL C 495 -67.01 60.27 -1.91
CA VAL C 495 -68.37 59.76 -2.08
C VAL C 495 -69.31 60.97 -2.17
N THR C 496 -70.27 60.91 -3.09
CA THR C 496 -71.27 61.95 -3.20
C THR C 496 -72.65 61.35 -2.96
N LEU C 497 -73.46 62.12 -2.24
CA LEU C 497 -74.78 61.74 -1.78
C LEU C 497 -75.81 62.69 -2.36
N VAL C 498 -76.93 62.14 -2.82
CA VAL C 498 -78.04 62.91 -3.34
C VAL C 498 -79.34 62.35 -2.74
N ASN C 499 -80.24 63.25 -2.37
CA ASN C 499 -81.58 62.90 -1.95
C ASN C 499 -82.59 63.56 -2.88
N HIS C 500 -83.79 62.98 -2.95
CA HIS C 500 -84.86 63.49 -3.80
C HIS C 500 -86.13 63.58 -2.96
N SER C 501 -86.29 64.70 -2.25
CA SER C 501 -87.49 64.95 -1.46
C SER C 501 -87.57 66.44 -1.17
N GLU C 502 -88.81 66.90 -0.95
CA GLU C 502 -89.00 68.33 -0.67
C GLU C 502 -88.47 68.72 0.70
N GLN C 503 -88.32 67.76 1.61
CA GLN C 503 -87.87 68.02 2.97
C GLN C 503 -86.43 67.59 3.17
N GLU C 504 -85.84 68.06 4.26
CA GLU C 504 -84.51 67.64 4.65
C GLU C 504 -84.57 66.24 5.28
N LYS C 505 -83.38 65.65 5.46
CA LYS C 505 -83.28 64.33 6.05
C LYS C 505 -81.90 64.16 6.67
N ALA C 506 -81.86 63.40 7.76
CA ALA C 506 -80.60 63.08 8.43
C ALA C 506 -80.14 61.69 8.00
N VAL C 507 -78.85 61.55 7.77
CA VAL C 507 -78.26 60.30 7.30
C VAL C 507 -77.04 59.97 8.15
N GLN C 508 -76.76 58.68 8.27
CA GLN C 508 -75.60 58.19 9.02
C GLN C 508 -74.72 57.39 8.06
N LEU C 509 -73.46 57.80 7.95
CA LEU C 509 -72.52 57.18 7.02
C LEU C 509 -71.50 56.35 7.78
N ALA C 510 -71.35 55.09 7.38
CA ALA C 510 -70.35 54.20 7.94
C ALA C 510 -69.47 53.66 6.81
N ILE C 511 -68.16 53.70 7.02
CA ILE C 511 -67.21 53.24 6.02
C ILE C 511 -66.23 52.28 6.67
N GLY C 512 -65.95 51.18 5.98
CA GLY C 512 -65.04 50.18 6.49
C GLY C 512 -64.12 49.67 5.40
N VAL C 513 -62.90 49.33 5.79
CA VAL C 513 -61.90 48.75 4.91
C VAL C 513 -61.39 47.48 5.56
N GLN C 514 -61.40 46.37 4.82
CA GLN C 514 -60.94 45.11 5.38
C GLN C 514 -60.29 44.26 4.28
N ALA C 515 -59.36 43.41 4.71
CA ALA C 515 -58.67 42.53 3.77
C ALA C 515 -59.52 41.29 3.49
N VAL C 516 -59.25 40.66 2.35
CA VAL C 516 -59.97 39.46 1.95
C VAL C 516 -59.03 38.60 1.08
N HIS C 517 -59.23 37.29 1.16
CA HIS C 517 -58.46 36.37 0.33
C HIS C 517 -58.94 36.45 -1.12
N TYR C 518 -58.27 35.69 -1.99
CA TYR C 518 -58.61 35.70 -3.40
C TYR C 518 -59.83 34.86 -3.73
N ASN C 519 -60.26 34.00 -2.80
CA ASN C 519 -61.42 33.15 -3.02
C ASN C 519 -62.61 33.59 -2.17
N GLY C 520 -62.67 34.87 -1.79
CA GLY C 520 -63.77 35.39 -1.01
C GLY C 520 -63.68 35.15 0.48
N VAL C 521 -62.59 34.55 0.96
CA VAL C 521 -62.44 34.30 2.39
C VAL C 521 -61.91 35.57 3.06
N LEU C 522 -62.57 36.00 4.12
CA LEU C 522 -62.11 37.16 4.86
C LEU C 522 -60.80 36.86 5.57
N ALA C 523 -59.98 37.90 5.74
CA ALA C 523 -58.71 37.78 6.43
C ALA C 523 -58.69 38.56 7.73
N ALA C 524 -58.96 39.86 7.68
CA ALA C 524 -58.91 40.70 8.86
C ALA C 524 -59.66 42.00 8.59
N LYS C 525 -59.93 42.73 9.66
CA LYS C 525 -60.51 44.07 9.58
C LYS C 525 -59.42 45.11 9.74
N LEU C 526 -59.49 46.17 8.94
CA LEU C 526 -58.38 47.12 8.86
C LEU C 526 -58.74 48.53 9.30
N TRP C 527 -59.91 49.03 8.95
CA TRP C 527 -60.21 50.43 9.23
C TRP C 527 -61.71 50.64 9.29
N ARG C 528 -62.14 51.57 10.15
CA ARG C 528 -63.55 51.86 10.32
C ARG C 528 -63.73 53.34 10.64
N LYS C 529 -64.84 53.92 10.19
CA LYS C 529 -65.14 55.31 10.46
C LYS C 529 -66.64 55.54 10.33
N LYS C 530 -67.19 56.39 11.21
CA LYS C 530 -68.60 56.73 11.20
C LYS C 530 -68.76 58.25 11.29
N LEU C 531 -69.78 58.76 10.60
CA LEU C 531 -70.11 60.18 10.67
C LEU C 531 -71.60 60.35 10.39
N HIS C 532 -72.08 61.57 10.57
CA HIS C 532 -73.49 61.90 10.38
C HIS C 532 -73.60 63.15 9.51
N LEU C 533 -74.60 63.17 8.64
CA LEU C 533 -74.81 64.29 7.73
C LEU C 533 -76.29 64.64 7.67
N THR C 534 -76.58 65.81 7.10
CA THR C 534 -77.95 66.28 6.94
C THR C 534 -78.09 66.91 5.56
N LEU C 535 -79.01 66.39 4.76
CA LEU C 535 -79.25 66.87 3.41
C LEU C 535 -80.53 67.68 3.37
N SER C 536 -80.48 68.84 2.73
CA SER C 536 -81.62 69.75 2.67
C SER C 536 -81.82 70.23 1.25
N ALA C 537 -83.09 70.26 0.83
CA ALA C 537 -83.52 70.83 -0.45
C ALA C 537 -82.86 70.13 -1.65
N ASN C 538 -82.49 68.85 -1.47
CA ASN C 538 -81.96 68.00 -2.53
C ASN C 538 -80.68 68.60 -3.15
N LEU C 539 -79.70 68.83 -2.29
CA LEU C 539 -78.40 69.33 -2.69
C LEU C 539 -77.39 68.20 -2.68
N GLU C 540 -76.52 68.17 -3.67
CA GLU C 540 -75.44 67.20 -3.69
C GLU C 540 -74.50 67.41 -2.52
N LYS C 541 -73.93 66.32 -2.02
CA LYS C 541 -72.97 66.43 -0.93
C LYS C 541 -71.77 65.55 -1.23
N ILE C 542 -70.62 66.16 -1.40
CA ILE C 542 -69.39 65.47 -1.76
C ILE C 542 -68.47 65.46 -0.54
N ILE C 543 -67.95 64.27 -0.22
CA ILE C 543 -67.03 64.09 0.90
C ILE C 543 -65.81 63.36 0.38
N THR C 544 -64.65 64.02 0.45
CA THR C 544 -63.37 63.44 0.06
C THR C 544 -62.51 63.29 1.30
N ILE C 545 -61.99 62.09 1.51
CA ILE C 545 -61.18 61.80 2.68
C ILE C 545 -59.85 61.19 2.24
N GLY C 546 -58.86 61.29 3.11
CA GLY C 546 -57.59 60.63 2.88
C GLY C 546 -57.48 59.33 3.67
N LEU C 547 -56.78 58.37 3.09
CA LEU C 547 -56.54 57.08 3.72
C LEU C 547 -55.07 56.76 3.58
N PHE C 548 -54.44 56.40 4.69
CA PHE C 548 -53.00 56.24 4.77
C PHE C 548 -52.68 54.82 5.23
N PHE C 549 -51.47 54.38 4.88
CA PHE C 549 -50.98 53.08 5.34
C PHE C 549 -50.78 53.04 6.84
N SER C 550 -50.65 54.19 7.49
CA SER C 550 -50.46 54.26 8.93
C SER C 550 -51.77 54.19 9.71
N ASN C 551 -52.91 54.23 9.03
CA ASN C 551 -54.20 54.25 9.70
C ASN C 551 -54.71 52.85 10.04
N PHE C 552 -54.04 51.81 9.57
CA PHE C 552 -54.54 50.45 9.71
C PHE C 552 -54.36 49.97 11.14
N GLU C 553 -55.33 49.19 11.64
CA GLU C 553 -55.24 48.68 13.00
C GLU C 553 -54.32 47.47 13.10
N ARG C 554 -53.86 46.93 11.97
CA ARG C 554 -52.88 45.86 11.98
C ARG C 554 -52.12 45.90 10.66
N ASN C 555 -51.21 44.94 10.48
CA ASN C 555 -50.50 44.79 9.22
C ASN C 555 -51.35 43.92 8.29
N PRO C 556 -51.68 44.40 7.10
CA PRO C 556 -52.46 43.56 6.18
C PRO C 556 -51.68 42.33 5.78
N PRO C 557 -52.37 41.23 5.47
CA PRO C 557 -51.66 39.98 5.13
C PRO C 557 -50.89 40.06 3.83
N GLU C 558 -50.14 39.00 3.51
CA GLU C 558 -49.26 39.03 2.36
C GLU C 558 -50.04 39.04 1.05
N ASN C 559 -50.92 38.05 0.86
CA ASN C 559 -51.68 37.93 -0.37
C ASN C 559 -53.16 38.13 -0.04
N THR C 560 -53.57 39.40 -0.01
CA THR C 560 -54.96 39.77 0.22
C THR C 560 -55.27 41.02 -0.60
N PHE C 561 -56.56 41.24 -0.82
CA PHE C 561 -57.06 42.42 -1.49
C PHE C 561 -57.94 43.21 -0.54
N LEU C 562 -57.92 44.53 -0.66
CA LEU C 562 -58.71 45.38 0.21
C LEU C 562 -60.11 45.49 -0.36
N ARG C 563 -61.10 45.51 0.53
CA ARG C 563 -62.48 45.79 0.16
C ARG C 563 -62.99 46.90 1.05
N LEU C 564 -63.57 47.92 0.43
CA LEU C 564 -64.14 49.06 1.14
C LEU C 564 -65.65 49.01 0.99
N THR C 565 -66.36 49.21 2.09
CA THR C 565 -67.81 49.21 2.12
C THR C 565 -68.30 50.52 2.70
N ALA C 566 -69.25 51.14 2.00
CA ALA C 566 -69.87 52.39 2.41
C ALA C 566 -71.36 52.14 2.60
N MET C 567 -71.89 52.58 3.74
CA MET C 567 -73.27 52.34 4.11
C MET C 567 -73.89 53.66 4.53
N ALA C 568 -74.96 54.06 3.85
CA ALA C 568 -75.73 55.25 4.19
C ALA C 568 -77.05 54.80 4.77
N THR C 569 -77.30 55.16 6.03
CA THR C 569 -78.51 54.76 6.73
C THR C 569 -79.43 55.97 6.83
N HIS C 570 -80.67 55.78 6.38
CA HIS C 570 -81.67 56.85 6.42
C HIS C 570 -82.38 56.83 7.76
N SER C 571 -82.50 58.02 8.37
CA SER C 571 -83.00 58.10 9.74
C SER C 571 -84.50 57.86 9.82
N GLU C 572 -85.27 58.47 8.91
CA GLU C 572 -86.73 58.43 9.03
C GLU C 572 -87.28 57.06 8.62
N SER C 573 -86.94 56.60 7.42
CA SER C 573 -87.42 55.32 6.94
C SER C 573 -86.42 54.22 7.32
N ASN C 574 -86.69 53.00 6.88
CA ASN C 574 -85.79 51.88 7.10
C ASN C 574 -84.97 51.51 5.88
N LEU C 575 -85.39 51.92 4.69
CA LEU C 575 -84.60 51.69 3.49
C LEU C 575 -83.32 52.50 3.54
N SER C 576 -82.23 51.89 3.11
CA SER C 576 -80.90 52.49 3.23
C SER C 576 -80.02 52.00 2.09
N CYS C 577 -78.99 52.78 1.78
CA CYS C 577 -78.16 52.55 0.61
C CYS C 577 -76.82 51.94 0.98
N PHE C 578 -76.29 51.11 0.08
CA PHE C 578 -75.01 50.45 0.29
C PHE C 578 -74.18 50.49 -0.99
N ALA C 579 -72.86 50.48 -0.83
CA ALA C 579 -71.94 50.36 -1.94
C ALA C 579 -70.66 49.73 -1.44
N GLN C 580 -69.88 49.17 -2.38
CA GLN C 580 -68.57 48.64 -2.03
C GLN C 580 -67.66 48.72 -3.24
N GLU C 581 -66.35 48.67 -2.97
CA GLU C 581 -65.33 48.65 -4.00
C GLU C 581 -64.22 47.70 -3.58
N ASP C 582 -63.47 47.24 -4.59
CA ASP C 582 -62.32 46.37 -4.40
C ASP C 582 -61.06 47.13 -4.82
N ILE C 583 -60.05 47.09 -3.96
CA ILE C 583 -58.79 47.79 -4.19
C ILE C 583 -57.66 46.78 -4.08
N ALA C 584 -56.65 46.94 -4.92
CA ALA C 584 -55.43 46.16 -4.85
C ALA C 584 -54.28 47.05 -4.41
N ILE C 585 -53.18 46.44 -4.01
CA ILE C 585 -52.00 47.16 -3.54
C ILE C 585 -50.90 46.94 -4.56
N CYS C 586 -50.36 48.03 -5.10
CA CYS C 586 -49.30 47.96 -6.09
C CYS C 586 -47.96 48.20 -5.42
N ARG C 587 -46.96 47.45 -5.86
CA ARG C 587 -45.62 47.42 -5.29
C ARG C 587 -44.63 48.11 -6.23
N PRO C 588 -43.52 48.62 -5.70
CA PRO C 588 -42.62 49.44 -6.53
C PRO C 588 -42.06 48.68 -7.72
N HIS C 589 -41.98 49.39 -8.85
CA HIS C 589 -41.49 48.81 -10.09
C HIS C 589 -39.97 48.79 -10.12
N LEU C 590 -39.42 47.77 -10.75
CA LEU C 590 -37.97 47.62 -10.91
C LEU C 590 -37.64 47.53 -12.39
N ALA C 591 -36.61 48.25 -12.81
CA ALA C 591 -36.26 48.39 -14.21
C ALA C 591 -35.14 47.44 -14.60
N ILE C 592 -35.28 46.84 -15.78
CA ILE C 592 -34.31 45.89 -16.31
C ILE C 592 -33.82 46.41 -17.65
N LYS C 593 -32.50 46.43 -17.83
CA LYS C 593 -31.87 46.92 -19.05
C LYS C 593 -30.98 45.83 -19.61
N MET C 594 -31.22 45.45 -20.87
CA MET C 594 -30.45 44.44 -21.57
C MET C 594 -30.74 44.52 -23.07
N PRO C 595 -29.78 44.18 -23.92
CA PRO C 595 -30.01 44.24 -25.38
C PRO C 595 -31.08 43.27 -25.84
N GLU C 596 -31.80 43.65 -26.89
CA GLU C 596 -32.82 42.78 -27.46
C GLU C 596 -32.20 41.59 -28.17
N LYS C 597 -30.97 41.73 -28.66
CA LYS C 597 -30.31 40.67 -29.41
C LYS C 597 -28.97 40.34 -28.77
N ALA C 598 -28.53 39.11 -28.96
CA ALA C 598 -27.23 38.67 -28.45
C ALA C 598 -26.74 37.52 -29.32
N GLU C 599 -25.45 37.24 -29.21
CA GLU C 599 -24.82 36.16 -29.96
C GLU C 599 -24.40 35.04 -29.03
N GLN C 600 -24.50 33.81 -29.53
CA GLN C 600 -24.18 32.64 -28.74
C GLN C 600 -22.70 32.61 -28.38
N TYR C 601 -22.41 32.02 -27.20
CA TYR C 601 -21.05 31.84 -26.71
C TYR C 601 -20.32 33.17 -26.56
N GLN C 602 -21.05 34.22 -26.20
CA GLN C 602 -20.48 35.53 -26.01
C GLN C 602 -20.97 36.14 -24.71
N PRO C 603 -20.14 36.94 -24.04
CA PRO C 603 -20.55 37.55 -22.77
C PRO C 603 -21.73 38.49 -22.97
N LEU C 604 -22.61 38.51 -21.97
CA LEU C 604 -23.80 39.34 -21.99
C LEU C 604 -23.95 39.99 -20.62
N THR C 605 -24.36 41.26 -20.62
CA THR C 605 -24.50 42.04 -19.41
C THR C 605 -25.93 42.54 -19.29
N ALA C 606 -26.43 42.60 -18.06
CA ALA C 606 -27.76 43.12 -17.76
C ALA C 606 -27.67 44.01 -16.53
N SER C 607 -28.61 44.95 -16.42
CA SER C 607 -28.63 45.87 -15.29
C SER C 607 -30.03 45.93 -14.70
N VAL C 608 -30.11 46.00 -13.38
CA VAL C 608 -31.38 46.09 -12.66
C VAL C 608 -31.30 47.27 -11.70
N SER C 609 -32.39 48.04 -11.64
CA SER C 609 -32.45 49.23 -10.80
C SER C 609 -33.81 49.32 -10.12
N LEU C 610 -33.82 49.98 -8.97
CA LEU C 610 -35.05 50.21 -8.21
C LEU C 610 -34.91 51.51 -7.44
N GLN C 611 -36.03 52.22 -7.28
CA GLN C 611 -36.07 53.40 -6.43
C GLN C 611 -36.90 53.10 -5.20
N ASN C 612 -36.32 53.35 -4.02
CA ASN C 612 -37.00 53.14 -2.75
C ASN C 612 -38.03 54.25 -2.61
N SER C 613 -39.29 53.93 -2.92
CA SER C 613 -40.38 54.89 -2.80
C SER C 613 -41.13 54.77 -1.48
N LEU C 614 -40.68 53.90 -0.58
CA LEU C 614 -41.37 53.67 0.68
C LEU C 614 -40.98 54.73 1.71
N ASP C 615 -41.43 54.53 2.95
CA ASP C 615 -41.17 55.44 4.04
C ASP C 615 -40.27 54.83 5.11
N ALA C 616 -39.75 53.63 4.89
CA ALA C 616 -38.97 52.92 5.90
C ALA C 616 -37.62 52.53 5.33
N PRO C 617 -36.58 52.46 6.16
CA PRO C 617 -35.26 52.08 5.66
C PRO C 617 -35.21 50.64 5.22
N MET C 618 -34.31 50.36 4.29
CA MET C 618 -34.10 49.02 3.76
C MET C 618 -32.95 48.31 4.46
N GLU C 619 -33.21 47.08 4.89
CA GLU C 619 -32.18 46.18 5.39
C GLU C 619 -32.49 44.76 4.93
N ASP C 620 -31.43 43.96 4.78
CA ASP C 620 -31.52 42.58 4.31
C ASP C 620 -32.15 42.49 2.92
N CYS C 621 -31.53 43.19 1.96
CA CYS C 621 -31.99 43.13 0.58
C CYS C 621 -31.33 41.96 -0.13
N VAL C 622 -32.13 41.01 -0.60
CA VAL C 622 -31.60 39.82 -1.26
C VAL C 622 -32.28 39.66 -2.60
N ILE C 623 -31.50 39.61 -3.67
CA ILE C 623 -32.08 39.47 -5.01
C ILE C 623 -31.52 38.23 -5.68
N SER C 624 -32.36 37.54 -6.45
CA SER C 624 -31.95 36.33 -7.14
C SER C 624 -32.36 36.41 -8.59
N ILE C 625 -31.60 35.72 -9.44
CA ILE C 625 -31.84 35.65 -10.86
C ILE C 625 -31.95 34.19 -11.27
N LEU C 626 -32.75 33.95 -12.30
CA LEU C 626 -32.86 32.62 -12.88
C LEU C 626 -33.40 32.76 -14.31
N GLY C 627 -33.37 31.64 -15.04
CA GLY C 627 -33.80 31.62 -16.41
C GLY C 627 -33.41 30.33 -17.11
N ARG C 628 -34.31 29.80 -17.93
CA ARG C 628 -34.06 28.53 -18.61
C ARG C 628 -33.22 28.76 -19.86
N GLY C 629 -32.13 28.01 -19.98
CA GLY C 629 -31.27 28.10 -21.14
C GLY C 629 -30.24 29.20 -21.10
N LEU C 630 -30.27 30.05 -20.07
CA LEU C 630 -29.33 31.15 -19.92
C LEU C 630 -28.37 30.97 -18.77
N ILE C 631 -28.88 30.54 -17.61
CA ILE C 631 -28.11 30.41 -16.39
C ILE C 631 -28.37 28.99 -15.89
N HIS C 632 -27.61 28.57 -14.90
CA HIS C 632 -27.94 27.36 -14.15
C HIS C 632 -29.09 27.70 -13.20
N ARG C 633 -29.33 26.81 -12.23
CA ARG C 633 -30.58 26.76 -11.48
C ARG C 633 -31.07 28.12 -10.98
N GLU C 634 -30.32 28.78 -10.11
CA GLU C 634 -30.63 30.15 -9.69
C GLU C 634 -29.45 30.69 -8.88
N ARG C 635 -29.29 32.01 -8.91
CA ARG C 635 -28.18 32.65 -8.22
C ARG C 635 -28.69 33.81 -7.36
N SER C 636 -28.14 33.91 -6.15
CA SER C 636 -28.61 34.88 -5.16
C SER C 636 -27.48 35.82 -4.76
N TYR C 637 -27.85 37.05 -4.39
CA TYR C 637 -26.89 38.09 -4.03
C TYR C 637 -27.45 38.96 -2.90
N ARG C 638 -26.53 39.46 -2.09
CA ARG C 638 -26.78 40.35 -0.96
C ARG C 638 -26.74 41.80 -1.39
N PHE C 639 -27.19 42.69 -0.50
CA PHE C 639 -27.18 44.12 -0.73
C PHE C 639 -27.09 44.88 0.58
N ARG C 640 -26.78 46.18 0.47
CA ARG C 640 -26.65 47.08 1.58
C ARG C 640 -27.99 47.77 1.89
N SER C 641 -27.94 48.75 2.77
CA SER C 641 -29.13 49.51 3.12
C SER C 641 -29.51 50.47 2.01
N VAL C 642 -30.83 50.66 1.82
CA VAL C 642 -31.36 51.68 0.93
C VAL C 642 -32.29 52.57 1.75
N TRP C 643 -32.05 53.87 1.70
CA TRP C 643 -32.89 54.78 2.46
C TRP C 643 -34.16 55.10 1.66
N PRO C 644 -35.23 55.56 2.34
CA PRO C 644 -36.52 55.75 1.66
C PRO C 644 -36.55 56.74 0.49
N GLU C 645 -35.40 57.31 0.11
CA GLU C 645 -35.34 58.17 -1.06
C GLU C 645 -34.37 57.71 -2.13
N ASN C 646 -33.41 56.85 -1.79
CA ASN C 646 -32.33 56.53 -2.73
C ASN C 646 -32.78 55.50 -3.75
N THR C 647 -31.92 55.30 -4.75
CA THR C 647 -32.09 54.26 -5.76
C THR C 647 -30.91 53.31 -5.72
N MET C 648 -31.19 52.04 -5.96
CA MET C 648 -30.20 50.97 -5.96
C MET C 648 -30.06 50.44 -7.38
N CYS C 649 -28.82 50.20 -7.80
CA CYS C 649 -28.52 49.71 -9.14
C CYS C 649 -27.46 48.64 -9.07
N ALA C 650 -27.59 47.62 -9.91
CA ALA C 650 -26.63 46.52 -9.96
C ALA C 650 -26.57 45.98 -11.37
N LYS C 651 -25.48 45.26 -11.66
CA LYS C 651 -25.26 44.67 -12.97
C LYS C 651 -24.81 43.24 -12.83
N PHE C 652 -25.18 42.41 -13.80
CA PHE C 652 -24.81 41.00 -13.84
C PHE C 652 -24.28 40.66 -15.22
N GLN C 653 -23.46 39.61 -15.26
CA GLN C 653 -22.83 39.16 -16.49
C GLN C 653 -22.92 37.64 -16.58
N PHE C 654 -23.16 37.14 -17.78
CA PHE C 654 -23.25 35.69 -17.99
C PHE C 654 -22.96 35.41 -19.46
N THR C 655 -23.28 34.19 -19.90
CA THR C 655 -23.08 33.79 -21.28
C THR C 655 -24.21 32.86 -21.73
N PRO C 656 -25.01 33.26 -22.71
CA PRO C 656 -26.07 32.38 -23.19
C PRO C 656 -25.52 31.16 -23.92
N THR C 657 -26.28 30.07 -23.86
CA THR C 657 -25.83 28.84 -24.52
C THR C 657 -26.84 28.27 -25.52
N HIS C 658 -28.13 28.30 -25.20
CA HIS C 658 -29.13 27.69 -26.06
C HIS C 658 -29.73 28.75 -27.00
N VAL C 659 -29.77 28.40 -28.28
CA VAL C 659 -30.15 29.34 -29.32
C VAL C 659 -31.65 29.60 -29.28
N GLY C 660 -32.06 30.70 -29.92
CA GLY C 660 -33.48 30.99 -30.05
C GLY C 660 -33.96 32.09 -29.14
N LEU C 661 -35.24 32.05 -28.78
CA LEU C 661 -35.85 33.07 -27.94
C LEU C 661 -35.93 32.53 -26.51
N GLN C 662 -35.22 33.18 -25.60
CA GLN C 662 -35.25 32.83 -24.19
C GLN C 662 -35.74 34.02 -23.39
N ARG C 663 -35.86 33.83 -22.08
CA ARG C 663 -36.15 34.93 -21.18
C ARG C 663 -35.52 34.64 -19.83
N LEU C 664 -35.25 35.69 -19.08
CA LEU C 664 -34.72 35.56 -17.73
C LEU C 664 -35.57 36.38 -16.78
N THR C 665 -35.73 35.88 -15.56
CA THR C 665 -36.52 36.56 -14.56
C THR C 665 -35.72 36.74 -13.27
N VAL C 666 -35.90 37.91 -12.67
CA VAL C 666 -35.27 38.25 -11.42
C VAL C 666 -36.35 38.45 -10.37
N GLU C 667 -35.98 38.26 -9.12
CA GLU C 667 -36.90 38.47 -8.02
C GLU C 667 -36.14 39.12 -6.87
N VAL C 668 -36.81 40.02 -6.17
CA VAL C 668 -36.25 40.74 -5.05
C VAL C 668 -37.04 40.36 -3.81
N ASP C 669 -36.32 40.02 -2.74
CA ASP C 669 -36.91 39.69 -1.46
C ASP C 669 -36.34 40.64 -0.42
N CYS C 670 -37.21 41.10 0.48
CA CYS C 670 -36.90 42.21 1.35
C CYS C 670 -37.57 41.98 2.70
N ASN C 671 -37.40 42.94 3.60
CA ASN C 671 -38.07 42.91 4.88
C ASN C 671 -39.52 43.39 4.82
N MET C 672 -39.84 44.36 3.96
CA MET C 672 -41.24 44.79 3.85
C MET C 672 -42.09 43.78 3.07
N PHE C 673 -41.58 43.23 1.97
CA PHE C 673 -42.37 42.33 1.14
C PHE C 673 -41.52 41.14 0.73
N GLN C 674 -42.16 40.20 0.05
CA GLN C 674 -41.50 39.01 -0.43
C GLN C 674 -41.91 38.75 -1.87
N ASN C 675 -41.00 38.17 -2.64
CA ASN C 675 -41.25 37.71 -4.02
C ASN C 675 -41.75 38.85 -4.91
N LEU C 676 -40.87 39.83 -5.13
CA LEU C 676 -41.14 40.89 -6.09
C LEU C 676 -40.49 40.46 -7.42
N THR C 677 -41.32 40.14 -8.41
CA THR C 677 -40.85 39.45 -9.60
C THR C 677 -40.87 40.36 -10.83
N ASN C 678 -39.90 40.14 -11.70
CA ASN C 678 -39.88 40.79 -13.02
C ASN C 678 -39.14 39.89 -13.99
N TYR C 679 -39.36 40.14 -15.28
CA TYR C 679 -38.81 39.28 -16.31
C TYR C 679 -38.53 40.10 -17.57
N LYS C 680 -37.68 39.53 -18.42
CA LYS C 680 -37.37 40.15 -19.71
C LYS C 680 -36.92 39.07 -20.68
N SER C 681 -37.37 39.18 -21.92
CA SER C 681 -37.04 38.23 -22.96
C SER C 681 -35.88 38.73 -23.80
N VAL C 682 -35.31 37.81 -24.58
CA VAL C 682 -34.15 38.11 -25.41
C VAL C 682 -34.06 37.03 -26.47
N THR C 683 -33.40 37.35 -27.58
CA THR C 683 -33.17 36.43 -28.67
C THR C 683 -31.67 36.29 -28.89
N VAL C 684 -31.21 35.05 -28.98
CA VAL C 684 -29.80 34.75 -29.21
C VAL C 684 -29.68 33.94 -30.49
N VAL C 685 -28.71 34.30 -31.33
CA VAL C 685 -28.54 33.72 -32.65
C VAL C 685 -27.21 32.99 -32.71
N ALA C 686 -27.08 32.16 -33.74
CA ALA C 686 -25.85 31.40 -33.94
C ALA C 686 -24.71 32.35 -34.31
N PRO C 687 -23.47 31.99 -33.98
CA PRO C 687 -22.34 32.85 -34.35
C PRO C 687 -22.12 32.88 -35.86
N GLU C 688 -21.59 34.00 -36.32
CA GLU C 688 -21.29 34.16 -37.73
C GLU C 688 -20.12 33.27 -38.12
N LEU C 689 -20.29 32.52 -39.21
CA LEU C 689 -19.25 31.59 -39.67
C LEU C 689 -18.02 32.34 -40.16
N ALA D 4 38.65 -25.53 26.21
CA ALA D 4 37.62 -25.76 27.23
C ALA D 4 37.44 -24.55 28.12
N LEU D 5 38.22 -23.50 27.86
CA LEU D 5 38.15 -22.25 28.61
C LEU D 5 37.49 -21.20 27.74
N GLY D 6 36.38 -20.64 28.23
CA GLY D 6 35.66 -19.64 27.46
C GLY D 6 35.00 -18.56 28.30
N ILE D 7 35.28 -17.31 27.97
CA ILE D 7 34.64 -16.17 28.61
C ILE D 7 33.56 -15.64 27.69
N LYS D 8 32.34 -15.49 28.21
CA LYS D 8 31.25 -15.04 27.38
C LYS D 8 31.18 -13.52 27.32
N SER D 9 31.15 -12.86 28.49
CA SER D 9 31.02 -11.42 28.53
C SER D 9 31.77 -10.88 29.75
N CYS D 10 32.19 -9.63 29.64
CA CYS D 10 32.84 -8.92 30.73
C CYS D 10 32.05 -7.66 31.04
N ASP D 11 31.86 -7.37 32.32
CA ASP D 11 31.06 -6.24 32.79
C ASP D 11 31.92 -5.32 33.64
N PHE D 12 32.33 -4.20 33.07
CA PHE D 12 33.01 -3.15 33.84
C PHE D 12 31.95 -2.48 34.68
N GLN D 13 31.89 -2.82 35.97
CA GLN D 13 30.80 -2.34 36.81
C GLN D 13 30.98 -0.86 37.13
N ALA D 14 30.71 -0.01 36.13
CA ALA D 14 30.89 1.43 36.31
C ALA D 14 29.90 2.00 37.31
N ALA D 15 28.70 1.41 37.38
CA ALA D 15 27.65 1.95 38.23
C ALA D 15 28.00 1.90 39.71
N ARG D 16 29.00 1.10 40.09
CA ARG D 16 29.42 1.02 41.48
C ARG D 16 30.67 1.84 41.77
N ASN D 17 31.72 1.69 40.97
CA ASN D 17 32.99 2.33 41.25
C ASN D 17 33.14 3.71 40.62
N ASN D 18 32.20 4.13 39.76
CA ASN D 18 32.25 5.49 39.25
C ASN D 18 32.01 6.51 40.35
N GLU D 19 31.07 6.22 41.24
CA GLU D 19 30.85 7.07 42.40
C GLU D 19 32.00 6.98 43.39
N GLU D 20 32.61 5.80 43.51
CA GLU D 20 33.73 5.62 44.42
C GLU D 20 34.93 6.47 44.01
N HIS D 21 35.03 6.80 42.73
CA HIS D 21 36.11 7.62 42.20
C HIS D 21 35.71 9.09 42.06
N HIS D 22 34.57 9.47 42.63
CA HIS D 22 34.02 10.82 42.52
C HIS D 22 33.78 11.23 41.07
N THR D 23 33.45 10.26 40.22
CA THR D 23 33.27 10.49 38.79
C THR D 23 31.84 10.25 38.33
N LYS D 24 30.86 10.29 39.25
CA LYS D 24 29.48 10.05 38.86
C LYS D 24 28.95 11.17 37.97
N ALA D 25 29.33 12.42 38.27
CA ALA D 25 28.80 13.55 37.53
C ALA D 25 29.29 13.58 36.08
N LEU D 26 30.31 12.82 35.74
CA LEU D 26 30.83 12.84 34.38
C LEU D 26 30.09 11.88 33.47
N SER D 27 29.80 10.67 33.94
CA SER D 27 29.14 9.67 33.11
C SER D 27 28.49 8.63 34.02
N SER D 28 27.69 7.76 33.40
CA SER D 28 27.06 6.66 34.12
C SER D 28 27.09 5.34 33.36
N ARG D 29 27.63 5.30 32.15
CA ARG D 29 27.73 4.07 31.38
C ARG D 29 29.17 3.67 31.09
N ARG D 30 30.03 4.62 30.75
CA ARG D 30 31.44 4.31 30.55
C ARG D 30 32.17 4.35 31.88
N LEU D 31 33.27 3.58 31.94
CA LEU D 31 34.05 3.43 33.17
C LEU D 31 35.25 4.37 33.10
N PHE D 32 35.25 5.38 33.96
CA PHE D 32 36.34 6.34 34.07
C PHE D 32 36.91 6.25 35.47
N VAL D 33 38.23 6.03 35.56
CA VAL D 33 38.88 5.77 36.84
C VAL D 33 40.09 6.67 37.01
N ARG D 34 40.48 6.85 38.27
CA ARG D 34 41.67 7.59 38.63
C ARG D 34 42.88 6.68 38.67
N ARG D 35 44.05 7.25 38.41
CA ARG D 35 45.29 6.48 38.52
C ARG D 35 45.64 6.24 39.99
N GLY D 36 46.31 5.11 40.24
CA GLY D 36 46.74 4.78 41.57
C GLY D 36 45.66 4.25 42.50
N GLN D 37 44.61 3.63 41.97
CA GLN D 37 43.52 3.17 42.81
C GLN D 37 42.83 1.96 42.16
N PRO D 38 42.54 0.92 42.93
CA PRO D 38 41.94 -0.29 42.36
C PRO D 38 40.48 -0.08 41.99
N PHE D 39 39.99 -0.96 41.13
CA PHE D 39 38.60 -0.96 40.70
C PHE D 39 38.15 -2.39 40.45
N THR D 40 36.88 -2.65 40.74
CA THR D 40 36.34 -4.00 40.67
C THR D 40 35.57 -4.19 39.37
N ILE D 41 35.88 -5.28 38.67
CA ILE D 41 35.16 -5.68 37.47
C ILE D 41 34.73 -7.13 37.63
N ILE D 42 33.76 -7.52 36.80
CA ILE D 42 33.14 -8.85 36.86
C ILE D 42 33.32 -9.51 35.50
N LEU D 43 33.81 -10.74 35.49
CA LEU D 43 33.90 -11.52 34.27
C LEU D 43 32.97 -12.72 34.36
N TYR D 44 32.36 -13.07 33.23
CA TYR D 44 31.40 -14.16 33.14
C TYR D 44 31.92 -15.21 32.17
N PHE D 45 31.89 -16.47 32.60
CA PHE D 45 32.32 -17.58 31.76
C PHE D 45 31.16 -18.13 30.94
N ARG D 46 31.51 -18.86 29.88
CA ARG D 46 30.49 -19.50 29.05
C ARG D 46 29.88 -20.72 29.74
N ALA D 47 30.71 -21.46 30.47
CA ALA D 47 30.31 -22.67 31.19
C ALA D 47 30.90 -22.61 32.58
N PRO D 48 30.33 -23.35 33.54
CA PRO D 48 30.91 -23.40 34.89
C PRO D 48 32.33 -23.98 34.85
N VAL D 49 33.18 -23.42 35.70
CA VAL D 49 34.59 -23.82 35.73
C VAL D 49 34.74 -25.12 36.51
N ARG D 50 35.62 -26.00 36.01
CA ARG D 50 35.87 -27.27 36.69
C ARG D 50 37.07 -27.18 37.62
N ALA D 51 38.23 -26.82 37.07
CA ALA D 51 39.48 -26.75 37.81
C ALA D 51 39.88 -25.30 38.06
N PHE D 52 40.62 -25.09 39.15
CA PHE D 52 40.98 -23.74 39.59
C PHE D 52 42.34 -23.31 39.06
N LEU D 53 43.40 -24.03 39.41
CA LEU D 53 44.76 -23.59 39.09
C LEU D 53 45.15 -23.76 37.63
N PRO D 54 44.81 -24.87 36.94
CA PRO D 54 45.11 -24.91 35.49
C PRO D 54 44.47 -23.79 34.70
N ALA D 55 43.23 -23.43 35.02
CA ALA D 55 42.59 -22.31 34.34
C ALA D 55 43.21 -20.98 34.75
N LEU D 56 43.62 -20.86 36.02
CA LEU D 56 44.22 -19.62 36.50
C LEU D 56 45.58 -19.38 35.87
N LYS D 57 46.35 -20.44 35.61
CA LYS D 57 47.74 -20.27 35.20
C LYS D 57 47.87 -19.82 33.74
N LYS D 58 46.95 -20.26 32.87
CA LYS D 58 47.14 -20.13 31.42
C LYS D 58 46.40 -18.92 30.84
N VAL D 59 46.33 -17.82 31.56
CA VAL D 59 45.66 -16.62 31.08
C VAL D 59 46.43 -15.38 31.54
N ALA D 60 46.61 -14.42 30.63
CA ALA D 60 47.28 -13.17 30.96
C ALA D 60 46.48 -12.02 30.37
N LEU D 61 46.62 -10.83 30.95
CA LEU D 61 45.91 -9.66 30.46
C LEU D 61 46.87 -8.51 30.21
N THR D 62 46.52 -7.71 29.20
CA THR D 62 47.32 -6.57 28.75
C THR D 62 46.48 -5.31 28.78
N ALA D 63 47.13 -4.21 29.17
CA ALA D 63 46.56 -2.88 29.09
C ALA D 63 47.39 -2.05 28.13
N GLN D 64 46.74 -1.47 27.12
CA GLN D 64 47.44 -0.77 26.06
C GLN D 64 46.80 0.59 25.81
N THR D 65 47.58 1.48 25.22
CA THR D 65 47.09 2.80 24.85
C THR D 65 47.94 3.35 23.71
N GLY D 66 47.39 4.32 23.01
CA GLY D 66 48.11 5.00 21.95
C GLY D 66 48.15 4.20 20.66
N GLU D 67 48.76 4.82 19.64
CA GLU D 67 48.91 4.16 18.35
C GLU D 67 49.89 2.99 18.44
N GLN D 68 50.98 3.17 19.18
CA GLN D 68 52.01 2.15 19.34
C GLN D 68 52.23 1.87 20.82
N PRO D 69 51.56 0.86 21.37
CA PRO D 69 51.82 0.49 22.75
C PRO D 69 53.15 -0.23 22.88
N SER D 70 53.93 0.19 23.89
CA SER D 70 55.24 -0.40 24.10
C SER D 70 55.62 -0.27 25.56
N LYS D 71 56.52 -1.15 26.00
CA LYS D 71 57.07 -1.07 27.33
C LYS D 71 58.20 -0.06 27.45
N ILE D 72 58.76 0.38 26.32
CA ILE D 72 59.77 1.43 26.35
C ILE D 72 59.14 2.81 26.42
N ASN D 73 57.89 2.96 25.99
CA ASN D 73 57.10 4.16 26.22
C ASN D 73 56.25 4.05 27.47
N ARG D 74 56.37 2.95 28.21
CA ARG D 74 55.48 2.54 29.31
C ARG D 74 54.01 2.74 28.94
N THR D 75 53.69 2.54 27.67
CA THR D 75 52.33 2.61 27.15
C THR D 75 51.71 1.23 26.98
N GLN D 76 52.39 0.18 27.46
CA GLN D 76 51.92 -1.18 27.33
C GLN D 76 52.29 -1.95 28.57
N ALA D 77 51.33 -2.73 29.09
CA ALA D 77 51.57 -3.54 30.27
C ALA D 77 50.94 -4.91 30.06
N THR D 78 51.64 -5.94 30.50
CA THR D 78 51.16 -7.32 30.44
C THR D 78 51.44 -7.99 31.78
N PHE D 79 50.44 -8.67 32.33
CA PHE D 79 50.60 -9.27 33.64
C PHE D 79 49.57 -10.39 33.81
N PRO D 80 49.84 -11.35 34.68
CA PRO D 80 48.90 -12.46 34.87
C PRO D 80 47.91 -12.19 36.00
N ILE D 81 46.97 -13.13 36.14
CA ILE D 81 45.92 -13.04 37.15
C ILE D 81 46.33 -13.95 38.31
N SER D 82 46.88 -13.34 39.36
CA SER D 82 47.35 -14.08 40.52
C SER D 82 46.71 -13.52 41.78
N SER D 83 46.63 -14.35 42.81
CA SER D 83 46.10 -13.92 44.10
C SER D 83 47.08 -13.04 44.86
N LEU D 84 48.34 -12.96 44.42
CA LEU D 84 49.33 -12.12 45.05
C LEU D 84 50.19 -11.47 43.98
N GLY D 85 50.70 -10.29 44.28
CA GLY D 85 51.56 -9.58 43.35
C GLY D 85 51.97 -8.24 43.93
N ASP D 86 52.77 -7.52 43.16
CA ASP D 86 53.22 -6.18 43.56
C ASP D 86 52.08 -5.19 43.33
N ARG D 87 51.67 -4.50 44.39
CA ARG D 87 50.56 -3.57 44.29
C ARG D 87 51.00 -2.17 43.92
N LYS D 88 52.30 -1.91 43.84
CA LYS D 88 52.79 -0.63 43.37
C LYS D 88 52.85 -0.55 41.85
N TRP D 89 52.61 -1.66 41.16
CA TRP D 89 52.55 -1.68 39.71
C TRP D 89 51.23 -2.33 39.28
N TRP D 90 51.07 -2.60 37.99
CA TRP D 90 49.89 -3.29 37.50
C TRP D 90 49.77 -4.67 38.12
N SER D 91 48.58 -4.98 38.62
CA SER D 91 48.32 -6.28 39.21
C SER D 91 46.82 -6.54 39.12
N ALA D 92 46.45 -7.81 39.29
CA ALA D 92 45.04 -8.20 39.22
C ALA D 92 44.82 -9.35 40.17
N VAL D 93 43.97 -9.14 41.18
CA VAL D 93 43.70 -10.12 42.22
C VAL D 93 42.22 -10.46 42.17
N VAL D 94 41.91 -11.75 42.12
CA VAL D 94 40.53 -12.22 42.12
C VAL D 94 39.99 -12.11 43.54
N GLU D 95 38.96 -11.27 43.73
CA GLU D 95 38.42 -11.08 45.06
C GLU D 95 37.52 -12.23 45.47
N GLU D 96 36.57 -12.63 44.61
CA GLU D 96 35.82 -13.83 44.89
C GLU D 96 35.52 -14.56 43.59
N ARG D 97 35.27 -15.86 43.73
CA ARG D 97 35.04 -16.78 42.63
C ARG D 97 33.68 -17.44 42.80
N ASP D 98 32.97 -17.61 41.68
CA ASP D 98 31.69 -18.31 41.70
C ASP D 98 31.70 -19.39 40.62
N ALA D 99 30.54 -19.97 40.33
CA ALA D 99 30.45 -21.00 39.29
C ALA D 99 30.85 -20.44 37.93
N GLN D 100 30.38 -19.22 37.61
CA GLN D 100 30.73 -18.57 36.36
C GLN D 100 31.18 -17.13 36.52
N SER D 101 30.82 -16.45 37.60
CA SER D 101 31.14 -15.05 37.81
C SER D 101 32.37 -14.91 38.67
N TRP D 102 33.32 -14.08 38.23
CA TRP D 102 34.56 -13.86 38.96
C TRP D 102 34.76 -12.36 39.13
N THR D 103 35.21 -11.95 40.31
CA THR D 103 35.40 -10.53 40.60
C THR D 103 36.89 -10.23 40.71
N ILE D 104 37.38 -9.35 39.85
CA ILE D 104 38.76 -8.88 39.94
C ILE D 104 38.76 -7.48 40.52
N SER D 105 39.76 -7.19 41.34
CA SER D 105 39.99 -5.85 41.87
C SER D 105 41.35 -5.41 41.32
N VAL D 106 41.33 -4.83 40.13
CA VAL D 106 42.56 -4.48 39.43
C VAL D 106 43.18 -3.25 40.08
N THR D 107 44.50 -3.31 40.27
CA THR D 107 45.27 -2.22 40.84
C THR D 107 45.90 -1.42 39.72
N THR D 108 46.12 -0.13 39.98
CA THR D 108 46.68 0.77 39.01
C THR D 108 47.93 1.45 39.58
N PRO D 109 48.97 1.63 38.76
CA PRO D 109 50.17 2.32 39.25
C PRO D 109 49.87 3.77 39.62
N ALA D 110 50.60 4.27 40.63
CA ALA D 110 50.37 5.61 41.14
C ALA D 110 50.78 6.70 40.16
N ASP D 111 51.52 6.37 39.11
CA ASP D 111 51.90 7.34 38.09
C ASP D 111 51.96 6.62 36.75
N ALA D 112 50.89 6.74 35.97
CA ALA D 112 50.78 6.09 34.69
C ALA D 112 50.37 7.10 33.63
N VAL D 113 50.62 6.74 32.37
CA VAL D 113 50.21 7.59 31.25
C VAL D 113 48.70 7.62 31.16
N ILE D 114 48.14 8.83 31.04
CA ILE D 114 46.70 9.00 30.96
C ILE D 114 46.27 8.97 29.50
N GLY D 115 45.00 8.64 29.27
CA GLY D 115 44.43 8.60 27.95
C GLY D 115 43.42 7.50 27.85
N HIS D 116 42.90 7.29 26.65
CA HIS D 116 41.97 6.20 26.41
C HIS D 116 42.75 4.89 26.31
N TYR D 117 42.33 3.90 27.08
CA TYR D 117 43.04 2.63 27.14
C TYR D 117 42.17 1.51 26.60
N SER D 118 42.81 0.37 26.36
CA SER D 118 42.15 -0.82 25.87
C SER D 118 42.68 -2.02 26.64
N LEU D 119 41.77 -2.88 27.06
CA LEU D 119 42.10 -4.07 27.82
C LEU D 119 41.94 -5.29 26.92
N LEU D 120 42.97 -6.12 26.88
CA LEU D 120 42.96 -7.32 26.05
C LEU D 120 43.36 -8.51 26.90
N LEU D 121 42.89 -9.69 26.52
CA LEU D 121 43.20 -10.92 27.21
C LEU D 121 43.86 -11.88 26.24
N GLN D 122 44.99 -12.45 26.64
CA GLN D 122 45.71 -13.44 25.85
C GLN D 122 45.65 -14.77 26.57
N VAL D 123 45.14 -15.78 25.88
CA VAL D 123 45.20 -17.15 26.36
C VAL D 123 46.59 -17.71 26.08
N SER D 124 46.94 -18.80 26.78
CA SER D 124 48.24 -19.43 26.58
C SER D 124 48.39 -19.91 25.14
N GLY D 125 47.35 -20.52 24.58
CA GLY D 125 47.39 -20.99 23.22
C GLY D 125 46.65 -20.11 22.22
N ARG D 126 45.46 -19.64 22.61
CA ARG D 126 44.58 -18.96 21.68
C ARG D 126 45.02 -17.52 21.45
N LYS D 127 44.19 -16.77 20.71
CA LYS D 127 44.50 -15.41 20.32
C LYS D 127 44.10 -14.44 21.44
N GLN D 128 44.14 -13.15 21.12
CA GLN D 128 43.71 -12.11 22.06
C GLN D 128 42.24 -11.77 21.86
N LEU D 129 41.58 -11.42 22.96
CA LEU D 129 40.19 -11.01 22.94
C LEU D 129 40.04 -9.67 23.67
N LEU D 130 39.27 -8.76 23.10
CA LEU D 130 39.11 -7.43 23.66
C LEU D 130 38.04 -7.43 24.75
N LEU D 131 38.28 -6.66 25.81
CA LEU D 131 37.35 -6.53 26.92
C LEU D 131 36.55 -5.23 26.86
N GLY D 132 37.23 -4.10 26.68
CA GLY D 132 36.56 -2.82 26.64
C GLY D 132 37.58 -1.69 26.69
N GLN D 133 37.07 -0.52 27.06
CA GLN D 133 37.89 0.69 27.15
C GLN D 133 37.64 1.38 28.47
N PHE D 134 38.58 2.24 28.86
CA PHE D 134 38.49 3.00 30.09
C PHE D 134 39.43 4.19 29.99
N THR D 135 39.32 5.10 30.95
CA THR D 135 40.06 6.35 30.94
C THR D 135 40.78 6.54 32.26
N LEU D 136 41.97 7.13 32.20
CA LEU D 136 42.81 7.36 33.37
C LEU D 136 42.88 8.85 33.68
N LEU D 137 42.84 9.18 34.96
CA LEU D 137 42.85 10.57 35.40
C LEU D 137 43.66 10.69 36.69
N PHE D 138 44.13 11.90 36.95
CA PHE D 138 44.76 12.21 38.22
C PHE D 138 43.73 12.17 39.35
N ASN D 139 44.23 12.10 40.59
CA ASN D 139 43.37 12.21 41.75
C ASN D 139 44.16 12.81 42.91
N PRO D 140 43.65 13.87 43.53
CA PRO D 140 44.32 14.45 44.72
C PRO D 140 44.06 13.70 46.00
N TRP D 141 43.38 12.56 45.96
CA TRP D 141 43.07 11.80 47.16
C TRP D 141 44.17 10.83 47.56
N ASN D 142 45.20 10.69 46.74
CA ASN D 142 46.29 9.75 47.01
C ASN D 142 47.48 10.52 47.57
N ARG D 143 47.94 10.13 48.76
CA ARG D 143 49.01 10.88 49.41
C ARG D 143 50.36 10.70 48.72
N GLU D 144 50.54 9.59 48.01
CA GLU D 144 51.78 9.35 47.28
C GLU D 144 51.71 9.83 45.83
N ASP D 145 50.54 10.29 45.39
CA ASP D 145 50.42 10.83 44.05
C ASP D 145 51.08 12.19 43.97
N ALA D 146 51.43 12.59 42.74
CA ALA D 146 51.96 13.93 42.53
C ALA D 146 50.94 15.00 42.93
N VAL D 147 49.68 14.76 42.60
CA VAL D 147 48.59 15.66 42.99
C VAL D 147 47.99 15.13 44.28
N PHE D 148 47.95 15.97 45.30
CA PHE D 148 47.36 15.60 46.58
C PHE D 148 47.01 16.87 47.34
N LEU D 149 45.78 16.92 47.85
CA LEU D 149 45.30 18.05 48.64
C LEU D 149 44.78 17.53 49.97
N LYS D 150 45.25 18.14 51.07
CA LYS D 150 44.95 17.60 52.39
C LYS D 150 43.48 17.80 52.76
N ASN D 151 42.93 18.98 52.51
CA ASN D 151 41.54 19.23 52.86
C ASN D 151 40.61 18.50 51.89
N GLU D 152 39.41 18.18 52.40
CA GLU D 152 38.41 17.51 51.58
C GLU D 152 37.46 18.51 50.92
N ALA D 153 37.03 19.52 51.67
CA ALA D 153 36.16 20.55 51.08
C ALA D 153 36.89 21.30 49.97
N GLN D 154 38.17 21.61 50.18
CA GLN D 154 38.96 22.28 49.16
C GLN D 154 39.02 21.47 47.88
N ARG D 155 39.05 20.14 47.99
CA ARG D 155 38.93 19.29 46.81
C ARG D 155 37.59 19.52 46.12
N MET D 156 36.52 19.66 46.90
CA MET D 156 35.19 19.88 46.32
C MET D 156 35.11 21.20 45.57
N GLU D 157 35.69 22.27 46.13
CA GLU D 157 35.63 23.55 45.42
C GLU D 157 36.55 23.57 44.22
N TYR D 158 37.77 23.02 44.35
CA TYR D 158 38.73 23.14 43.27
C TYR D 158 38.72 21.96 42.32
N LEU D 159 37.94 20.93 42.57
CA LEU D 159 37.82 19.88 41.58
C LEU D 159 36.39 19.51 41.26
N LEU D 160 35.49 19.52 42.24
CA LEU D 160 34.13 19.05 42.04
C LEU D 160 33.12 20.16 41.79
N ASN D 161 33.53 21.43 41.92
CA ASN D 161 32.62 22.53 41.64
C ASN D 161 32.56 22.80 40.15
N GLN D 162 31.35 23.05 39.64
CA GLN D 162 31.16 23.39 38.24
C GLN D 162 30.61 24.79 38.02
N ASN D 163 30.11 25.45 39.05
CA ASN D 163 29.60 26.81 38.94
C ASN D 163 30.56 27.73 39.70
N GLY D 164 31.30 28.55 38.97
CA GLY D 164 32.30 29.42 39.53
C GLY D 164 31.93 30.88 39.41
N LEU D 165 32.80 31.72 39.94
CA LEU D 165 32.63 33.17 39.91
C LEU D 165 33.87 33.81 39.31
N ILE D 166 33.65 34.84 38.51
CA ILE D 166 34.72 35.65 37.94
C ILE D 166 34.55 37.07 38.44
N TYR D 167 35.63 37.67 38.92
CA TYR D 167 35.57 38.98 39.56
C TYR D 167 36.08 40.04 38.59
N LEU D 168 35.24 41.04 38.32
CA LEU D 168 35.53 42.09 37.37
C LEU D 168 35.33 43.44 38.03
N GLY D 169 35.57 44.50 37.26
CA GLY D 169 35.51 45.85 37.76
C GLY D 169 36.88 46.41 38.09
N THR D 170 36.87 47.53 38.79
CA THR D 170 38.11 48.15 39.26
C THR D 170 38.51 47.54 40.60
N ALA D 171 39.60 48.07 41.16
CA ALA D 171 40.08 47.57 42.46
C ALA D 171 39.15 47.96 43.60
N ASP D 172 38.32 48.99 43.42
CA ASP D 172 37.48 49.48 44.51
C ASP D 172 36.09 48.84 44.49
N CYS D 173 35.47 48.73 43.33
CA CYS D 173 34.17 48.07 43.21
C CYS D 173 34.36 46.75 42.49
N ILE D 174 33.79 45.69 43.06
CA ILE D 174 33.99 44.33 42.57
C ILE D 174 32.64 43.79 42.13
N GLN D 175 32.60 43.20 40.93
CA GLN D 175 31.41 42.57 40.41
C GLN D 175 31.67 41.09 40.19
N ALA D 176 30.76 40.25 40.68
CA ALA D 176 30.85 38.82 40.47
C ALA D 176 30.01 38.41 39.27
N GLU D 177 30.58 37.55 38.44
CA GLU D 177 29.90 37.03 37.26
C GLU D 177 29.85 35.52 37.37
N SER D 178 28.65 34.95 37.27
CA SER D 178 28.48 33.52 37.41
C SER D 178 28.89 32.83 36.12
N TRP D 179 29.83 31.91 36.22
CA TRP D 179 30.32 31.17 35.07
C TRP D 179 30.06 29.68 35.26
N ASP D 180 29.79 29.01 34.16
CA ASP D 180 29.61 27.56 34.16
C ASP D 180 30.84 26.94 33.50
N PHE D 181 31.77 26.47 34.34
CA PHE D 181 32.94 25.79 33.81
C PHE D 181 32.54 24.50 33.09
N GLY D 182 31.63 23.74 33.68
CA GLY D 182 31.07 22.57 33.03
C GLY D 182 32.09 21.50 32.70
N GLN D 183 33.04 21.24 33.61
CA GLN D 183 34.10 20.27 33.34
C GLN D 183 33.58 18.84 33.27
N PHE D 184 32.34 18.58 33.69
CA PHE D 184 31.76 17.26 33.63
C PHE D 184 30.72 17.13 32.52
N GLU D 185 30.94 17.81 31.40
CA GLU D 185 30.13 17.56 30.23
C GLU D 185 30.58 16.27 29.55
N GLY D 186 29.75 15.77 28.64
CA GLY D 186 30.02 14.47 28.05
C GLY D 186 31.27 14.43 27.19
N ASP D 187 31.48 15.45 26.36
CA ASP D 187 32.53 15.42 25.36
C ASP D 187 33.69 16.36 25.65
N VAL D 188 33.71 17.01 26.82
CA VAL D 188 34.81 17.91 27.13
C VAL D 188 36.12 17.12 27.29
N ILE D 189 36.04 15.92 27.85
CA ILE D 189 37.23 15.09 28.02
C ILE D 189 37.80 14.69 26.66
N ASP D 190 36.92 14.42 25.69
CA ASP D 190 37.39 14.06 24.34
C ASP D 190 38.10 15.23 23.69
N LEU D 191 37.55 16.44 23.83
CA LEU D 191 38.20 17.62 23.26
C LEU D 191 39.56 17.85 23.91
N SER D 192 39.63 17.73 25.24
CA SER D 192 40.89 17.95 25.93
C SER D 192 41.94 16.92 25.51
N LEU D 193 41.55 15.65 25.41
CA LEU D 193 42.49 14.62 25.01
C LEU D 193 42.95 14.80 23.56
N ARG D 194 42.02 15.14 22.67
CA ARG D 194 42.37 15.34 21.27
C ARG D 194 43.31 16.54 21.11
N LEU D 195 43.09 17.60 21.87
CA LEU D 195 44.01 18.73 21.84
C LEU D 195 45.36 18.36 22.43
N LEU D 196 45.37 17.57 23.49
CA LEU D 196 46.64 17.15 24.11
C LEU D 196 47.44 16.26 23.18
N SER D 197 46.78 15.48 22.33
CA SER D 197 47.44 14.48 21.49
C SER D 197 48.37 15.08 20.43
N LYS D 198 48.57 16.39 20.40
CA LYS D 198 49.48 17.02 19.45
C LYS D 198 50.84 17.38 20.08
N ASP D 199 51.32 16.55 21.00
CA ASP D 199 52.56 16.81 21.72
C ASP D 199 53.70 15.88 21.34
N LYS D 200 53.42 14.58 21.20
CA LYS D 200 54.35 13.52 20.82
C LYS D 200 55.43 13.24 21.86
N GLN D 201 55.44 13.94 23.00
CA GLN D 201 56.30 13.56 24.13
C GLN D 201 55.50 12.67 25.08
N VAL D 202 55.23 11.46 24.59
CA VAL D 202 54.31 10.54 25.27
C VAL D 202 54.85 10.16 26.64
N GLU D 203 56.17 10.03 26.76
CA GLU D 203 56.76 9.59 28.02
C GLU D 203 56.53 10.58 29.16
N LYS D 204 56.31 11.86 28.85
CA LYS D 204 55.96 12.82 29.89
C LYS D 204 54.45 13.01 30.07
N TRP D 205 53.62 12.23 29.37
CA TRP D 205 52.18 12.35 29.56
C TRP D 205 51.72 11.89 30.94
N SER D 206 52.56 11.17 31.68
CA SER D 206 52.25 10.82 33.06
C SER D 206 52.72 11.89 34.04
N GLN D 207 53.32 12.97 33.54
CA GLN D 207 53.81 14.05 34.37
C GLN D 207 52.91 15.27 34.21
N PRO D 208 52.36 15.80 35.29
CA PRO D 208 51.37 16.88 35.15
C PRO D 208 51.97 18.22 34.77
N VAL D 209 53.22 18.50 35.16
CA VAL D 209 53.81 19.81 34.90
C VAL D 209 53.99 20.03 33.41
N HIS D 210 54.49 19.00 32.71
CA HIS D 210 54.66 19.08 31.26
C HIS D 210 53.32 19.26 30.57
N VAL D 211 52.29 18.56 31.05
CA VAL D 211 50.95 18.69 30.47
C VAL D 211 50.42 20.10 30.65
N ALA D 212 50.61 20.67 31.86
CA ALA D 212 50.17 22.04 32.10
C ALA D 212 50.88 23.02 31.18
N ARG D 213 52.20 22.82 30.99
CA ARG D 213 52.96 23.71 30.12
C ARG D 213 52.46 23.64 28.69
N VAL D 214 52.29 22.42 28.16
CA VAL D 214 51.91 22.27 26.76
C VAL D 214 50.49 22.77 26.53
N LEU D 215 49.58 22.53 27.48
CA LEU D 215 48.22 23.05 27.31
C LEU D 215 48.19 24.57 27.42
N GLY D 216 49.00 25.16 28.30
CA GLY D 216 49.05 26.60 28.36
C GLY D 216 49.51 27.21 27.04
N ALA D 217 50.57 26.63 26.47
CA ALA D 217 51.06 27.12 25.18
C ALA D 217 50.02 26.95 24.07
N LEU D 218 49.38 25.77 24.03
CA LEU D 218 48.41 25.49 22.97
C LEU D 218 47.21 26.42 23.06
N LEU D 219 46.68 26.63 24.27
CA LEU D 219 45.54 27.52 24.42
C LEU D 219 45.90 28.97 24.14
N HIS D 220 47.10 29.41 24.51
CA HIS D 220 47.51 30.77 24.17
C HIS D 220 47.59 30.95 22.66
N PHE D 221 48.16 29.97 21.96
CA PHE D 221 48.25 30.05 20.50
C PHE D 221 46.86 30.06 19.88
N LEU D 222 45.96 29.20 20.37
CA LEU D 222 44.61 29.15 19.81
C LEU D 222 43.84 30.45 20.08
N LYS D 223 44.05 31.04 21.26
CA LYS D 223 43.44 32.33 21.57
C LYS D 223 43.94 33.40 20.61
N GLU D 224 45.25 33.42 20.34
CA GLU D 224 45.76 34.37 19.37
C GLU D 224 45.19 34.10 17.98
N GLN D 225 44.89 32.84 17.67
CA GLN D 225 44.35 32.50 16.36
C GLN D 225 42.90 32.95 16.18
N ARG D 226 42.04 32.69 17.17
CA ARG D 226 40.60 32.70 16.93
C ARG D 226 39.86 33.87 17.56
N VAL D 227 40.54 34.84 18.15
CA VAL D 227 39.87 35.99 18.75
C VAL D 227 39.70 37.06 17.67
N LEU D 228 38.44 37.47 17.44
CA LEU D 228 38.19 38.44 16.38
C LEU D 228 38.36 39.86 16.89
N PRO D 229 38.83 40.76 16.04
CA PRO D 229 38.73 42.19 16.35
C PRO D 229 37.30 42.65 16.31
N THR D 230 37.00 43.68 17.11
CA THR D 230 35.64 44.17 17.20
C THR D 230 35.23 44.86 15.90
N PRO D 231 33.97 44.76 15.50
CA PRO D 231 33.48 45.56 14.38
C PRO D 231 33.46 47.04 14.76
N GLN D 232 34.23 47.83 14.02
CA GLN D 232 34.40 49.23 14.37
C GLN D 232 33.16 50.06 14.05
N THR D 233 32.24 49.52 13.26
CA THR D 233 31.01 50.23 12.96
C THR D 233 30.14 50.33 14.21
N GLN D 234 29.26 51.33 14.21
CA GLN D 234 28.37 51.58 15.33
C GLN D 234 27.02 50.94 15.06
N ALA D 235 26.72 49.87 15.79
CA ALA D 235 25.43 49.18 15.71
C ALA D 235 25.07 48.75 17.13
N THR D 236 24.35 49.61 17.85
CA THR D 236 23.98 49.29 19.22
C THR D 236 22.82 48.32 19.30
N GLN D 237 22.04 48.20 18.21
CA GLN D 237 20.88 47.32 18.22
C GLN D 237 21.28 45.85 18.32
N GLU D 238 22.39 45.48 17.69
CA GLU D 238 22.85 44.09 17.70
C GLU D 238 23.95 43.84 18.73
N GLY D 239 24.22 44.82 19.60
CA GLY D 239 25.20 44.62 20.66
C GLY D 239 24.82 43.54 21.65
N ALA D 240 23.52 43.18 21.70
CA ALA D 240 23.06 42.14 22.60
C ALA D 240 23.61 40.77 22.23
N LEU D 241 23.84 40.51 20.95
CA LEU D 241 24.29 39.21 20.48
C LEU D 241 25.80 39.12 20.35
N LEU D 242 26.53 40.20 20.67
CA LEU D 242 27.98 40.22 20.55
C LEU D 242 28.70 40.00 21.86
N ASN D 243 28.08 40.33 22.99
CA ASN D 243 28.77 40.27 24.28
C ASN D 243 28.04 39.38 25.28
N LYS D 244 27.33 38.36 24.82
CA LYS D 244 26.60 37.46 25.70
C LYS D 244 27.34 36.13 25.79
N ARG D 245 27.59 35.68 27.02
CA ARG D 245 28.36 34.48 27.28
C ARG D 245 27.47 33.43 27.91
N ARG D 246 27.59 32.18 27.46
CA ARG D 246 26.78 31.09 27.95
C ARG D 246 27.59 29.98 28.60
N GLY D 247 28.87 30.21 28.87
CA GLY D 247 29.69 29.21 29.50
C GLY D 247 30.96 28.99 28.73
N SER D 248 31.67 27.90 29.06
CA SER D 248 32.97 27.64 28.49
C SER D 248 32.97 26.54 27.44
N VAL D 249 32.03 25.62 27.48
CA VAL D 249 31.91 24.55 26.48
C VAL D 249 31.71 25.12 25.08
N PRO D 250 30.83 26.11 24.86
CA PRO D 250 30.79 26.73 23.52
C PRO D 250 32.11 27.35 23.09
N ILE D 251 32.86 27.95 24.02
CA ILE D 251 34.12 28.57 23.67
C ILE D 251 35.12 27.50 23.19
N LEU D 252 35.20 26.39 23.91
CA LEU D 252 36.09 25.31 23.50
C LEU D 252 35.66 24.72 22.16
N ARG D 253 34.35 24.53 21.98
CA ARG D 253 33.87 23.97 20.72
C ARG D 253 34.19 24.89 19.54
N GLN D 254 34.00 26.20 19.73
CA GLN D 254 34.31 27.15 18.66
C GLN D 254 35.80 27.26 18.42
N TRP D 255 36.62 27.10 19.46
CA TRP D 255 38.06 27.19 19.25
C TRP D 255 38.62 25.96 18.58
N LEU D 256 38.06 24.79 18.87
CA LEU D 256 38.57 23.56 18.27
C LEU D 256 38.02 23.33 16.87
N THR D 257 36.73 23.61 16.66
CA THR D 257 36.08 23.28 15.40
C THR D 257 35.59 24.49 14.61
N GLY D 258 35.43 25.64 15.23
CA GLY D 258 34.95 26.81 14.51
C GLY D 258 33.54 26.71 14.00
N ARG D 259 32.63 26.13 14.79
CA ARG D 259 31.23 25.96 14.40
C ARG D 259 30.30 26.52 15.45
N GLY D 260 30.63 27.72 15.93
CA GLY D 260 29.81 28.37 16.93
C GLY D 260 29.96 29.87 16.86
N ARG D 261 29.40 30.54 17.85
CA ARG D 261 29.51 31.98 17.92
C ARG D 261 30.93 32.38 18.29
N PRO D 262 31.62 33.15 17.47
CA PRO D 262 33.01 33.51 17.79
C PRO D 262 33.05 34.58 18.88
N VAL D 263 34.23 34.70 19.49
CA VAL D 263 34.47 35.64 20.57
C VAL D 263 35.26 36.82 20.03
N TYR D 264 34.96 38.01 20.53
CA TYR D 264 35.58 39.24 20.07
C TYR D 264 36.70 39.65 21.03
N ASP D 265 37.46 40.66 20.60
CA ASP D 265 38.62 41.13 21.37
C ASP D 265 38.22 41.86 22.65
N GLY D 266 36.97 42.25 22.81
CA GLY D 266 36.55 42.94 24.01
C GLY D 266 36.55 42.07 25.25
N GLN D 267 36.41 40.76 25.07
CA GLN D 267 36.45 39.80 26.18
C GLN D 267 37.55 38.80 25.89
N ALA D 268 38.78 39.15 26.26
CA ALA D 268 39.93 38.27 26.07
C ALA D 268 40.43 37.71 27.39
N TRP D 269 39.76 37.99 28.50
CA TRP D 269 40.15 37.43 29.78
C TRP D 269 39.54 36.06 30.02
N VAL D 270 38.75 35.55 29.07
CA VAL D 270 38.17 34.22 29.20
C VAL D 270 39.18 33.11 29.02
N LEU D 271 40.41 33.45 28.62
CA LEU D 271 41.45 32.45 28.46
C LEU D 271 41.75 31.75 29.79
N ALA D 272 41.81 32.52 30.88
CA ALA D 272 42.06 31.93 32.19
C ALA D 272 40.93 30.98 32.59
N ALA D 273 39.68 31.36 32.32
CA ALA D 273 38.56 30.49 32.65
C ALA D 273 38.60 29.21 31.83
N VAL D 274 38.93 29.32 30.54
CA VAL D 274 39.05 28.14 29.69
C VAL D 274 40.15 27.21 30.20
N ALA D 275 41.29 27.79 30.56
CA ALA D 275 42.40 27.00 31.09
C ALA D 275 42.00 26.31 32.39
N CYS D 276 41.30 27.02 33.27
CA CYS D 276 40.86 26.42 34.53
C CYS D 276 39.89 25.28 34.26
N THR D 277 38.98 25.46 33.31
CA THR D 277 38.03 24.41 32.96
C THR D 277 38.75 23.16 32.48
N VAL D 278 39.69 23.32 31.54
CA VAL D 278 40.34 22.13 30.99
C VAL D 278 41.24 21.47 32.02
N LEU D 279 41.91 22.26 32.86
CA LEU D 279 42.74 21.68 33.91
C LEU D 279 41.91 20.89 34.92
N ARG D 280 40.78 21.45 35.36
CA ARG D 280 39.90 20.70 36.24
C ARG D 280 39.36 19.46 35.55
N CYS D 281 39.19 19.51 34.22
CA CYS D 281 38.78 18.34 33.47
C CYS D 281 39.84 17.25 33.55
N LEU D 282 41.12 17.62 33.44
CA LEU D 282 42.18 16.62 33.44
C LEU D 282 42.49 16.06 34.84
N GLY D 283 41.99 16.69 35.90
CA GLY D 283 42.22 16.21 37.25
C GLY D 283 43.18 17.02 38.07
N ILE D 284 43.80 18.05 37.51
CA ILE D 284 44.63 18.98 38.25
C ILE D 284 43.75 20.13 38.75
N PRO D 285 43.64 20.33 40.06
CA PRO D 285 42.87 21.47 40.57
C PRO D 285 43.49 22.79 40.17
N ALA D 286 42.64 23.76 39.87
CA ALA D 286 43.09 25.09 39.47
C ALA D 286 42.03 26.10 39.82
N ARG D 287 42.42 27.36 39.85
CA ARG D 287 41.52 28.45 40.18
C ARG D 287 41.97 29.72 39.49
N VAL D 288 41.01 30.57 39.16
CA VAL D 288 41.26 31.81 38.43
C VAL D 288 41.29 32.97 39.43
N VAL D 289 42.35 33.77 39.35
CA VAL D 289 42.48 34.93 40.21
C VAL D 289 42.52 36.18 39.34
N THR D 290 42.16 37.31 39.95
CA THR D 290 42.08 38.59 39.27
C THR D 290 43.01 39.57 39.95
N THR D 291 43.87 40.21 39.17
CA THR D 291 44.78 41.24 39.67
C THR D 291 44.32 42.58 39.12
N PHE D 292 44.10 43.53 40.01
CA PHE D 292 43.59 44.84 39.62
C PHE D 292 44.76 45.83 39.52
N ALA D 293 44.70 46.67 38.49
CA ALA D 293 45.75 47.64 38.16
C ALA D 293 47.09 46.94 38.00
N SER D 294 47.15 46.04 37.02
CA SER D 294 48.35 45.29 36.71
C SER D 294 49.06 45.89 35.51
N ALA D 295 50.36 46.11 35.63
CA ALA D 295 51.15 46.73 34.59
C ALA D 295 51.71 45.64 33.68
N GLN D 296 51.02 45.40 32.56
CA GLN D 296 51.49 44.45 31.57
C GLN D 296 52.49 45.12 30.65
N GLY D 297 52.99 44.37 29.66
CA GLY D 297 53.89 44.98 28.71
C GLY D 297 55.38 44.84 29.02
N THR D 298 55.94 45.85 29.68
CA THR D 298 57.38 45.99 29.83
C THR D 298 58.02 44.78 30.50
N GLY D 299 59.21 44.42 30.03
CA GLY D 299 59.95 43.31 30.57
C GLY D 299 61.13 43.71 31.41
N GLY D 300 61.01 43.56 32.74
CA GLY D 300 62.09 43.82 33.65
C GLY D 300 62.15 45.22 34.20
N ARG D 301 61.50 46.18 33.56
CA ARG D 301 61.49 47.54 34.06
C ARG D 301 60.38 47.73 35.09
N LEU D 302 60.64 48.62 36.05
CA LEU D 302 59.63 49.04 37.02
C LEU D 302 59.16 50.45 36.75
N LEU D 303 59.38 50.95 35.53
CA LEU D 303 59.01 52.31 35.17
C LEU D 303 58.17 52.28 33.91
N ILE D 304 57.02 52.95 33.96
CA ILE D 304 56.11 53.06 32.82
C ILE D 304 55.93 54.54 32.52
N ASP D 305 56.13 54.91 31.25
CA ASP D 305 55.97 56.29 30.81
C ASP D 305 54.59 56.46 30.19
N GLU D 306 53.86 57.46 30.66
CA GLU D 306 52.58 57.83 30.09
C GLU D 306 52.62 59.29 29.70
N TYR D 307 52.25 59.58 28.46
CA TYR D 307 52.33 60.92 27.90
C TYR D 307 50.91 61.46 27.71
N TYR D 308 50.64 62.59 28.34
CA TYR D 308 49.33 63.22 28.28
C TYR D 308 49.40 64.46 27.41
N ASN D 309 48.29 64.77 26.76
CA ASN D 309 48.23 65.91 25.86
C ASN D 309 48.27 67.21 26.65
N GLU D 310 48.46 68.31 25.92
CA GLU D 310 48.54 69.63 26.55
C GLU D 310 47.24 69.98 27.26
N GLU D 311 46.10 69.63 26.65
CA GLU D 311 44.80 69.87 27.26
C GLU D 311 44.55 68.99 28.49
N GLY D 312 45.38 67.99 28.72
CA GLY D 312 45.13 67.01 29.75
C GLY D 312 44.58 65.70 29.22
N LEU D 313 44.44 65.55 27.91
CA LEU D 313 43.96 64.34 27.27
C LEU D 313 45.16 63.45 26.98
N GLN D 314 44.93 62.35 26.26
CA GLN D 314 46.00 61.44 25.87
C GLN D 314 46.26 61.62 24.37
N ASN D 315 47.38 62.24 24.05
CA ASN D 315 47.79 62.36 22.65
C ASN D 315 48.16 61.00 22.08
N GLY D 316 47.78 60.78 20.83
CA GLY D 316 48.05 59.50 20.20
C GLY D 316 47.16 58.41 20.79
N GLU D 317 47.44 57.18 20.34
CA GLU D 317 46.71 56.01 20.80
C GLU D 317 47.68 54.87 21.07
N GLY D 318 47.45 54.16 22.17
CA GLY D 318 48.20 52.96 22.46
C GLY D 318 49.58 53.24 23.05
N GLN D 319 50.23 52.16 23.47
CA GLN D 319 51.57 52.18 24.05
C GLN D 319 52.07 50.74 24.06
N ARG D 320 53.37 50.58 24.29
CA ARG D 320 53.94 49.24 24.37
C ARG D 320 53.50 48.55 25.65
N GLY D 321 53.84 49.13 26.79
CA GLY D 321 53.42 48.61 28.08
C GLY D 321 52.61 49.62 28.86
N ARG D 322 51.38 49.28 29.21
CA ARG D 322 50.48 50.18 29.91
C ARG D 322 49.91 49.50 31.15
N ILE D 323 49.20 50.28 31.95
CA ILE D 323 48.55 49.80 33.15
C ILE D 323 47.15 49.35 32.78
N TRP D 324 46.89 48.05 32.92
CA TRP D 324 45.58 47.51 32.59
C TRP D 324 44.64 47.63 33.79
N ILE D 325 43.35 47.67 33.50
CA ILE D 325 42.36 47.80 34.56
C ILE D 325 42.35 46.55 35.43
N PHE D 326 42.36 45.38 34.81
CA PHE D 326 42.45 44.12 35.53
C PHE D 326 43.04 43.06 34.62
N GLN D 327 43.46 41.96 35.24
CA GLN D 327 44.04 40.85 34.49
C GLN D 327 43.70 39.55 35.20
N THR D 328 43.22 38.57 34.45
CA THR D 328 42.91 37.26 35.01
C THR D 328 44.06 36.30 34.77
N SER D 329 44.22 35.35 35.68
CA SER D 329 45.30 34.39 35.55
C SER D 329 44.91 33.10 36.25
N THR D 330 45.60 32.02 35.88
CA THR D 330 45.31 30.68 36.37
C THR D 330 46.38 30.23 37.36
N GLU D 331 45.93 29.64 38.47
CA GLU D 331 46.78 29.15 39.53
C GLU D 331 46.48 27.67 39.74
N CYS D 332 47.54 26.87 39.84
CA CYS D 332 47.42 25.43 39.92
C CYS D 332 48.13 24.91 41.17
N TRP D 333 47.55 23.90 41.80
CA TRP D 333 48.13 23.27 42.97
C TRP D 333 48.97 22.08 42.54
N MET D 334 50.28 22.15 42.72
CA MET D 334 51.17 21.16 42.15
C MET D 334 52.43 21.11 43.02
N THR D 335 53.22 20.05 42.81
CA THR D 335 54.49 19.84 43.50
C THR D 335 55.62 19.92 42.49
N ARG D 336 56.72 20.55 42.87
CA ARG D 336 57.85 20.72 41.96
C ARG D 336 58.98 19.78 42.36
N PRO D 337 59.21 18.69 41.62
CA PRO D 337 60.27 17.76 42.00
C PRO D 337 61.65 18.18 41.52
N ALA D 338 61.70 18.89 40.39
CA ALA D 338 62.98 19.33 39.83
C ALA D 338 63.50 20.62 40.46
N LEU D 339 62.73 21.22 41.34
CA LEU D 339 63.07 22.50 41.95
C LEU D 339 63.62 22.30 43.36
N PRO D 340 64.35 23.27 43.89
CA PRO D 340 64.82 23.17 45.27
C PRO D 340 63.66 23.06 46.26
N GLN D 341 64.01 22.64 47.48
CA GLN D 341 63.02 22.38 48.51
C GLN D 341 62.37 23.67 48.98
N GLY D 342 61.05 23.63 49.13
CA GLY D 342 60.29 24.76 49.63
C GLY D 342 59.44 25.51 48.62
N TYR D 343 59.09 24.88 47.49
CA TYR D 343 58.33 25.55 46.44
C TYR D 343 57.09 24.76 46.06
N ASP D 344 56.65 23.86 46.94
CA ASP D 344 55.45 23.08 46.70
C ASP D 344 54.21 23.93 46.97
N GLY D 345 53.21 23.79 46.11
CA GLY D 345 51.96 24.50 46.34
C GLY D 345 51.36 25.15 45.11
N TRP D 346 51.06 26.45 45.23
CA TRP D 346 50.37 27.17 44.17
C TRP D 346 51.36 27.74 43.16
N GLN D 347 51.01 27.63 41.88
CA GLN D 347 51.85 28.10 40.79
C GLN D 347 51.01 28.90 39.81
N ILE D 348 51.49 30.07 39.43
CA ILE D 348 50.86 30.87 38.39
C ILE D 348 51.31 30.37 37.04
N LEU D 349 50.35 30.10 36.15
CA LEU D 349 50.65 29.68 34.78
C LEU D 349 50.71 30.92 33.89
N HIS D 350 51.90 31.21 33.35
CA HIS D 350 52.09 32.40 32.52
C HIS D 350 52.66 32.03 31.16
N PRO D 351 51.87 32.10 30.10
CA PRO D 351 52.42 31.85 28.76
C PRO D 351 53.21 33.04 28.26
N SER D 352 54.10 32.77 27.29
CA SER D 352 54.94 33.79 26.69
C SER D 352 54.59 33.95 25.22
N ALA D 353 54.55 35.19 24.75
CA ALA D 353 54.21 35.49 23.37
C ALA D 353 55.29 35.00 22.42
N GLY D 361 54.70 29.48 20.01
CA GLY D 361 54.54 29.98 21.35
C GLY D 361 55.17 29.08 22.40
N SER D 362 55.24 29.57 23.64
CA SER D 362 55.80 28.83 24.75
C SER D 362 55.18 29.30 26.05
N CYS D 363 54.88 28.36 26.94
CA CYS D 363 54.33 28.66 28.26
C CYS D 363 55.25 28.09 29.34
N ASP D 364 54.93 28.43 30.59
CA ASP D 364 55.60 27.92 31.78
C ASP D 364 54.80 28.35 33.00
N LEU D 365 55.28 27.94 34.19
CA LEU D 365 54.60 28.22 35.44
C LEU D 365 55.62 28.52 36.52
N VAL D 366 55.21 29.32 37.50
CA VAL D 366 56.12 29.74 38.57
C VAL D 366 55.43 29.68 39.93
N PRO D 367 56.07 29.14 40.96
CA PRO D 367 55.47 29.13 42.29
C PRO D 367 55.33 30.53 42.87
N VAL D 368 54.36 30.67 43.78
CA VAL D 368 54.06 31.99 44.36
C VAL D 368 55.20 32.46 45.27
N ARG D 369 55.74 31.55 46.09
CA ARG D 369 56.77 31.94 47.05
C ARG D 369 58.01 32.43 46.34
N ALA D 370 58.35 31.83 45.21
CA ALA D 370 59.48 32.31 44.42
C ALA D 370 59.24 33.74 43.95
N VAL D 371 57.99 34.07 43.58
CA VAL D 371 57.66 35.44 43.20
C VAL D 371 57.80 36.36 44.40
N LYS D 372 57.37 35.91 45.59
CA LYS D 372 57.43 36.76 46.77
C LYS D 372 58.87 37.05 47.17
N GLU D 373 59.72 36.03 47.19
CA GLU D 373 61.12 36.25 47.56
C GLU D 373 61.85 37.05 46.49
N GLY D 374 61.69 36.65 45.23
CA GLY D 374 62.35 37.36 44.15
C GLY D 374 63.47 36.57 43.51
N THR D 375 63.32 35.24 43.46
CA THR D 375 64.34 34.40 42.86
C THR D 375 64.30 34.53 41.35
N LEU D 376 64.98 35.53 40.81
CA LEU D 376 64.88 35.85 39.39
C LEU D 376 65.63 34.85 38.52
N GLY D 377 66.59 34.12 39.06
CA GLY D 377 67.34 33.17 38.27
C GLY D 377 66.77 31.77 38.33
N LEU D 378 65.57 31.65 38.89
CA LEU D 378 64.91 30.36 39.04
C LEU D 378 64.06 29.99 37.84
N THR D 379 63.52 30.97 37.12
CA THR D 379 62.70 30.74 35.93
C THR D 379 62.76 32.02 35.11
N PRO D 380 62.89 31.93 33.78
CA PRO D 380 62.96 33.15 32.97
C PRO D 380 61.75 34.06 33.09
N ALA D 381 60.58 33.53 33.42
CA ALA D 381 59.37 34.34 33.54
C ALA D 381 59.10 34.81 34.95
N VAL D 382 60.14 35.02 35.77
CA VAL D 382 59.92 35.50 37.12
C VAL D 382 59.97 37.02 37.17
N SER D 383 60.98 37.63 36.55
CA SER D 383 61.19 39.08 36.67
C SER D 383 60.04 39.86 36.07
N ASP D 384 59.55 39.45 34.89
CA ASP D 384 58.47 40.17 34.24
C ASP D 384 57.19 40.11 35.05
N LEU D 385 56.88 38.95 35.63
CA LEU D 385 55.69 38.84 36.47
C LEU D 385 55.84 39.63 37.75
N PHE D 386 57.04 39.62 38.35
CA PHE D 386 57.26 40.35 39.57
C PHE D 386 57.15 41.86 39.36
N ALA D 387 57.69 42.36 38.25
CA ALA D 387 57.64 43.81 38.01
C ALA D 387 56.21 44.29 37.83
N ALA D 388 55.31 43.42 37.37
CA ALA D 388 53.92 43.78 37.13
C ALA D 388 53.12 43.98 38.41
N ILE D 389 53.63 43.57 39.56
CA ILE D 389 52.86 43.64 40.79
C ILE D 389 53.28 44.86 41.60
N ASN D 390 54.46 45.40 41.32
CA ASN D 390 54.96 46.61 41.98
C ASN D 390 55.84 47.38 41.00
N ALA D 391 55.24 48.36 40.32
CA ALA D 391 55.96 49.19 39.37
C ALA D 391 55.56 50.64 39.57
N SER D 392 56.42 51.53 39.10
CA SER D 392 56.21 52.97 39.23
C SER D 392 55.93 53.58 37.87
N CYS D 393 55.07 54.59 37.84
CA CYS D 393 54.74 55.30 36.61
C CYS D 393 55.06 56.77 36.76
N VAL D 394 55.61 57.36 35.71
CA VAL D 394 55.91 58.79 35.64
C VAL D 394 55.31 59.35 34.37
N VAL D 395 54.81 60.58 34.44
CA VAL D 395 54.04 61.18 33.35
C VAL D 395 54.81 62.34 32.76
N TRP D 396 54.78 62.44 31.44
CA TRP D 396 55.29 63.58 30.70
C TRP D 396 54.11 64.37 30.14
N LYS D 397 54.13 65.68 30.33
CA LYS D 397 53.08 66.56 29.84
C LYS D 397 53.53 67.11 28.50
N CYS D 398 52.85 66.68 27.43
CA CYS D 398 53.19 67.15 26.09
C CYS D 398 52.79 68.61 25.92
N CYS D 399 53.47 69.28 25.00
CA CYS D 399 53.26 70.69 24.77
C CYS D 399 53.18 70.95 23.26
N GLU D 400 52.87 72.20 22.91
CA GLU D 400 52.72 72.57 21.51
C GLU D 400 54.04 72.44 20.74
N ASP D 401 55.16 72.76 21.38
CA ASP D 401 56.45 72.61 20.72
C ASP D 401 56.80 71.14 20.51
N GLY D 402 56.34 70.27 21.40
CA GLY D 402 56.66 68.85 21.36
C GLY D 402 57.70 68.42 22.36
N THR D 403 58.37 69.35 23.03
CA THR D 403 59.35 69.01 24.04
C THR D 403 58.63 68.60 25.33
N LEU D 404 58.91 67.38 25.78
CA LEU D 404 58.24 66.83 26.95
C LEU D 404 58.96 67.23 28.22
N GLU D 405 58.18 67.65 29.22
CA GLU D 405 58.71 68.04 30.53
C GLU D 405 58.07 67.16 31.59
N LEU D 406 58.90 66.61 32.48
CA LEU D 406 58.39 65.80 33.57
C LEU D 406 57.59 66.66 34.55
N THR D 407 56.58 66.04 35.16
CA THR D 407 55.65 66.75 36.01
C THR D 407 55.45 66.00 37.32
N ASP D 408 55.00 66.73 38.33
CA ASP D 408 54.67 66.16 39.63
C ASP D 408 53.25 65.63 39.59
N SER D 409 53.10 64.31 39.79
CA SER D 409 51.80 63.66 39.77
C SER D 409 51.63 62.82 41.02
N ASN D 410 50.37 62.58 41.39
CA ASN D 410 50.08 61.75 42.55
C ASN D 410 50.40 60.29 42.26
N THR D 411 50.99 59.63 43.25
CA THR D 411 51.35 58.22 43.11
C THR D 411 50.10 57.34 43.11
N LYS D 412 50.12 56.29 42.30
CA LYS D 412 49.01 55.36 42.19
C LYS D 412 49.46 53.96 42.56
N TYR D 413 48.51 53.17 43.05
CA TYR D 413 48.78 51.80 43.47
C TYR D 413 48.68 50.86 42.27
N VAL D 414 49.65 49.98 42.14
CA VAL D 414 49.73 49.03 41.04
C VAL D 414 49.74 47.62 41.62
N GLY D 415 48.83 46.78 41.12
CA GLY D 415 48.79 45.39 41.54
C GLY D 415 48.41 45.22 43.00
N ASN D 416 47.17 45.56 43.35
CA ASN D 416 46.68 45.44 44.72
C ASN D 416 45.31 44.79 44.70
N ASN D 417 44.92 44.26 45.87
CA ASN D 417 43.62 43.62 46.08
C ASN D 417 43.43 42.40 45.17
N ILE D 418 44.38 41.47 45.25
CA ILE D 418 44.26 40.22 44.53
C ILE D 418 43.17 39.39 45.19
N SER D 419 42.15 39.01 44.43
CA SER D 419 40.98 38.37 45.00
C SER D 419 40.53 37.20 44.12
N THR D 420 39.80 36.28 44.75
CA THR D 420 39.25 35.12 44.07
C THR D 420 38.02 34.65 44.83
N LYS D 421 37.45 33.53 44.37
CA LYS D 421 36.25 32.99 45.00
C LYS D 421 36.60 32.39 46.35
N GLY D 422 35.75 32.66 47.34
CA GLY D 422 35.97 32.13 48.66
C GLY D 422 35.70 30.64 48.75
N VAL D 423 36.27 30.05 49.80
CA VAL D 423 36.14 28.62 50.03
C VAL D 423 34.86 28.34 50.82
N GLY D 424 34.05 27.43 50.31
CA GLY D 424 32.85 26.99 50.99
C GLY D 424 31.68 27.96 50.95
N SER D 425 31.81 29.10 50.28
CA SER D 425 30.76 30.10 50.27
C SER D 425 30.82 30.86 48.94
N ASP D 426 30.12 31.99 48.88
CA ASP D 426 30.06 32.80 47.68
C ASP D 426 30.60 34.21 47.91
N ARG D 427 31.42 34.39 48.94
CA ARG D 427 32.03 35.68 49.23
C ARG D 427 33.45 35.71 48.68
N CYS D 428 33.88 36.87 48.21
CA CYS D 428 35.23 37.00 47.69
C CYS D 428 36.25 36.90 48.82
N GLU D 429 37.42 36.36 48.50
CA GLU D 429 38.52 36.29 49.44
C GLU D 429 39.78 36.85 48.80
N ASP D 430 40.56 37.60 49.56
CA ASP D 430 41.76 38.23 49.06
C ASP D 430 42.98 37.37 49.40
N ILE D 431 43.86 37.19 48.41
CA ILE D 431 45.09 36.42 48.59
C ILE D 431 46.28 37.25 48.18
N THR D 432 46.14 38.58 48.25
CA THR D 432 47.23 39.48 47.88
C THR D 432 48.43 39.35 48.80
N GLN D 433 48.22 38.88 50.03
CA GLN D 433 49.32 38.71 50.97
C GLN D 433 50.26 37.57 50.59
N ASN D 434 49.81 36.65 49.74
CA ASN D 434 50.68 35.58 49.27
C ASN D 434 51.71 36.06 48.27
N TYR D 435 51.50 37.24 47.67
CA TYR D 435 52.40 37.75 46.64
C TYR D 435 53.35 38.82 47.14
N LYS D 436 52.91 39.70 48.03
CA LYS D 436 53.71 40.85 48.43
C LYS D 436 53.82 40.90 49.95
N TYR D 437 54.91 41.47 50.41
CA TYR D 437 55.09 41.84 51.80
C TYR D 437 54.18 43.02 52.13
N PRO D 438 53.85 43.22 53.40
CA PRO D 438 53.04 44.39 53.77
C PRO D 438 53.73 45.68 53.38
N GLU D 439 52.94 46.64 52.91
CA GLU D 439 53.48 47.91 52.45
C GLU D 439 54.01 48.73 53.61
N GLY D 440 55.07 49.49 53.36
CA GLY D 440 55.70 50.29 54.39
C GLY D 440 56.32 49.46 55.50
N SER D 441 56.84 48.29 55.17
CA SER D 441 57.47 47.39 56.13
C SER D 441 58.93 47.19 55.75
N LEU D 442 59.63 46.40 56.56
CA LEU D 442 61.04 46.15 56.27
C LEU D 442 61.19 45.16 55.12
N GLN D 443 60.55 43.99 55.23
CA GLN D 443 60.82 42.87 54.31
C GLN D 443 60.69 43.30 52.86
N GLU D 444 59.65 44.08 52.54
CA GLU D 444 59.52 44.62 51.20
C GLU D 444 60.69 45.55 50.88
N LYS D 445 61.15 46.32 51.86
CA LYS D 445 62.24 47.26 51.58
C LYS D 445 63.53 46.54 51.23
N GLU D 446 63.94 45.56 52.05
CA GLU D 446 65.18 44.86 51.70
C GLU D 446 65.03 44.00 50.45
N VAL D 447 63.87 43.37 50.24
CA VAL D 447 63.72 42.57 49.02
C VAL D 447 63.75 43.44 47.78
N LEU D 448 63.05 44.57 47.79
CA LEU D 448 63.10 45.46 46.64
C LEU D 448 64.51 45.99 46.42
N GLU D 449 65.18 46.48 47.47
CA GLU D 449 66.51 47.03 47.25
C GLU D 449 67.48 45.96 46.76
N ARG D 450 67.28 44.70 47.16
CA ARG D 450 68.02 43.60 46.56
C ARG D 450 67.70 43.50 45.07
N VAL D 451 66.44 43.73 44.69
CA VAL D 451 66.07 43.66 43.27
C VAL D 451 66.76 44.74 42.46
N GLU D 452 66.77 46.00 42.94
CA GLU D 452 67.50 47.02 42.20
C GLU D 452 69.01 46.76 42.19
N LYS D 453 69.56 46.26 43.31
CA LYS D 453 70.98 45.92 43.32
C LYS D 453 71.31 44.84 42.30
N GLU D 454 70.44 43.84 42.15
CA GLU D 454 70.61 42.85 41.11
C GLU D 454 70.49 43.47 39.72
N LYS D 455 69.53 44.39 39.55
CA LYS D 455 69.24 44.89 38.20
C LYS D 455 70.32 45.81 37.68
N MET D 456 70.90 46.67 38.53
CA MET D 456 71.84 47.66 38.00
C MET D 456 73.15 47.03 37.54
N GLU D 457 73.53 45.89 38.12
CA GLU D 457 74.72 45.19 37.64
C GLU D 457 74.52 44.67 36.23
N ARG D 458 73.29 44.25 35.90
CA ARG D 458 72.97 43.76 34.58
C ARG D 458 72.45 44.88 33.68
N SER D 473 58.13 71.71 45.37
CA SER D 473 56.70 71.64 45.08
C SER D 473 55.93 72.68 45.86
N PRO D 474 55.94 73.93 45.37
CA PRO D 474 55.20 74.98 46.08
C PRO D 474 53.69 74.75 46.14
N LEU D 475 53.12 74.04 45.18
CA LEU D 475 51.68 73.83 45.14
C LEU D 475 51.37 72.37 44.84
N TYR D 476 50.20 71.92 45.30
CA TYR D 476 49.69 70.60 44.98
C TYR D 476 48.19 70.56 45.26
N LEU D 477 47.56 69.50 44.79
CA LEU D 477 46.12 69.32 44.89
C LEU D 477 45.80 67.92 45.38
N LEU D 478 44.58 67.75 45.87
CA LEU D 478 44.02 66.42 46.09
C LEU D 478 42.53 66.46 45.78
N LEU D 479 42.02 65.33 45.29
CA LEU D 479 40.71 65.29 44.67
C LEU D 479 39.87 64.15 45.25
N LYS D 480 38.58 64.41 45.42
CA LYS D 480 37.61 63.44 45.89
C LYS D 480 36.59 63.17 44.78
N ALA D 481 36.45 61.90 44.43
CA ALA D 481 35.52 61.45 43.41
C ALA D 481 34.84 60.18 43.88
N PRO D 482 33.59 59.95 43.47
CA PRO D 482 32.91 58.71 43.84
C PRO D 482 33.54 57.51 43.15
N SER D 483 33.44 56.36 43.81
CA SER D 483 34.00 55.14 43.25
C SER D 483 33.16 54.54 42.14
N SER D 484 31.92 55.00 41.96
CA SER D 484 31.06 54.49 40.91
C SER D 484 30.07 55.57 40.52
N LEU D 485 29.50 55.42 39.33
CA LEU D 485 28.49 56.33 38.82
C LEU D 485 27.24 55.55 38.45
N PRO D 486 26.07 55.90 38.98
CA PRO D 486 24.83 55.26 38.52
C PRO D 486 24.60 55.54 37.04
N LEU D 487 24.07 54.54 36.34
CA LEU D 487 23.79 54.67 34.93
C LEU D 487 22.71 55.73 34.69
N ARG D 488 22.96 56.59 33.70
CA ARG D 488 22.06 57.70 33.37
C ARG D 488 21.82 58.59 34.58
N GLY D 489 22.88 58.84 35.35
CA GLY D 489 22.76 59.61 36.58
C GLY D 489 23.71 60.79 36.66
N ASP D 490 24.15 61.11 37.87
CA ASP D 490 25.00 62.26 38.10
C ASP D 490 25.83 62.05 39.35
N ALA D 491 26.92 62.81 39.46
CA ALA D 491 27.80 62.72 40.61
C ALA D 491 28.57 64.04 40.75
N GLN D 492 28.86 64.40 42.00
CA GLN D 492 29.65 65.59 42.29
C GLN D 492 31.08 65.21 42.61
N ILE D 493 32.02 65.97 42.04
CA ILE D 493 33.45 65.69 42.18
C ILE D 493 34.12 66.97 42.67
N SER D 494 35.00 66.84 43.65
CA SER D 494 35.65 67.99 44.25
C SER D 494 37.16 67.87 44.11
N VAL D 495 37.82 69.01 43.98
CA VAL D 495 39.28 69.09 44.00
C VAL D 495 39.68 70.27 44.86
N THR D 496 40.70 70.09 45.70
CA THR D 496 41.22 71.17 46.51
C THR D 496 42.67 71.42 46.16
N LEU D 497 43.03 72.70 46.10
CA LEU D 497 44.33 73.19 45.69
C LEU D 497 44.96 73.96 46.84
N VAL D 498 46.26 73.76 47.04
CA VAL D 498 47.03 74.50 48.04
C VAL D 498 48.35 74.92 47.41
N ASN D 499 48.76 76.15 47.70
CA ASN D 499 50.07 76.65 47.31
C ASN D 499 50.86 77.01 48.57
N HIS D 500 52.19 77.03 48.43
CA HIS D 500 53.09 77.35 49.54
C HIS D 500 54.12 78.34 49.02
N SER D 501 53.80 79.62 49.10
CA SER D 501 54.71 80.69 48.68
C SER D 501 54.28 81.99 49.32
N GLU D 502 55.21 82.94 49.36
CA GLU D 502 54.91 84.24 49.96
C GLU D 502 53.96 85.06 49.10
N GLN D 503 53.98 84.83 47.79
CA GLN D 503 53.20 85.63 46.84
C GLN D 503 52.01 84.85 46.31
N GLU D 504 51.12 85.56 45.64
CA GLU D 504 50.02 84.94 44.92
C GLU D 504 50.53 84.29 43.63
N LYS D 505 49.67 83.48 43.02
CA LYS D 505 50.02 82.82 41.77
C LYS D 505 48.75 82.48 41.00
N ALA D 506 48.86 82.52 39.67
CA ALA D 506 47.77 82.16 38.78
C ALA D 506 47.95 80.72 38.32
N VAL D 507 46.85 79.98 38.27
CA VAL D 507 46.87 78.58 37.87
C VAL D 507 45.78 78.34 36.84
N GLN D 508 46.01 77.36 35.98
CA GLN D 508 45.05 76.96 34.96
C GLN D 508 44.67 75.51 35.17
N LEU D 509 43.39 75.25 35.34
CA LEU D 509 42.89 73.91 35.66
C LEU D 509 42.18 73.33 34.44
N ALA D 510 42.60 72.14 34.04
CA ALA D 510 41.97 71.40 32.96
C ALA D 510 41.53 70.04 33.46
N ILE D 511 40.29 69.66 33.14
CA ILE D 511 39.72 68.40 33.57
C ILE D 511 39.13 67.68 32.37
N GLY D 512 39.41 66.39 32.27
CA GLY D 512 38.91 65.59 31.17
C GLY D 512 38.42 64.24 31.65
N VAL D 513 37.37 63.76 31.01
CA VAL D 513 36.80 62.44 31.28
C VAL D 513 36.73 61.68 29.97
N GLN D 514 37.27 60.46 29.97
CA GLN D 514 37.27 59.68 28.73
C GLN D 514 37.14 58.19 29.06
N ALA D 515 36.57 57.44 28.12
CA ALA D 515 36.42 56.01 28.30
C ALA D 515 37.70 55.28 27.95
N VAL D 516 37.85 54.07 28.50
CA VAL D 516 39.02 53.25 28.25
C VAL D 516 38.62 51.79 28.34
N HIS D 517 39.30 50.94 27.57
CA HIS D 517 39.07 49.50 27.63
C HIS D 517 39.65 48.93 28.92
N TYR D 518 39.45 47.63 29.12
CA TYR D 518 39.94 46.98 30.33
C TYR D 518 41.42 46.66 30.27
N ASN D 519 42.03 46.71 29.09
CA ASN D 519 43.46 46.44 28.93
C ASN D 519 44.25 47.70 28.64
N GLY D 520 43.75 48.86 29.06
CA GLY D 520 44.44 50.11 28.84
C GLY D 520 44.26 50.75 27.48
N VAL D 521 43.45 50.16 26.61
CA VAL D 521 43.22 50.71 25.28
C VAL D 521 42.16 51.80 25.38
N LEU D 522 42.48 52.98 24.84
CA LEU D 522 41.51 54.06 24.83
C LEU D 522 40.34 53.73 23.91
N ALA D 523 39.17 54.25 24.26
CA ALA D 523 37.97 54.07 23.46
C ALA D 523 37.47 55.36 22.83
N ALA D 524 37.22 56.38 23.65
CA ALA D 524 36.69 57.64 23.15
C ALA D 524 36.90 58.72 24.20
N LYS D 525 36.72 59.96 23.77
CA LYS D 525 36.76 61.12 24.66
C LYS D 525 35.33 61.55 24.98
N LEU D 526 35.07 61.89 26.23
CA LEU D 526 33.70 62.11 26.69
C LEU D 526 33.43 63.52 27.17
N TRP D 527 34.35 64.14 27.89
CA TRP D 527 34.04 65.44 28.49
C TRP D 527 35.33 66.22 28.75
N ARG D 528 35.24 67.54 28.62
CA ARG D 528 36.39 68.41 28.83
C ARG D 528 35.93 69.73 29.42
N LYS D 529 36.77 70.32 30.26
CA LYS D 529 36.47 71.62 30.85
C LYS D 529 37.77 72.29 31.29
N LYS D 530 37.83 73.61 31.10
CA LYS D 530 38.98 74.41 31.48
C LYS D 530 38.53 75.62 32.27
N LEU D 531 39.35 76.02 33.24
CA LEU D 531 39.08 77.22 34.03
C LEU D 531 40.41 77.78 34.55
N HIS D 532 40.34 78.96 35.14
CA HIS D 532 41.51 79.64 35.67
C HIS D 532 41.23 80.11 37.09
N LEU D 533 42.25 80.02 37.95
CA LEU D 533 42.12 80.41 39.35
C LEU D 533 43.34 81.20 39.78
N THR D 534 43.22 81.87 40.92
CA THR D 534 44.30 82.66 41.49
C THR D 534 44.36 82.39 42.99
N LEU D 535 45.50 81.91 43.47
CA LEU D 535 45.71 81.60 44.87
C LEU D 535 46.56 82.68 45.52
N SER D 536 46.13 83.16 46.67
CA SER D 536 46.82 84.24 47.36
C SER D 536 47.01 83.87 48.83
N ALA D 537 48.21 84.17 49.35
CA ALA D 537 48.55 84.03 50.76
C ALA D 537 48.42 82.59 51.26
N ASN D 538 48.55 81.63 50.35
CA ASN D 538 48.55 80.20 50.66
C ASN D 538 47.26 79.77 51.36
N LEU D 539 46.15 80.02 50.68
CA LEU D 539 44.83 79.63 51.16
C LEU D 539 44.35 78.41 50.39
N GLU D 540 43.66 77.51 51.07
CA GLU D 540 43.04 76.37 50.42
C GLU D 540 41.97 76.83 49.45
N LYS D 541 41.79 76.07 48.37
CA LYS D 541 40.73 76.39 47.42
C LYS D 541 40.03 75.12 47.02
N ILE D 542 38.74 75.02 47.35
CA ILE D 542 37.94 73.83 47.09
C ILE D 542 36.96 74.14 45.97
N ILE D 543 36.90 73.26 44.97
CA ILE D 543 36.00 73.40 43.84
C ILE D 543 35.22 72.10 43.70
N THR D 544 33.91 72.16 43.87
CA THR D 544 33.02 71.02 43.70
C THR D 544 32.14 71.27 42.48
N ILE D 545 32.10 70.31 41.57
CA ILE D 545 31.33 70.44 40.34
C ILE D 545 30.42 69.24 40.20
N GLY D 546 29.36 69.41 39.42
CA GLY D 546 28.49 68.32 39.08
C GLY D 546 28.79 67.77 37.69
N LEU D 547 28.59 66.46 37.53
CA LEU D 547 28.78 65.79 36.25
C LEU D 547 27.59 64.90 36.00
N PHE D 548 27.01 65.02 34.81
CA PHE D 548 25.76 64.37 34.47
C PHE D 548 25.97 63.48 33.25
N PHE D 549 25.10 62.47 33.13
CA PHE D 549 25.11 61.60 31.97
C PHE D 549 24.75 62.33 30.68
N SER D 550 24.08 63.48 30.78
CA SER D 550 23.70 64.27 29.62
C SER D 550 24.81 65.18 29.12
N ASN D 551 25.92 65.27 29.84
CA ASN D 551 27.01 66.16 29.47
C ASN D 551 27.98 65.54 28.47
N PHE D 552 27.83 64.24 28.19
CA PHE D 552 28.80 63.53 27.37
C PHE D 552 28.64 63.91 25.91
N GLU D 553 29.77 63.99 25.20
CA GLU D 553 29.71 64.34 23.78
C GLU D 553 29.33 63.16 22.90
N ARG D 554 29.26 61.95 23.46
CA ARG D 554 28.79 60.78 22.74
C ARG D 554 28.25 59.77 23.75
N ASN D 555 27.84 58.61 23.25
CA ASN D 555 27.41 57.52 24.10
C ASN D 555 28.63 56.68 24.47
N PRO D 556 28.91 56.48 25.75
CA PRO D 556 30.07 55.65 26.12
C PRO D 556 29.87 54.23 25.68
N PRO D 557 30.96 53.51 25.37
CA PRO D 557 30.84 52.14 24.88
C PRO D 557 30.26 51.17 25.90
N GLU D 558 29.97 49.95 25.47
CA GLU D 558 29.29 48.98 26.33
C GLU D 558 30.18 48.55 27.48
N ASN D 559 31.41 48.14 27.18
CA ASN D 559 32.34 47.64 28.20
C ASN D 559 33.56 48.55 28.23
N THR D 560 33.46 49.64 28.99
CA THR D 560 34.55 50.57 29.19
C THR D 560 34.46 51.14 30.60
N PHE D 561 35.59 51.69 31.07
CA PHE D 561 35.66 52.36 32.36
C PHE D 561 36.04 53.82 32.12
N LEU D 562 35.51 54.70 32.96
CA LEU D 562 35.79 56.12 32.83
C LEU D 562 37.10 56.44 33.53
N ARG D 563 37.89 57.32 32.94
CA ARG D 563 39.08 57.85 33.58
C ARG D 563 39.00 59.37 33.53
N LEU D 564 39.22 59.99 34.68
CA LEU D 564 39.20 61.44 34.81
C LEU D 564 40.62 61.90 35.10
N THR D 565 41.05 62.95 34.40
CA THR D 565 42.38 63.52 34.56
C THR D 565 42.24 65.00 34.88
N ALA D 566 42.97 65.44 35.91
CA ALA D 566 42.99 66.83 36.33
C ALA D 566 44.41 67.35 36.24
N MET D 567 44.59 68.50 35.60
CA MET D 567 45.90 69.07 35.37
C MET D 567 45.87 70.51 35.86
N ALA D 568 46.77 70.84 36.78
CA ALA D 568 46.94 72.19 37.28
C ALA D 568 48.26 72.72 36.73
N THR D 569 48.18 73.77 35.90
CA THR D 569 49.33 74.35 35.23
C THR D 569 49.70 75.64 35.92
N HIS D 570 50.97 75.77 36.29
CA HIS D 570 51.48 76.97 36.94
C HIS D 570 51.83 78.02 35.90
N SER D 571 51.52 79.28 36.21
CA SER D 571 51.65 80.34 35.21
C SER D 571 53.12 80.73 35.01
N GLU D 572 53.76 81.27 36.05
CA GLU D 572 55.10 81.82 35.88
C GLU D 572 56.16 80.73 35.87
N SER D 573 55.93 79.64 36.59
CA SER D 573 56.89 78.55 36.64
C SER D 573 56.54 77.53 35.55
N ASN D 574 57.36 76.47 35.45
CA ASN D 574 57.11 75.40 34.50
C ASN D 574 56.66 74.11 35.16
N LEU D 575 57.01 73.88 36.42
CA LEU D 575 56.53 72.71 37.13
C LEU D 575 55.03 72.82 37.36
N SER D 576 54.32 71.72 37.15
CA SER D 576 52.87 71.71 37.22
C SER D 576 52.39 70.36 37.74
N CYS D 577 51.19 70.34 38.30
CA CYS D 577 50.69 69.18 39.02
C CYS D 577 49.65 68.42 38.20
N PHE D 578 49.60 67.11 38.40
CA PHE D 578 48.67 66.25 37.69
C PHE D 578 48.07 65.23 38.66
N ALA D 579 46.84 64.79 38.34
CA ALA D 579 46.19 63.72 39.07
C ALA D 579 45.21 63.03 38.14
N GLN D 580 44.83 61.80 38.50
CA GLN D 580 43.82 61.09 37.74
C GLN D 580 43.09 60.12 38.67
N GLU D 581 41.90 59.72 38.24
CA GLU D 581 41.10 58.73 38.95
C GLU D 581 40.41 57.83 37.93
N ASP D 582 40.04 56.64 38.40
CA ASP D 582 39.30 55.67 37.61
C ASP D 582 37.91 55.49 38.22
N ILE D 583 36.88 55.55 37.37
CA ILE D 583 35.50 55.44 37.79
C ILE D 583 34.85 54.32 36.99
N ALA D 584 33.97 53.57 37.65
CA ALA D 584 33.14 52.58 37.00
C ALA D 584 31.69 53.03 36.99
N ILE D 585 30.89 52.35 36.19
CA ILE D 585 29.47 52.67 36.05
C ILE D 585 28.67 51.52 36.62
N CYS D 586 27.82 51.81 37.59
CA CYS D 586 27.00 50.78 38.22
C CYS D 586 25.59 50.80 37.64
N ARG D 587 25.02 49.62 37.46
CA ARG D 587 23.75 49.40 36.80
C ARG D 587 22.69 49.00 37.81
N PRO D 588 21.41 49.22 37.52
CA PRO D 588 20.36 49.01 38.54
C PRO D 588 20.30 47.57 39.02
N HIS D 589 20.05 47.42 40.31
CA HIS D 589 19.99 46.11 40.94
C HIS D 589 18.61 45.49 40.78
N LEU D 590 18.59 44.16 40.67
CA LEU D 590 17.34 43.40 40.55
C LEU D 590 17.28 42.39 41.68
N ALA D 591 16.10 42.27 42.29
CA ALA D 591 15.91 41.45 43.48
C ALA D 591 15.34 40.09 43.13
N ILE D 592 15.87 39.05 43.76
CA ILE D 592 15.46 37.68 43.57
C ILE D 592 15.01 37.12 44.91
N LYS D 593 13.82 36.50 44.93
CA LYS D 593 13.25 35.91 46.13
C LYS D 593 12.90 34.46 45.87
N MET D 594 13.47 33.56 46.68
CA MET D 594 13.22 32.13 46.57
C MET D 594 13.67 31.44 47.85
N PRO D 595 13.00 30.37 48.26
CA PRO D 595 13.37 29.70 49.52
C PRO D 595 14.78 29.11 49.47
N GLU D 596 15.42 29.10 50.64
CA GLU D 596 16.76 28.52 50.74
C GLU D 596 16.74 27.01 50.56
N LYS D 597 15.63 26.37 50.88
CA LYS D 597 15.50 24.92 50.81
C LYS D 597 14.33 24.53 49.94
N ALA D 598 14.43 23.35 49.33
CA ALA D 598 13.36 22.82 48.50
C ALA D 598 13.46 21.30 48.50
N GLU D 599 12.37 20.66 48.09
CA GLU D 599 12.31 19.22 48.02
C GLU D 599 12.26 18.76 46.57
N GLN D 600 12.88 17.61 46.31
CA GLN D 600 12.94 17.07 44.96
C GLN D 600 11.56 16.69 44.46
N TYR D 601 11.37 16.80 43.14
CA TYR D 601 10.14 16.41 42.46
C TYR D 601 8.93 17.18 42.99
N GLN D 602 9.16 18.43 43.39
CA GLN D 602 8.09 19.28 43.90
C GLN D 602 8.15 20.64 43.23
N PRO D 603 7.00 21.28 43.02
CA PRO D 603 6.99 22.60 42.38
C PRO D 603 7.72 23.63 43.21
N LEU D 604 8.40 24.55 42.52
CA LEU D 604 9.17 25.60 43.15
C LEU D 604 8.92 26.91 42.40
N THR D 605 8.75 27.98 43.16
CA THR D 605 8.46 29.30 42.60
C THR D 605 9.54 30.28 43.03
N ALA D 606 9.95 31.12 42.10
CA ALA D 606 10.94 32.16 42.37
C ALA D 606 10.49 33.47 41.74
N SER D 607 10.66 34.57 42.46
CA SER D 607 10.19 35.88 42.03
C SER D 607 11.37 36.81 41.77
N VAL D 608 11.23 37.63 40.72
CA VAL D 608 12.24 38.62 40.35
C VAL D 608 11.55 39.97 40.20
N SER D 609 12.18 41.00 40.74
CA SER D 609 11.64 42.35 40.68
C SER D 609 12.73 43.35 40.34
N LEU D 610 12.32 44.47 39.75
CA LEU D 610 13.24 45.53 39.39
C LEU D 610 12.54 46.87 39.52
N GLN D 611 13.30 47.91 39.85
CA GLN D 611 12.79 49.27 39.85
C GLN D 611 13.50 50.09 38.78
N ASN D 612 12.72 50.78 37.96
CA ASN D 612 13.27 51.64 36.92
C ASN D 612 13.79 52.90 37.59
N SER D 613 15.10 52.95 37.80
CA SER D 613 15.75 54.13 38.37
C SER D 613 16.31 55.06 37.31
N LEU D 614 16.08 54.77 36.03
CA LEU D 614 16.65 55.56 34.95
C LEU D 614 15.81 56.80 34.68
N ASP D 615 16.15 57.52 33.61
CA ASP D 615 15.42 58.71 33.19
C ASP D 615 14.70 58.52 31.87
N ALA D 616 14.70 57.31 31.32
CA ALA D 616 14.09 57.03 30.02
C ALA D 616 13.15 55.85 30.15
N PRO D 617 12.10 55.80 29.32
CA PRO D 617 11.17 54.67 29.39
C PRO D 617 11.81 53.38 28.93
N MET D 618 11.31 52.27 29.45
CA MET D 618 11.80 50.95 29.10
C MET D 618 11.02 50.39 27.93
N GLU D 619 11.73 49.76 26.99
CA GLU D 619 11.10 49.04 25.90
C GLU D 619 11.95 47.84 25.54
N ASP D 620 11.31 46.86 24.91
CA ASP D 620 11.94 45.58 24.54
C ASP D 620 12.55 44.89 25.75
N CYS D 621 11.80 44.87 26.86
CA CYS D 621 12.27 44.20 28.06
C CYS D 621 12.19 42.69 27.86
N VAL D 622 13.36 42.04 27.83
CA VAL D 622 13.45 40.59 27.60
C VAL D 622 14.26 40.01 28.74
N ILE D 623 13.77 38.92 29.33
CA ILE D 623 14.47 38.28 30.44
C ILE D 623 14.60 36.79 30.18
N SER D 624 15.77 36.25 30.47
CA SER D 624 16.04 34.83 30.30
C SER D 624 16.50 34.23 31.62
N ILE D 625 16.14 32.97 31.82
CA ILE D 625 16.54 32.22 33.00
C ILE D 625 17.26 30.96 32.55
N LEU D 626 18.21 30.53 33.37
CA LEU D 626 18.92 29.28 33.12
C LEU D 626 19.54 28.80 34.44
N GLY D 627 20.04 27.57 34.40
CA GLY D 627 20.62 26.94 35.57
C GLY D 627 20.85 25.47 35.36
N ARG D 628 21.98 24.96 35.83
CA ARG D 628 22.32 23.56 35.64
C ARG D 628 21.62 22.70 36.68
N GLY D 629 20.92 21.67 36.23
CA GLY D 629 20.24 20.75 37.11
C GLY D 629 18.86 21.20 37.56
N LEU D 630 18.44 22.40 37.20
CA LEU D 630 17.14 22.94 37.57
C LEU D 630 16.20 23.10 36.39
N ILE D 631 16.71 23.63 35.28
CA ILE D 631 15.91 23.95 34.11
C ILE D 631 16.65 23.32 32.92
N HIS D 632 15.94 23.20 31.80
CA HIS D 632 16.60 22.86 30.55
C HIS D 632 17.36 24.10 30.06
N ARG D 633 17.83 24.06 28.82
CA ARG D 633 18.89 24.92 28.31
C ARG D 633 18.78 26.40 28.72
N GLU D 634 17.71 27.08 28.31
CA GLU D 634 17.42 28.43 28.78
C GLU D 634 16.03 28.82 28.31
N ARG D 635 15.38 29.72 29.05
CA ARG D 635 14.01 30.10 28.76
C ARG D 635 13.88 31.62 28.79
N SER D 636 13.24 32.18 27.75
CA SER D 636 13.17 33.62 27.57
C SER D 636 11.72 34.10 27.56
N TYR D 637 11.52 35.33 28.02
CA TYR D 637 10.19 35.92 28.15
C TYR D 637 10.22 37.40 27.81
N ARG D 638 9.08 37.89 27.32
CA ARG D 638 8.84 39.27 26.93
C ARG D 638 8.22 40.05 28.08
N PHE D 639 8.20 41.38 27.92
CA PHE D 639 7.53 42.28 28.85
C PHE D 639 7.13 43.59 28.18
N ARG D 640 6.36 44.38 28.93
CA ARG D 640 5.81 45.66 28.49
C ARG D 640 6.77 46.80 28.85
N SER D 641 6.30 48.02 28.58
CA SER D 641 7.08 49.20 28.90
C SER D 641 7.08 49.48 30.39
N VAL D 642 8.20 50.02 30.88
CA VAL D 642 8.31 50.52 32.25
C VAL D 642 8.74 51.98 32.19
N TRP D 643 8.01 52.83 32.90
CA TRP D 643 8.33 54.24 32.94
C TRP D 643 9.45 54.49 33.95
N PRO D 644 10.15 55.64 33.83
CA PRO D 644 11.33 55.88 34.69
C PRO D 644 11.09 55.92 36.20
N GLU D 645 9.86 55.66 36.66
CA GLU D 645 9.57 55.61 38.07
C GLU D 645 8.99 54.28 38.55
N ASN D 646 8.43 53.47 37.66
CA ASN D 646 7.69 52.29 38.07
C ASN D 646 8.62 51.13 38.39
N THR D 647 8.04 50.06 38.90
CA THR D 647 8.71 48.80 39.16
C THR D 647 8.03 47.69 38.36
N MET D 648 8.77 46.62 38.15
CA MET D 648 8.31 45.44 37.44
C MET D 648 8.49 44.22 38.33
N CYS D 649 7.49 43.34 38.32
CA CYS D 649 7.48 42.13 39.13
C CYS D 649 7.11 40.93 38.28
N ALA D 650 7.74 39.78 38.57
CA ALA D 650 7.43 38.55 37.87
C ALA D 650 7.85 37.38 38.74
N LYS D 651 7.34 36.19 38.40
CA LYS D 651 7.79 34.97 39.05
C LYS D 651 7.67 33.82 38.08
N PHE D 652 8.42 32.76 38.35
CA PHE D 652 8.46 31.57 37.53
C PHE D 652 8.31 30.35 38.41
N GLN D 653 7.85 29.26 37.79
CA GLN D 653 7.58 28.01 38.47
C GLN D 653 8.24 26.89 37.70
N PHE D 654 8.85 25.95 38.42
CA PHE D 654 9.53 24.82 37.80
C PHE D 654 9.59 23.68 38.80
N THR D 655 10.42 22.68 38.52
CA THR D 655 10.60 21.56 39.42
C THR D 655 12.05 21.11 39.40
N PRO D 656 12.75 21.20 40.54
CA PRO D 656 14.13 20.71 40.59
C PRO D 656 14.20 19.20 40.44
N THR D 657 15.30 18.73 39.88
CA THR D 657 15.45 17.29 39.67
C THR D 657 16.73 16.71 40.26
N HIS D 658 17.85 17.43 40.19
CA HIS D 658 19.12 16.90 40.67
C HIS D 658 19.38 17.38 42.09
N VAL D 659 19.66 16.43 42.97
CA VAL D 659 19.78 16.68 44.40
C VAL D 659 21.06 17.46 44.69
N GLY D 660 21.09 18.08 45.86
CA GLY D 660 22.29 18.78 46.30
C GLY D 660 22.18 20.28 46.23
N LEU D 661 23.31 20.96 46.09
CA LEU D 661 23.36 22.42 46.04
C LEU D 661 23.45 22.84 44.58
N GLN D 662 22.41 23.54 44.10
CA GLN D 662 22.40 24.09 42.76
C GLN D 662 22.29 25.60 42.83
N ARG D 663 22.31 26.25 41.68
CA ARG D 663 22.02 27.67 41.61
C ARG D 663 21.38 27.97 40.26
N LEU D 664 20.62 29.05 40.20
CA LEU D 664 20.01 29.49 38.96
C LEU D 664 20.35 30.96 38.75
N THR D 665 20.55 31.33 37.50
CA THR D 665 20.88 32.70 37.17
C THR D 665 19.94 33.25 36.11
N VAL D 666 19.58 34.52 36.29
CA VAL D 666 18.70 35.24 35.40
C VAL D 666 19.49 36.37 34.74
N GLU D 667 19.00 36.76 33.57
CA GLU D 667 19.64 37.75 32.72
C GLU D 667 18.56 38.65 32.15
N VAL D 668 18.82 39.95 32.19
CA VAL D 668 17.90 40.95 31.67
C VAL D 668 18.60 41.69 30.53
N ASP D 669 17.92 41.75 29.39
CA ASP D 669 18.39 42.46 28.21
C ASP D 669 17.27 43.41 27.84
N CYS D 670 17.65 44.58 27.34
CA CYS D 670 16.68 45.64 27.06
C CYS D 670 17.31 46.61 26.06
N ASN D 671 16.66 47.76 25.88
CA ASN D 671 17.04 48.67 24.81
C ASN D 671 18.30 49.48 25.12
N MET D 672 18.42 50.05 26.33
CA MET D 672 19.62 50.85 26.57
C MET D 672 20.80 50.02 27.09
N PHE D 673 20.56 48.92 27.81
CA PHE D 673 21.67 48.10 28.27
C PHE D 673 21.42 46.65 27.94
N GLN D 674 22.48 45.86 27.99
CA GLN D 674 22.44 44.45 27.68
C GLN D 674 23.25 43.68 28.72
N ASN D 675 22.88 42.41 28.90
CA ASN D 675 23.58 41.48 29.78
C ASN D 675 23.64 42.00 31.22
N LEU D 676 22.47 42.13 31.83
CA LEU D 676 22.36 42.42 33.26
C LEU D 676 22.13 41.10 33.98
N THR D 677 23.11 40.65 34.74
CA THR D 677 23.12 39.29 35.25
C THR D 677 22.91 39.26 36.77
N ASN D 678 22.23 38.22 37.22
CA ASN D 678 22.08 37.97 38.66
C ASN D 678 21.92 36.48 38.87
N TYR D 679 22.15 36.03 40.10
CA TYR D 679 22.12 34.61 40.40
C TYR D 679 21.72 34.39 41.85
N LYS D 680 21.27 33.17 42.14
CA LYS D 680 20.93 32.78 43.49
C LYS D 680 21.04 31.27 43.62
N SER D 681 21.57 30.82 44.75
CA SER D 681 21.77 29.41 45.02
C SER D 681 20.63 28.84 45.84
N VAL D 682 20.56 27.51 45.88
CA VAL D 682 19.49 26.81 46.58
C VAL D 682 19.97 25.39 46.84
N THR D 683 19.37 24.75 47.84
CA THR D 683 19.66 23.36 48.17
C THR D 683 18.38 22.55 48.07
N VAL D 684 18.46 21.41 47.39
CA VAL D 684 17.32 20.52 47.21
C VAL D 684 17.69 19.17 47.80
N VAL D 685 16.77 18.60 48.57
CA VAL D 685 17.00 17.38 49.32
C VAL D 685 16.07 16.29 48.80
N ALA D 686 16.40 15.04 49.14
CA ALA D 686 15.60 13.91 48.72
C ALA D 686 14.24 13.95 49.41
N PRO D 687 13.20 13.39 48.78
CA PRO D 687 11.89 13.36 49.42
C PRO D 687 11.88 12.46 50.65
N GLU D 688 11.01 12.80 51.60
CA GLU D 688 10.86 12.01 52.80
C GLU D 688 10.19 10.68 52.46
N LEU D 689 10.77 9.59 52.95
CA LEU D 689 10.25 8.25 52.69
C LEU D 689 8.90 8.04 53.35
#